data_8RZH
#
_entry.id   8RZH
#
_cell.length_a   219.204
_cell.length_b   106.492
_cell.length_c   165.341
_cell.angle_alpha   90.000
_cell.angle_beta   113.797
_cell.angle_gamma   90.000
#
_symmetry.space_group_name_H-M   'C 1 2 1'
#
loop_
_entity.id
_entity.type
_entity.pdbx_description
1 polymer 'Conserved hypothetical periplasmic protein'
2 non-polymer (1~{R},4~{S},5~{R},8~{S})-6-oxa-2-azabicyclo[3.2.1]octane-4,8-diol
3 non-polymer 'L(+)-TARTARIC ACID'
4 non-polymer 3,6,9,12,15,18-HEXAOXAICOSANE
5 non-polymer 'CHLORIDE ION'
6 non-polymer 'SODIUM ION'
7 non-polymer 1,2-ETHANEDIOL
8 water water
#
_entity_poly.entity_id   1
_entity_poly.type   'polypeptide(L)'
_entity_poly.pdbx_seq_one_letter_code
;MGSSHHHHHHGSLDSPDPIVLENGKLNINIDSKTGCFSVTEKTSGHVWKSDPWENAAGLLTLTDSKGKKQTVNISKSKKI
EVSKTAKNTVSLKFIDPVFEDGSVAKGVSIATELRLDPNNAQLDVEVTEHRSGNFTLYDLRYPARAFSLKTDEDKGAAVI
PQKQGVICPSYIFPMNGGRFCKWDDATYNNKSQGSLELFNNGTGLTMPWWGTYNEKSAVMGIVDVSARPHMQYNINNNGQ
YLFNAKGVMSPYQRIVFLDPIWKLDQEKGKMRISYHFIPGGDYVDMAKVYQKEAKARGHFVSLQEKLKRNPNVNKLPGAI
YFGIYGGYPHYVNMPGMAFTFDELKNIIKTIHDDLRVDKAFVHAWGTFSNFVPHNYPISEALGGPEKLKAAVDLAKSYGY
LYSSYHAYSPMLENDPNFTTDLMQRDAEGKLMNTGSRWARVDPKFQKGLAQKNIEKEISYLGLEADITDITFAAYRENGK
EGRIELAKYIDSFNLVNGTEHGQEQWIPYFDMFEGMTYLEDRPLSVISHPAPLFNLVYHEAIANFGKIQDPDNEVTANGD
FRIKALRSMLFGRGTTIFFAPYEFEGMRPMIEMARDLVSPVHKETFYSELKSHEYLSADYKVQRSRFSSGTEVIANLGPV
AQKIEGGISIPGYGYRIQMKDGSLKTGHFQVSLHMD
;
_entity_poly.pdbx_strand_id   A,B,C,D
#
# COMPACT_ATOMS: atom_id res chain seq x y z
N PRO A 18 19.02 16.75 -46.77
CA PRO A 18 18.42 16.96 -45.44
C PRO A 18 16.96 17.41 -45.52
N ILE A 19 16.15 17.00 -44.53
CA ILE A 19 14.80 17.55 -44.38
C ILE A 19 14.91 18.84 -43.59
N VAL A 20 14.10 19.86 -43.93
CA VAL A 20 14.19 21.15 -43.23
C VAL A 20 12.84 21.51 -42.58
N LEU A 21 12.88 21.80 -41.27
CA LEU A 21 11.84 22.52 -40.54
C LEU A 21 12.39 23.90 -40.25
N GLU A 22 11.60 24.96 -40.52
CA GLU A 22 12.13 26.31 -40.35
C GLU A 22 11.00 27.27 -40.00
N ASN A 23 11.30 28.25 -39.15
CA ASN A 23 10.42 29.41 -38.99
C ASN A 23 11.27 30.67 -39.08
N GLY A 24 10.75 31.80 -38.57
CA GLY A 24 11.52 33.03 -38.70
C GLY A 24 12.75 33.07 -37.80
N LYS A 25 12.85 32.17 -36.84
CA LYS A 25 13.92 32.24 -35.86
C LYS A 25 14.92 31.10 -35.97
N LEU A 26 14.49 29.91 -36.38
CA LEU A 26 15.30 28.71 -36.30
C LEU A 26 15.19 27.93 -37.60
N ASN A 27 16.28 27.26 -37.96
CA ASN A 27 16.29 26.30 -39.05
C ASN A 27 16.72 24.98 -38.43
N ILE A 28 15.89 23.94 -38.58
CA ILE A 28 16.22 22.59 -38.09
C ILE A 28 16.64 21.77 -39.30
N ASN A 29 17.92 21.35 -39.35
CA ASN A 29 18.47 20.56 -40.45
C ASN A 29 18.52 19.10 -40.02
N ILE A 30 17.69 18.25 -40.63
CA ILE A 30 17.59 16.85 -40.23
C ILE A 30 18.23 15.97 -41.31
N ASP A 31 19.23 15.18 -40.91
CA ASP A 31 19.90 14.24 -41.80
C ASP A 31 19.01 13.02 -42.02
N SER A 32 18.67 12.77 -43.28
CA SER A 32 17.77 11.67 -43.62
C SER A 32 18.41 10.31 -43.42
N LYS A 33 19.73 10.22 -43.46
CA LYS A 33 20.39 8.93 -43.33
C LYS A 33 20.57 8.51 -41.88
N THR A 34 20.76 9.47 -40.98
CA THR A 34 21.07 9.15 -39.60
C THR A 34 19.97 9.55 -38.62
N GLY A 35 19.08 10.45 -39.02
CA GLY A 35 18.16 11.03 -38.07
C GLY A 35 18.74 12.13 -37.21
N CYS A 36 20.05 12.37 -37.27
CA CYS A 36 20.64 13.47 -36.51
C CYS A 36 20.08 14.80 -37.00
N PHE A 37 20.09 15.81 -36.12
CA PHE A 37 19.67 17.12 -36.57
C PHE A 37 20.56 18.21 -35.97
N SER A 38 20.67 19.32 -36.70
CA SER A 38 21.32 20.52 -36.18
C SER A 38 20.28 21.62 -36.09
N VAL A 39 20.58 22.66 -35.30
CA VAL A 39 19.67 23.79 -35.16
C VAL A 39 20.45 25.05 -35.40
N THR A 40 20.04 25.83 -36.40
CA THR A 40 20.64 27.12 -36.68
C THR A 40 19.81 28.18 -36.01
N GLU A 41 20.40 28.91 -35.10
CA GLU A 41 19.74 30.08 -34.53
C GLU A 41 20.03 31.24 -35.47
N LYS A 42 18.99 31.70 -36.20
CA LYS A 42 19.23 32.51 -37.39
C LYS A 42 19.73 33.90 -37.05
N THR A 43 19.38 34.44 -35.89
CA THR A 43 19.81 35.80 -35.63
C THR A 43 21.31 35.89 -35.32
N SER A 44 21.88 34.87 -34.66
CA SER A 44 23.31 34.91 -34.34
C SER A 44 24.14 34.13 -35.34
N GLY A 45 23.53 33.23 -36.10
CA GLY A 45 24.26 32.33 -36.96
C GLY A 45 24.86 31.14 -36.24
N HIS A 46 24.64 31.02 -34.94
CA HIS A 46 25.16 29.88 -34.21
C HIS A 46 24.48 28.59 -34.65
N VAL A 47 25.27 27.53 -34.86
CA VAL A 47 24.71 26.23 -35.23
C VAL A 47 24.95 25.28 -34.07
N TRP A 48 23.87 24.78 -33.49
CA TRP A 48 23.99 23.72 -32.50
C TRP A 48 24.13 22.41 -33.25
N LYS A 49 25.13 21.62 -32.91
CA LYS A 49 25.47 20.47 -33.73
C LYS A 49 24.85 19.21 -33.17
N SER A 50 24.69 18.22 -34.04
CA SER A 50 24.42 16.88 -33.58
C SER A 50 25.69 16.26 -33.00
N ASP A 51 25.54 15.08 -32.39
CA ASP A 51 26.62 14.35 -31.72
C ASP A 51 27.99 14.51 -32.41
N PRO A 52 28.93 15.23 -31.80
CA PRO A 52 30.24 15.41 -32.46
C PRO A 52 31.11 14.15 -32.46
N TRP A 53 30.82 13.17 -31.62
CA TRP A 53 31.72 12.03 -31.46
C TRP A 53 31.45 10.92 -32.48
N GLU A 54 30.20 10.43 -32.51
CA GLU A 54 29.84 9.26 -33.33
C GLU A 54 28.68 9.53 -34.27
N ASN A 55 28.21 10.77 -34.39
CA ASN A 55 27.09 11.08 -35.30
C ASN A 55 25.87 10.20 -34.95
N ALA A 56 25.65 10.01 -33.65
CA ALA A 56 24.54 9.18 -33.16
C ALA A 56 23.33 10.06 -32.85
N ALA A 57 22.18 9.77 -33.48
CA ALA A 57 20.95 10.49 -33.11
C ALA A 57 20.53 10.14 -31.68
N GLY A 58 20.79 8.90 -31.26
CA GLY A 58 20.43 8.47 -29.93
C GLY A 58 21.26 7.26 -29.56
N LEU A 59 21.33 6.99 -28.24
CA LEU A 59 22.09 5.86 -27.68
C LEU A 59 21.10 5.01 -26.90
N LEU A 60 20.86 3.78 -27.39
CA LEU A 60 19.88 2.86 -26.82
C LEU A 60 20.59 1.74 -26.08
N THR A 61 20.22 1.52 -24.82
CA THR A 61 20.71 0.35 -24.10
C THR A 61 19.61 -0.72 -24.11
N LEU A 62 19.97 -1.93 -24.51
CA LEU A 62 19.01 -3.03 -24.65
C LEU A 62 19.77 -4.35 -24.53
N THR A 63 19.04 -5.39 -24.14
CA THR A 63 19.64 -6.73 -24.11
C THR A 63 19.82 -7.28 -25.54
N ASP A 64 20.82 -8.14 -25.71
CA ASP A 64 21.05 -8.81 -26.99
C ASP A 64 20.43 -10.21 -26.92
N SER A 65 20.74 -11.06 -27.91
CA SER A 65 20.12 -12.40 -27.91
C SER A 65 20.63 -13.27 -26.76
N LYS A 66 21.80 -12.95 -26.19
CA LYS A 66 22.32 -13.63 -25.01
C LYS A 66 21.80 -13.03 -23.70
N GLY A 67 20.89 -12.05 -23.77
CA GLY A 67 20.37 -11.44 -22.57
C GLY A 67 21.27 -10.41 -21.93
N LYS A 68 22.41 -10.11 -22.55
CA LYS A 68 23.38 -9.18 -21.99
C LYS A 68 23.14 -7.77 -22.53
N LYS A 69 23.19 -6.77 -21.64
CA LYS A 69 22.95 -5.39 -22.04
C LYS A 69 24.06 -4.84 -22.94
N GLN A 70 23.66 -4.10 -23.97
CA GLN A 70 24.58 -3.44 -24.89
C GLN A 70 24.02 -2.04 -25.17
N THR A 71 24.91 -1.10 -25.45
CA THR A 71 24.47 0.25 -25.83
C THR A 71 24.81 0.47 -27.29
N VAL A 72 23.82 0.84 -28.10
CA VAL A 72 24.01 0.94 -29.54
C VAL A 72 23.67 2.35 -30.01
N ASN A 73 24.28 2.73 -31.12
CA ASN A 73 23.96 3.95 -31.86
C ASN A 73 22.74 3.69 -32.74
N ILE A 74 21.60 4.34 -32.47
CA ILE A 74 20.39 4.00 -33.22
C ILE A 74 20.47 4.48 -34.65
N SER A 75 21.41 5.38 -34.97
CA SER A 75 21.60 5.76 -36.36
C SER A 75 22.24 4.66 -37.18
N LYS A 76 22.71 3.57 -36.55
CA LYS A 76 23.22 2.42 -37.28
C LYS A 76 22.16 1.36 -37.51
N SER A 77 20.89 1.67 -37.23
CA SER A 77 19.82 0.70 -37.41
C SER A 77 19.66 0.35 -38.89
N LYS A 78 19.06 -0.82 -39.12
CA LYS A 78 18.90 -1.33 -40.48
C LYS A 78 18.05 -0.40 -41.35
N LYS A 79 17.03 0.22 -40.77
CA LYS A 79 16.13 1.10 -41.51
C LYS A 79 15.92 2.36 -40.69
N ILE A 80 16.10 3.51 -41.34
CA ILE A 80 15.81 4.80 -40.74
C ILE A 80 14.83 5.52 -41.66
N GLU A 81 13.65 5.85 -41.14
CA GLU A 81 12.63 6.57 -41.87
C GLU A 81 12.48 7.97 -41.29
N VAL A 82 12.62 8.97 -42.14
CA VAL A 82 12.51 10.37 -41.74
C VAL A 82 11.59 11.05 -42.73
N SER A 83 10.47 11.58 -42.26
CA SER A 83 9.57 12.23 -43.20
C SER A 83 8.87 13.40 -42.51
N LYS A 84 8.51 14.39 -43.32
CA LYS A 84 7.73 15.55 -42.87
C LYS A 84 6.25 15.15 -42.88
N THR A 85 5.66 15.02 -41.69
CA THR A 85 4.29 14.54 -41.55
C THR A 85 3.30 15.63 -41.22
N ALA A 86 3.76 16.86 -41.00
CA ALA A 86 2.92 18.04 -40.88
C ALA A 86 3.82 19.22 -41.19
N LYS A 87 3.23 20.42 -41.31
CA LYS A 87 4.01 21.58 -41.73
C LYS A 87 5.22 21.78 -40.83
N ASN A 88 5.05 21.58 -39.54
CA ASN A 88 6.12 21.81 -38.58
C ASN A 88 6.48 20.56 -37.79
N THR A 89 6.24 19.37 -38.35
CA THR A 89 6.56 18.12 -37.65
C THR A 89 7.37 17.22 -38.56
N VAL A 90 8.48 16.70 -38.05
CA VAL A 90 9.21 15.61 -38.71
C VAL A 90 9.08 14.37 -37.84
N SER A 91 8.70 13.26 -38.46
CA SER A 91 8.59 11.98 -37.79
C SER A 91 9.79 11.12 -38.15
N LEU A 92 10.40 10.49 -37.15
CA LEU A 92 11.52 9.60 -37.38
C LEU A 92 11.21 8.22 -36.82
N LYS A 93 11.74 7.21 -37.49
CA LYS A 93 11.62 5.86 -36.97
C LYS A 93 12.92 5.12 -37.22
N PHE A 94 13.47 4.56 -36.15
CA PHE A 94 14.70 3.80 -36.16
C PHE A 94 14.34 2.33 -35.97
N ILE A 95 14.59 1.52 -36.99
CA ILE A 95 14.06 0.17 -37.05
C ILE A 95 15.22 -0.82 -37.10
N ASP A 96 15.21 -1.77 -36.18
CA ASP A 96 16.11 -2.93 -36.15
C ASP A 96 17.54 -2.47 -35.90
N PRO A 97 17.83 -1.98 -34.70
CA PRO A 97 19.20 -1.61 -34.36
C PRO A 97 20.14 -2.79 -34.52
N VAL A 98 21.40 -2.47 -34.74
CA VAL A 98 22.43 -3.47 -35.01
C VAL A 98 23.42 -3.46 -33.86
N PHE A 99 23.75 -4.65 -33.34
CA PHE A 99 24.70 -4.76 -32.24
C PHE A 99 26.14 -4.68 -32.75
N GLU A 100 27.08 -4.62 -31.80
CA GLU A 100 28.48 -4.48 -32.19
C GLU A 100 29.00 -5.70 -32.93
N ASP A 101 28.42 -6.88 -32.71
CA ASP A 101 28.85 -8.09 -33.40
C ASP A 101 28.18 -8.28 -34.76
N GLY A 102 27.47 -7.28 -35.27
CA GLY A 102 26.80 -7.39 -36.55
C GLY A 102 25.43 -8.03 -36.52
N SER A 103 25.01 -8.63 -35.40
CA SER A 103 23.67 -9.16 -35.32
C SER A 103 22.66 -8.03 -35.11
N VAL A 104 21.39 -8.35 -35.40
CA VAL A 104 20.32 -7.37 -35.51
C VAL A 104 19.33 -7.59 -34.37
N ALA A 105 18.87 -6.49 -33.77
CA ALA A 105 17.75 -6.52 -32.82
C ALA A 105 16.44 -6.46 -33.60
N LYS A 106 16.16 -7.57 -34.30
CA LYS A 106 14.99 -7.64 -35.16
C LYS A 106 13.71 -7.45 -34.35
N GLY A 107 12.83 -6.57 -34.85
CA GLY A 107 11.61 -6.25 -34.16
C GLY A 107 11.69 -5.09 -33.19
N VAL A 108 12.89 -4.54 -32.91
CA VAL A 108 12.99 -3.35 -32.06
C VAL A 108 12.83 -2.12 -32.93
N SER A 109 12.11 -1.12 -32.42
CA SER A 109 12.03 0.15 -33.12
C SER A 109 11.83 1.29 -32.13
N ILE A 110 12.28 2.48 -32.54
CA ILE A 110 12.12 3.71 -31.77
C ILE A 110 11.50 4.76 -32.70
N ALA A 111 10.36 5.33 -32.30
CA ALA A 111 9.72 6.38 -33.08
C ALA A 111 9.82 7.68 -32.29
N THR A 112 10.21 8.76 -32.98
CA THR A 112 10.39 10.06 -32.36
C THR A 112 9.77 11.12 -33.27
N GLU A 113 9.56 12.31 -32.72
CA GLU A 113 9.05 13.44 -33.49
C GLU A 113 9.83 14.68 -33.12
N LEU A 114 10.02 15.56 -34.10
CA LEU A 114 10.59 16.89 -33.90
C LEU A 114 9.51 17.88 -34.30
N ARG A 115 9.08 18.74 -33.39
CA ARG A 115 7.96 19.63 -33.68
C ARG A 115 8.39 21.06 -33.41
N LEU A 116 8.44 21.86 -34.48
CA LEU A 116 8.88 23.25 -34.35
C LEU A 116 7.69 24.15 -34.10
N ASP A 117 7.79 25.03 -33.12
CA ASP A 117 6.71 25.98 -32.90
C ASP A 117 6.59 26.86 -34.15
N PRO A 118 5.37 27.16 -34.60
CA PRO A 118 5.24 27.94 -35.84
C PRO A 118 5.82 29.34 -35.71
N ASN A 119 5.90 29.89 -34.51
CA ASN A 119 6.34 31.27 -34.34
C ASN A 119 7.59 31.40 -33.47
N ASN A 120 7.68 30.65 -32.38
CA ASN A 120 8.71 30.91 -31.40
C ASN A 120 9.94 30.05 -31.68
N ALA A 121 11.06 30.43 -31.05
CA ALA A 121 12.29 29.67 -31.14
C ALA A 121 12.21 28.51 -30.14
N GLN A 122 11.31 27.56 -30.45
CA GLN A 122 11.08 26.42 -29.57
C GLN A 122 10.89 25.17 -30.40
N LEU A 123 11.59 24.12 -30.00
CA LEU A 123 11.55 22.82 -30.67
C LEU A 123 11.17 21.77 -29.63
N ASP A 124 10.04 21.09 -29.84
CA ASP A 124 9.72 19.93 -28.99
C ASP A 124 10.32 18.69 -29.60
N VAL A 125 10.84 17.83 -28.74
CA VAL A 125 11.45 16.57 -29.16
C VAL A 125 10.79 15.48 -28.33
N GLU A 126 10.20 14.47 -28.98
CA GLU A 126 9.44 13.48 -28.22
C GLU A 126 9.75 12.08 -28.72
N VAL A 127 10.00 11.15 -27.79
CA VAL A 127 10.03 9.72 -28.11
C VAL A 127 8.58 9.23 -28.05
N THR A 128 7.97 8.96 -29.21
CA THR A 128 6.53 8.72 -29.25
C THR A 128 6.18 7.24 -29.13
N GLU A 129 7.07 6.36 -29.54
CA GLU A 129 6.77 4.94 -29.52
C GLU A 129 8.07 4.16 -29.43
N HIS A 130 8.07 3.09 -28.62
CA HIS A 130 9.16 2.15 -28.63
C HIS A 130 8.60 0.73 -28.59
N ARG A 131 9.20 -0.14 -29.39
CA ARG A 131 8.81 -1.55 -29.50
C ARG A 131 10.05 -2.40 -29.23
N SER A 132 9.90 -3.42 -28.38
CA SER A 132 11.05 -4.18 -27.94
C SER A 132 11.12 -5.59 -28.54
N GLY A 133 10.07 -6.06 -29.21
CA GLY A 133 10.07 -7.43 -29.72
C GLY A 133 10.39 -8.41 -28.60
N ASN A 134 11.35 -9.31 -28.86
CA ASN A 134 11.79 -10.27 -27.86
C ASN A 134 12.99 -9.80 -27.05
N PHE A 135 13.41 -8.55 -27.23
CA PHE A 135 14.46 -7.95 -26.45
C PHE A 135 13.85 -7.12 -25.34
N THR A 136 14.70 -6.57 -24.46
CA THR A 136 14.25 -5.66 -23.41
C THR A 136 15.01 -4.34 -23.55
N LEU A 137 14.28 -3.22 -23.53
CA LEU A 137 14.86 -1.88 -23.69
C LEU A 137 15.05 -1.20 -22.35
N TYR A 138 16.17 -0.48 -22.20
CA TYR A 138 16.48 0.24 -20.96
C TYR A 138 16.69 1.72 -21.33
N ASP A 139 17.87 2.29 -21.08
CA ASP A 139 18.05 3.73 -21.26
C ASP A 139 18.03 4.10 -22.74
N LEU A 140 17.43 5.25 -23.07
CA LEU A 140 17.57 5.87 -24.38
C LEU A 140 18.02 7.30 -24.14
N ARG A 141 19.26 7.62 -24.52
CA ARG A 141 19.68 9.03 -24.59
C ARG A 141 19.21 9.57 -25.93
N TYR A 142 18.32 10.54 -25.91
CA TYR A 142 17.76 11.09 -27.15
C TYR A 142 17.26 12.49 -26.85
N PRO A 143 17.76 13.52 -27.54
CA PRO A 143 18.86 13.49 -28.52
C PRO A 143 20.21 13.17 -27.85
N ALA A 144 21.10 12.44 -28.53
CA ALA A 144 22.38 12.05 -27.91
C ALA A 144 23.43 13.11 -28.19
N ARG A 145 24.07 13.60 -27.13
CA ARG A 145 25.23 14.50 -27.20
C ARG A 145 24.95 15.69 -28.10
N ALA A 146 23.74 16.23 -27.95
CA ALA A 146 23.27 17.38 -28.71
C ALA A 146 23.55 18.67 -27.95
N PHE A 147 23.46 19.80 -28.67
CA PHE A 147 23.61 21.14 -28.05
C PHE A 147 24.91 21.28 -27.28
N SER A 148 25.96 20.67 -27.81
CA SER A 148 27.23 20.66 -27.07
C SER A 148 28.01 21.97 -27.22
N LEU A 149 28.92 22.17 -26.26
CA LEU A 149 29.89 23.26 -26.28
C LEU A 149 31.27 22.66 -26.52
N LYS A 150 32.09 23.35 -27.32
CA LYS A 150 33.45 22.87 -27.61
C LYS A 150 34.41 23.45 -26.57
N THR A 151 35.03 22.57 -25.77
CA THR A 151 35.85 23.02 -24.64
C THR A 151 36.97 23.93 -25.11
N ASP A 152 37.13 25.07 -24.41
CA ASP A 152 38.18 26.05 -24.68
C ASP A 152 38.01 26.75 -26.02
N GLU A 153 36.86 26.60 -26.65
CA GLU A 153 36.52 27.41 -27.82
C GLU A 153 35.27 28.22 -27.48
N ASP A 154 34.14 27.56 -27.27
CA ASP A 154 33.00 28.19 -26.62
C ASP A 154 33.38 28.62 -25.19
N LYS A 155 33.05 29.86 -24.84
CA LYS A 155 33.32 30.40 -23.51
C LYS A 155 31.94 30.60 -22.89
N GLY A 156 31.42 29.54 -22.28
CA GLY A 156 30.10 29.61 -21.74
C GLY A 156 29.99 28.52 -20.68
N ALA A 157 28.85 27.85 -20.56
CA ALA A 157 28.71 26.88 -19.48
C ALA A 157 27.53 25.96 -19.74
N ALA A 158 27.60 24.77 -19.16
CA ALA A 158 26.39 23.99 -18.87
C ALA A 158 25.70 24.57 -17.62
N VAL A 159 24.38 24.45 -17.59
CA VAL A 159 23.53 25.06 -16.57
C VAL A 159 22.66 23.94 -16.02
N ILE A 160 22.86 23.61 -14.74
CA ILE A 160 22.25 22.43 -14.12
C ILE A 160 21.60 22.82 -12.79
N PRO A 161 20.29 22.69 -12.63
CA PRO A 161 19.63 23.05 -11.35
C PRO A 161 19.82 21.96 -10.31
N GLN A 162 21.07 21.66 -10.02
CA GLN A 162 21.42 20.70 -8.97
C GLN A 162 21.24 21.42 -7.63
N LYS A 163 20.17 21.03 -6.90
CA LYS A 163 19.70 21.72 -5.71
C LYS A 163 19.55 23.20 -6.02
N GLN A 164 20.22 24.12 -5.30
CA GLN A 164 20.04 25.52 -5.63
C GLN A 164 20.51 25.83 -7.06
N GLY A 165 21.53 25.13 -7.53
CA GLY A 165 21.96 25.26 -8.93
C GLY A 165 23.45 25.50 -9.10
N VAL A 166 23.99 25.09 -10.27
CA VAL A 166 25.40 25.31 -10.60
C VAL A 166 25.50 25.64 -12.09
N ILE A 167 26.61 26.29 -12.46
CA ILE A 167 27.05 26.28 -13.86
C ILE A 167 28.41 25.59 -13.95
N CYS A 168 28.65 24.97 -15.09
CA CYS A 168 29.95 24.34 -15.38
C CYS A 168 30.59 25.00 -16.59
N PRO A 169 31.56 25.88 -16.39
CA PRO A 169 32.23 26.54 -17.53
C PRO A 169 32.80 25.56 -18.53
N SER A 170 32.71 25.96 -19.81
CA SER A 170 33.20 25.16 -20.93
C SER A 170 34.66 25.44 -21.33
N TYR A 171 35.50 25.92 -20.39
CA TYR A 171 36.86 26.35 -20.70
C TYR A 171 37.60 26.44 -19.36
N ILE A 172 38.90 26.41 -19.41
CA ILE A 172 39.71 26.53 -18.21
C ILE A 172 40.03 28.01 -17.96
N PHE A 173 40.08 28.41 -16.69
CA PHE A 173 40.17 29.82 -16.30
C PHE A 173 41.01 29.90 -15.04
N PRO A 174 41.49 31.09 -14.68
CA PRO A 174 42.30 31.22 -13.47
C PRO A 174 41.47 30.96 -12.20
N MET A 175 42.08 30.27 -11.24
CA MET A 175 41.46 30.05 -9.94
C MET A 175 42.58 29.62 -8.99
N ASN A 176 42.24 29.48 -7.71
CA ASN A 176 43.25 29.03 -6.75
C ASN A 176 43.92 27.75 -7.26
N GLY A 177 45.23 27.62 -7.02
CA GLY A 177 45.98 26.51 -7.58
C GLY A 177 45.46 25.14 -7.15
N GLY A 178 45.10 24.99 -5.87
CA GLY A 178 44.59 23.69 -5.42
C GLY A 178 43.26 23.36 -6.09
N ARG A 179 42.35 24.35 -6.17
CA ARG A 179 41.10 24.16 -6.91
C ARG A 179 41.35 23.86 -8.40
N PHE A 180 42.33 24.53 -8.98
CA PHE A 180 42.62 24.36 -10.40
C PHE A 180 43.04 22.92 -10.69
N CYS A 181 43.98 22.39 -9.90
CA CYS A 181 44.42 21.02 -10.14
C CYS A 181 43.23 20.07 -10.09
N LYS A 182 42.37 20.21 -9.06
CA LYS A 182 41.23 19.29 -8.95
C LYS A 182 40.25 19.49 -10.11
N TRP A 183 40.02 20.74 -10.49
CA TRP A 183 39.09 21.08 -11.58
C TRP A 183 39.56 20.45 -12.89
N ASP A 184 40.79 20.78 -13.29
CA ASP A 184 41.30 20.30 -14.56
C ASP A 184 41.37 18.77 -14.58
N ASP A 185 41.84 18.15 -13.49
CA ASP A 185 41.94 16.68 -13.47
C ASP A 185 40.57 16.01 -13.64
N ALA A 186 39.54 16.61 -13.05
CA ALA A 186 38.20 16.03 -13.10
C ALA A 186 37.65 16.03 -14.53
N THR A 187 38.06 17.00 -15.36
CA THR A 187 37.61 17.01 -16.76
C THR A 187 38.24 15.90 -17.59
N TYR A 188 39.24 15.20 -17.06
CA TYR A 188 39.88 14.07 -17.73
C TYR A 188 39.56 12.73 -17.11
N ASN A 189 38.76 12.65 -16.05
CA ASN A 189 38.49 11.32 -15.51
C ASN A 189 36.98 11.18 -15.30
N ASN A 190 36.57 10.20 -14.49
CA ASN A 190 35.14 9.94 -14.42
C ASN A 190 34.38 10.93 -13.57
N LYS A 191 35.07 11.87 -12.90
CA LYS A 191 34.33 12.85 -12.14
C LYS A 191 33.46 13.73 -13.04
N SER A 192 33.79 13.83 -14.32
CA SER A 192 33.07 14.78 -15.18
C SER A 192 32.03 14.10 -16.07
N GLN A 193 31.69 12.84 -15.81
CA GLN A 193 30.61 12.19 -16.57
C GLN A 193 29.75 11.37 -15.62
N GLY A 194 28.46 11.28 -15.91
CA GLY A 194 27.55 10.61 -15.00
C GLY A 194 26.13 11.06 -15.27
N SER A 195 25.23 10.72 -14.34
CA SER A 195 23.84 11.14 -14.48
C SER A 195 23.26 11.54 -13.13
N LEU A 196 22.23 12.38 -13.20
CA LEU A 196 21.52 12.90 -12.03
C LEU A 196 20.03 12.64 -12.26
N GLU A 197 19.26 12.64 -11.16
CA GLU A 197 17.81 12.42 -11.24
C GLU A 197 17.07 13.70 -10.85
N LEU A 198 15.78 13.71 -11.17
CA LEU A 198 14.92 14.85 -10.89
C LEU A 198 14.23 14.73 -9.52
N PHE A 199 14.19 15.84 -8.78
CA PHE A 199 13.32 16.06 -7.61
C PHE A 199 13.69 15.18 -6.41
N ASN A 200 14.98 15.07 -6.12
CA ASN A 200 15.36 14.45 -4.85
C ASN A 200 16.12 15.48 -4.02
N ASN A 201 16.36 15.13 -2.75
CA ASN A 201 17.09 16.01 -1.84
C ASN A 201 18.54 15.59 -1.69
N GLY A 202 19.01 14.71 -2.58
CA GLY A 202 20.39 14.29 -2.59
C GLY A 202 21.15 15.01 -3.68
N THR A 203 21.70 14.26 -4.63
CA THR A 203 22.57 14.89 -5.62
C THR A 203 21.83 15.50 -6.79
N GLY A 204 20.50 15.40 -6.85
CA GLY A 204 19.78 15.61 -8.09
C GLY A 204 19.26 17.03 -8.32
N LEU A 205 18.42 17.14 -9.34
CA LEU A 205 17.90 18.41 -9.85
C LEU A 205 16.62 18.78 -9.13
N THR A 206 16.41 20.08 -8.96
CA THR A 206 15.19 20.58 -8.33
C THR A 206 14.27 21.26 -9.32
N MET A 207 14.69 21.38 -10.58
CA MET A 207 13.77 21.85 -11.61
C MET A 207 14.00 21.01 -12.86
N PRO A 208 12.95 20.79 -13.65
CA PRO A 208 13.03 19.84 -14.77
C PRO A 208 13.55 20.53 -16.03
N TRP A 209 14.72 21.15 -15.92
CA TRP A 209 15.33 21.77 -17.09
C TRP A 209 16.84 21.78 -16.93
N TRP A 210 17.51 21.96 -18.06
CA TRP A 210 18.95 22.15 -18.04
C TRP A 210 19.33 22.78 -19.38
N GLY A 211 20.56 23.26 -19.48
CA GLY A 211 20.89 23.98 -20.71
C GLY A 211 22.39 24.17 -20.90
N THR A 212 22.74 24.75 -22.07
CA THR A 212 24.10 25.10 -22.39
C THR A 212 24.06 26.47 -23.05
N TYR A 213 25.14 27.23 -22.89
CA TYR A 213 25.20 28.50 -23.61
C TYR A 213 26.64 28.86 -23.91
N ASN A 214 26.84 29.62 -24.99
CA ASN A 214 28.15 30.22 -25.21
C ASN A 214 27.97 31.72 -25.27
N GLU A 215 28.95 32.44 -25.82
CA GLU A 215 28.79 33.88 -25.85
C GLU A 215 27.76 34.37 -26.87
N LYS A 216 27.31 33.54 -27.79
CA LYS A 216 26.34 33.95 -28.79
C LYS A 216 24.90 33.56 -28.45
N SER A 217 24.69 32.39 -27.84
CA SER A 217 23.38 31.76 -27.85
C SER A 217 23.24 30.82 -26.67
N ALA A 218 22.00 30.63 -26.22
CA ALA A 218 21.69 29.69 -25.15
C ALA A 218 20.60 28.73 -25.63
N VAL A 219 20.63 27.49 -25.14
CA VAL A 219 19.48 26.60 -25.33
C VAL A 219 19.22 25.89 -24.01
N MET A 220 17.94 25.67 -23.69
CA MET A 220 17.59 24.92 -22.49
C MET A 220 16.45 23.99 -22.90
N GLY A 221 16.37 22.84 -22.23
CA GLY A 221 15.29 21.89 -22.45
C GLY A 221 14.46 21.77 -21.17
N ILE A 222 13.13 21.81 -21.34
CA ILE A 222 12.18 21.64 -20.23
C ILE A 222 11.48 20.29 -20.41
N VAL A 223 11.63 19.43 -19.43
CA VAL A 223 11.07 18.08 -19.46
C VAL A 223 9.57 18.16 -19.20
N ASP A 224 8.78 17.42 -19.99
CA ASP A 224 7.33 17.35 -19.80
C ASP A 224 6.97 17.01 -18.36
N VAL A 225 5.92 17.66 -17.83
CA VAL A 225 5.54 17.43 -16.43
C VAL A 225 5.28 15.95 -16.12
N SER A 226 4.87 15.16 -17.11
CA SER A 226 4.51 13.78 -16.86
C SER A 226 5.70 12.81 -16.85
N ALA A 227 6.91 13.26 -17.14
CA ALA A 227 8.02 12.33 -17.37
C ALA A 227 9.12 12.51 -16.33
N ARG A 228 9.91 11.45 -16.12
CA ARG A 228 11.05 11.48 -15.20
C ARG A 228 12.30 10.88 -15.87
N PRO A 229 12.81 11.52 -16.91
CA PRO A 229 14.13 11.15 -17.40
C PRO A 229 15.18 11.47 -16.35
N HIS A 230 16.32 10.83 -16.47
CA HIS A 230 17.52 11.27 -15.78
C HIS A 230 18.28 12.18 -16.73
N MET A 231 19.33 12.83 -16.23
CA MET A 231 20.11 13.75 -17.04
C MET A 231 21.56 13.29 -17.04
N GLN A 232 22.10 12.99 -18.23
CA GLN A 232 23.51 12.62 -18.38
C GLN A 232 24.32 13.90 -18.52
N TYR A 233 25.47 13.97 -17.84
CA TYR A 233 26.34 15.12 -18.03
C TYR A 233 27.71 14.65 -18.52
N ASN A 234 28.38 15.56 -19.24
CA ASN A 234 29.75 15.34 -19.70
C ASN A 234 30.39 16.72 -19.69
N ILE A 235 31.28 16.98 -18.74
CA ILE A 235 31.74 18.35 -18.49
C ILE A 235 33.18 18.46 -18.93
N ASN A 236 33.40 18.82 -20.22
CA ASN A 236 34.72 19.02 -20.82
C ASN A 236 35.51 17.73 -20.96
N ASN A 237 34.84 16.58 -20.91
CA ASN A 237 35.47 15.27 -21.06
C ASN A 237 35.49 14.87 -22.55
N ASN A 238 36.61 14.29 -23.00
CA ASN A 238 36.74 13.82 -24.38
C ASN A 238 36.24 12.40 -24.60
N GLY A 239 35.51 11.84 -23.63
CA GLY A 239 35.00 10.48 -23.81
C GLY A 239 35.98 9.36 -23.51
N GLN A 240 37.11 9.65 -22.84
CA GLN A 240 38.05 8.59 -22.47
C GLN A 240 37.38 7.47 -21.69
N TYR A 241 36.35 7.78 -20.92
CA TYR A 241 35.60 6.75 -20.19
C TYR A 241 34.99 5.68 -21.11
N LEU A 242 34.75 5.99 -22.38
CA LEU A 242 34.23 5.01 -23.32
C LEU A 242 35.28 4.04 -23.80
N PHE A 243 36.57 4.36 -23.59
CA PHE A 243 37.66 3.60 -24.17
C PHE A 243 38.56 2.94 -23.13
N ASN A 244 38.35 3.18 -21.83
CA ASN A 244 39.29 2.67 -20.85
C ASN A 244 39.31 1.15 -20.82
N ALA A 245 38.14 0.52 -21.02
CA ALA A 245 38.09 -0.95 -20.98
C ALA A 245 38.80 -1.57 -22.17
N LYS A 246 38.79 -0.89 -23.32
CA LYS A 246 39.57 -1.35 -24.48
C LYS A 246 41.05 -0.98 -24.38
N GLY A 247 41.44 -0.17 -23.40
CA GLY A 247 42.81 0.30 -23.28
C GLY A 247 43.32 1.06 -24.50
N VAL A 248 42.51 1.99 -25.03
CA VAL A 248 42.98 2.82 -26.14
C VAL A 248 42.73 4.27 -25.73
N MET A 249 43.41 5.18 -26.42
CA MET A 249 43.19 6.60 -26.13
C MET A 249 41.96 7.06 -26.90
N SER A 250 41.19 7.94 -26.29
CA SER A 250 40.01 8.48 -26.95
C SER A 250 40.41 9.28 -28.18
N PRO A 251 39.74 9.09 -29.31
CA PRO A 251 39.97 9.94 -30.49
C PRO A 251 39.06 11.16 -30.55
N TYR A 252 38.25 11.42 -29.53
CA TYR A 252 37.26 12.48 -29.61
C TYR A 252 37.79 13.76 -28.98
N GLN A 253 37.04 14.84 -29.20
CA GLN A 253 37.40 16.14 -28.63
C GLN A 253 36.66 16.42 -27.31
N ARG A 254 37.29 17.27 -26.50
CA ARG A 254 36.69 17.72 -25.24
C ARG A 254 35.46 18.59 -25.51
N ILE A 255 34.30 18.18 -25.01
CA ILE A 255 33.07 18.95 -25.20
C ILE A 255 32.25 18.94 -23.91
N VAL A 256 31.23 19.80 -23.86
CA VAL A 256 30.24 19.85 -22.76
C VAL A 256 28.89 19.44 -23.35
N PHE A 257 28.21 18.47 -22.73
CA PHE A 257 26.83 18.23 -23.15
C PHE A 257 26.04 17.70 -21.98
N LEU A 258 24.72 17.81 -22.10
CA LEU A 258 23.75 17.31 -21.13
C LEU A 258 22.67 16.62 -21.93
N ASP A 259 22.35 15.35 -21.59
CA ASP A 259 21.37 14.62 -22.40
C ASP A 259 20.25 14.14 -21.51
N PRO A 260 19.00 14.12 -22.02
CA PRO A 260 17.97 13.29 -21.36
C PRO A 260 18.22 11.79 -21.50
N ILE A 261 17.96 11.07 -20.41
CA ILE A 261 18.02 9.61 -20.40
C ILE A 261 16.58 9.16 -20.14
N TRP A 262 15.90 8.69 -21.18
CA TRP A 262 14.54 8.18 -21.02
C TRP A 262 14.64 6.74 -20.54
N LYS A 263 13.96 6.41 -19.43
CA LYS A 263 14.07 5.08 -18.82
C LYS A 263 12.97 4.22 -19.42
N LEU A 264 13.27 3.57 -20.54
CA LEU A 264 12.22 2.92 -21.32
C LEU A 264 11.57 1.79 -20.57
N ASP A 265 12.28 1.22 -19.60
CA ASP A 265 11.78 0.09 -18.82
C ASP A 265 10.81 0.51 -17.73
N GLN A 266 10.68 1.82 -17.46
CA GLN A 266 9.92 2.34 -16.33
C GLN A 266 8.95 3.43 -16.73
N GLU A 267 9.30 4.21 -17.76
CA GLU A 267 8.64 5.48 -18.02
C GLU A 267 7.27 5.28 -18.65
N LYS A 268 6.23 5.81 -18.00
CA LYS A 268 4.90 5.79 -18.57
C LYS A 268 4.38 7.15 -18.99
N GLY A 269 5.10 8.23 -18.72
CA GLY A 269 4.69 9.55 -19.12
C GLY A 269 5.03 9.85 -20.57
N LYS A 270 4.75 11.09 -20.96
CA LYS A 270 5.02 11.56 -22.31
C LYS A 270 6.50 11.94 -22.37
N MET A 271 7.27 11.27 -23.23
CA MET A 271 8.72 11.46 -23.23
C MET A 271 9.08 12.63 -24.14
N ARG A 272 8.75 13.82 -23.66
CA ARG A 272 8.91 15.04 -24.41
C ARG A 272 9.81 16.00 -23.66
N ILE A 273 10.71 16.64 -24.40
CA ILE A 273 11.50 17.74 -23.87
C ILE A 273 11.33 18.94 -24.81
N SER A 274 11.14 20.13 -24.25
CA SER A 274 10.84 21.34 -25.02
C SER A 274 12.07 22.22 -24.99
N TYR A 275 12.73 22.39 -26.13
CA TYR A 275 13.95 23.17 -26.18
C TYR A 275 13.60 24.60 -26.53
N HIS A 276 14.19 25.53 -25.79
CA HIS A 276 13.96 26.96 -25.98
C HIS A 276 15.30 27.58 -26.32
N PHE A 277 15.34 28.40 -27.37
CA PHE A 277 16.61 28.90 -27.90
C PHE A 277 16.63 30.41 -27.68
N ILE A 278 17.63 30.90 -26.96
CA ILE A 278 17.65 32.27 -26.49
C ILE A 278 18.89 32.99 -27.00
N PRO A 279 18.77 33.91 -27.97
CA PRO A 279 19.97 34.59 -28.48
C PRO A 279 20.57 35.44 -27.39
N GLY A 280 21.89 35.35 -27.21
CA GLY A 280 22.58 36.11 -26.19
C GLY A 280 22.22 35.73 -24.76
N GLY A 281 21.51 34.64 -24.56
CA GLY A 281 21.07 34.29 -23.23
C GLY A 281 22.14 33.57 -22.41
N ASP A 282 21.88 33.50 -21.11
CA ASP A 282 22.71 32.69 -20.22
C ASP A 282 21.78 32.08 -19.17
N TYR A 283 22.36 31.65 -18.03
CA TYR A 283 21.56 30.91 -17.05
C TYR A 283 20.43 31.77 -16.47
N VAL A 284 20.60 33.10 -16.43
CA VAL A 284 19.54 33.97 -15.92
C VAL A 284 18.34 33.93 -16.85
N ASP A 285 18.57 34.10 -18.15
CA ASP A 285 17.46 34.06 -19.11
C ASP A 285 16.79 32.70 -19.13
N MET A 286 17.57 31.63 -18.95
CA MET A 286 16.98 30.29 -18.89
C MET A 286 16.05 30.16 -17.69
N ALA A 287 16.50 30.62 -16.53
CA ALA A 287 15.65 30.60 -15.35
C ALA A 287 14.36 31.38 -15.58
N LYS A 288 14.42 32.53 -16.26
CA LYS A 288 13.21 33.31 -16.46
C LYS A 288 12.27 32.63 -17.43
N VAL A 289 12.79 31.87 -18.38
CA VAL A 289 11.91 31.09 -19.25
C VAL A 289 11.19 30.03 -18.42
N TYR A 290 11.94 29.30 -17.58
CA TYR A 290 11.29 28.28 -16.78
C TYR A 290 10.31 28.91 -15.79
N GLN A 291 10.58 30.13 -15.31
CA GLN A 291 9.67 30.75 -14.35
C GLN A 291 8.26 30.87 -14.94
N LYS A 292 8.15 31.20 -16.22
CA LYS A 292 6.83 31.25 -16.85
C LYS A 292 6.16 29.88 -16.86
N GLU A 293 6.94 28.82 -17.14
CA GLU A 293 6.40 27.47 -17.08
C GLU A 293 6.02 27.08 -15.65
N ALA A 294 6.86 27.42 -14.66
CA ALA A 294 6.53 27.14 -13.26
C ALA A 294 5.19 27.75 -12.86
N LYS A 295 4.94 28.98 -13.29
CA LYS A 295 3.64 29.60 -13.02
C LYS A 295 2.52 28.83 -13.70
N ALA A 296 2.77 28.35 -14.93
CA ALA A 296 1.72 27.63 -15.65
C ALA A 296 1.46 26.27 -15.00
N ARG A 297 2.47 25.65 -14.37
CA ARG A 297 2.29 24.38 -13.69
C ARG A 297 1.63 24.51 -12.32
N GLY A 298 1.47 25.74 -11.81
CA GLY A 298 0.79 25.95 -10.54
C GLY A 298 1.69 25.93 -9.31
N HIS A 299 3.01 25.80 -9.50
CA HIS A 299 3.92 25.75 -8.36
C HIS A 299 4.11 27.10 -7.72
N PHE A 300 3.90 28.17 -8.47
CA PHE A 300 4.31 29.51 -8.06
C PHE A 300 3.16 30.16 -7.31
N VAL A 301 3.28 30.24 -6.00
CA VAL A 301 2.35 31.00 -5.18
C VAL A 301 3.19 32.02 -4.43
N SER A 302 2.94 33.31 -4.65
CA SER A 302 3.91 34.30 -4.20
C SER A 302 3.87 34.51 -2.68
N LEU A 303 5.02 34.95 -2.13
CA LEU A 303 5.07 35.31 -0.72
C LEU A 303 4.16 36.49 -0.41
N GLN A 304 3.89 37.35 -1.39
CA GLN A 304 2.92 38.41 -1.15
C GLN A 304 1.52 37.85 -0.94
N GLU A 305 1.16 36.85 -1.73
CA GLU A 305 -0.16 36.24 -1.54
C GLU A 305 -0.21 35.48 -0.22
N LYS A 306 0.88 34.79 0.13
CA LYS A 306 0.95 34.10 1.41
C LYS A 306 0.87 35.07 2.58
N LEU A 307 1.44 36.27 2.41
CA LEU A 307 1.35 37.32 3.45
C LEU A 307 -0.06 37.87 3.58
N LYS A 308 -0.76 38.01 2.46
CA LYS A 308 -2.15 38.46 2.52
C LYS A 308 -3.00 37.47 3.32
N ARG A 309 -2.73 36.17 3.16
CA ARG A 309 -3.46 35.16 3.88
C ARG A 309 -3.07 35.11 5.36
N ASN A 310 -1.81 35.39 5.67
CA ASN A 310 -1.29 35.27 7.04
C ASN A 310 -0.32 36.40 7.31
N PRO A 311 -0.74 37.45 7.99
CA PRO A 311 0.16 38.57 8.27
C PRO A 311 1.41 38.19 9.03
N ASN A 312 1.41 37.04 9.73
CA ASN A 312 2.60 36.66 10.48
C ASN A 312 3.74 36.25 9.57
N VAL A 313 3.50 36.11 8.27
CA VAL A 313 4.63 35.86 7.36
C VAL A 313 5.64 36.99 7.48
N ASN A 314 5.20 38.19 7.85
CA ASN A 314 6.13 39.31 7.95
C ASN A 314 7.02 39.23 9.18
N LYS A 315 6.96 38.13 9.95
CA LYS A 315 7.95 37.88 10.98
C LYS A 315 9.19 37.21 10.40
N LEU A 316 9.13 36.79 9.13
CA LEU A 316 10.29 36.12 8.50
C LEU A 316 11.35 37.07 7.92
N PRO A 317 11.01 38.20 7.30
CA PRO A 317 12.05 39.02 6.65
C PRO A 317 13.00 39.57 7.71
N GLY A 318 14.29 39.32 7.53
CA GLY A 318 15.29 39.73 8.51
C GLY A 318 15.42 38.80 9.69
N ALA A 319 14.73 37.66 9.69
CA ALA A 319 14.81 36.73 10.80
C ALA A 319 16.00 35.79 10.59
N ILE A 320 16.73 35.55 11.67
CA ILE A 320 17.68 34.44 11.73
C ILE A 320 16.92 33.19 12.12
N TYR A 321 17.20 32.09 11.44
CA TYR A 321 16.62 30.79 11.77
C TYR A 321 17.59 30.10 12.73
N PHE A 322 17.13 29.84 13.96
CA PHE A 322 17.92 29.21 15.01
C PHE A 322 17.37 27.82 15.25
N GLY A 323 18.22 26.80 15.07
CA GLY A 323 17.84 25.47 15.47
C GLY A 323 18.60 25.09 16.72
N ILE A 324 17.88 24.87 17.82
CA ILE A 324 18.48 24.45 19.08
C ILE A 324 18.36 22.93 19.10
N TYR A 325 19.50 22.23 18.90
CA TYR A 325 19.49 20.81 18.64
C TYR A 325 19.77 20.03 19.92
N GLY A 326 18.71 19.43 20.48
CA GLY A 326 18.83 18.78 21.76
C GLY A 326 19.08 17.29 21.66
N GLY A 327 19.61 16.82 20.52
CA GLY A 327 19.85 15.38 20.38
C GLY A 327 18.61 14.60 19.95
N TYR A 328 17.48 15.28 19.75
CA TYR A 328 16.19 14.75 19.30
C TYR A 328 15.99 15.20 17.87
N PRO A 329 15.45 14.35 16.96
CA PRO A 329 14.67 13.11 17.20
C PRO A 329 15.50 11.84 17.38
N HIS A 330 16.83 11.97 17.26
CA HIS A 330 17.70 10.80 17.32
C HIS A 330 17.62 10.08 18.66
N TYR A 331 17.48 10.85 19.74
CA TYR A 331 17.46 10.31 21.10
C TYR A 331 16.47 11.10 21.93
N VAL A 332 15.89 10.44 22.93
CA VAL A 332 14.99 11.09 23.87
C VAL A 332 15.80 11.44 25.12
N ASN A 333 15.87 12.73 25.42
CA ASN A 333 16.56 13.27 26.60
C ASN A 333 18.01 12.81 26.71
N MET A 334 18.78 13.00 25.63
CA MET A 334 20.16 12.53 25.68
C MET A 334 21.01 13.39 26.61
N PRO A 335 21.69 12.82 27.60
CA PRO A 335 22.56 13.65 28.47
C PRO A 335 23.65 14.35 27.68
N GLY A 336 23.93 15.62 28.04
CA GLY A 336 24.94 16.39 27.32
C GLY A 336 24.45 17.03 26.04
N MET A 337 23.22 16.73 25.59
CA MET A 337 22.66 17.35 24.40
C MET A 337 21.28 17.95 24.66
N ALA A 338 20.39 17.22 25.33
CA ALA A 338 19.05 17.76 25.56
C ALA A 338 19.09 19.04 26.39
N PHE A 339 18.25 19.98 26.03
CA PHE A 339 18.04 21.20 26.83
C PHE A 339 16.78 21.04 27.66
N THR A 340 16.76 21.70 28.82
CA THR A 340 15.48 21.83 29.50
C THR A 340 14.73 23.03 28.96
N PHE A 341 13.45 23.11 29.33
CA PHE A 341 12.65 24.22 28.84
C PHE A 341 13.10 25.54 29.46
N ASP A 342 13.57 25.51 30.70
CA ASP A 342 14.11 26.76 31.25
C ASP A 342 15.37 27.17 30.52
N GLU A 343 16.19 26.19 30.13
CA GLU A 343 17.39 26.51 29.36
C GLU A 343 17.00 27.07 27.99
N LEU A 344 16.00 26.46 27.36
CA LEU A 344 15.50 27.01 26.11
C LEU A 344 15.03 28.45 26.28
N LYS A 345 14.24 28.72 27.32
CA LYS A 345 13.79 30.10 27.55
C LYS A 345 14.98 31.04 27.71
N ASN A 346 16.02 30.63 28.43
CA ASN A 346 17.15 31.53 28.65
C ASN A 346 17.95 31.79 27.36
N ILE A 347 18.05 30.81 26.46
CA ILE A 347 18.68 31.04 25.17
C ILE A 347 17.89 32.08 24.37
N ILE A 348 16.55 31.93 24.34
CA ILE A 348 15.72 32.88 23.61
C ILE A 348 15.89 34.29 24.18
N LYS A 349 15.86 34.39 25.51
CA LYS A 349 16.05 35.68 26.16
C LYS A 349 17.39 36.30 25.80
N THR A 350 18.46 35.48 25.76
CA THR A 350 19.79 36.04 25.47
C THR A 350 19.89 36.49 24.02
N ILE A 351 19.31 35.72 23.09
CA ILE A 351 19.27 36.10 21.68
C ILE A 351 18.60 37.46 21.49
N HIS A 352 17.53 37.72 22.23
CA HIS A 352 16.82 39.00 22.10
C HIS A 352 17.50 40.12 22.89
N ASP A 353 17.72 39.90 24.18
CA ASP A 353 18.13 40.97 25.09
C ASP A 353 19.60 41.32 24.93
N ASP A 354 20.48 40.31 24.83
CA ASP A 354 21.92 40.55 24.74
C ASP A 354 22.38 40.65 23.31
N LEU A 355 21.87 39.80 22.42
CA LEU A 355 22.35 39.81 21.04
C LEU A 355 21.52 40.75 20.15
N ARG A 356 20.47 41.35 20.69
N ARG A 356 20.47 41.35 20.70
CA ARG A 356 19.68 42.37 19.99
CA ARG A 356 19.69 42.37 19.98
C ARG A 356 19.16 41.86 18.65
C ARG A 356 19.17 41.86 18.64
N VAL A 357 18.77 40.60 18.62
CA VAL A 357 18.21 40.02 17.41
C VAL A 357 16.73 40.41 17.35
N ASP A 358 16.37 41.14 16.31
CA ASP A 358 15.03 41.73 16.32
C ASP A 358 13.98 40.77 15.78
N LYS A 359 14.38 39.84 14.90
CA LYS A 359 13.46 38.88 14.29
C LYS A 359 14.14 37.53 14.29
N ALA A 360 13.36 36.47 14.54
CA ALA A 360 13.98 35.15 14.65
C ALA A 360 12.92 34.08 14.45
N PHE A 361 13.35 32.93 13.92
CA PHE A 361 12.54 31.72 13.89
C PHE A 361 13.25 30.72 14.81
N VAL A 362 12.70 30.49 16.00
CA VAL A 362 13.29 29.56 16.95
C VAL A 362 12.70 28.17 16.72
N HIS A 363 13.55 27.17 16.54
CA HIS A 363 13.14 25.82 16.19
C HIS A 363 13.80 24.89 17.21
N ALA A 364 13.00 24.31 18.10
CA ALA A 364 13.52 23.60 19.26
C ALA A 364 13.40 22.10 19.01
N TRP A 365 14.56 21.44 18.84
CA TRP A 365 14.60 20.01 18.56
C TRP A 365 14.75 19.25 19.86
N GLY A 366 13.63 18.75 20.38
CA GLY A 366 13.62 17.95 21.60
C GLY A 366 12.65 18.51 22.62
N THR A 367 11.35 18.36 22.36
CA THR A 367 10.33 18.85 23.29
C THR A 367 9.39 17.74 23.76
N PHE A 368 9.52 16.53 23.20
CA PHE A 368 8.58 15.45 23.47
C PHE A 368 9.29 14.27 24.08
N SER A 369 8.58 13.49 24.88
CA SER A 369 9.17 12.35 25.60
C SER A 369 8.93 11.00 24.90
N ASN A 370 8.29 11.01 23.72
CA ASN A 370 8.29 9.83 22.86
C ASN A 370 9.09 10.13 21.59
N PHE A 371 9.49 9.07 20.90
CA PHE A 371 10.13 9.20 19.58
C PHE A 371 9.11 9.55 18.51
N VAL A 372 9.51 10.41 17.58
CA VAL A 372 8.73 10.57 16.35
C VAL A 372 8.54 9.16 15.76
N PRO A 373 7.40 8.85 15.16
CA PRO A 373 6.33 9.78 14.75
C PRO A 373 5.23 10.03 15.78
N HIS A 374 5.51 9.78 17.04
CA HIS A 374 4.59 10.08 18.13
C HIS A 374 5.08 11.36 18.80
N ASN A 375 4.61 12.51 18.28
CA ASN A 375 5.16 13.83 18.58
C ASN A 375 4.50 14.42 19.83
N TYR A 376 4.57 13.66 20.94
CA TYR A 376 3.85 13.98 22.18
C TYR A 376 4.23 12.98 23.25
N PRO A 377 3.97 13.25 24.54
CA PRO A 377 3.48 14.52 25.09
C PRO A 377 4.65 15.48 25.26
N ILE A 378 4.38 16.74 25.56
CA ILE A 378 5.45 17.62 25.94
C ILE A 378 6.17 17.03 27.14
N SER A 379 7.50 16.99 27.09
CA SER A 379 8.27 16.17 28.02
C SER A 379 8.20 16.69 29.45
N GLU A 380 7.79 15.82 30.38
CA GLU A 380 7.89 16.13 31.80
C GLU A 380 9.34 16.24 32.26
N ALA A 381 10.22 15.34 31.79
CA ALA A 381 11.61 15.37 32.24
C ALA A 381 12.29 16.70 31.92
N LEU A 382 11.89 17.35 30.83
CA LEU A 382 12.49 18.62 30.43
C LEU A 382 11.86 19.82 31.14
N GLY A 383 10.83 19.61 31.96
CA GLY A 383 10.21 20.69 32.71
C GLY A 383 8.70 20.73 32.55
N GLY A 384 8.16 20.09 31.51
CA GLY A 384 6.73 19.95 31.39
C GLY A 384 6.06 21.04 30.57
N PRO A 385 4.78 20.85 30.26
CA PRO A 385 4.09 21.80 29.35
C PRO A 385 4.12 23.26 29.79
N GLU A 386 3.88 23.57 31.08
CA GLU A 386 3.89 24.97 31.51
C GLU A 386 5.24 25.63 31.27
N LYS A 387 6.34 24.88 31.47
CA LYS A 387 7.65 25.47 31.24
C LYS A 387 7.95 25.63 29.76
N LEU A 388 7.47 24.72 28.90
CA LEU A 388 7.63 24.97 27.47
C LEU A 388 6.78 26.18 27.06
N LYS A 389 5.55 26.26 27.56
CA LYS A 389 4.69 27.38 27.22
C LYS A 389 5.32 28.70 27.64
N ALA A 390 5.99 28.73 28.80
CA ALA A 390 6.71 29.94 29.22
C ALA A 390 7.79 30.34 28.20
N ALA A 391 8.53 29.36 27.67
CA ALA A 391 9.56 29.72 26.68
C ALA A 391 8.93 30.20 25.37
N VAL A 392 7.85 29.53 24.93
CA VAL A 392 7.16 29.96 23.72
C VAL A 392 6.53 31.35 23.90
N ASP A 393 5.92 31.59 25.07
CA ASP A 393 5.29 32.89 25.32
C ASP A 393 6.31 34.02 25.28
N LEU A 394 7.50 33.77 25.82
CA LEU A 394 8.57 34.76 25.75
C LEU A 394 8.94 35.04 24.30
N ALA A 395 9.16 33.99 23.50
CA ALA A 395 9.42 34.18 22.07
C ALA A 395 8.34 35.00 21.39
N LYS A 396 7.07 34.67 21.63
CA LYS A 396 5.99 35.45 21.03
C LYS A 396 5.98 36.89 21.52
N SER A 397 6.35 37.15 22.78
CA SER A 397 6.38 38.54 23.25
C SER A 397 7.42 39.36 22.52
N TYR A 398 8.44 38.69 21.96
CA TYR A 398 9.43 39.35 21.13
C TYR A 398 9.01 39.46 19.68
N GLY A 399 7.91 38.83 19.29
CA GLY A 399 7.58 38.79 17.87
C GLY A 399 8.31 37.71 17.08
N TYR A 400 8.94 36.77 17.76
CA TYR A 400 9.65 35.66 17.11
C TYR A 400 8.66 34.58 16.68
N LEU A 401 9.03 33.83 15.64
CA LEU A 401 8.33 32.58 15.34
C LEU A 401 8.91 31.46 16.19
N TYR A 402 8.08 30.48 16.55
CA TYR A 402 8.53 29.30 17.29
C TYR A 402 7.92 28.04 16.68
N SER A 403 8.71 26.97 16.57
CA SER A 403 8.17 25.63 16.31
C SER A 403 9.00 24.59 17.04
N SER A 404 8.34 23.52 17.51
CA SER A 404 9.06 22.30 17.92
C SER A 404 9.52 21.52 16.69
N TYR A 405 10.42 20.56 16.91
CA TYR A 405 10.73 19.59 15.86
C TYR A 405 9.55 18.62 15.73
N HIS A 406 9.06 18.41 14.50
CA HIS A 406 8.02 17.42 14.23
C HIS A 406 8.40 16.54 13.05
N ALA A 407 8.03 15.26 13.11
CA ALA A 407 8.16 14.41 11.93
C ALA A 407 7.16 13.26 12.02
N TYR A 408 6.52 12.95 10.90
CA TYR A 408 5.52 11.88 10.86
C TYR A 408 5.97 10.68 10.04
N SER A 409 7.14 10.74 9.43
CA SER A 409 7.70 9.73 8.54
C SER A 409 8.66 8.71 9.19
N PRO A 410 9.34 8.98 10.31
CA PRO A 410 10.34 8.00 10.77
C PRO A 410 9.72 6.78 11.41
N MET A 411 10.50 5.70 11.43
CA MET A 411 10.15 4.57 12.31
C MET A 411 11.49 4.00 12.78
N LEU A 412 11.87 4.32 14.03
CA LEU A 412 13.26 4.18 14.46
C LEU A 412 13.50 2.92 15.27
N GLU A 413 14.62 2.25 14.93
CA GLU A 413 15.04 1.02 15.62
C GLU A 413 15.08 1.19 17.13
N ASN A 414 15.48 2.35 17.62
CA ASN A 414 15.66 2.49 19.06
C ASN A 414 14.39 2.96 19.74
N ASP A 415 13.30 3.12 19.00
CA ASP A 415 12.02 3.46 19.60
C ASP A 415 11.39 2.20 20.22
N PRO A 416 11.08 2.21 21.52
CA PRO A 416 10.35 1.05 22.11
C PRO A 416 9.06 0.71 21.37
N ASN A 417 8.45 1.67 20.68
CA ASN A 417 7.21 1.49 19.91
C ASN A 417 7.44 1.09 18.45
N PHE A 418 8.69 0.81 18.04
CA PHE A 418 8.97 0.41 16.66
C PHE A 418 8.06 -0.74 16.25
N THR A 419 7.46 -0.61 15.06
CA THR A 419 6.75 -1.71 14.42
C THR A 419 6.91 -1.56 12.92
N THR A 420 6.86 -2.67 12.18
CA THR A 420 6.84 -2.55 10.72
C THR A 420 5.41 -2.37 10.18
N ASP A 421 4.40 -2.25 11.05
CA ASP A 421 2.99 -2.17 10.59
C ASP A 421 2.74 -0.97 9.70
N LEU A 422 3.39 0.17 9.96
CA LEU A 422 3.16 1.37 9.17
C LEU A 422 4.15 1.54 8.03
N MET A 423 5.01 0.55 7.78
CA MET A 423 5.97 0.62 6.69
C MET A 423 5.34 0.14 5.39
N GLN A 424 5.85 0.62 4.27
CA GLN A 424 5.31 0.21 2.98
C GLN A 424 6.01 -1.06 2.50
N ARG A 425 5.30 -1.86 1.72
CA ARG A 425 5.86 -3.04 1.07
C ARG A 425 5.79 -2.91 -0.44
N ASP A 426 6.76 -3.50 -1.13
CA ASP A 426 6.84 -3.35 -2.58
C ASP A 426 6.05 -4.46 -3.27
N ALA A 427 6.09 -4.49 -4.61
CA ALA A 427 5.27 -5.46 -5.35
C ALA A 427 5.62 -6.90 -5.00
N GLU A 428 6.81 -7.14 -4.45
CA GLU A 428 7.21 -8.47 -4.02
C GLU A 428 6.85 -8.75 -2.58
N GLY A 429 6.21 -7.79 -1.90
CA GLY A 429 5.84 -8.01 -0.50
C GLY A 429 6.95 -7.69 0.49
N LYS A 430 8.06 -7.13 0.03
CA LYS A 430 9.19 -6.81 0.89
C LYS A 430 9.07 -5.41 1.46
N LEU A 431 9.55 -5.23 2.69
CA LEU A 431 9.57 -3.88 3.26
C LEU A 431 10.43 -2.92 2.44
N MET A 432 9.95 -1.68 2.30
CA MET A 432 10.70 -0.61 1.66
C MET A 432 11.30 0.31 2.72
N ASN A 433 12.44 0.91 2.36
CA ASN A 433 13.16 1.84 3.21
C ASN A 433 13.70 1.19 4.48
N THR A 434 14.01 -0.09 4.40
CA THR A 434 14.65 -0.72 5.55
C THR A 434 15.99 -0.06 5.83
N GLY A 435 16.61 0.55 4.83
CA GLY A 435 17.89 1.19 5.06
C GLY A 435 17.73 2.69 5.19
N SER A 436 16.49 3.21 5.41
CA SER A 436 16.30 4.65 5.43
C SER A 436 15.31 5.00 6.56
N ARG A 437 15.82 5.05 7.80
N ARG A 437 15.85 5.07 7.80
CA ARG A 437 14.96 5.04 8.97
CA ARG A 437 15.00 5.06 9.00
C ARG A 437 14.10 6.29 9.12
C ARG A 437 14.11 6.29 9.11
N TRP A 438 14.50 7.42 8.52
CA TRP A 438 13.72 8.65 8.69
C TRP A 438 12.51 8.72 7.77
N ALA A 439 12.42 7.82 6.80
CA ALA A 439 11.36 7.84 5.78
C ALA A 439 10.75 6.46 5.63
N ARG A 440 10.40 5.83 6.76
CA ARG A 440 9.85 4.47 6.75
C ARG A 440 8.32 4.41 6.80
N VAL A 441 7.65 5.41 7.40
CA VAL A 441 6.18 5.37 7.45
C VAL A 441 5.60 5.68 6.08
N ASP A 442 4.72 4.82 5.59
CA ASP A 442 4.05 5.06 4.32
C ASP A 442 3.35 6.43 4.38
N PRO A 443 3.53 7.31 3.38
CA PRO A 443 2.83 8.61 3.41
C PRO A 443 1.33 8.51 3.60
N LYS A 444 0.71 7.39 3.22
CA LYS A 444 -0.73 7.28 3.35
C LYS A 444 -1.19 7.24 4.81
N PHE A 445 -0.26 7.04 5.75
CA PHE A 445 -0.56 7.03 7.17
C PHE A 445 -0.22 8.33 7.86
N GLN A 446 0.51 9.24 7.22
CA GLN A 446 1.16 10.32 7.94
C GLN A 446 0.20 11.42 8.37
N LYS A 447 -0.87 11.70 7.60
CA LYS A 447 -1.84 12.67 8.10
C LYS A 447 -2.49 12.18 9.39
N GLY A 448 -2.83 10.88 9.46
CA GLY A 448 -3.40 10.36 10.69
C GLY A 448 -2.44 10.45 11.86
N LEU A 449 -1.14 10.33 11.60
CA LEU A 449 -0.18 10.45 12.69
C LEU A 449 -0.08 11.90 13.16
N ALA A 450 -0.09 12.85 12.22
CA ALA A 450 -0.07 14.27 12.58
C ALA A 450 -1.33 14.65 13.35
N GLN A 451 -2.47 14.09 12.95
CA GLN A 451 -3.73 14.41 13.61
C GLN A 451 -3.77 14.00 15.08
N LYS A 452 -2.88 13.09 15.51
CA LYS A 452 -2.97 12.59 16.88
C LYS A 452 -2.74 13.70 17.90
N ASN A 453 -1.83 14.63 17.62
CA ASN A 453 -1.50 15.64 18.61
C ASN A 453 -1.28 17.06 18.09
N ILE A 454 -1.10 17.32 16.79
CA ILE A 454 -0.62 18.64 16.40
C ILE A 454 -1.64 19.73 16.76
N GLU A 455 -2.95 19.43 16.69
CA GLU A 455 -3.94 20.44 17.04
C GLU A 455 -3.95 20.72 18.55
N LYS A 456 -3.59 19.71 19.35
CA LYS A 456 -3.45 19.94 20.79
C LYS A 456 -2.25 20.83 21.10
N GLU A 457 -1.14 20.63 20.40
CA GLU A 457 0.04 21.46 20.62
C GLU A 457 -0.22 22.88 20.12
N ILE A 458 -0.89 23.03 18.98
CA ILE A 458 -1.22 24.36 18.51
C ILE A 458 -2.10 25.08 19.52
N SER A 459 -3.12 24.40 20.04
CA SER A 459 -4.03 25.03 20.98
C SER A 459 -3.33 25.34 22.31
N TYR A 460 -2.56 24.38 22.85
CA TYR A 460 -2.00 24.59 24.18
C TYR A 460 -0.92 25.68 24.16
N LEU A 461 -0.04 25.64 23.17
CA LEU A 461 1.06 26.61 23.11
C LEU A 461 0.69 27.89 22.35
N GLY A 462 -0.50 27.96 21.78
CA GLY A 462 -0.87 29.11 20.96
C GLY A 462 0.08 29.35 19.80
N LEU A 463 0.39 28.30 19.05
CA LEU A 463 1.45 28.34 18.03
C LEU A 463 1.06 29.25 16.88
N GLU A 464 2.07 29.92 16.32
CA GLU A 464 1.90 30.72 15.11
C GLU A 464 2.64 30.14 13.93
N ALA A 465 3.41 29.08 14.15
CA ALA A 465 4.35 28.57 13.15
C ALA A 465 4.47 27.07 13.34
N ASP A 466 4.94 26.40 12.30
CA ASP A 466 5.22 24.99 12.34
C ASP A 466 6.33 24.68 11.35
N ILE A 467 7.21 23.75 11.69
CA ILE A 467 8.15 23.17 10.71
C ILE A 467 8.02 21.66 10.81
N THR A 468 7.88 21.01 9.65
CA THR A 468 7.70 19.56 9.56
C THR A 468 8.89 18.98 8.81
N ASP A 469 9.54 17.96 9.38
CA ASP A 469 10.77 17.40 8.81
C ASP A 469 10.44 16.33 7.77
N ILE A 470 11.40 16.11 6.85
CA ILE A 470 11.61 14.92 6.01
C ILE A 470 10.60 14.79 4.86
N THR A 471 9.28 14.84 5.18
CA THR A 471 8.30 14.29 4.23
C THR A 471 8.28 15.05 2.90
N PHE A 472 8.65 16.32 2.89
CA PHE A 472 8.54 17.15 1.69
C PHE A 472 9.91 17.51 1.12
N ALA A 473 10.91 16.69 1.39
CA ALA A 473 12.24 17.03 0.90
C ALA A 473 12.44 16.57 -0.53
N ALA A 474 11.57 15.68 -1.04
CA ALA A 474 11.70 15.17 -2.41
C ALA A 474 10.33 15.23 -3.04
N TYR A 475 10.26 14.90 -4.36
CA TYR A 475 8.97 14.76 -5.01
C TYR A 475 9.00 13.49 -5.89
N ARG A 476 8.95 12.34 -5.23
CA ARG A 476 8.88 11.07 -5.96
C ARG A 476 7.43 10.70 -6.22
N GLU A 477 7.22 9.84 -7.23
CA GLU A 477 5.87 9.38 -7.59
C GLU A 477 5.26 8.53 -6.50
N ASN A 478 6.04 7.61 -5.96
CA ASN A 478 5.48 6.67 -5.00
C ASN A 478 5.15 7.41 -3.71
N GLY A 479 3.89 7.31 -3.28
CA GLY A 479 3.46 7.94 -2.07
C GLY A 479 3.07 9.39 -2.19
N LYS A 480 3.06 9.95 -3.42
CA LYS A 480 2.84 11.40 -3.48
C LYS A 480 1.44 11.77 -3.01
N GLU A 481 0.45 10.90 -3.23
CA GLU A 481 -0.93 11.22 -2.79
C GLU A 481 -1.00 11.42 -1.28
N GLY A 482 -0.34 10.56 -0.51
CA GLY A 482 -0.38 10.72 0.94
C GLY A 482 0.40 11.94 1.39
N ARG A 483 1.50 12.25 0.70
CA ARG A 483 2.21 13.47 1.05
C ARG A 483 1.37 14.71 0.76
N ILE A 484 0.65 14.73 -0.37
CA ILE A 484 -0.23 15.87 -0.65
C ILE A 484 -1.30 16.01 0.43
N GLU A 485 -1.86 14.88 0.86
CA GLU A 485 -2.88 14.93 1.91
C GLU A 485 -2.34 15.54 3.20
N LEU A 486 -1.11 15.14 3.59
CA LEU A 486 -0.47 15.74 4.76
C LEU A 486 -0.18 17.23 4.56
N ALA A 487 0.34 17.61 3.37
CA ALA A 487 0.62 19.03 3.13
C ALA A 487 -0.66 19.87 3.20
N LYS A 488 -1.76 19.37 2.64
CA LYS A 488 -3.02 20.12 2.71
C LYS A 488 -3.48 20.27 4.15
N TYR A 489 -3.32 19.22 4.95
CA TYR A 489 -3.74 19.26 6.35
C TYR A 489 -2.94 20.30 7.13
N ILE A 490 -1.60 20.26 7.01
CA ILE A 490 -0.76 21.26 7.67
C ILE A 490 -1.12 22.66 7.18
N ASP A 491 -1.24 22.82 5.88
CA ASP A 491 -1.58 24.13 5.32
C ASP A 491 -2.91 24.66 5.84
N SER A 492 -3.85 23.78 6.19
CA SER A 492 -5.17 24.24 6.63
C SER A 492 -5.10 25.04 7.94
N PHE A 493 -4.06 24.87 8.73
CA PHE A 493 -3.94 25.62 9.97
C PHE A 493 -3.56 27.08 9.76
N ASN A 494 -3.12 27.45 8.56
CA ASN A 494 -2.68 28.82 8.25
C ASN A 494 -1.66 29.32 9.27
N LEU A 495 -0.67 28.48 9.56
CA LEU A 495 0.49 28.87 10.36
C LEU A 495 1.61 29.30 9.41
N VAL A 496 2.53 30.14 9.91
CA VAL A 496 3.78 30.38 9.14
C VAL A 496 4.56 29.08 9.16
N ASN A 497 4.78 28.49 7.99
CA ASN A 497 5.25 27.12 8.11
C ASN A 497 6.39 26.80 7.16
N GLY A 498 7.19 25.84 7.61
CA GLY A 498 8.41 25.48 6.92
C GLY A 498 8.53 23.96 6.86
N THR A 499 9.48 23.53 6.04
CA THR A 499 9.72 22.12 5.92
C THR A 499 11.17 21.94 5.46
N GLU A 500 11.70 20.74 5.68
CA GLU A 500 13.07 20.43 5.30
C GLU A 500 13.19 20.37 3.77
N HIS A 501 14.08 21.20 3.23
CA HIS A 501 14.61 21.16 1.86
C HIS A 501 13.57 21.65 0.85
N GLY A 502 12.43 20.98 0.76
CA GLY A 502 11.39 21.41 -0.15
C GLY A 502 11.63 20.95 -1.57
N GLN A 503 10.58 21.07 -2.38
CA GLN A 503 10.68 20.95 -3.84
C GLN A 503 9.67 21.94 -4.40
N GLU A 504 9.82 22.26 -5.69
CA GLU A 504 8.91 23.24 -6.30
C GLU A 504 7.45 22.83 -6.14
N GLN A 505 7.17 21.52 -6.16
CA GLN A 505 5.77 21.06 -6.12
C GLN A 505 5.11 21.35 -4.78
N TRP A 506 5.90 21.55 -3.72
CA TRP A 506 5.42 21.86 -2.39
C TRP A 506 5.35 23.35 -2.10
N ILE A 507 5.83 24.21 -3.00
CA ILE A 507 5.80 25.67 -2.76
C ILE A 507 4.40 26.19 -2.42
N PRO A 508 3.30 25.69 -3.00
CA PRO A 508 1.97 26.24 -2.63
C PRO A 508 1.60 26.09 -1.15
N TYR A 509 2.25 25.18 -0.41
CA TYR A 509 1.81 24.76 0.92
C TYR A 509 2.65 25.30 2.05
N PHE A 510 3.79 25.91 1.75
CA PHE A 510 4.72 26.34 2.78
C PHE A 510 5.14 27.77 2.51
N ASP A 511 5.61 28.41 3.58
CA ASP A 511 6.25 29.72 3.50
C ASP A 511 7.76 29.67 3.45
N MET A 512 8.41 28.65 4.03
CA MET A 512 9.87 28.61 3.93
C MET A 512 10.36 27.19 3.75
N PHE A 513 11.55 27.06 3.15
CA PHE A 513 12.28 25.80 3.04
C PHE A 513 13.59 25.91 3.81
N GLU A 514 13.87 24.93 4.66
CA GLU A 514 15.17 24.82 5.34
C GLU A 514 16.06 23.95 4.44
N GLY A 515 16.96 24.63 3.71
CA GLY A 515 17.82 23.99 2.72
C GLY A 515 17.57 24.61 1.35
N MET A 516 17.51 23.77 0.33
CA MET A 516 17.51 24.22 -1.07
C MET A 516 18.78 25.04 -1.31
N THR A 517 19.90 24.51 -0.80
CA THR A 517 21.21 25.14 -0.99
C THR A 517 22.12 24.15 -1.70
N TYR A 518 23.09 23.50 -0.99
CA TYR A 518 24.11 22.64 -1.60
C TYR A 518 24.42 21.46 -0.69
N LEU A 519 24.53 20.24 -1.26
CA LEU A 519 25.19 19.18 -0.51
C LEU A 519 26.64 19.57 -0.27
N GLU A 520 27.25 19.00 0.80
CA GLU A 520 28.68 19.25 1.03
C GLU A 520 29.55 18.46 0.04
N ASP A 521 29.23 17.17 -0.12
CA ASP A 521 29.92 16.24 -1.02
C ASP A 521 28.93 15.92 -2.15
N ARG A 522 29.27 16.30 -3.38
CA ARG A 522 28.30 16.13 -4.46
C ARG A 522 29.04 15.96 -5.79
N PRO A 523 28.47 15.20 -6.72
CA PRO A 523 29.01 15.17 -8.08
C PRO A 523 29.06 16.57 -8.64
N LEU A 524 30.11 16.85 -9.40
CA LEU A 524 30.38 18.12 -10.06
C LEU A 524 30.95 19.18 -9.11
N SER A 525 31.15 18.89 -7.82
CA SER A 525 31.55 20.00 -6.94
C SER A 525 32.89 20.62 -7.37
N VAL A 526 33.83 19.81 -7.86
CA VAL A 526 35.14 20.38 -8.19
C VAL A 526 35.18 21.01 -9.58
N ILE A 527 34.08 20.92 -10.37
CA ILE A 527 34.07 21.51 -11.72
C ILE A 527 32.80 22.34 -11.93
N SER A 528 32.29 22.96 -10.88
CA SER A 528 31.14 23.82 -11.07
C SER A 528 31.24 25.00 -10.11
N HIS A 529 30.41 26.00 -10.37
CA HIS A 529 30.24 27.16 -9.49
C HIS A 529 28.78 27.22 -9.03
N PRO A 530 28.52 27.38 -7.74
CA PRO A 530 27.15 27.68 -7.29
C PRO A 530 26.58 28.87 -8.06
N ALA A 531 25.34 28.72 -8.48
CA ALA A 531 24.56 29.76 -9.20
C ALA A 531 23.17 29.72 -8.60
N PRO A 532 22.49 30.87 -8.40
CA PRO A 532 21.19 30.84 -7.68
C PRO A 532 20.03 30.51 -8.62
N LEU A 533 20.09 29.34 -9.28
CA LEU A 533 19.09 29.01 -10.31
C LEU A 533 17.69 28.86 -9.69
N PHE A 534 17.57 28.11 -8.60
CA PHE A 534 16.25 27.95 -8.00
C PHE A 534 15.67 29.28 -7.55
N ASN A 535 16.50 30.14 -6.92
CA ASN A 535 15.97 31.41 -6.43
C ASN A 535 15.74 32.39 -7.57
N LEU A 536 16.51 32.28 -8.67
CA LEU A 536 16.18 33.09 -9.84
C LEU A 536 14.78 32.78 -10.35
N VAL A 537 14.31 31.56 -10.10
CA VAL A 537 12.93 31.22 -10.46
C VAL A 537 11.96 31.59 -9.35
N TYR A 538 12.25 31.16 -8.12
CA TYR A 538 11.21 31.04 -7.08
C TYR A 538 11.41 31.97 -5.87
N HIS A 539 12.38 32.90 -5.88
CA HIS A 539 12.61 33.69 -4.67
C HIS A 539 11.37 34.46 -4.21
N GLU A 540 10.51 34.91 -5.15
CA GLU A 540 9.28 35.60 -4.79
C GLU A 540 8.23 34.71 -4.16
N ALA A 541 8.38 33.39 -4.24
CA ALA A 541 7.34 32.46 -3.85
C ALA A 541 7.69 31.59 -2.65
N ILE A 542 8.97 31.46 -2.32
CA ILE A 542 9.35 30.60 -1.20
C ILE A 542 10.64 31.16 -0.60
N ALA A 543 10.68 31.27 0.72
CA ALA A 543 11.87 31.76 1.40
C ALA A 543 12.74 30.56 1.70
N ASN A 544 14.05 30.69 1.55
CA ASN A 544 14.83 29.54 2.01
C ASN A 544 15.89 30.01 3.00
N PHE A 545 16.37 29.04 3.76
CA PHE A 545 17.37 29.23 4.79
C PHE A 545 18.40 28.13 4.62
N GLY A 546 19.57 28.30 5.25
CA GLY A 546 20.60 27.27 5.15
C GLY A 546 20.14 25.95 5.76
N LYS A 547 20.75 24.87 5.28
CA LYS A 547 20.45 23.53 5.75
C LYS A 547 21.05 23.27 7.15
N ILE A 548 20.30 22.55 7.99
CA ILE A 548 20.78 22.36 9.36
C ILE A 548 22.05 21.51 9.41
N GLN A 549 22.27 20.59 8.47
CA GLN A 549 23.52 19.82 8.48
C GLN A 549 24.74 20.67 8.15
N ASP A 550 24.54 21.77 7.43
CA ASP A 550 25.61 22.60 6.91
C ASP A 550 25.33 24.07 7.24
N PRO A 551 25.16 24.40 8.52
CA PRO A 551 24.66 25.73 8.89
C PRO A 551 25.76 26.77 8.78
N ASP A 552 25.37 28.02 8.96
CA ASP A 552 26.36 29.08 8.76
C ASP A 552 27.41 29.16 9.85
N ASN A 553 27.23 28.45 10.97
CA ASN A 553 28.22 28.40 12.04
C ASN A 553 29.17 27.21 11.91
N GLU A 554 29.05 26.38 10.88
CA GLU A 554 29.95 25.25 10.69
C GLU A 554 30.88 25.54 9.51
N VAL A 555 32.09 25.02 9.59
CA VAL A 555 33.07 25.20 8.51
C VAL A 555 33.06 23.92 7.66
N THR A 556 32.64 24.03 6.40
CA THR A 556 32.46 22.82 5.57
C THR A 556 32.99 23.06 4.18
N ALA A 557 32.80 22.03 3.33
CA ALA A 557 33.17 22.20 1.91
C ALA A 557 32.48 23.39 1.27
N ASN A 558 31.34 23.82 1.82
CA ASN A 558 30.60 24.96 1.26
C ASN A 558 31.00 26.27 1.88
N GLY A 559 31.96 26.27 2.80
CA GLY A 559 32.52 27.53 3.23
C GLY A 559 32.46 27.68 4.73
N ASP A 560 33.03 28.81 5.20
CA ASP A 560 32.98 29.24 6.60
C ASP A 560 31.90 30.33 6.71
N PHE A 561 31.88 31.05 7.83
CA PHE A 561 30.84 32.06 7.97
C PHE A 561 31.03 33.20 6.96
N ARG A 562 32.27 33.59 6.69
CA ARG A 562 32.50 34.69 5.75
C ARG A 562 31.87 34.36 4.40
N ILE A 563 32.17 33.17 3.88
CA ILE A 563 31.68 32.78 2.57
C ILE A 563 30.17 32.60 2.59
N LYS A 564 29.67 31.94 3.62
CA LYS A 564 28.24 31.62 3.62
C LYS A 564 27.40 32.88 3.81
N ALA A 565 27.87 33.80 4.64
CA ALA A 565 27.11 35.04 4.85
C ALA A 565 27.03 35.85 3.57
N LEU A 566 28.16 35.97 2.86
CA LEU A 566 28.15 36.70 1.60
C LEU A 566 27.30 36.01 0.55
N ARG A 567 27.43 34.69 0.43
CA ARG A 567 26.61 33.98 -0.54
C ARG A 567 25.12 34.10 -0.22
N SER A 568 24.78 34.08 1.07
N SER A 568 24.77 34.12 1.07
CA SER A 568 23.35 34.22 1.44
CA SER A 568 23.35 34.20 1.42
C SER A 568 22.76 35.50 0.86
C SER A 568 22.74 35.52 0.95
N MET A 569 23.49 36.61 0.97
CA MET A 569 22.97 37.88 0.46
C MET A 569 22.89 37.90 -1.06
N LEU A 570 23.88 37.27 -1.72
CA LEU A 570 23.85 37.17 -3.19
C LEU A 570 22.66 36.34 -3.68
N PHE A 571 22.37 35.24 -2.99
CA PHE A 571 21.40 34.25 -3.46
C PHE A 571 20.02 34.50 -2.88
N GLY A 572 19.92 35.36 -1.88
CA GLY A 572 18.62 35.71 -1.32
C GLY A 572 18.10 34.73 -0.30
N ARG A 573 18.98 34.05 0.44
CA ARG A 573 18.51 33.16 1.49
C ARG A 573 18.80 33.74 2.87
N GLY A 574 18.11 33.19 3.87
CA GLY A 574 18.27 33.63 5.25
C GLY A 574 19.35 32.84 5.99
N THR A 575 19.79 33.40 7.11
CA THR A 575 20.85 32.79 7.91
C THR A 575 20.31 31.64 8.74
N THR A 576 21.08 30.57 8.82
CA THR A 576 20.78 29.43 9.70
C THR A 576 21.89 29.28 10.73
N ILE A 577 21.54 29.35 12.02
CA ILE A 577 22.47 29.05 13.12
C ILE A 577 21.93 27.80 13.81
N PHE A 578 22.65 26.68 13.70
CA PHE A 578 22.17 25.39 14.16
C PHE A 578 23.21 24.79 15.11
N PHE A 579 22.82 24.57 16.36
CA PHE A 579 23.85 24.33 17.37
C PHE A 579 23.32 23.43 18.48
N ALA A 580 24.20 22.61 19.04
CA ALA A 580 23.87 21.97 20.31
C ALA A 580 23.95 23.01 21.43
N PRO A 581 23.12 22.89 22.49
CA PRO A 581 23.09 23.96 23.51
C PRO A 581 24.45 24.31 24.10
N TYR A 582 25.34 23.32 24.33
CA TYR A 582 26.64 23.64 24.94
C TYR A 582 27.50 24.57 24.07
N GLU A 583 27.17 24.70 22.78
CA GLU A 583 27.93 25.55 21.87
C GLU A 583 27.50 27.01 21.92
N PHE A 584 26.42 27.32 22.63
CA PHE A 584 25.75 28.61 22.40
C PHE A 584 26.72 29.79 22.52
N GLU A 585 27.53 29.81 23.59
CA GLU A 585 28.41 30.97 23.78
C GLU A 585 29.33 31.18 22.58
N GLY A 586 29.73 30.09 21.90
CA GLY A 586 30.54 30.21 20.69
C GLY A 586 29.78 30.73 19.48
N MET A 587 28.45 30.72 19.53
CA MET A 587 27.66 31.23 18.43
C MET A 587 27.57 32.75 18.44
N ARG A 588 27.80 33.39 19.58
N ARG A 588 27.79 33.39 19.58
CA ARG A 588 27.48 34.81 19.70
CA ARG A 588 27.50 34.82 19.71
C ARG A 588 28.14 35.70 18.64
C ARG A 588 28.13 35.69 18.63
N PRO A 589 29.42 35.54 18.30
CA PRO A 589 29.98 36.44 17.26
C PRO A 589 29.32 36.30 15.90
N MET A 590 28.95 35.09 15.50
CA MET A 590 28.30 34.88 14.21
C MET A 590 26.87 35.39 14.22
N ILE A 591 26.18 35.24 15.35
CA ILE A 591 24.83 35.82 15.44
C ILE A 591 24.90 37.33 15.28
N GLU A 592 25.87 37.97 15.96
CA GLU A 592 26.00 39.43 15.84
C GLU A 592 26.35 39.86 14.41
N MET A 593 27.29 39.16 13.76
CA MET A 593 27.65 39.54 12.39
C MET A 593 26.48 39.31 11.44
N ALA A 594 25.74 38.22 11.63
CA ALA A 594 24.57 37.99 10.78
C ALA A 594 23.57 39.12 10.99
N ARG A 595 23.29 39.43 12.25
CA ARG A 595 22.38 40.51 12.59
C ARG A 595 22.81 41.82 11.91
N ASP A 596 24.11 42.13 11.94
CA ASP A 596 24.55 43.41 11.41
C ASP A 596 24.56 43.46 9.88
N LEU A 597 24.95 42.38 9.22
CA LEU A 597 25.23 42.39 7.79
C LEU A 597 24.10 41.77 6.97
N VAL A 598 23.74 40.54 7.29
CA VAL A 598 22.84 39.77 6.44
C VAL A 598 21.40 40.17 6.71
N SER A 599 21.01 40.26 7.99
CA SER A 599 19.59 40.43 8.31
C SER A 599 18.96 41.64 7.65
N PRO A 600 19.58 42.83 7.65
CA PRO A 600 18.92 43.98 6.99
C PRO A 600 18.76 43.77 5.48
N VAL A 601 19.67 43.02 4.84
CA VAL A 601 19.61 42.79 3.42
C VAL A 601 18.55 41.74 3.10
N HIS A 602 18.54 40.64 3.86
CA HIS A 602 17.45 39.65 3.82
C HIS A 602 16.10 40.33 3.98
N LYS A 603 15.97 41.22 4.97
CA LYS A 603 14.69 41.89 5.21
C LYS A 603 14.25 42.68 3.97
N GLU A 604 15.16 43.47 3.40
CA GLU A 604 14.77 44.35 2.30
C GLU A 604 14.41 43.55 1.05
N THR A 605 15.11 42.44 0.79
CA THR A 605 14.94 41.70 -0.46
C THR A 605 13.97 40.55 -0.35
N PHE A 606 13.43 40.28 0.84
CA PHE A 606 12.70 39.02 1.12
C PHE A 606 11.63 38.70 0.08
N TYR A 607 10.77 39.67 -0.21
CA TYR A 607 9.60 39.43 -1.07
C TYR A 607 9.91 39.62 -2.54
N SER A 608 11.12 40.06 -2.86
CA SER A 608 11.36 40.59 -4.19
C SER A 608 11.79 39.46 -5.14
N GLU A 609 11.85 39.81 -6.43
CA GLU A 609 12.44 38.94 -7.43
C GLU A 609 13.96 39.12 -7.45
N LEU A 610 14.69 38.02 -7.47
CA LEU A 610 16.12 38.05 -7.79
C LEU A 610 16.16 38.19 -9.31
N LYS A 611 16.28 39.44 -9.79
CA LYS A 611 16.16 39.72 -11.21
C LYS A 611 17.35 39.18 -12.02
N SER A 612 18.56 39.30 -11.47
CA SER A 612 19.76 38.96 -12.20
C SER A 612 20.85 38.55 -11.22
N HIS A 613 21.72 37.69 -11.72
CA HIS A 613 22.98 37.35 -11.06
C HIS A 613 24.06 37.31 -12.13
N GLU A 614 25.26 37.78 -11.78
CA GLU A 614 26.39 37.92 -12.69
C GLU A 614 27.65 37.49 -11.99
N TYR A 615 28.55 36.85 -12.73
CA TYR A 615 29.92 36.65 -12.26
C TYR A 615 30.78 37.75 -12.86
N LEU A 616 31.52 38.48 -12.03
CA LEU A 616 32.24 39.70 -12.44
C LEU A 616 33.76 39.54 -12.48
N SER A 617 34.29 38.41 -12.10
CA SER A 617 35.73 38.19 -12.12
C SER A 617 36.01 36.90 -12.88
N ALA A 618 37.24 36.81 -13.45
CA ALA A 618 37.62 35.63 -14.25
C ALA A 618 37.56 34.33 -13.45
N ASP A 619 37.76 34.38 -12.11
CA ASP A 619 37.75 33.18 -11.28
C ASP A 619 36.39 32.91 -10.67
N TYR A 620 35.39 33.69 -11.07
CA TYR A 620 33.98 33.55 -10.69
C TYR A 620 33.72 33.82 -9.21
N LYS A 621 34.69 34.37 -8.48
CA LYS A 621 34.50 34.61 -7.05
C LYS A 621 33.82 35.95 -6.74
N VAL A 622 33.91 36.94 -7.64
CA VAL A 622 33.18 38.21 -7.48
C VAL A 622 31.86 38.14 -8.25
N GLN A 623 30.75 38.45 -7.55
CA GLN A 623 29.40 38.26 -8.09
C GLN A 623 28.54 39.46 -7.76
N ARG A 624 27.49 39.65 -8.58
CA ARG A 624 26.57 40.78 -8.42
C ARG A 624 25.16 40.27 -8.60
N SER A 625 24.30 40.48 -7.60
CA SER A 625 22.90 40.14 -7.68
C SER A 625 22.06 41.42 -7.59
N ARG A 626 20.96 41.45 -8.35
CA ARG A 626 20.07 42.62 -8.33
C ARG A 626 18.65 42.13 -8.05
N PHE A 627 18.01 42.75 -7.06
CA PHE A 627 16.67 42.35 -6.61
C PHE A 627 15.66 43.42 -6.99
N SER A 628 14.40 43.01 -7.19
CA SER A 628 13.42 43.99 -7.64
C SER A 628 13.01 44.96 -6.54
N SER A 629 13.48 44.74 -5.31
CA SER A 629 13.37 45.77 -4.27
C SER A 629 14.21 47.00 -4.58
N GLY A 630 15.08 46.95 -5.58
CA GLY A 630 16.04 48.00 -5.81
C GLY A 630 17.36 47.77 -5.11
N THR A 631 17.58 46.57 -4.57
CA THR A 631 18.78 46.26 -3.82
C THR A 631 19.79 45.60 -4.73
N GLU A 632 21.05 46.03 -4.63
CA GLU A 632 22.14 45.39 -5.37
C GLU A 632 23.19 44.88 -4.38
N VAL A 633 23.55 43.60 -4.49
CA VAL A 633 24.60 42.98 -3.68
C VAL A 633 25.77 42.63 -4.59
N ILE A 634 26.95 43.17 -4.30
CA ILE A 634 28.21 42.71 -4.89
C ILE A 634 29.03 42.09 -3.77
N ALA A 635 29.56 40.89 -3.99
CA ALA A 635 30.41 40.32 -2.96
C ALA A 635 31.55 39.55 -3.63
N ASN A 636 32.64 39.41 -2.87
CA ASN A 636 33.86 38.74 -3.30
C ASN A 636 34.05 37.54 -2.37
N LEU A 637 33.82 36.33 -2.89
CA LEU A 637 33.86 35.12 -2.08
C LEU A 637 35.24 34.51 -2.03
N GLY A 638 36.26 35.23 -2.49
CA GLY A 638 37.62 34.73 -2.41
C GLY A 638 38.49 35.65 -1.58
N PRO A 639 39.76 35.27 -1.43
CA PRO A 639 40.62 35.94 -0.44
C PRO A 639 41.29 37.22 -0.91
N VAL A 640 41.36 37.50 -2.21
CA VAL A 640 42.15 38.61 -2.72
C VAL A 640 41.21 39.70 -3.24
N ALA A 641 41.53 40.96 -2.93
CA ALA A 641 40.74 42.05 -3.51
C ALA A 641 40.78 41.98 -5.03
N GLN A 642 39.64 42.28 -5.67
CA GLN A 642 39.57 42.28 -7.13
C GLN A 642 38.79 43.49 -7.61
N LYS A 643 39.14 43.97 -8.80
CA LYS A 643 38.50 45.15 -9.37
C LYS A 643 37.41 44.73 -10.35
N ILE A 644 36.36 45.55 -10.41
CA ILE A 644 35.27 45.39 -11.39
C ILE A 644 35.14 46.70 -12.17
N GLU A 645 34.11 46.82 -13.01
CA GLU A 645 33.96 47.98 -13.88
C GLU A 645 34.06 49.29 -13.11
N GLY A 646 34.71 50.28 -13.74
CA GLY A 646 34.94 51.54 -13.10
C GLY A 646 36.12 51.56 -12.17
N GLY A 647 36.91 50.49 -12.15
CA GLY A 647 38.03 50.39 -11.24
C GLY A 647 37.64 50.26 -9.78
N ILE A 648 36.37 49.96 -9.49
CA ILE A 648 35.97 49.72 -8.12
C ILE A 648 36.57 48.41 -7.64
N SER A 649 37.15 48.43 -6.45
CA SER A 649 37.75 47.25 -5.87
C SER A 649 36.82 46.65 -4.81
N ILE A 650 36.61 45.34 -4.87
CA ILE A 650 35.88 44.62 -3.83
C ILE A 650 36.90 43.85 -2.98
N PRO A 651 37.01 44.11 -1.68
CA PRO A 651 38.01 43.39 -0.87
C PRO A 651 37.73 41.89 -0.83
N GLY A 652 38.77 41.12 -0.52
CA GLY A 652 38.56 39.70 -0.28
C GLY A 652 37.57 39.51 0.88
N TYR A 653 36.69 38.53 0.71
CA TYR A 653 35.56 38.32 1.62
C TYR A 653 34.88 39.65 1.96
N GLY A 654 34.59 40.42 0.91
CA GLY A 654 34.12 41.78 1.04
C GLY A 654 32.84 42.00 0.24
N TYR A 655 32.23 43.17 0.44
CA TYR A 655 30.93 43.41 -0.18
C TYR A 655 30.75 44.88 -0.46
N ARG A 656 29.86 45.15 -1.39
CA ARG A 656 29.45 46.50 -1.72
C ARG A 656 27.97 46.40 -2.06
N ILE A 657 27.12 47.00 -1.22
CA ILE A 657 25.67 46.75 -1.28
C ILE A 657 25.00 48.09 -1.47
N GLN A 658 24.19 48.21 -2.52
CA GLN A 658 23.38 49.41 -2.72
C GLN A 658 21.96 49.11 -2.26
N MET A 659 21.51 49.82 -1.23
CA MET A 659 20.20 49.60 -0.63
C MET A 659 19.13 50.36 -1.43
N LYS A 660 17.87 50.03 -1.15
CA LYS A 660 16.73 50.62 -1.84
C LYS A 660 16.75 52.15 -1.75
N ASP A 661 17.10 52.68 -0.59
CA ASP A 661 17.08 54.13 -0.38
C ASP A 661 18.29 54.82 -0.98
N GLY A 662 19.16 54.10 -1.69
CA GLY A 662 20.31 54.70 -2.31
C GLY A 662 21.58 54.66 -1.47
N SER A 663 21.51 54.29 -0.20
CA SER A 663 22.71 54.29 0.61
C SER A 663 23.60 53.11 0.21
N LEU A 664 24.89 53.27 0.46
CA LEU A 664 25.89 52.29 0.07
C LEU A 664 26.52 51.69 1.32
N LYS A 665 26.56 50.37 1.38
CA LYS A 665 27.24 49.64 2.46
C LYS A 665 28.45 48.94 1.87
N THR A 666 29.63 49.18 2.46
CA THR A 666 30.82 48.46 2.03
C THR A 666 31.50 47.90 3.26
N GLY A 667 32.24 46.82 3.09
CA GLY A 667 32.92 46.23 4.22
C GLY A 667 33.56 44.92 3.83
N HIS A 668 34.10 44.25 4.84
CA HIS A 668 34.73 42.95 4.58
C HIS A 668 34.91 42.23 5.92
N PHE A 669 35.12 40.91 5.84
CA PHE A 669 35.49 40.10 6.98
C PHE A 669 36.99 40.00 7.11
N GLN A 670 37.48 39.91 8.36
CA GLN A 670 38.89 39.71 8.63
C GLN A 670 39.06 38.57 9.63
N VAL A 671 40.01 37.68 9.38
CA VAL A 671 40.38 36.66 10.37
C VAL A 671 41.66 37.15 11.03
N SER A 672 41.67 37.20 12.37
N SER A 672 41.69 37.18 12.35
CA SER A 672 42.81 37.70 13.11
CA SER A 672 42.92 37.62 12.98
C SER A 672 43.28 36.65 14.10
C SER A 672 43.29 36.66 14.10
N LEU A 673 44.51 36.83 14.59
CA LEU A 673 45.08 35.94 15.60
C LEU A 673 45.39 36.79 16.82
N HIS A 674 44.65 36.57 17.91
CA HIS A 674 44.98 37.19 19.18
C HIS A 674 46.04 36.35 19.88
N MET A 675 47.12 36.98 20.30
CA MET A 675 48.17 36.31 21.06
C MET A 675 48.34 37.07 22.36
N ASP A 676 48.15 36.39 23.50
CA ASP A 676 48.35 36.99 24.82
C ASP A 676 49.78 37.36 25.07
N PRO B 18 35.86 -26.97 24.33
CA PRO B 18 36.57 -25.76 23.88
C PRO B 18 38.07 -25.93 24.09
N ILE B 19 38.86 -25.65 23.06
CA ILE B 19 40.31 -25.81 23.11
C ILE B 19 40.93 -24.48 23.55
N VAL B 20 41.87 -24.55 24.50
CA VAL B 20 42.43 -23.36 25.14
C VAL B 20 43.91 -23.25 24.82
N LEU B 21 44.32 -22.07 24.36
CA LEU B 21 45.71 -21.62 24.44
C LEU B 21 45.80 -20.54 25.50
N GLU B 22 46.80 -20.63 26.37
CA GLU B 22 46.90 -19.70 27.48
C GLU B 22 48.39 -19.47 27.79
N ASN B 23 48.75 -18.25 28.13
CA ASN B 23 50.03 -17.93 28.73
C ASN B 23 49.73 -17.01 29.91
N GLY B 24 50.76 -16.35 30.44
CA GLY B 24 50.52 -15.48 31.60
C GLY B 24 49.59 -14.30 31.29
N LYS B 25 49.49 -13.93 30.02
CA LYS B 25 48.86 -12.67 29.67
C LYS B 25 47.54 -12.82 28.93
N LEU B 26 47.33 -13.93 28.23
CA LEU B 26 46.12 -14.11 27.42
C LEU B 26 45.57 -15.51 27.64
N ASN B 27 44.26 -15.63 27.49
CA ASN B 27 43.57 -16.91 27.40
C ASN B 27 42.78 -16.92 26.09
N ILE B 28 43.07 -17.88 25.21
CA ILE B 28 42.37 -18.03 23.93
C ILE B 28 41.43 -19.22 24.05
N ASN B 29 40.12 -18.99 23.92
CA ASN B 29 39.13 -20.04 24.07
C ASN B 29 38.54 -20.32 22.69
N ILE B 30 38.81 -21.50 22.14
CA ILE B 30 38.40 -21.84 20.77
C ILE B 30 37.27 -22.86 20.81
N ASP B 31 36.18 -22.54 20.12
CA ASP B 31 35.02 -23.43 20.07
C ASP B 31 35.26 -24.51 19.04
N SER B 32 35.20 -25.79 19.48
CA SER B 32 35.48 -26.90 18.56
C SER B 32 34.36 -27.13 17.55
N LYS B 33 33.15 -26.64 17.80
CA LYS B 33 32.07 -26.85 16.84
C LYS B 33 32.12 -25.85 15.70
N THR B 34 32.47 -24.59 15.97
CA THR B 34 32.41 -23.52 14.99
C THR B 34 33.78 -23.00 14.58
N GLY B 35 34.82 -23.23 15.37
CA GLY B 35 36.10 -22.61 15.15
C GLY B 35 36.19 -21.17 15.60
N CYS B 36 35.11 -20.60 16.14
CA CYS B 36 35.16 -19.23 16.68
C CYS B 36 36.01 -19.20 17.94
N PHE B 37 36.60 -18.04 18.22
CA PHE B 37 37.43 -17.94 19.42
C PHE B 37 37.26 -16.60 20.11
N SER B 38 37.42 -16.62 21.44
CA SER B 38 37.43 -15.44 22.28
C SER B 38 38.83 -15.25 22.87
N VAL B 39 39.15 -14.01 23.21
CA VAL B 39 40.45 -13.70 23.81
C VAL B 39 40.19 -12.97 25.11
N THR B 40 40.63 -13.57 26.21
CA THR B 40 40.62 -12.92 27.51
C THR B 40 41.99 -12.31 27.75
N GLU B 41 42.01 -10.99 27.89
CA GLU B 41 43.21 -10.24 28.22
C GLU B 41 43.27 -10.21 29.75
N LYS B 42 44.15 -11.01 30.34
CA LYS B 42 44.01 -11.34 31.75
C LYS B 42 44.41 -10.22 32.71
N THR B 43 45.13 -9.18 32.25
CA THR B 43 45.47 -8.08 33.16
C THR B 43 44.25 -7.24 33.48
N SER B 44 43.52 -6.79 32.46
CA SER B 44 42.26 -6.09 32.69
C SER B 44 41.09 -7.04 32.89
N GLY B 45 41.18 -8.29 32.44
CA GLY B 45 40.03 -9.18 32.47
C GLY B 45 39.05 -8.98 31.32
N HIS B 46 39.35 -8.08 30.39
CA HIS B 46 38.44 -7.84 29.27
C HIS B 46 38.39 -9.07 28.39
N VAL B 47 37.19 -9.42 27.92
CA VAL B 47 37.03 -10.54 26.99
C VAL B 47 36.62 -10.02 25.61
N TRP B 48 37.41 -10.38 24.61
CA TRP B 48 37.06 -10.11 23.22
C TRP B 48 36.24 -11.29 22.69
N LYS B 49 35.03 -11.02 22.22
CA LYS B 49 34.16 -12.12 21.84
C LYS B 49 34.27 -12.42 20.36
N SER B 50 33.86 -13.62 19.99
CA SER B 50 33.75 -13.94 18.58
C SER B 50 32.52 -13.23 18.00
N ASP B 51 32.34 -13.37 16.67
CA ASP B 51 31.22 -12.76 15.93
C ASP B 51 29.94 -12.71 16.75
N PRO B 52 29.51 -11.50 17.15
CA PRO B 52 28.26 -11.42 17.93
C PRO B 52 26.99 -11.70 17.12
N TRP B 53 27.05 -11.63 15.79
CA TRP B 53 25.84 -11.70 14.97
C TRP B 53 25.45 -13.13 14.61
N GLU B 54 26.38 -13.89 14.02
CA GLU B 54 26.07 -15.19 13.43
C GLU B 54 26.97 -16.32 13.94
N ASN B 55 27.84 -16.06 14.90
CA ASN B 55 28.83 -17.03 15.33
C ASN B 55 29.63 -17.60 14.16
N ALA B 56 30.01 -16.71 13.23
CA ALA B 56 30.80 -17.09 12.07
C ALA B 56 32.28 -16.89 12.36
N ALA B 57 33.06 -17.98 12.29
CA ALA B 57 34.52 -17.84 12.37
C ALA B 57 35.07 -17.04 11.20
N GLY B 58 34.46 -17.16 10.03
CA GLY B 58 34.91 -16.51 8.81
C GLY B 58 33.79 -16.44 7.78
N LEU B 59 33.93 -15.51 6.86
CA LEU B 59 32.94 -15.29 5.80
C LEU B 59 33.63 -15.41 4.44
N LEU B 60 33.24 -16.44 3.67
CA LEU B 60 33.90 -16.83 2.43
C LEU B 60 32.99 -16.54 1.23
N THR B 61 33.50 -15.76 0.29
CA THR B 61 32.80 -15.48 -0.96
C THR B 61 33.35 -16.39 -2.04
N LEU B 62 32.45 -17.12 -2.71
CA LEU B 62 32.84 -18.13 -3.68
C LEU B 62 31.68 -18.37 -4.65
N THR B 63 32.00 -18.91 -5.82
CA THR B 63 30.95 -19.27 -6.77
C THR B 63 30.26 -20.58 -6.39
N ASP B 64 28.98 -20.70 -6.76
CA ASP B 64 28.22 -21.92 -6.54
C ASP B 64 28.24 -22.77 -7.81
N SER B 65 27.38 -23.78 -7.88
CA SER B 65 27.35 -24.65 -9.06
C SER B 65 26.97 -23.89 -10.32
N LYS B 66 26.18 -22.82 -10.16
CA LYS B 66 25.70 -22.03 -11.27
C LYS B 66 26.66 -20.93 -11.69
N GLY B 67 27.80 -20.78 -11.00
CA GLY B 67 28.71 -19.69 -11.27
C GLY B 67 28.38 -18.40 -10.55
N LYS B 68 27.34 -18.38 -9.73
CA LYS B 68 26.95 -17.19 -8.99
C LYS B 68 27.78 -17.05 -7.71
N LYS B 69 28.23 -15.82 -7.44
CA LYS B 69 28.93 -15.57 -6.19
C LYS B 69 27.96 -15.63 -5.01
N GLN B 70 28.37 -16.33 -3.95
CA GLN B 70 27.69 -16.30 -2.68
C GLN B 70 28.70 -16.10 -1.56
N THR B 71 28.23 -15.58 -0.43
CA THR B 71 29.04 -15.48 0.78
C THR B 71 28.47 -16.38 1.86
N VAL B 72 29.31 -17.26 2.42
CA VAL B 72 28.85 -18.28 3.35
C VAL B 72 29.61 -18.18 4.67
N ASN B 73 28.93 -18.60 5.73
CA ASN B 73 29.52 -18.71 7.05
C ASN B 73 30.31 -20.01 7.08
N ILE B 74 31.64 -19.95 7.19
CA ILE B 74 32.42 -21.20 7.16
C ILE B 74 32.24 -22.02 8.43
N SER B 75 31.71 -21.44 9.50
CA SER B 75 31.36 -22.29 10.64
C SER B 75 30.17 -23.22 10.36
N LYS B 76 29.49 -23.05 9.22
CA LYS B 76 28.44 -23.98 8.79
C LYS B 76 28.96 -25.09 7.89
N SER B 77 30.28 -25.21 7.70
CA SER B 77 30.79 -26.21 6.78
C SER B 77 30.44 -27.61 7.26
N LYS B 78 30.48 -28.58 6.35
CA LYS B 78 30.06 -29.95 6.67
C LYS B 78 30.95 -30.57 7.74
N LYS B 79 32.25 -30.27 7.73
CA LYS B 79 33.16 -30.78 8.75
C LYS B 79 34.10 -29.66 9.17
N ILE B 80 34.30 -29.55 10.48
CA ILE B 80 35.20 -28.57 11.06
C ILE B 80 36.10 -29.31 12.04
N GLU B 81 37.41 -29.22 11.82
CA GLU B 81 38.41 -29.93 12.58
C GLU B 81 39.24 -28.92 13.36
N VAL B 82 39.18 -28.99 14.68
CA VAL B 82 39.94 -28.08 15.53
C VAL B 82 40.77 -28.93 16.47
N SER B 83 42.10 -28.84 16.32
CA SER B 83 43.01 -29.66 17.10
C SER B 83 44.18 -28.82 17.60
N LYS B 84 44.55 -29.02 18.86
CA LYS B 84 45.76 -28.43 19.39
C LYS B 84 46.94 -29.21 18.82
N THR B 85 47.74 -28.57 17.98
CA THR B 85 48.78 -29.25 17.20
C THR B 85 50.20 -28.87 17.61
N ALA B 86 50.36 -27.94 18.54
CA ALA B 86 51.65 -27.70 19.19
C ALA B 86 51.32 -27.14 20.57
N LYS B 87 52.34 -26.84 21.37
CA LYS B 87 52.03 -26.28 22.68
C LYS B 87 51.17 -25.02 22.53
N ASN B 88 51.50 -24.20 21.56
CA ASN B 88 50.81 -22.92 21.44
C ASN B 88 50.25 -22.71 20.04
N THR B 89 49.94 -23.79 19.34
CA THR B 89 49.29 -23.71 18.04
C THR B 89 48.01 -24.52 18.04
N VAL B 90 46.94 -23.90 17.57
CA VAL B 90 45.70 -24.60 17.25
C VAL B 90 45.49 -24.52 15.75
N SER B 91 45.24 -25.66 15.12
N SER B 91 45.24 -25.66 15.12
CA SER B 91 45.02 -25.77 13.68
CA SER B 91 45.01 -25.74 13.69
C SER B 91 43.54 -26.00 13.43
C SER B 91 43.52 -25.95 13.45
N LEU B 92 42.99 -25.28 12.45
CA LEU B 92 41.57 -25.36 12.15
C LEU B 92 41.41 -25.67 10.68
N LYS B 93 40.46 -26.55 10.36
CA LYS B 93 40.14 -26.82 8.98
C LYS B 93 38.63 -26.80 8.80
N PHE B 94 38.17 -26.03 7.81
CA PHE B 94 36.75 -25.88 7.45
C PHE B 94 36.55 -26.56 6.10
N ILE B 95 35.83 -27.68 6.10
CA ILE B 95 35.74 -28.56 4.93
C ILE B 95 34.30 -28.58 4.41
N ASP B 96 34.13 -28.31 3.12
CA ASP B 96 32.85 -28.43 2.42
C ASP B 96 31.82 -27.44 2.98
N PRO B 97 31.94 -26.17 2.65
CA PRO B 97 30.93 -25.20 3.12
C PRO B 97 29.59 -25.45 2.44
N VAL B 98 28.55 -24.90 3.05
CA VAL B 98 27.19 -25.13 2.60
C VAL B 98 26.59 -23.82 2.15
N PHE B 99 25.97 -23.82 0.98
CA PHE B 99 25.32 -22.64 0.42
C PHE B 99 23.95 -22.42 1.06
N GLU B 100 23.33 -21.29 0.68
CA GLU B 100 22.03 -20.93 1.26
C GLU B 100 20.98 -21.98 0.93
N ASP B 101 20.97 -22.48 -0.32
CA ASP B 101 19.98 -23.48 -0.68
C ASP B 101 20.26 -24.85 -0.05
N GLY B 102 21.46 -25.07 0.48
CA GLY B 102 21.79 -26.35 1.07
C GLY B 102 22.67 -27.25 0.21
N SER B 103 22.97 -26.85 -1.02
CA SER B 103 23.99 -27.55 -1.79
C SER B 103 25.33 -27.39 -1.08
N VAL B 104 26.25 -28.31 -1.37
CA VAL B 104 27.55 -28.35 -0.71
C VAL B 104 28.62 -27.98 -1.70
N ALA B 105 29.55 -27.11 -1.28
CA ALA B 105 30.75 -26.81 -2.07
C ALA B 105 31.76 -27.92 -1.83
N LYS B 106 31.45 -29.10 -2.39
CA LYS B 106 32.30 -30.28 -2.20
C LYS B 106 33.70 -30.03 -2.74
N GLY B 107 34.71 -30.34 -1.93
CA GLY B 107 36.08 -30.11 -2.35
C GLY B 107 36.66 -28.74 -2.00
N VAL B 108 35.87 -27.86 -1.45
CA VAL B 108 36.41 -26.59 -0.99
C VAL B 108 36.85 -26.74 0.46
N SER B 109 37.97 -26.11 0.82
CA SER B 109 38.35 -26.11 2.24
C SER B 109 39.27 -24.92 2.53
N ILE B 110 39.27 -24.52 3.79
CA ILE B 110 40.07 -23.42 4.32
C ILE B 110 40.79 -23.98 5.54
N ALA B 111 42.11 -23.86 5.58
CA ALA B 111 42.87 -24.21 6.79
C ALA B 111 43.48 -22.95 7.40
N THR B 112 43.43 -22.88 8.73
CA THR B 112 43.94 -21.71 9.45
C THR B 112 44.70 -22.18 10.68
N GLU B 113 45.42 -21.24 11.29
CA GLU B 113 46.20 -21.54 12.49
C GLU B 113 46.12 -20.35 13.42
N LEU B 114 45.97 -20.64 14.72
CA LEU B 114 46.09 -19.66 15.79
C LEU B 114 47.34 -20.00 16.59
N ARG B 115 48.25 -19.03 16.73
CA ARG B 115 49.55 -19.30 17.35
C ARG B 115 49.77 -18.26 18.44
N LEU B 116 49.74 -18.71 19.70
CA LEU B 116 49.91 -17.81 20.84
C LEU B 116 51.39 -17.70 21.19
N ASP B 117 51.89 -16.47 21.32
CA ASP B 117 53.28 -16.32 21.74
C ASP B 117 53.46 -16.93 23.13
N PRO B 118 54.56 -17.68 23.37
CA PRO B 118 54.75 -18.27 24.70
C PRO B 118 54.80 -17.25 25.82
N ASN B 119 55.28 -16.05 25.56
CA ASN B 119 55.52 -15.07 26.60
C ASN B 119 54.69 -13.81 26.48
N ASN B 120 54.47 -13.32 25.27
CA ASN B 120 53.88 -12.00 25.10
C ASN B 120 52.39 -12.10 24.81
N ALA B 121 51.69 -10.98 25.02
CA ALA B 121 50.27 -10.93 24.71
C ALA B 121 50.13 -10.72 23.20
N GLN B 122 50.48 -11.75 22.45
CA GLN B 122 50.43 -11.69 20.99
C GLN B 122 49.89 -12.99 20.44
N LEU B 123 48.97 -12.87 19.48
CA LEU B 123 48.30 -14.01 18.84
C LEU B 123 48.45 -13.84 17.33
N ASP B 124 49.17 -14.76 16.67
CA ASP B 124 49.22 -14.77 15.21
C ASP B 124 48.03 -15.57 14.67
N VAL B 125 47.40 -15.04 13.62
CA VAL B 125 46.28 -15.70 12.95
C VAL B 125 46.64 -15.81 11.47
N GLU B 126 46.56 -17.01 10.90
CA GLU B 126 47.03 -17.17 9.54
C GLU B 126 46.12 -18.11 8.77
N VAL B 127 45.80 -17.73 7.53
CA VAL B 127 45.13 -18.63 6.59
C VAL B 127 46.24 -19.38 5.86
N THR B 128 46.42 -20.66 6.21
CA THR B 128 47.58 -21.40 5.71
C THR B 128 47.31 -22.13 4.39
N GLU B 129 46.06 -22.46 4.08
CA GLU B 129 45.79 -23.17 2.85
C GLU B 129 44.32 -23.01 2.46
N HIS B 130 44.04 -22.84 1.17
CA HIS B 130 42.68 -22.91 0.69
C HIS B 130 42.64 -23.80 -0.53
N ARG B 131 41.56 -24.58 -0.65
CA ARG B 131 41.33 -25.48 -1.76
C ARG B 131 39.97 -25.16 -2.36
N SER B 132 39.94 -24.98 -3.69
CA SER B 132 38.73 -24.52 -4.37
C SER B 132 37.94 -25.62 -5.09
N GLY B 133 38.53 -26.78 -5.34
CA GLY B 133 37.85 -27.80 -6.14
C GLY B 133 37.46 -27.21 -7.48
N ASN B 134 36.22 -27.47 -7.91
CA ASN B 134 35.70 -26.95 -9.16
C ASN B 134 35.06 -25.57 -9.05
N PHE B 135 35.04 -25.00 -7.83
CA PHE B 135 34.52 -23.65 -7.64
C PHE B 135 35.68 -22.66 -7.66
N THR B 136 35.34 -21.39 -7.50
CA THR B 136 36.32 -20.31 -7.43
C THR B 136 36.15 -19.56 -6.12
N LEU B 137 37.25 -19.33 -5.41
CA LEU B 137 37.22 -18.63 -4.13
C LEU B 137 37.64 -17.19 -4.33
N TYR B 138 36.93 -16.26 -3.65
CA TYR B 138 37.18 -14.84 -3.78
C TYR B 138 37.55 -14.33 -2.39
N ASP B 139 36.77 -13.42 -1.82
CA ASP B 139 37.08 -12.85 -0.51
C ASP B 139 36.93 -13.84 0.65
N LEU B 140 37.84 -13.73 1.62
CA LEU B 140 37.65 -14.42 2.90
C LEU B 140 37.87 -13.40 4.02
N ARG B 141 36.84 -13.17 4.82
CA ARG B 141 36.96 -12.37 6.03
C ARG B 141 37.33 -13.34 7.14
N TYR B 142 38.53 -13.19 7.70
CA TYR B 142 38.98 -14.13 8.71
C TYR B 142 40.04 -13.43 9.55
N PRO B 143 39.85 -13.30 10.89
CA PRO B 143 38.64 -13.76 11.58
C PRO B 143 37.48 -12.79 11.37
N ALA B 144 36.25 -13.30 11.33
CA ALA B 144 35.10 -12.48 10.96
C ALA B 144 34.50 -11.82 12.19
N ARG B 145 34.23 -10.52 12.07
CA ARG B 145 33.55 -9.70 13.10
C ARG B 145 34.13 -9.98 14.47
N ALA B 146 35.46 -10.05 14.50
CA ALA B 146 36.22 -10.33 15.71
C ALA B 146 36.64 -9.02 16.38
N PHE B 147 37.02 -9.11 17.67
CA PHE B 147 37.51 -7.94 18.43
C PHE B 147 36.55 -6.75 18.38
N SER B 148 35.25 -7.03 18.46
CA SER B 148 34.29 -5.95 18.30
C SER B 148 34.04 -5.20 19.60
N LEU B 149 33.51 -3.99 19.42
CA LEU B 149 33.01 -3.14 20.49
C LEU B 149 31.49 -3.07 20.39
N LYS B 150 30.81 -3.14 21.53
CA LYS B 150 29.35 -3.07 21.57
C LYS B 150 28.94 -1.60 21.68
N THR B 151 28.24 -1.09 20.65
CA THR B 151 27.93 0.34 20.59
C THR B 151 27.18 0.81 21.85
N ASP B 152 27.64 1.94 22.42
CA ASP B 152 27.06 2.59 23.60
C ASP B 152 27.19 1.75 24.86
N GLU B 153 27.94 0.65 24.82
CA GLU B 153 28.32 -0.07 26.02
C GLU B 153 29.82 0.05 26.26
N ASP B 154 30.63 -0.41 25.30
CA ASP B 154 32.04 -0.03 25.26
C ASP B 154 32.17 1.45 24.91
N LYS B 155 32.98 2.17 25.67
CA LYS B 155 33.27 3.58 25.36
C LYS B 155 34.71 3.64 24.87
N GLY B 156 34.88 3.48 23.58
CA GLY B 156 36.20 3.40 23.02
C GLY B 156 36.09 3.76 21.56
N ALA B 157 36.88 3.11 20.71
CA ALA B 157 36.93 3.47 19.30
C ALA B 157 37.60 2.37 18.48
N ALA B 158 37.21 2.30 17.20
CA ALA B 158 38.07 1.71 16.18
C ALA B 158 39.18 2.68 15.79
N VAL B 159 40.33 2.12 15.40
CA VAL B 159 41.52 2.92 15.13
C VAL B 159 41.98 2.53 13.73
N ILE B 160 41.99 3.49 12.80
CA ILE B 160 42.17 3.19 11.39
C ILE B 160 43.20 4.15 10.80
N PRO B 161 44.35 3.67 10.31
CA PRO B 161 45.35 4.62 9.74
C PRO B 161 45.01 5.01 8.31
N GLN B 162 43.83 5.58 8.15
CA GLN B 162 43.37 6.12 6.88
C GLN B 162 44.07 7.45 6.65
N LYS B 163 45.03 7.45 5.71
CA LYS B 163 45.99 8.56 5.47
C LYS B 163 46.64 8.93 6.79
N GLN B 164 46.52 10.19 7.29
CA GLN B 164 47.16 10.50 8.58
C GLN B 164 46.53 9.68 9.73
N GLY B 165 45.25 9.34 9.66
CA GLY B 165 44.68 8.41 10.62
C GLY B 165 43.39 8.97 11.23
N VAL B 166 42.50 8.06 11.66
CA VAL B 166 41.26 8.47 12.29
C VAL B 166 40.94 7.49 13.40
N ILE B 167 40.09 7.94 14.34
CA ILE B 167 39.43 7.03 15.28
C ILE B 167 37.93 7.18 15.08
N CYS B 168 37.20 6.08 15.34
CA CYS B 168 35.74 6.02 15.18
C CYS B 168 35.15 5.60 16.53
N PRO B 169 34.65 6.55 17.31
CA PRO B 169 34.09 6.21 18.63
C PRO B 169 32.99 5.17 18.54
N SER B 170 32.91 4.32 19.56
CA SER B 170 31.92 3.24 19.65
C SER B 170 30.66 3.63 20.45
N TYR B 171 30.32 4.91 20.50
CA TYR B 171 29.21 5.38 21.33
C TYR B 171 28.89 6.78 20.84
N ILE B 172 27.65 7.24 21.11
CA ILE B 172 27.22 8.57 20.66
C ILE B 172 27.55 9.56 21.78
N PHE B 173 27.97 10.77 21.39
CA PHE B 173 28.55 11.75 22.31
C PHE B 173 28.11 13.13 21.83
N PRO B 174 28.23 14.16 22.67
CA PRO B 174 27.77 15.50 22.27
C PRO B 174 28.65 16.07 21.18
N MET B 175 28.04 16.81 20.25
CA MET B 175 28.79 17.50 19.20
C MET B 175 27.81 18.49 18.57
N ASN B 176 28.34 19.33 17.69
CA ASN B 176 27.47 20.25 16.97
C ASN B 176 26.26 19.53 16.39
N GLY B 177 25.10 20.20 16.44
CA GLY B 177 23.87 19.55 16.01
C GLY B 177 23.89 19.05 14.58
N GLY B 178 24.42 19.84 13.64
CA GLY B 178 24.48 19.36 12.27
C GLY B 178 25.40 18.16 12.11
N ARG B 179 26.59 18.22 12.73
CA ARG B 179 27.51 17.10 12.74
C ARG B 179 26.85 15.86 13.35
N PHE B 180 26.10 16.05 14.44
CA PHE B 180 25.47 14.95 15.19
C PHE B 180 24.47 14.21 14.30
N CYS B 181 23.59 14.95 13.62
CA CYS B 181 22.63 14.35 12.71
C CYS B 181 23.34 13.51 11.65
N LYS B 182 24.41 14.06 11.02
CA LYS B 182 25.11 13.28 9.99
C LYS B 182 25.81 12.07 10.58
N TRP B 183 26.38 12.24 11.78
CA TRP B 183 27.13 11.17 12.43
C TRP B 183 26.19 10.02 12.75
N ASP B 184 25.14 10.30 13.52
CA ASP B 184 24.23 9.24 13.95
C ASP B 184 23.58 8.55 12.75
N ASP B 185 23.16 9.35 11.76
CA ASP B 185 22.50 8.78 10.57
C ASP B 185 23.41 7.81 9.83
N ALA B 186 24.70 8.13 9.75
CA ALA B 186 25.62 7.30 9.01
C ALA B 186 25.81 5.95 9.67
N THR B 187 25.65 5.87 11.00
CA THR B 187 25.77 4.57 11.67
C THR B 187 24.57 3.68 11.41
N TYR B 188 23.53 4.21 10.76
CA TYR B 188 22.36 3.44 10.36
C TYR B 188 22.23 3.26 8.85
N ASN B 189 23.23 3.60 8.07
CA ASN B 189 23.12 3.35 6.64
C ASN B 189 24.47 2.90 6.11
N ASN B 190 24.60 2.85 4.78
CA ASN B 190 25.79 2.23 4.20
C ASN B 190 27.03 3.07 4.37
N LYS B 191 26.93 4.32 4.86
CA LYS B 191 28.16 5.07 5.08
C LYS B 191 29.05 4.43 6.14
N SER B 192 28.50 3.58 7.00
CA SER B 192 29.31 3.03 8.07
C SER B 192 29.79 1.60 7.79
N GLN B 193 29.71 1.12 6.56
CA GLN B 193 30.22 -0.21 6.25
C GLN B 193 30.89 -0.17 4.89
N GLY B 194 31.95 -0.95 4.72
CA GLY B 194 32.65 -1.00 3.45
C GLY B 194 34.08 -1.48 3.67
N SER B 195 34.93 -1.25 2.68
CA SER B 195 36.31 -1.72 2.85
C SER B 195 37.28 -0.69 2.32
N LEU B 196 38.51 -0.72 2.85
CA LEU B 196 39.59 0.14 2.36
C LEU B 196 40.78 -0.75 1.97
N GLU B 197 41.70 -0.17 1.19
CA GLU B 197 42.91 -0.89 0.79
C GLU B 197 44.16 -0.30 1.42
N LEU B 198 45.25 -1.06 1.36
CA LEU B 198 46.53 -0.61 1.92
C LEU B 198 47.37 0.13 0.90
N PHE B 199 47.98 1.26 1.34
CA PHE B 199 49.12 1.93 0.70
C PHE B 199 48.73 2.67 -0.57
N ASN B 200 47.60 3.36 -0.55
CA ASN B 200 47.28 4.21 -1.69
C ASN B 200 47.13 5.63 -1.16
N ASN B 201 47.05 6.58 -2.09
CA ASN B 201 46.95 7.99 -1.79
C ASN B 201 45.52 8.48 -1.92
N GLY B 202 44.57 7.54 -2.05
CA GLY B 202 43.17 7.89 -2.05
C GLY B 202 42.55 7.63 -0.70
N THR B 203 41.55 6.74 -0.66
CA THR B 203 40.75 6.56 0.58
C THR B 203 41.41 5.61 1.58
N GLY B 204 42.56 5.03 1.25
CA GLY B 204 43.06 3.84 1.93
C GLY B 204 44.00 4.10 3.10
N LEU B 205 44.56 3.01 3.59
CA LEU B 205 45.44 3.00 4.77
C LEU B 205 46.90 3.28 4.40
N THR B 206 47.62 3.91 5.32
CA THR B 206 49.03 4.14 5.12
C THR B 206 49.91 3.30 6.01
N MET B 207 49.33 2.51 6.92
CA MET B 207 50.13 1.58 7.73
C MET B 207 49.34 0.28 7.80
N PRO B 208 50.02 -0.86 7.82
CA PRO B 208 49.34 -2.16 7.74
C PRO B 208 48.83 -2.64 9.09
N TRP B 209 48.04 -1.79 9.76
CA TRP B 209 47.46 -2.23 11.02
C TRP B 209 46.15 -1.50 11.29
N TRP B 210 45.42 -2.02 12.27
CA TRP B 210 44.19 -1.36 12.70
C TRP B 210 43.81 -1.97 14.03
N GLY B 211 42.85 -1.36 14.72
CA GLY B 211 42.54 -1.99 16.00
C GLY B 211 41.29 -1.42 16.64
N THR B 212 40.95 -1.96 17.81
CA THR B 212 39.83 -1.47 18.60
C THR B 212 40.25 -1.35 20.06
N TYR B 213 39.64 -0.42 20.79
CA TYR B 213 39.88 -0.40 22.24
C TYR B 213 38.64 0.10 22.96
N ASN B 214 38.56 -0.27 24.25
CA ASN B 214 37.55 0.32 25.12
C ASN B 214 38.28 0.87 26.34
N GLU B 215 37.54 1.17 27.40
CA GLU B 215 38.19 1.76 28.57
C GLU B 215 39.08 0.80 29.33
N LYS B 216 39.01 -0.51 29.04
CA LYS B 216 39.83 -1.48 29.75
C LYS B 216 41.03 -1.96 28.95
N SER B 217 40.89 -2.14 27.64
CA SER B 217 41.88 -2.92 26.90
C SER B 217 41.88 -2.50 25.44
N ALA B 218 43.00 -2.76 24.77
CA ALA B 218 43.14 -2.46 23.36
C ALA B 218 43.67 -3.68 22.61
N VAL B 219 43.32 -3.80 21.34
CA VAL B 219 43.90 -4.83 20.47
C VAL B 219 44.14 -4.20 19.11
N MET B 220 45.25 -4.57 18.49
N MET B 220 45.25 -4.57 18.48
CA MET B 220 45.55 -4.14 17.14
CA MET B 220 45.54 -4.12 17.13
C MET B 220 46.06 -5.36 16.40
C MET B 220 46.17 -5.29 16.38
N GLY B 221 45.92 -5.33 15.08
CA GLY B 221 46.47 -6.40 14.23
C GLY B 221 47.43 -5.80 13.23
N ILE B 222 48.56 -6.47 13.03
CA ILE B 222 49.57 -6.03 12.06
C ILE B 222 49.64 -7.08 10.95
N VAL B 223 49.45 -6.62 9.71
CA VAL B 223 49.38 -7.50 8.53
C VAL B 223 50.80 -7.86 8.10
N ASP B 224 51.03 -9.14 7.82
CA ASP B 224 52.31 -9.59 7.31
C ASP B 224 52.79 -8.70 6.16
N VAL B 225 54.10 -8.40 6.12
CA VAL B 225 54.68 -7.55 5.08
C VAL B 225 54.44 -8.10 3.67
N SER B 226 54.26 -9.40 3.51
CA SER B 226 54.07 -9.99 2.19
C SER B 226 52.63 -9.96 1.69
N ALA B 227 51.67 -9.52 2.49
CA ALA B 227 50.26 -9.67 2.15
C ALA B 227 49.58 -8.34 1.91
N ARG B 228 48.51 -8.38 1.12
CA ARG B 228 47.69 -7.19 0.85
C ARG B 228 46.21 -7.50 1.02
N PRO B 229 45.78 -7.83 2.24
CA PRO B 229 44.34 -7.89 2.50
C PRO B 229 43.75 -6.50 2.35
N HIS B 230 42.44 -6.46 2.14
CA HIS B 230 41.72 -5.21 2.38
C HIS B 230 41.23 -5.19 3.82
N MET B 231 40.66 -4.04 4.24
CA MET B 231 40.15 -3.95 5.60
C MET B 231 38.66 -3.63 5.51
N GLN B 232 37.83 -4.50 6.07
CA GLN B 232 36.39 -4.22 6.17
C GLN B 232 36.12 -3.43 7.44
N TYR B 233 35.27 -2.39 7.36
CA TYR B 233 34.87 -1.66 8.55
C TYR B 233 33.36 -1.74 8.75
N ASN B 234 32.95 -1.62 10.01
CA ASN B 234 31.54 -1.56 10.38
C ASN B 234 31.49 -0.65 11.59
N ILE B 235 30.99 0.57 11.43
CA ILE B 235 31.15 1.55 12.49
C ILE B 235 29.80 1.81 13.14
N ASN B 236 29.52 1.06 14.20
CA ASN B 236 28.28 1.13 14.99
C ASN B 236 27.05 0.67 14.20
N ASN B 237 27.25 -0.08 13.11
CA ASN B 237 26.14 -0.50 12.26
C ASN B 237 25.63 -1.85 12.75
N ASN B 238 24.29 -2.05 12.73
CA ASN B 238 23.69 -3.30 13.17
C ASN B 238 23.54 -4.32 12.04
N GLY B 239 24.19 -4.09 10.90
CA GLY B 239 24.15 -5.04 9.81
C GLY B 239 22.90 -4.97 8.94
N GLN B 240 22.15 -3.87 9.01
CA GLN B 240 20.96 -3.73 8.16
C GLN B 240 21.33 -3.90 6.68
N TYR B 241 22.56 -3.54 6.30
CA TYR B 241 22.99 -3.73 4.91
C TYR B 241 22.95 -5.19 4.46
N LEU B 242 23.02 -6.14 5.40
CA LEU B 242 22.91 -7.57 5.05
C LEU B 242 21.48 -7.97 4.71
N PHE B 243 20.51 -7.12 5.04
CA PHE B 243 19.10 -7.49 5.00
C PHE B 243 18.27 -6.63 4.07
N ASN B 244 18.85 -5.58 3.48
CA ASN B 244 18.06 -4.66 2.68
C ASN B 244 17.53 -5.33 1.43
N ALA B 245 18.33 -6.17 0.76
CA ALA B 245 17.85 -6.85 -0.44
C ALA B 245 16.68 -7.80 -0.13
N LYS B 246 16.68 -8.40 1.07
CA LYS B 246 15.55 -9.24 1.46
C LYS B 246 14.38 -8.42 2.00
N GLY B 247 14.57 -7.14 2.25
CA GLY B 247 13.47 -6.31 2.75
C GLY B 247 12.98 -6.70 4.13
N VAL B 248 13.90 -6.97 5.07
CA VAL B 248 13.54 -7.27 6.44
C VAL B 248 14.45 -6.47 7.34
N MET B 249 14.07 -6.38 8.62
CA MET B 249 14.85 -5.59 9.59
C MET B 249 15.95 -6.46 10.19
N SER B 250 17.12 -5.86 10.39
CA SER B 250 18.23 -6.59 11.01
C SER B 250 17.85 -7.01 12.42
N PRO B 251 18.15 -8.25 12.81
CA PRO B 251 18.00 -8.68 14.21
C PRO B 251 19.25 -8.51 15.06
N TYR B 252 20.30 -7.92 14.51
CA TYR B 252 21.59 -7.87 15.17
C TYR B 252 21.78 -6.56 15.95
N GLN B 253 22.77 -6.59 16.81
CA GLN B 253 23.12 -5.43 17.64
C GLN B 253 24.14 -4.53 16.95
N ARG B 254 24.03 -3.24 17.22
CA ARG B 254 25.03 -2.27 16.74
C ARG B 254 26.39 -2.55 17.37
N ILE B 255 27.43 -2.71 16.54
CA ILE B 255 28.79 -3.00 17.02
C ILE B 255 29.78 -2.30 16.11
N VAL B 256 31.03 -2.23 16.58
CA VAL B 256 32.16 -1.74 15.80
C VAL B 256 33.05 -2.95 15.55
N PHE B 257 33.42 -3.21 14.30
CA PHE B 257 34.48 -4.18 14.05
C PHE B 257 35.26 -3.77 12.81
N LEU B 258 36.49 -4.29 12.72
CA LEU B 258 37.38 -4.13 11.57
C LEU B 258 37.92 -5.52 11.23
N ASP B 259 37.77 -5.95 9.98
CA ASP B 259 38.16 -7.32 9.64
C ASP B 259 39.15 -7.33 8.49
N PRO B 260 40.11 -8.25 8.47
CA PRO B 260 40.90 -8.45 7.25
C PRO B 260 40.05 -9.15 6.18
N ILE B 261 40.17 -8.70 4.93
CA ILE B 261 39.61 -9.41 3.78
C ILE B 261 40.78 -9.99 2.98
N TRP B 262 40.95 -11.29 3.04
CA TRP B 262 41.99 -11.95 2.24
C TRP B 262 41.44 -12.19 0.84
N LYS B 263 42.16 -11.71 -0.17
CA LYS B 263 41.70 -11.80 -1.56
C LYS B 263 42.21 -13.11 -2.14
N LEU B 264 41.47 -14.19 -1.86
CA LEU B 264 41.95 -15.54 -2.16
C LEU B 264 42.21 -15.75 -3.64
N ASP B 265 41.60 -14.96 -4.50
CA ASP B 265 41.76 -15.10 -5.94
C ASP B 265 43.03 -14.43 -6.46
N GLN B 266 43.71 -13.63 -5.64
CA GLN B 266 44.91 -12.95 -6.11
C GLN B 266 46.07 -12.98 -5.13
N GLU B 267 45.87 -13.31 -3.85
CA GLU B 267 46.89 -13.14 -2.82
C GLU B 267 47.92 -14.25 -2.93
N LYS B 268 49.19 -13.89 -3.07
CA LYS B 268 50.27 -14.88 -3.10
C LYS B 268 51.17 -14.83 -1.87
N GLY B 269 50.98 -13.84 -1.00
CA GLY B 269 51.79 -13.72 0.20
C GLY B 269 51.25 -14.58 1.32
N LYS B 270 51.89 -14.43 2.49
CA LYS B 270 51.51 -15.18 3.68
C LYS B 270 50.32 -14.47 4.31
N MET B 271 49.17 -15.17 4.45
CA MET B 271 47.94 -14.51 4.92
C MET B 271 47.88 -14.54 6.45
N ARG B 272 48.77 -13.75 7.05
CA ARG B 272 48.98 -13.73 8.49
C ARG B 272 48.71 -12.32 9.01
N ILE B 273 48.04 -12.25 10.15
CA ILE B 273 47.91 -10.99 10.87
C ILE B 273 48.32 -11.25 12.31
N SER B 274 49.10 -10.33 12.89
CA SER B 274 49.65 -10.52 14.24
C SER B 274 48.87 -9.60 15.16
N TYR B 275 48.11 -10.16 16.10
CA TYR B 275 47.34 -9.34 17.03
C TYR B 275 48.15 -9.11 18.30
N HIS B 276 48.19 -7.85 18.74
CA HIS B 276 48.87 -7.43 19.95
C HIS B 276 47.84 -6.85 20.92
N PHE B 277 47.88 -7.30 22.19
CA PHE B 277 46.88 -6.97 23.20
C PHE B 277 47.50 -6.07 24.25
N ILE B 278 46.87 -4.92 24.52
CA ILE B 278 47.48 -3.91 25.38
C ILE B 278 46.52 -3.52 26.49
N PRO B 279 46.74 -3.97 27.73
CA PRO B 279 45.87 -3.54 28.85
C PRO B 279 45.90 -2.02 29.00
N GLY B 280 44.71 -1.42 29.11
CA GLY B 280 44.64 0.03 29.27
C GLY B 280 45.08 0.81 28.06
N GLY B 281 45.33 0.15 26.93
CA GLY B 281 45.89 0.87 25.78
C GLY B 281 44.83 1.59 24.96
N ASP B 282 45.30 2.55 24.16
CA ASP B 282 44.44 3.16 23.13
C ASP B 282 45.25 3.32 21.84
N TYR B 283 44.82 4.26 20.99
CA TYR B 283 45.46 4.39 19.68
C TYR B 283 46.90 4.83 19.79
N VAL B 284 47.27 5.55 20.86
CA VAL B 284 48.66 5.91 21.04
C VAL B 284 49.50 4.65 21.27
N ASP B 285 49.07 3.80 22.20
CA ASP B 285 49.84 2.60 22.46
C ASP B 285 49.94 1.73 21.22
N MET B 286 48.85 1.66 20.44
CA MET B 286 48.89 0.87 19.21
C MET B 286 49.95 1.41 18.27
N ALA B 287 49.98 2.73 18.08
CA ALA B 287 50.97 3.32 17.19
C ALA B 287 52.40 3.02 17.64
N LYS B 288 52.67 3.03 18.97
CA LYS B 288 54.01 2.77 19.44
C LYS B 288 54.39 1.30 19.26
N VAL B 289 53.41 0.39 19.30
CA VAL B 289 53.73 -1.01 19.00
C VAL B 289 54.11 -1.14 17.52
N TYR B 290 53.36 -0.47 16.65
CA TYR B 290 53.72 -0.55 15.23
C TYR B 290 55.06 0.13 14.95
N GLN B 291 55.39 1.20 15.68
CA GLN B 291 56.65 1.89 15.45
C GLN B 291 57.85 0.94 15.60
N LYS B 292 57.76 -0.01 16.53
CA LYS B 292 58.81 -1.03 16.65
C LYS B 292 58.90 -1.88 15.37
N GLU B 293 57.75 -2.24 14.83
CA GLU B 293 57.72 -3.05 13.63
C GLU B 293 58.19 -2.23 12.42
N ALA B 294 57.86 -0.94 12.39
CA ALA B 294 58.30 -0.06 11.31
C ALA B 294 59.82 0.02 11.26
N LYS B 295 60.46 0.05 12.42
CA LYS B 295 61.92 0.04 12.47
C LYS B 295 62.47 -1.29 12.00
N ALA B 296 61.83 -2.39 12.40
CA ALA B 296 62.29 -3.70 11.99
C ALA B 296 62.13 -3.88 10.47
N ARG B 297 61.14 -3.24 9.87
CA ARG B 297 60.91 -3.33 8.42
C ARG B 297 61.84 -2.43 7.60
N GLY B 298 62.63 -1.56 8.24
CA GLY B 298 63.58 -0.74 7.53
C GLY B 298 63.03 0.59 7.03
N HIS B 299 61.78 0.91 7.35
CA HIS B 299 61.20 2.17 6.89
C HIS B 299 61.71 3.37 7.67
N PHE B 300 62.17 3.17 8.90
CA PHE B 300 62.38 4.29 9.83
C PHE B 300 63.83 4.78 9.72
N VAL B 301 64.02 5.88 9.00
CA VAL B 301 65.32 6.55 8.94
C VAL B 301 65.11 7.96 9.50
N SER B 302 65.75 8.27 10.63
CA SER B 302 65.32 9.45 11.37
C SER B 302 65.75 10.74 10.67
N LEU B 303 65.00 11.82 10.95
CA LEU B 303 65.41 13.12 10.45
C LEU B 303 66.76 13.57 11.01
N GLN B 304 67.12 13.10 12.21
CA GLN B 304 68.43 13.42 12.75
C GLN B 304 69.52 12.78 11.92
N GLU B 305 69.29 11.55 11.48
CA GLU B 305 70.26 10.88 10.61
C GLU B 305 70.31 11.56 9.25
N LYS B 306 69.15 12.00 8.75
CA LYS B 306 69.11 12.71 7.48
C LYS B 306 69.83 14.05 7.57
N LEU B 307 69.75 14.72 8.74
CA LEU B 307 70.45 15.98 8.97
C LEU B 307 71.96 15.78 9.07
N LYS B 308 72.38 14.70 9.70
CA LYS B 308 73.82 14.40 9.74
C LYS B 308 74.36 14.22 8.34
N ARG B 309 73.60 13.60 7.44
CA ARG B 309 74.03 13.44 6.06
C ARG B 309 73.98 14.75 5.28
N ASN B 310 72.97 15.57 5.57
CA ASN B 310 72.74 16.82 4.84
C ASN B 310 72.37 17.95 5.80
N PRO B 311 73.32 18.80 6.18
CA PRO B 311 73.02 19.95 7.06
C PRO B 311 71.89 20.85 6.57
N ASN B 312 71.61 20.91 5.26
CA ASN B 312 70.53 21.77 4.78
C ASN B 312 69.15 21.27 5.18
N VAL B 313 69.03 20.06 5.72
CA VAL B 313 67.73 19.62 6.25
C VAL B 313 67.23 20.63 7.31
N ASN B 314 68.17 21.32 7.97
CA ASN B 314 67.80 22.26 9.03
C ASN B 314 67.24 23.57 8.48
N LYS B 315 67.07 23.68 7.17
CA LYS B 315 66.32 24.78 6.61
C LYS B 315 64.82 24.51 6.62
N LEU B 316 64.39 23.29 6.98
CA LEU B 316 62.97 22.90 7.01
C LEU B 316 62.27 23.28 8.31
N PRO B 317 62.87 23.15 9.52
CA PRO B 317 62.10 23.43 10.74
C PRO B 317 61.71 24.89 10.79
N GLY B 318 60.41 25.15 10.96
CA GLY B 318 59.93 26.52 10.94
C GLY B 318 59.68 27.06 9.55
N ALA B 319 59.86 26.27 8.49
CA ALA B 319 59.66 26.78 7.13
C ALA B 319 58.18 26.66 6.74
N ILE B 320 57.62 27.70 6.12
CA ILE B 320 56.35 27.57 5.41
C ILE B 320 56.63 27.00 4.01
N TYR B 321 55.83 26.01 3.61
CA TYR B 321 55.89 25.43 2.27
C TYR B 321 55.01 26.28 1.36
N PHE B 322 55.61 27.02 0.43
CA PHE B 322 54.85 27.87 -0.49
C PHE B 322 54.85 27.19 -1.86
N GLY B 323 53.66 26.88 -2.38
CA GLY B 323 53.55 26.48 -3.77
C GLY B 323 53.00 27.63 -4.58
N ILE B 324 53.81 28.12 -5.52
CA ILE B 324 53.36 29.18 -6.41
C ILE B 324 52.88 28.49 -7.70
N TYR B 325 51.57 28.44 -7.90
CA TYR B 325 50.97 27.55 -8.92
C TYR B 325 50.73 28.35 -10.19
N GLY B 326 51.56 28.11 -11.23
CA GLY B 326 51.46 28.88 -12.47
C GLY B 326 50.66 28.18 -13.56
N GLY B 327 49.75 27.27 -13.19
CA GLY B 327 48.97 26.55 -14.21
C GLY B 327 49.68 25.36 -14.83
N TYR B 328 50.91 25.07 -14.41
CA TYR B 328 51.79 24.00 -14.85
C TYR B 328 51.83 22.99 -13.72
N PRO B 329 51.79 21.68 -13.98
CA PRO B 329 52.05 21.01 -15.27
C PRO B 329 50.89 20.93 -16.24
N HIS B 330 49.69 21.34 -15.79
CA HIS B 330 48.47 21.20 -16.58
C HIS B 330 48.54 21.94 -17.91
N TYR B 331 49.19 23.10 -17.94
CA TYR B 331 49.34 23.94 -19.13
C TYR B 331 50.70 24.59 -19.14
N VAL B 332 51.19 24.89 -20.34
CA VAL B 332 52.45 25.60 -20.52
C VAL B 332 52.11 27.08 -20.76
N ASN B 333 52.63 27.94 -19.89
CA ASN B 333 52.46 29.40 -20.01
C ASN B 333 51.00 29.81 -20.14
N MET B 334 50.18 29.38 -19.19
CA MET B 334 48.76 29.69 -19.32
C MET B 334 48.48 31.14 -18.97
N PRO B 335 47.84 31.90 -19.85
CA PRO B 335 47.57 33.31 -19.55
C PRO B 335 46.70 33.43 -18.31
N GLY B 336 47.05 34.37 -17.43
CA GLY B 336 46.28 34.57 -16.22
C GLY B 336 46.68 33.66 -15.07
N MET B 337 47.56 32.69 -15.32
CA MET B 337 48.03 31.79 -14.27
C MET B 337 49.56 31.78 -14.19
N ALA B 338 50.22 31.66 -15.34
CA ALA B 338 51.67 31.53 -15.34
C ALA B 338 52.30 32.79 -14.74
N PHE B 339 53.37 32.60 -13.98
CA PHE B 339 54.22 33.69 -13.49
C PHE B 339 55.46 33.80 -14.38
N THR B 340 55.92 35.03 -14.56
CA THR B 340 57.26 35.22 -15.09
C THR B 340 58.29 34.99 -13.96
N PHE B 341 59.54 34.79 -14.36
CA PHE B 341 60.58 34.61 -13.36
C PHE B 341 60.85 35.90 -12.57
N ASP B 342 60.68 37.07 -13.19
CA ASP B 342 60.76 38.30 -12.40
C ASP B 342 59.62 38.37 -11.39
N GLU B 343 58.42 37.92 -11.77
CA GLU B 343 57.31 37.93 -10.81
C GLU B 343 57.59 36.96 -9.67
N LEU B 344 58.13 35.79 -10.01
CA LEU B 344 58.52 34.83 -8.97
C LEU B 344 59.54 35.44 -8.01
N LYS B 345 60.55 36.14 -8.56
CA LYS B 345 61.55 36.76 -7.68
C LYS B 345 60.89 37.78 -6.74
N ASN B 346 59.94 38.57 -7.25
CA ASN B 346 59.30 39.58 -6.42
C ASN B 346 58.41 38.97 -5.32
N ILE B 347 57.79 37.83 -5.60
CA ILE B 347 57.00 37.13 -4.57
C ILE B 347 57.93 36.63 -3.46
N ILE B 348 59.06 36.05 -3.84
CA ILE B 348 60.05 35.61 -2.85
C ILE B 348 60.55 36.79 -2.03
N LYS B 349 60.85 37.91 -2.70
CA LYS B 349 61.35 39.08 -1.99
C LYS B 349 60.32 39.59 -1.00
N THR B 350 59.04 39.59 -1.40
CA THR B 350 58.00 40.08 -0.52
C THR B 350 57.82 39.18 0.70
N ILE B 351 57.77 37.86 0.47
CA ILE B 351 57.67 36.90 1.56
C ILE B 351 58.74 37.16 2.62
N HIS B 352 59.98 37.43 2.19
CA HIS B 352 61.07 37.63 3.15
C HIS B 352 61.11 39.06 3.72
N ASP B 353 61.16 40.06 2.85
CA ASP B 353 61.44 41.42 3.32
C ASP B 353 60.22 42.07 3.94
N ASP B 354 59.03 41.82 3.38
CA ASP B 354 57.83 42.46 3.88
C ASP B 354 57.08 41.60 4.89
N LEU B 355 56.93 40.31 4.62
CA LEU B 355 56.20 39.43 5.52
C LEU B 355 57.11 38.79 6.59
N ARG B 356 58.43 39.00 6.50
CA ARG B 356 59.37 38.62 7.56
C ARG B 356 59.35 37.11 7.81
N VAL B 357 59.15 36.32 6.75
CA VAL B 357 59.19 34.88 6.89
C VAL B 357 60.66 34.45 6.95
N ASP B 358 61.05 33.82 8.06
CA ASP B 358 62.47 33.56 8.24
C ASP B 358 62.95 32.31 7.50
N LYS B 359 62.07 31.32 7.35
CA LYS B 359 62.42 30.06 6.72
C LYS B 359 61.30 29.63 5.79
N ALA B 360 61.63 29.06 4.64
CA ALA B 360 60.58 28.79 3.65
C ALA B 360 61.07 27.73 2.67
N PHE B 361 60.12 26.96 2.13
CA PHE B 361 60.39 26.07 1.01
C PHE B 361 59.56 26.62 -0.16
N VAL B 362 60.22 27.26 -1.14
CA VAL B 362 59.56 27.85 -2.28
C VAL B 362 59.49 26.79 -3.38
N HIS B 363 58.28 26.50 -3.86
CA HIS B 363 58.08 25.45 -4.86
C HIS B 363 57.35 26.09 -6.05
N ALA B 364 58.05 26.24 -7.17
CA ALA B 364 57.56 27.05 -8.28
C ALA B 364 57.01 26.12 -9.36
N TRP B 365 55.68 26.14 -9.58
CA TRP B 365 55.03 25.22 -10.52
C TRP B 365 54.90 25.92 -11.85
N GLY B 366 55.87 25.69 -12.74
CA GLY B 366 55.80 26.33 -14.04
C GLY B 366 57.10 27.02 -14.41
N THR B 367 58.16 26.24 -14.62
CA THR B 367 59.45 26.83 -14.98
C THR B 367 60.01 26.32 -16.31
N PHE B 368 59.32 25.39 -16.98
CA PHE B 368 59.82 24.74 -18.17
C PHE B 368 58.86 24.99 -19.33
N SER B 369 59.38 24.96 -20.56
CA SER B 369 58.54 25.23 -21.73
C SER B 369 58.07 23.96 -22.44
N ASN B 370 58.46 22.78 -21.95
CA ASN B 370 57.85 21.53 -22.39
C ASN B 370 56.98 21.00 -21.28
N PHE B 371 56.03 20.12 -21.66
CA PHE B 371 55.21 19.43 -20.67
C PHE B 371 56.04 18.33 -20.01
N VAL B 372 55.80 18.12 -18.73
CA VAL B 372 56.30 16.93 -18.06
C VAL B 372 55.81 15.74 -18.90
N PRO B 373 56.60 14.67 -19.06
CA PRO B 373 57.81 14.32 -18.29
C PRO B 373 59.13 14.81 -18.89
N HIS B 374 59.08 15.80 -19.78
CA HIS B 374 60.29 16.45 -20.31
C HIS B 374 60.45 17.77 -19.57
N ASN B 375 61.17 17.72 -18.44
CA ASN B 375 61.25 18.79 -17.45
C ASN B 375 62.36 19.80 -17.82
N TYR B 376 62.23 20.36 -19.02
CA TYR B 376 63.27 21.19 -19.60
C TYR B 376 62.72 21.76 -20.91
N PRO B 377 63.34 22.83 -21.45
CA PRO B 377 64.39 23.66 -20.86
C PRO B 377 63.72 24.68 -19.94
N ILE B 378 64.51 25.40 -19.14
CA ILE B 378 63.97 26.54 -18.45
C ILE B 378 63.38 27.50 -19.47
N SER B 379 62.15 27.96 -19.20
CA SER B 379 61.34 28.60 -20.23
C SER B 379 61.89 29.96 -20.66
N GLU B 380 62.11 30.13 -21.97
CA GLU B 380 62.45 31.44 -22.51
C GLU B 380 61.29 32.41 -22.38
N ALA B 381 60.04 31.95 -22.58
CA ALA B 381 58.90 32.87 -22.51
C ALA B 381 58.75 33.48 -21.12
N LEU B 382 59.12 32.76 -20.06
CA LEU B 382 58.99 33.28 -18.71
C LEU B 382 60.19 34.13 -18.29
N GLY B 383 61.20 34.23 -19.13
CA GLY B 383 62.32 35.08 -18.81
C GLY B 383 63.66 34.42 -19.04
N GLY B 384 63.69 33.11 -19.14
CA GLY B 384 64.92 32.42 -19.48
C GLY B 384 65.74 32.05 -18.26
N PRO B 385 66.80 31.26 -18.47
CA PRO B 385 67.54 30.69 -17.35
C PRO B 385 68.12 31.73 -16.41
N GLU B 386 68.70 32.81 -16.92
CA GLU B 386 69.36 33.76 -16.02
C GLU B 386 68.36 34.40 -15.07
N LYS B 387 67.12 34.64 -15.53
CA LYS B 387 66.13 35.24 -14.62
C LYS B 387 65.60 34.22 -13.61
N LEU B 388 65.48 32.94 -13.99
CA LEU B 388 65.15 31.95 -12.96
C LEU B 388 66.29 31.85 -11.96
N LYS B 389 67.53 31.82 -12.44
CA LYS B 389 68.68 31.77 -11.54
C LYS B 389 68.69 32.95 -10.56
N ALA B 390 68.37 34.16 -11.03
CA ALA B 390 68.27 35.32 -10.14
C ALA B 390 67.23 35.10 -9.04
N ALA B 391 66.09 34.49 -9.39
CA ALA B 391 65.09 34.21 -8.37
C ALA B 391 65.59 33.17 -7.38
N VAL B 392 66.18 32.08 -7.88
CA VAL B 392 66.68 31.04 -6.98
C VAL B 392 67.81 31.58 -6.10
N ASP B 393 68.71 32.37 -6.68
CA ASP B 393 69.80 32.93 -5.90
C ASP B 393 69.28 33.84 -4.77
N LEU B 394 68.24 34.62 -5.06
CA LEU B 394 67.65 35.46 -4.00
C LEU B 394 67.10 34.60 -2.88
N ALA B 395 66.33 33.56 -3.23
CA ALA B 395 65.84 32.63 -2.23
C ALA B 395 66.98 32.01 -1.44
N LYS B 396 68.06 31.58 -2.12
CA LYS B 396 69.18 31.00 -1.39
C LYS B 396 69.84 32.01 -0.47
N SER B 397 69.88 33.29 -0.88
CA SER B 397 70.48 34.32 -0.04
C SER B 397 69.70 34.55 1.26
N TYR B 398 68.42 34.16 1.28
CA TYR B 398 67.57 34.19 2.45
C TYR B 398 67.67 32.93 3.29
N GLY B 399 68.37 31.91 2.81
CA GLY B 399 68.36 30.64 3.50
C GLY B 399 67.15 29.79 3.18
N TYR B 400 66.40 30.13 2.14
CA TYR B 400 65.21 29.39 1.74
C TYR B 400 65.62 28.18 0.89
N LEU B 401 64.79 27.14 0.94
CA LEU B 401 64.90 26.01 0.00
C LEU B 401 64.07 26.35 -1.22
N TYR B 402 64.49 25.84 -2.39
CA TYR B 402 63.80 26.11 -3.64
C TYR B 402 63.73 24.82 -4.46
N SER B 403 62.56 24.52 -5.06
CA SER B 403 62.51 23.52 -6.11
C SER B 403 61.54 23.96 -7.21
N SER B 404 61.82 23.59 -8.45
CA SER B 404 60.80 23.64 -9.49
C SER B 404 59.82 22.48 -9.30
N TYR B 405 58.71 22.55 -10.01
CA TYR B 405 57.84 21.39 -10.13
C TYR B 405 58.48 20.39 -11.07
N HIS B 406 58.56 19.12 -10.65
CA HIS B 406 59.06 18.05 -11.52
C HIS B 406 58.12 16.86 -11.50
N ALA B 407 57.96 16.19 -12.65
CA ALA B 407 57.28 14.89 -12.63
C ALA B 407 57.79 14.03 -13.78
N TYR B 408 57.94 12.73 -13.54
CA TYR B 408 58.47 11.86 -14.59
C TYR B 408 57.44 10.83 -15.01
N SER B 409 56.27 10.82 -14.37
CA SER B 409 55.22 9.84 -14.64
C SER B 409 54.11 10.25 -15.63
N PRO B 410 53.80 11.53 -15.84
CA PRO B 410 52.63 11.85 -16.71
C PRO B 410 52.90 11.58 -18.19
N MET B 411 51.81 11.43 -18.93
CA MET B 411 51.89 11.47 -20.40
C MET B 411 50.57 12.11 -20.84
N LEU B 412 50.61 13.40 -21.18
CA LEU B 412 49.41 14.24 -21.22
C LEU B 412 48.86 14.40 -22.63
N GLU B 413 47.53 14.23 -22.77
CA GLU B 413 46.85 14.37 -24.07
C GLU B 413 47.19 15.67 -24.80
N ASN B 414 47.28 16.76 -24.05
CA ASN B 414 47.47 18.09 -24.66
C ASN B 414 48.93 18.42 -24.91
N ASP B 415 49.86 17.50 -24.61
CA ASP B 415 51.29 17.69 -24.91
C ASP B 415 51.56 17.41 -26.39
N PRO B 416 52.12 18.35 -27.15
CA PRO B 416 52.42 18.06 -28.56
C PRO B 416 53.34 16.85 -28.71
N ASN B 417 54.12 16.54 -27.68
CA ASN B 417 55.00 15.37 -27.72
C ASN B 417 54.32 14.09 -27.22
N PHE B 418 53.01 14.09 -26.93
CA PHE B 418 52.34 12.88 -26.44
C PHE B 418 52.64 11.69 -27.35
N THR B 419 53.02 10.58 -26.74
CA THR B 419 53.00 9.32 -27.46
C THR B 419 52.64 8.22 -26.46
N THR B 420 52.16 7.10 -26.97
CA THR B 420 51.96 5.98 -26.08
C THR B 420 53.23 5.14 -25.90
N ASP B 421 54.38 5.58 -26.46
CA ASP B 421 55.60 4.75 -26.47
C ASP B 421 55.99 4.29 -25.08
N LEU B 422 55.92 5.19 -24.10
CA LEU B 422 56.40 4.91 -22.75
C LEU B 422 55.28 4.49 -21.81
N MET B 423 54.07 4.25 -22.32
CA MET B 423 53.00 3.75 -21.47
C MET B 423 53.08 2.23 -21.33
N GLN B 424 52.64 1.71 -20.19
CA GLN B 424 52.68 0.27 -20.00
C GLN B 424 51.48 -0.39 -20.68
N ARG B 425 51.66 -1.64 -21.14
CA ARG B 425 50.55 -2.42 -21.68
C ARG B 425 50.40 -3.70 -20.88
N ASP B 426 49.16 -4.19 -20.79
CA ASP B 426 48.91 -5.43 -20.08
C ASP B 426 49.10 -6.64 -21.00
N ALA B 427 48.80 -7.84 -20.46
CA ALA B 427 49.06 -9.08 -21.17
C ALA B 427 48.28 -9.17 -22.48
N GLU B 428 47.14 -8.47 -22.57
CA GLU B 428 46.39 -8.49 -23.82
C GLU B 428 46.84 -7.38 -24.76
N GLY B 429 47.92 -6.68 -24.43
CA GLY B 429 48.44 -5.66 -25.30
C GLY B 429 47.72 -4.33 -25.21
N LYS B 430 46.85 -4.16 -24.21
CA LYS B 430 46.07 -2.94 -24.02
C LYS B 430 46.83 -1.95 -23.16
N LEU B 431 46.67 -0.66 -23.47
CA LEU B 431 47.29 0.36 -22.61
C LEU B 431 46.74 0.36 -21.19
N MET B 432 47.64 0.56 -20.22
CA MET B 432 47.28 0.73 -18.83
C MET B 432 47.25 2.21 -18.52
N ASN B 433 46.40 2.56 -17.57
N ASN B 433 46.42 2.57 -17.56
CA ASN B 433 46.26 3.92 -17.04
CA ASN B 433 46.37 3.94 -17.05
C ASN B 433 45.87 4.93 -18.11
C ASN B 433 45.85 4.93 -18.09
N THR B 434 45.08 4.46 -19.08
CA THR B 434 44.40 5.40 -19.98
C THR B 434 43.49 6.32 -19.18
N GLY B 435 43.01 5.89 -18.02
CA GLY B 435 42.17 6.76 -17.21
C GLY B 435 42.89 7.59 -16.15
N SER B 436 44.22 7.64 -16.16
N SER B 436 44.23 7.60 -16.13
CA SER B 436 44.97 8.30 -15.07
CA SER B 436 45.01 8.27 -15.07
C SER B 436 46.18 9.01 -15.67
C SER B 436 46.19 8.99 -15.73
N ARG B 437 45.93 10.20 -16.26
CA ARG B 437 46.92 10.86 -17.11
C ARG B 437 48.22 11.22 -16.40
N TRP B 438 48.20 11.38 -15.08
CA TRP B 438 49.41 11.80 -14.31
C TRP B 438 50.34 10.63 -14.02
N ALA B 439 49.91 9.39 -14.28
CA ALA B 439 50.66 8.20 -13.91
C ALA B 439 50.62 7.21 -15.06
N ARG B 440 51.03 7.67 -16.23
CA ARG B 440 51.02 6.80 -17.42
C ARG B 440 52.39 6.26 -17.83
N VAL B 441 53.50 6.93 -17.53
CA VAL B 441 54.80 6.41 -17.93
C VAL B 441 55.15 5.22 -17.05
N ASP B 442 55.51 4.11 -17.68
CA ASP B 442 55.94 2.93 -16.91
C ASP B 442 57.07 3.32 -15.98
N PRO B 443 57.02 3.01 -14.69
CA PRO B 443 58.14 3.39 -13.80
C PRO B 443 59.50 2.88 -14.25
N LYS B 444 59.57 1.81 -15.04
CA LYS B 444 60.88 1.33 -15.48
C LYS B 444 61.59 2.33 -16.40
N PHE B 445 60.89 3.35 -16.93
CA PHE B 445 61.50 4.42 -17.72
C PHE B 445 61.78 5.69 -16.92
N GLN B 446 61.28 5.81 -15.69
CA GLN B 446 61.26 7.15 -15.07
C GLN B 446 62.64 7.62 -14.62
N LYS B 447 63.51 6.71 -14.19
CA LYS B 447 64.84 7.19 -13.83
C LYS B 447 65.54 7.79 -15.06
N GLY B 448 65.42 7.13 -16.21
CA GLY B 448 66.02 7.67 -17.43
C GLY B 448 65.46 9.02 -17.84
N LEU B 449 64.15 9.21 -17.66
CA LEU B 449 63.55 10.52 -17.91
C LEU B 449 64.10 11.57 -16.95
N ALA B 450 64.25 11.22 -15.68
CA ALA B 450 64.85 12.18 -14.74
C ALA B 450 66.28 12.51 -15.14
N GLN B 451 67.04 11.50 -15.60
CA GLN B 451 68.43 11.69 -15.98
C GLN B 451 68.59 12.62 -17.18
N LYS B 452 67.53 12.86 -17.95
CA LYS B 452 67.68 13.71 -19.14
C LYS B 452 68.14 15.11 -18.78
N ASN B 453 67.57 15.69 -17.71
CA ASN B 453 67.92 17.08 -17.37
C ASN B 453 68.16 17.37 -15.89
N ILE B 454 67.83 16.50 -14.93
CA ILE B 454 67.84 16.99 -13.55
C ILE B 454 69.25 17.37 -13.11
N GLU B 455 70.27 16.66 -13.60
CA GLU B 455 71.63 17.04 -13.20
C GLU B 455 72.03 18.38 -13.79
N LYS B 456 71.51 18.70 -14.97
CA LYS B 456 71.77 20.01 -15.59
C LYS B 456 71.11 21.13 -14.81
N GLU B 457 69.89 20.90 -14.34
CA GLU B 457 69.20 21.93 -13.57
C GLU B 457 69.89 22.14 -12.23
N ILE B 458 70.26 21.04 -11.58
CA ILE B 458 70.94 21.12 -10.29
C ILE B 458 72.23 21.92 -10.42
N SER B 459 73.01 21.65 -11.46
N SER B 459 73.01 21.62 -11.45
CA SER B 459 74.29 22.34 -11.57
CA SER B 459 74.28 22.29 -11.65
C SER B 459 74.12 23.78 -12.01
C SER B 459 74.08 23.76 -11.99
N TYR B 460 73.16 24.07 -12.90
CA TYR B 460 73.00 25.45 -13.37
C TYR B 460 72.42 26.35 -12.28
N LEU B 461 71.40 25.89 -11.58
CA LEU B 461 70.75 26.69 -10.55
C LEU B 461 71.42 26.54 -9.19
N GLY B 462 72.39 25.64 -9.05
CA GLY B 462 73.00 25.35 -7.77
C GLY B 462 71.96 24.90 -6.74
N LEU B 463 71.13 23.94 -7.13
CA LEU B 463 70.00 23.55 -6.31
C LEU B 463 70.46 22.89 -5.02
N GLU B 464 69.69 23.12 -3.96
CA GLU B 464 69.87 22.48 -2.67
C GLU B 464 68.71 21.54 -2.34
N ALA B 465 67.67 21.53 -3.17
CA ALA B 465 66.42 20.86 -2.82
C ALA B 465 65.76 20.35 -4.08
N ASP B 466 64.83 19.41 -3.91
CA ASP B 466 64.07 18.87 -5.01
C ASP B 466 62.73 18.37 -4.49
N ILE B 467 61.66 18.62 -5.23
CA ILE B 467 60.39 17.93 -4.99
C ILE B 467 59.98 17.27 -6.30
N THR B 468 59.59 16.00 -6.21
CA THR B 468 59.15 15.22 -7.35
C THR B 468 57.72 14.77 -7.12
N ASP B 469 56.86 14.96 -8.11
CA ASP B 469 55.44 14.72 -7.95
C ASP B 469 55.10 13.26 -8.29
N ILE B 470 53.95 12.80 -7.75
CA ILE B 470 53.15 11.65 -8.21
C ILE B 470 53.72 10.26 -7.92
N THR B 471 54.98 10.03 -8.32
CA THR B 471 55.49 8.67 -8.43
C THR B 471 55.50 7.91 -7.09
N PHE B 472 55.66 8.62 -5.97
CA PHE B 472 55.81 7.98 -4.67
C PHE B 472 54.60 8.23 -3.77
N ALA B 473 53.43 8.46 -4.39
CA ALA B 473 52.22 8.70 -3.59
C ALA B 473 51.57 7.42 -3.08
N ALA B 474 51.91 6.27 -3.68
CA ALA B 474 51.37 4.97 -3.29
C ALA B 474 52.51 3.96 -3.19
N TYR B 475 52.18 2.75 -2.76
CA TYR B 475 53.16 1.65 -2.77
C TYR B 475 52.43 0.41 -3.32
N ARG B 476 52.26 0.38 -4.63
CA ARG B 476 51.67 -0.78 -5.31
C ARG B 476 52.77 -1.70 -5.82
N GLU B 477 52.39 -2.95 -6.06
CA GLU B 477 53.36 -3.95 -6.53
C GLU B 477 53.84 -3.64 -7.94
N ASN B 478 52.92 -3.36 -8.86
CA ASN B 478 53.28 -3.17 -10.27
C ASN B 478 54.14 -1.93 -10.43
N GLY B 479 55.34 -2.08 -10.99
CA GLY B 479 56.23 -0.96 -11.20
C GLY B 479 57.09 -0.58 -10.01
N LYS B 480 56.98 -1.30 -8.89
CA LYS B 480 57.73 -0.92 -7.71
C LYS B 480 59.23 -0.87 -7.97
N GLU B 481 59.77 -1.84 -8.74
CA GLU B 481 61.22 -1.82 -8.95
C GLU B 481 61.67 -0.55 -9.65
N GLY B 482 60.92 -0.10 -10.67
CA GLY B 482 61.28 1.15 -11.33
C GLY B 482 61.17 2.37 -10.42
N ARG B 483 60.16 2.38 -9.55
CA ARG B 483 60.06 3.47 -8.57
C ARG B 483 61.26 3.50 -7.63
N ILE B 484 61.67 2.32 -7.12
CA ILE B 484 62.83 2.25 -6.24
C ILE B 484 64.08 2.78 -6.95
N GLU B 485 64.24 2.40 -8.23
CA GLU B 485 65.37 2.88 -9.00
C GLU B 485 65.38 4.42 -9.09
N LEU B 486 64.21 5.03 -9.33
CA LEU B 486 64.11 6.49 -9.36
C LEU B 486 64.39 7.08 -7.98
N ALA B 487 63.78 6.52 -6.93
CA ALA B 487 64.03 7.06 -5.59
C ALA B 487 65.50 7.00 -5.23
N LYS B 488 66.18 5.90 -5.59
CA LYS B 488 67.60 5.80 -5.26
C LYS B 488 68.41 6.82 -6.03
N TYR B 489 68.03 7.08 -7.28
CA TYR B 489 68.72 8.08 -8.09
C TYR B 489 68.54 9.50 -7.51
N ILE B 490 67.30 9.90 -7.24
CA ILE B 490 67.07 11.21 -6.62
C ILE B 490 67.80 11.32 -5.29
N ASP B 491 67.72 10.27 -4.46
CA ASP B 491 68.41 10.31 -3.17
C ASP B 491 69.92 10.44 -3.32
N SER B 492 70.50 9.93 -4.41
CA SER B 492 71.95 9.97 -4.58
C SER B 492 72.48 11.40 -4.69
N PHE B 493 71.63 12.37 -5.01
CA PHE B 493 72.09 13.75 -5.09
C PHE B 493 72.26 14.41 -3.73
N ASN B 494 71.74 13.82 -2.67
CA ASN B 494 71.82 14.38 -1.30
C ASN B 494 71.30 15.82 -1.27
N LEU B 495 70.11 16.00 -1.83
CA LEU B 495 69.39 17.28 -1.74
C LEU B 495 68.34 17.15 -0.66
N VAL B 496 67.93 18.30 -0.09
CA VAL B 496 66.76 18.28 0.78
C VAL B 496 65.58 17.95 -0.12
N ASN B 497 64.93 16.81 0.06
CA ASN B 497 63.98 16.48 -0.99
C ASN B 497 62.64 16.00 -0.47
N GLY B 498 61.62 16.25 -1.28
CA GLY B 498 60.25 15.97 -0.90
C GLY B 498 59.54 15.29 -2.06
N THR B 499 58.34 14.81 -1.75
CA THR B 499 57.54 14.17 -2.80
C THR B 499 56.08 14.27 -2.37
N GLU B 500 55.19 14.09 -3.36
CA GLU B 500 53.76 14.16 -3.12
C GLU B 500 53.32 12.97 -2.26
N HIS B 501 52.64 13.28 -1.15
CA HIS B 501 51.95 12.32 -0.31
C HIS B 501 52.87 11.34 0.44
N GLY B 502 53.64 10.54 -0.29
CA GLY B 502 54.52 9.56 0.32
C GLY B 502 53.79 8.32 0.82
N GLN B 503 54.60 7.33 1.24
CA GLN B 503 54.17 6.13 1.95
C GLN B 503 55.33 5.75 2.84
N GLU B 504 55.05 4.90 3.82
CA GLU B 504 56.12 4.55 4.77
C GLU B 504 57.31 3.92 4.05
N GLN B 505 57.06 3.15 2.98
CA GLN B 505 58.16 2.48 2.26
C GLN B 505 59.14 3.45 1.62
N TRP B 506 58.73 4.70 1.37
CA TRP B 506 59.58 5.69 0.74
C TRP B 506 60.30 6.58 1.74
N ILE B 507 59.98 6.49 3.03
CA ILE B 507 60.61 7.37 4.01
C ILE B 507 62.14 7.34 3.97
N PRO B 508 62.80 6.20 3.68
CA PRO B 508 64.26 6.21 3.66
C PRO B 508 64.88 7.18 2.65
N TYR B 509 64.13 7.61 1.61
CA TYR B 509 64.65 8.31 0.44
C TYR B 509 64.33 9.80 0.41
N PHE B 510 63.54 10.29 1.35
CA PHE B 510 63.03 11.65 1.31
C PHE B 510 63.15 12.32 2.66
N ASP B 511 63.17 13.65 2.65
CA ASP B 511 63.09 14.41 3.89
C ASP B 511 61.69 14.87 4.21
N MET B 512 60.84 15.09 3.21
CA MET B 512 59.50 15.58 3.50
C MET B 512 58.48 15.00 2.53
N PHE B 513 57.24 14.88 3.02
CA PHE B 513 56.07 14.48 2.24
C PHE B 513 55.10 15.65 2.20
N GLU B 514 54.64 15.98 0.99
CA GLU B 514 53.60 16.99 0.77
C GLU B 514 52.26 16.27 0.80
N GLY B 515 51.56 16.34 1.94
CA GLY B 515 50.35 15.55 2.14
C GLY B 515 50.52 14.61 3.34
N MET B 516 49.97 13.41 3.22
CA MET B 516 49.83 12.52 4.38
C MET B 516 48.99 13.22 5.46
N THR B 517 47.86 13.81 5.01
CA THR B 517 46.94 14.47 5.92
C THR B 517 45.57 13.80 5.70
N TYR B 518 44.64 14.46 5.00
CA TYR B 518 43.27 13.94 4.84
C TYR B 518 42.73 14.29 3.45
N LEU B 519 42.05 13.34 2.81
CA LEU B 519 41.18 13.71 1.69
C LEU B 519 40.07 14.63 2.18
N GLU B 520 39.53 15.45 1.26
CA GLU B 520 38.38 16.28 1.64
C GLU B 520 37.11 15.45 1.76
N ASP B 521 36.85 14.60 0.77
CA ASP B 521 35.69 13.71 0.73
C ASP B 521 36.22 12.29 0.87
N ARG B 522 35.78 11.57 1.89
CA ARG B 522 36.37 10.25 2.16
C ARG B 522 35.37 9.39 2.92
N PRO B 523 35.42 8.07 2.72
CA PRO B 523 34.64 7.17 3.56
C PRO B 523 35.00 7.46 5.01
N LEU B 524 33.97 7.46 5.87
CA LEU B 524 34.07 7.63 7.33
C LEU B 524 34.20 9.09 7.73
N SER B 525 34.19 10.05 6.79
CA SER B 525 34.42 11.42 7.21
C SER B 525 33.41 11.90 8.25
N VAL B 526 32.13 11.49 8.15
CA VAL B 526 31.12 12.03 9.09
C VAL B 526 31.01 11.21 10.37
N ILE B 527 31.80 10.14 10.52
CA ILE B 527 31.74 9.28 11.71
C ILE B 527 33.15 8.97 12.19
N SER B 528 34.06 9.93 12.06
CA SER B 528 35.41 9.69 12.59
C SER B 528 35.99 11.04 13.00
N HIS B 529 37.02 10.98 13.84
CA HIS B 529 37.83 12.14 14.20
C HIS B 529 39.25 11.95 13.68
N PRO B 530 39.83 12.95 13.06
CA PRO B 530 41.27 12.90 12.74
C PRO B 530 42.07 12.63 14.01
N ALA B 531 43.05 11.74 13.88
CA ALA B 531 44.00 11.35 14.96
C ALA B 531 45.36 11.22 14.27
N PRO B 532 46.45 11.68 14.92
CA PRO B 532 47.76 11.70 14.22
C PRO B 532 48.48 10.35 14.26
N LEU B 533 47.83 9.32 13.73
CA LEU B 533 48.38 7.97 13.82
C LEU B 533 49.70 7.85 13.07
N PHE B 534 49.73 8.31 11.81
CA PHE B 534 50.97 8.21 11.06
C PHE B 534 52.11 8.95 11.77
N ASN B 535 51.87 10.18 12.26
CA ASN B 535 52.95 10.93 12.90
C ASN B 535 53.31 10.39 14.29
N LEU B 536 52.34 9.79 14.99
CA LEU B 536 52.67 9.07 16.23
C LEU B 536 53.71 7.99 15.97
N VAL B 537 53.74 7.46 14.73
CA VAL B 537 54.75 6.47 14.37
C VAL B 537 55.98 7.14 13.81
N TYR B 538 55.79 8.07 12.86
CA TYR B 538 56.89 8.44 11.96
C TYR B 538 57.31 9.90 12.04
N HIS B 539 56.81 10.71 12.99
CA HIS B 539 57.17 12.13 13.00
C HIS B 539 58.68 12.36 13.09
N GLU B 540 59.42 11.49 13.80
CA GLU B 540 60.86 11.63 13.91
C GLU B 540 61.58 11.29 12.61
N ALA B 541 60.89 10.65 11.67
CA ALA B 541 61.51 10.09 10.45
C ALA B 541 61.14 10.83 9.16
N ILE B 542 60.01 11.53 9.12
CA ILE B 542 59.63 12.18 7.88
C ILE B 542 58.83 13.41 8.24
N ALA B 543 59.15 14.54 7.62
CA ALA B 543 58.40 15.77 7.86
C ALA B 543 57.20 15.78 6.94
N ASN B 544 56.06 16.28 7.39
CA ASN B 544 54.98 16.39 6.42
C ASN B 544 54.39 17.79 6.48
N PHE B 545 53.80 18.15 5.35
CA PHE B 545 53.18 19.45 5.12
C PHE B 545 51.79 19.19 4.58
N GLY B 546 50.94 20.22 4.61
CA GLY B 546 49.61 20.06 4.03
C GLY B 546 49.64 19.79 2.53
N LYS B 547 48.56 19.15 2.06
CA LYS B 547 48.42 18.81 0.64
C LYS B 547 48.11 20.06 -0.21
N ILE B 548 48.66 20.14 -1.43
CA ILE B 548 48.46 21.34 -2.25
C ILE B 548 46.99 21.50 -2.68
N GLN B 549 46.24 20.39 -2.85
CA GLN B 549 44.83 20.51 -3.23
C GLN B 549 43.96 21.04 -2.09
N ASP B 550 44.42 20.92 -0.84
CA ASP B 550 43.65 21.29 0.33
C ASP B 550 44.54 22.12 1.25
N PRO B 551 45.08 23.23 0.74
CA PRO B 551 46.13 23.95 1.49
C PRO B 551 45.52 24.73 2.64
N ASP B 552 46.40 25.35 3.42
CA ASP B 552 45.91 26.04 4.61
C ASP B 552 45.22 27.36 4.30
N ASN B 553 45.34 27.87 3.07
CA ASN B 553 44.62 29.08 2.66
C ASN B 553 43.25 28.81 2.02
N GLU B 554 42.85 27.55 1.81
CA GLU B 554 41.55 27.26 1.25
C GLU B 554 40.60 26.75 2.35
N VAL B 555 39.31 27.08 2.21
CA VAL B 555 38.30 26.62 3.15
C VAL B 555 37.66 25.37 2.54
N THR B 556 37.76 24.25 3.25
CA THR B 556 37.30 22.99 2.68
C THR B 556 36.60 22.16 3.76
N ALA B 557 36.18 20.96 3.37
CA ALA B 557 35.67 20.02 4.36
C ALA B 557 36.61 19.85 5.55
N ASN B 558 37.94 20.04 5.35
CA ASN B 558 38.89 19.82 6.46
C ASN B 558 39.18 21.08 7.27
N GLY B 559 38.50 22.19 6.98
CA GLY B 559 38.54 23.37 7.82
C GLY B 559 38.98 24.59 7.03
N ASP B 560 39.00 25.71 7.74
CA ASP B 560 39.55 26.95 7.28
C ASP B 560 40.96 27.11 7.88
N PHE B 561 41.51 28.31 7.79
CA PHE B 561 42.87 28.50 8.30
C PHE B 561 42.92 28.28 9.81
N ARG B 562 41.87 28.74 10.53
CA ARG B 562 41.88 28.64 11.99
C ARG B 562 42.06 27.19 12.40
N ILE B 563 41.22 26.32 11.82
CA ILE B 563 41.23 24.92 12.20
C ILE B 563 42.51 24.23 11.73
N LYS B 564 42.93 24.52 10.50
CA LYS B 564 44.09 23.82 9.95
C LYS B 564 45.39 24.23 10.66
N ALA B 565 45.50 25.50 11.06
CA ALA B 565 46.71 25.94 11.78
C ALA B 565 46.80 25.24 13.13
N LEU B 566 45.67 25.15 13.85
CA LEU B 566 45.66 24.47 15.14
C LEU B 566 45.97 22.99 14.99
N ARG B 567 45.29 22.34 14.04
CA ARG B 567 45.54 20.93 13.81
C ARG B 567 47.00 20.70 13.39
N SER B 568 47.59 21.60 12.60
N SER B 568 47.59 21.60 12.62
CA SER B 568 49.00 21.43 12.20
CA SER B 568 48.97 21.40 12.20
C SER B 568 49.88 21.32 13.43
C SER B 568 49.92 21.36 13.40
N MET B 569 49.66 22.19 14.43
CA MET B 569 50.53 22.14 15.61
C MET B 569 50.28 20.89 16.44
N LEU B 570 49.01 20.48 16.58
CA LEU B 570 48.73 19.26 17.33
C LEU B 570 49.34 18.05 16.66
N PHE B 571 49.32 18.01 15.32
CA PHE B 571 49.73 16.77 14.66
C PHE B 571 51.18 16.78 14.25
N GLY B 572 51.83 17.94 14.33
CA GLY B 572 53.24 18.02 14.02
C GLY B 572 53.53 18.19 12.52
N ARG B 573 52.64 18.83 11.77
CA ARG B 573 52.97 19.08 10.35
C ARG B 573 53.21 20.56 10.09
N GLY B 574 53.78 20.84 8.90
CA GLY B 574 54.10 22.20 8.52
C GLY B 574 53.02 22.84 7.68
N THR B 575 53.06 24.18 7.66
CA THR B 575 52.07 24.97 6.92
C THR B 575 52.28 24.85 5.41
N THR B 576 51.16 24.74 4.67
CA THR B 576 51.21 24.82 3.21
C THR B 576 50.35 26.01 2.78
N ILE B 577 50.96 26.93 2.03
CA ILE B 577 50.26 28.05 1.38
C ILE B 577 50.40 27.81 -0.13
N PHE B 578 49.30 27.47 -0.81
CA PHE B 578 49.37 27.04 -2.22
C PHE B 578 48.43 27.93 -3.02
N PHE B 579 48.97 28.72 -3.95
CA PHE B 579 48.13 29.78 -4.52
C PHE B 579 48.52 30.05 -5.97
N ALA B 580 47.53 30.51 -6.75
CA ALA B 580 47.83 31.12 -8.04
C ALA B 580 48.43 32.51 -7.81
N PRO B 581 49.34 32.96 -8.69
CA PRO B 581 50.00 34.26 -8.45
C PRO B 581 49.02 35.40 -8.19
N TYR B 582 47.89 35.45 -8.90
CA TYR B 582 47.00 36.59 -8.70
C TYR B 582 46.42 36.65 -7.28
N GLU B 583 46.42 35.55 -6.55
CA GLU B 583 45.89 35.53 -5.18
C GLU B 583 46.86 36.08 -4.15
N PHE B 584 48.10 36.37 -4.55
CA PHE B 584 49.15 36.53 -3.55
C PHE B 584 48.80 37.58 -2.48
N GLU B 585 48.33 38.76 -2.87
CA GLU B 585 48.01 39.78 -1.85
C GLU B 585 47.01 39.25 -0.82
N GLY B 586 46.12 38.33 -1.22
CA GLY B 586 45.17 37.86 -0.24
C GLY B 586 45.74 36.81 0.67
N MET B 587 46.93 36.29 0.35
CA MET B 587 47.57 35.30 1.22
C MET B 587 48.26 35.96 2.41
N ARG B 588 48.57 37.24 2.32
CA ARG B 588 49.40 37.90 3.32
C ARG B 588 48.93 37.68 4.75
N PRO B 589 47.65 37.88 5.10
CA PRO B 589 47.27 37.67 6.50
C PRO B 589 47.49 36.26 6.98
N MET B 590 47.26 35.26 6.11
CA MET B 590 47.49 33.89 6.56
C MET B 590 48.97 33.58 6.67
N ILE B 591 49.80 34.13 5.78
CA ILE B 591 51.24 33.95 5.94
C ILE B 591 51.70 34.53 7.27
N GLU B 592 51.22 35.74 7.60
CA GLU B 592 51.64 36.36 8.87
C GLU B 592 51.18 35.55 10.07
N MET B 593 49.94 35.09 10.06
CA MET B 593 49.50 34.27 11.20
C MET B 593 50.28 32.95 11.29
N ALA B 594 50.55 32.28 10.16
CA ALA B 594 51.34 31.05 10.22
C ALA B 594 52.73 31.36 10.77
N ARG B 595 53.33 32.45 10.30
CA ARG B 595 54.64 32.90 10.80
C ARG B 595 54.67 33.10 12.31
N ASP B 596 53.62 33.72 12.88
CA ASP B 596 53.64 34.05 14.29
C ASP B 596 53.24 32.88 15.17
N LEU B 597 52.37 32.00 14.72
CA LEU B 597 51.85 30.94 15.58
C LEU B 597 52.44 29.56 15.27
N VAL B 598 52.32 29.11 14.02
CA VAL B 598 52.66 27.74 13.69
C VAL B 598 54.17 27.58 13.52
N SER B 599 54.80 28.50 12.77
CA SER B 599 56.23 28.33 12.46
C SER B 599 57.11 28.12 13.70
N PRO B 600 56.97 28.85 14.81
CA PRO B 600 57.87 28.60 15.95
C PRO B 600 57.63 27.25 16.62
N VAL B 601 56.40 26.74 16.56
CA VAL B 601 56.10 25.44 17.16
C VAL B 601 56.59 24.33 16.26
N HIS B 602 56.35 24.47 14.97
CA HIS B 602 56.91 23.53 14.00
C HIS B 602 58.41 23.45 14.13
N LYS B 603 59.07 24.61 14.27
CA LYS B 603 60.52 24.61 14.36
C LYS B 603 60.99 23.83 15.58
N GLU B 604 60.35 24.11 16.73
CA GLU B 604 60.78 23.47 17.98
C GLU B 604 60.55 21.97 17.94
N THR B 605 59.43 21.52 17.35
CA THR B 605 59.03 20.12 17.43
C THR B 605 59.50 19.27 16.26
N PHE B 606 60.10 19.87 15.23
CA PHE B 606 60.34 19.23 13.92
C PHE B 606 60.99 17.84 14.04
N TYR B 607 62.05 17.73 14.84
CA TYR B 607 62.81 16.47 14.88
C TYR B 607 62.30 15.50 15.93
N SER B 608 61.30 15.88 16.69
CA SER B 608 61.04 15.19 17.94
C SER B 608 60.02 14.07 17.68
N GLU B 609 59.86 13.18 18.67
CA GLU B 609 58.77 12.22 18.68
C GLU B 609 57.49 12.89 19.16
N LEU B 610 56.39 12.63 18.46
CA LEU B 610 55.06 12.97 18.97
C LEU B 610 54.72 11.86 19.96
N LYS B 611 54.99 12.12 21.26
CA LYS B 611 54.93 11.04 22.26
C LYS B 611 53.50 10.63 22.54
N SER B 612 52.59 11.58 22.58
CA SER B 612 51.22 11.28 22.96
C SER B 612 50.28 12.30 22.34
N HIS B 613 49.04 11.86 22.13
CA HIS B 613 47.93 12.70 21.73
C HIS B 613 46.75 12.29 22.58
N GLU B 614 45.92 13.27 22.96
CA GLU B 614 44.76 12.99 23.78
C GLU B 614 43.60 13.87 23.33
N TYR B 615 42.37 13.34 23.42
CA TYR B 615 41.16 14.17 23.31
C TYR B 615 40.71 14.52 24.71
N LEU B 616 40.56 15.81 24.99
CA LEU B 616 40.26 16.29 26.34
C LEU B 616 38.82 16.75 26.53
N SER B 617 38.01 16.83 25.48
CA SER B 617 36.62 17.24 25.65
C SER B 617 35.71 16.14 25.12
N ALA B 618 34.47 16.10 25.63
CA ALA B 618 33.54 15.04 25.23
C ALA B 618 33.21 15.06 23.74
N ASP B 619 33.27 16.22 23.09
CA ASP B 619 33.02 16.33 21.65
C ASP B 619 34.29 16.16 20.80
N TYR B 620 35.41 15.76 21.42
CA TYR B 620 36.68 15.47 20.77
C TYR B 620 37.33 16.71 20.14
N LYS B 621 36.83 17.93 20.40
CA LYS B 621 37.43 19.10 19.75
C LYS B 621 38.62 19.70 20.49
N VAL B 622 38.73 19.51 21.80
CA VAL B 622 39.90 19.98 22.54
C VAL B 622 40.88 18.83 22.62
N GLN B 623 42.15 19.09 22.29
CA GLN B 623 43.14 18.03 22.18
C GLN B 623 44.46 18.49 22.77
N ARG B 624 45.29 17.52 23.17
CA ARG B 624 46.61 17.82 23.76
C ARG B 624 47.63 16.90 23.13
N SER B 625 48.70 17.48 22.58
CA SER B 625 49.81 16.72 22.05
C SER B 625 51.09 17.04 22.83
N ARG B 626 51.91 16.03 23.09
CA ARG B 626 53.17 16.21 23.79
C ARG B 626 54.29 15.68 22.92
N PHE B 627 55.32 16.51 22.71
CA PHE B 627 56.45 16.20 21.83
C PHE B 627 57.72 16.06 22.67
N SER B 628 58.68 15.27 22.18
CA SER B 628 59.85 14.99 22.99
C SER B 628 60.84 16.14 22.98
N SER B 629 60.54 17.23 22.25
CA SER B 629 61.28 18.47 22.42
C SER B 629 60.95 19.18 23.73
N GLY B 630 59.98 18.69 24.50
CA GLY B 630 59.55 19.39 25.69
C GLY B 630 58.44 20.38 25.41
N THR B 631 57.67 20.14 24.35
CA THR B 631 56.64 21.05 23.87
C THR B 631 55.29 20.38 24.10
N GLU B 632 54.35 21.12 24.67
CA GLU B 632 52.98 20.59 24.77
C GLU B 632 52.03 21.53 24.07
N VAL B 633 51.20 20.98 23.20
CA VAL B 633 50.26 21.79 22.41
C VAL B 633 48.87 21.41 22.87
N ILE B 634 48.09 22.36 23.38
CA ILE B 634 46.66 22.15 23.60
C ILE B 634 45.92 23.06 22.63
N ALA B 635 44.92 22.53 21.94
CA ALA B 635 44.14 23.42 21.10
C ALA B 635 42.69 22.97 21.07
N ASN B 636 41.82 23.92 20.74
CA ASN B 636 40.36 23.72 20.74
C ASN B 636 39.93 23.98 19.30
N LEU B 637 39.52 22.93 18.57
CA LEU B 637 39.19 23.03 17.15
C LEU B 637 37.72 23.37 16.91
N GLY B 638 37.00 23.77 17.94
CA GLY B 638 35.60 24.12 17.81
C GLY B 638 35.37 25.56 18.25
N PRO B 639 34.12 26.02 18.11
CA PRO B 639 33.83 27.43 18.28
C PRO B 639 33.64 27.90 19.73
N VAL B 640 33.38 27.02 20.69
CA VAL B 640 33.02 27.45 22.04
C VAL B 640 34.18 27.14 22.99
N ALA B 641 34.43 28.06 23.92
CA ALA B 641 35.42 27.83 24.96
C ALA B 641 35.05 26.60 25.77
N GLN B 642 36.04 25.78 26.13
CA GLN B 642 35.78 24.59 26.92
C GLN B 642 36.85 24.46 28.00
N LYS B 643 36.46 23.92 29.16
CA LYS B 643 37.41 23.75 30.26
C LYS B 643 38.07 22.37 30.24
N ILE B 644 39.32 22.33 30.70
CA ILE B 644 40.00 21.06 30.91
C ILE B 644 40.39 20.92 32.39
N GLU B 645 41.24 19.95 32.70
CA GLU B 645 41.59 19.67 34.10
C GLU B 645 42.22 20.90 34.75
N GLY B 646 41.86 21.12 36.02
CA GLY B 646 42.31 22.31 36.73
C GLY B 646 41.49 23.54 36.46
N GLY B 647 40.34 23.41 35.80
CA GLY B 647 39.51 24.55 35.44
C GLY B 647 40.11 25.48 34.41
N ILE B 648 41.15 25.03 33.69
CA ILE B 648 41.75 25.83 32.64
C ILE B 648 40.79 25.88 31.47
N SER B 649 40.59 27.06 30.92
CA SER B 649 39.69 27.23 29.79
C SER B 649 40.50 27.41 28.50
N ILE B 650 40.15 26.69 27.45
CA ILE B 650 40.75 26.86 26.13
C ILE B 650 39.70 27.56 25.28
N PRO B 651 39.96 28.76 24.76
CA PRO B 651 38.99 29.46 23.92
C PRO B 651 38.63 28.67 22.66
N GLY B 652 37.46 28.99 22.10
CA GLY B 652 37.14 28.47 20.78
C GLY B 652 38.20 28.92 19.78
N TYR B 653 38.60 27.97 18.91
CA TYR B 653 39.70 28.15 17.96
C TYR B 653 40.91 28.74 18.66
N GLY B 654 41.21 28.18 19.84
CA GLY B 654 42.22 28.73 20.72
C GLY B 654 43.28 27.69 21.05
N TYR B 655 44.33 28.16 21.73
CA TYR B 655 45.45 27.27 22.00
C TYR B 655 46.11 27.68 23.32
N ARG B 656 46.82 26.71 23.90
CA ARG B 656 47.61 26.91 25.10
C ARG B 656 48.84 26.03 24.91
N ILE B 657 50.01 26.63 24.67
CA ILE B 657 51.18 25.86 24.20
C ILE B 657 52.34 26.12 25.17
N GLN B 658 52.86 25.06 25.75
CA GLN B 658 53.98 25.18 26.66
C GLN B 658 55.24 24.90 25.84
N MET B 659 56.11 25.91 25.71
CA MET B 659 57.34 25.76 24.94
C MET B 659 58.47 25.28 25.82
N LYS B 660 59.49 24.72 25.16
CA LYS B 660 60.68 24.24 25.87
C LYS B 660 61.35 25.34 26.67
N ASP B 661 61.31 26.61 26.19
CA ASP B 661 61.93 27.69 26.95
C ASP B 661 61.06 28.20 28.09
N GLY B 662 59.99 27.50 28.44
CA GLY B 662 59.23 27.88 29.60
C GLY B 662 58.10 28.84 29.30
N SER B 663 58.12 29.47 28.13
CA SER B 663 57.05 30.40 27.80
C SER B 663 55.77 29.62 27.55
N LEU B 664 54.63 30.27 27.86
CA LEU B 664 53.32 29.66 27.62
C LEU B 664 52.60 30.54 26.59
N LYS B 665 52.35 30.02 25.41
CA LYS B 665 51.69 30.81 24.36
C LYS B 665 50.19 30.54 24.47
N THR B 666 49.41 31.59 24.67
CA THR B 666 47.96 31.45 24.67
C THR B 666 47.34 32.47 23.71
N GLY B 667 46.18 32.14 23.18
CA GLY B 667 45.57 33.02 22.20
C GLY B 667 44.44 32.29 21.51
N HIS B 668 43.90 32.92 20.47
CA HIS B 668 42.81 32.32 19.72
C HIS B 668 42.56 33.16 18.46
N PHE B 669 41.94 32.51 17.49
CA PHE B 669 41.55 33.19 16.26
C PHE B 669 40.24 33.90 16.47
N GLN B 670 40.06 34.99 15.75
CA GLN B 670 38.84 35.81 15.84
C GLN B 670 38.45 36.18 14.42
N VAL B 671 37.16 36.08 14.10
CA VAL B 671 36.64 36.60 12.83
C VAL B 671 35.93 37.91 13.15
N SER B 672 36.25 38.97 12.42
N SER B 672 36.28 38.98 12.44
CA SER B 672 35.60 40.25 12.68
CA SER B 672 35.66 40.29 12.64
C SER B 672 34.99 40.78 11.39
C SER B 672 34.94 40.71 11.37
N LEU B 673 33.91 41.53 11.55
CA LEU B 673 33.23 42.15 10.43
C LEU B 673 33.57 43.64 10.45
N HIS B 674 34.17 44.12 9.38
CA HIS B 674 34.45 45.55 9.22
C HIS B 674 33.40 46.16 8.33
N MET B 675 32.50 46.94 8.91
CA MET B 675 31.52 47.69 8.16
C MET B 675 32.02 49.12 8.07
N ASP B 676 32.37 49.54 6.85
CA ASP B 676 33.00 50.84 6.68
C ASP B 676 32.03 51.96 7.07
N PRO C 18 -40.74 29.89 -18.38
CA PRO C 18 -39.95 28.65 -18.55
C PRO C 18 -38.96 28.73 -19.72
N ILE C 19 -37.82 28.08 -19.54
CA ILE C 19 -36.76 28.00 -20.53
C ILE C 19 -36.98 26.74 -21.34
N VAL C 20 -36.85 26.82 -22.66
CA VAL C 20 -37.02 25.66 -23.52
C VAL C 20 -35.73 25.36 -24.26
N LEU C 21 -35.30 24.09 -24.20
CA LEU C 21 -34.33 23.56 -25.13
C LEU C 21 -35.08 22.65 -26.08
N GLU C 22 -34.78 22.75 -27.38
CA GLU C 22 -35.54 21.94 -28.33
C GLU C 22 -34.68 21.64 -29.54
N ASN C 23 -34.80 20.42 -30.07
CA ASN C 23 -34.28 20.09 -31.40
C ASN C 23 -35.40 19.35 -32.14
N GLY C 24 -35.09 18.67 -33.24
CA GLY C 24 -36.17 18.02 -33.96
C GLY C 24 -36.78 16.83 -33.24
N LYS C 25 -36.14 16.34 -32.19
CA LYS C 25 -36.56 15.11 -31.57
C LYS C 25 -37.07 15.26 -30.14
N LEU C 26 -36.59 16.28 -29.41
CA LEU C 26 -36.94 16.49 -28.01
C LEU C 26 -37.29 17.95 -27.76
N ASN C 27 -38.23 18.15 -26.84
CA ASN C 27 -38.48 19.45 -26.24
C ASN C 27 -38.22 19.35 -24.74
N ILE C 28 -37.32 20.18 -24.21
CA ILE C 28 -37.04 20.21 -22.78
C ILE C 28 -37.69 21.47 -22.21
N ASN C 29 -38.64 21.30 -21.29
CA ASN C 29 -39.33 22.43 -20.69
C ASN C 29 -38.86 22.56 -19.23
N ILE C 30 -38.23 23.68 -18.90
CA ILE C 30 -37.63 23.87 -17.57
C ILE C 30 -38.40 24.97 -16.82
N ASP C 31 -38.89 24.62 -15.64
CA ASP C 31 -39.61 25.56 -14.80
C ASP C 31 -38.60 26.48 -14.12
N SER C 32 -38.75 27.79 -14.33
CA SER C 32 -37.81 28.74 -13.76
C SER C 32 -37.98 28.91 -12.27
N LYS C 33 -39.13 28.53 -11.72
CA LYS C 33 -39.36 28.69 -10.28
C LYS C 33 -38.78 27.54 -9.47
N THR C 34 -38.77 26.33 -10.00
CA THR C 34 -38.31 25.15 -9.28
C THR C 34 -37.06 24.50 -9.86
N GLY C 35 -36.74 24.75 -11.13
CA GLY C 35 -35.68 23.98 -11.77
C GLY C 35 -36.11 22.62 -12.27
N CYS C 36 -37.34 22.18 -11.99
CA CYS C 36 -37.80 20.90 -12.54
C CYS C 36 -37.93 21.01 -14.06
N PHE C 37 -37.81 19.87 -14.73
CA PHE C 37 -38.01 19.89 -16.18
C PHE C 37 -38.82 18.69 -16.64
N SER C 38 -39.52 18.87 -17.76
CA SER C 38 -40.14 17.74 -18.45
C SER C 38 -39.48 17.58 -19.81
N VAL C 39 -39.57 16.38 -20.37
CA VAL C 39 -39.02 16.07 -21.67
C VAL C 39 -40.15 15.54 -22.54
N THR C 40 -40.42 16.21 -23.65
CA THR C 40 -41.38 15.74 -24.64
C THR C 40 -40.59 15.03 -25.73
N GLU C 41 -40.86 13.75 -25.89
CA GLU C 41 -40.20 12.94 -26.90
C GLU C 41 -41.11 13.04 -28.13
N LYS C 42 -40.66 13.77 -29.15
CA LYS C 42 -41.61 14.30 -30.12
C LYS C 42 -42.04 13.28 -31.18
N THR C 43 -41.34 12.16 -31.29
CA THR C 43 -41.71 11.14 -32.27
C THR C 43 -42.94 10.38 -31.81
N SER C 44 -42.90 9.85 -30.60
CA SER C 44 -44.06 9.18 -30.04
C SER C 44 -45.03 10.18 -29.43
N GLY C 45 -44.54 11.36 -29.02
CA GLY C 45 -45.31 12.34 -28.27
C GLY C 45 -45.36 12.13 -26.77
N HIS C 46 -44.69 11.12 -26.25
CA HIS C 46 -44.70 10.87 -24.82
C HIS C 46 -44.03 12.03 -24.07
N VAL C 47 -44.58 12.41 -22.92
CA VAL C 47 -43.99 13.45 -22.08
C VAL C 47 -43.51 12.81 -20.80
N TRP C 48 -42.20 12.93 -20.54
CA TRP C 48 -41.63 12.51 -19.28
C TRP C 48 -41.79 13.68 -18.32
N LYS C 49 -42.41 13.43 -17.16
CA LYS C 49 -42.73 14.51 -16.22
C LYS C 49 -41.68 14.62 -15.12
N SER C 50 -41.62 15.80 -14.53
CA SER C 50 -40.81 15.93 -13.34
C SER C 50 -41.50 15.25 -12.15
N ASP C 51 -40.78 15.16 -11.02
CA ASP C 51 -41.18 14.53 -9.77
C ASP C 51 -42.70 14.68 -9.52
N PRO C 52 -43.46 13.58 -9.64
CA PRO C 52 -44.92 13.68 -9.45
C PRO C 52 -45.33 13.90 -8.00
N TRP C 53 -44.45 13.64 -7.04
CA TRP C 53 -44.86 13.69 -5.64
C TRP C 53 -44.75 15.09 -5.05
N GLU C 54 -43.57 15.71 -5.12
CA GLU C 54 -43.31 16.97 -4.43
C GLU C 54 -42.82 18.07 -5.35
N ASN C 55 -42.73 17.83 -6.65
CA ASN C 55 -42.20 18.86 -7.55
C ASN C 55 -40.76 19.22 -7.17
N ALA C 56 -39.98 18.22 -6.75
CA ALA C 56 -38.59 18.41 -6.34
C ALA C 56 -37.66 18.23 -7.54
N ALA C 57 -36.86 19.26 -7.85
CA ALA C 57 -35.82 19.08 -8.88
C ALA C 57 -34.75 18.10 -8.42
N GLY C 58 -34.45 18.08 -7.12
CA GLY C 58 -33.40 17.24 -6.55
C GLY C 58 -33.63 17.14 -5.06
N LEU C 59 -33.06 16.09 -4.46
CA LEU C 59 -33.19 15.85 -3.02
C LEU C 59 -31.79 15.78 -2.42
N LEU C 60 -31.48 16.71 -1.52
CA LEU C 60 -30.13 16.90 -1.00
C LEU C 60 -30.11 16.48 0.46
N THR C 61 -29.23 15.57 0.81
CA THR C 61 -29.03 15.22 2.22
C THR C 61 -27.82 15.98 2.72
N LEU C 62 -27.97 16.69 3.85
CA LEU C 62 -26.91 17.52 4.41
C LEU C 62 -27.14 17.68 5.91
N THR C 63 -26.07 18.05 6.62
CA THR C 63 -26.21 18.37 8.03
C THR C 63 -26.90 19.72 8.23
N ASP C 64 -27.64 19.84 9.34
CA ASP C 64 -28.20 21.12 9.74
C ASP C 64 -27.24 21.79 10.74
N SER C 65 -27.69 22.89 11.34
CA SER C 65 -26.80 23.64 12.24
C SER C 65 -26.49 22.89 13.53
N LYS C 66 -27.33 21.91 13.89
CA LYS C 66 -27.11 21.03 15.02
C LYS C 66 -26.33 19.77 14.66
N GLY C 67 -25.82 19.68 13.43
CA GLY C 67 -25.08 18.51 13.00
C GLY C 67 -25.93 17.31 12.62
N LYS C 68 -27.25 17.44 12.56
CA LYS C 68 -28.13 16.32 12.20
C LYS C 68 -28.37 16.30 10.69
N LYS C 69 -28.25 15.11 10.09
CA LYS C 69 -28.57 14.93 8.67
C LYS C 69 -30.07 15.08 8.42
N GLN C 70 -30.41 15.90 7.44
CA GLN C 70 -31.77 16.02 6.92
C GLN C 70 -31.70 15.94 5.40
N THR C 71 -32.82 15.58 4.79
CA THR C 71 -32.94 15.57 3.33
C THR C 71 -33.92 16.65 2.90
N VAL C 72 -33.50 17.54 2.00
CA VAL C 72 -34.34 18.67 1.62
C VAL C 72 -34.62 18.66 0.12
N ASN C 73 -35.76 19.25 -0.24
CA ASN C 73 -36.13 19.51 -1.62
C ASN C 73 -35.42 20.78 -2.09
N ILE C 74 -34.45 20.63 -2.99
CA ILE C 74 -33.67 21.82 -3.40
C ILE C 74 -34.51 22.83 -4.16
N SER C 75 -35.70 22.45 -4.64
CA SER C 75 -36.55 23.45 -5.28
C SER C 75 -37.18 24.40 -4.28
N LYS C 76 -37.03 24.14 -2.98
CA LYS C 76 -37.47 25.06 -1.95
C LYS C 76 -36.35 25.99 -1.47
N SER C 77 -35.21 26.00 -2.14
CA SER C 77 -34.13 26.90 -1.77
C SER C 77 -34.58 28.36 -1.87
N LYS C 78 -33.83 29.24 -1.20
CA LYS C 78 -34.18 30.66 -1.14
C LYS C 78 -34.09 31.32 -2.51
N LYS C 79 -33.11 30.93 -3.31
CA LYS C 79 -32.84 31.50 -4.63
C LYS C 79 -32.66 30.35 -5.62
N ILE C 80 -33.42 30.39 -6.72
CA ILE C 80 -33.25 29.46 -7.83
C ILE C 80 -33.00 30.29 -9.08
N GLU C 81 -31.85 30.09 -9.72
CA GLU C 81 -31.46 30.83 -10.91
C GLU C 81 -31.39 29.86 -12.07
N VAL C 82 -32.19 30.13 -13.11
CA VAL C 82 -32.26 29.27 -14.29
C VAL C 82 -32.03 30.17 -15.50
N SER C 83 -31.02 29.85 -16.30
CA SER C 83 -30.78 30.70 -17.47
C SER C 83 -30.17 29.87 -18.60
N LYS C 84 -30.56 30.23 -19.82
CA LYS C 84 -30.04 29.63 -21.03
C LYS C 84 -28.68 30.29 -21.30
N THR C 85 -27.59 29.56 -21.12
CA THR C 85 -26.25 30.15 -21.24
C THR C 85 -25.59 29.86 -22.59
N ALA C 86 -26.14 28.94 -23.36
CA ALA C 86 -25.70 28.71 -24.72
C ALA C 86 -26.92 28.16 -25.45
N LYS C 87 -26.81 28.07 -26.77
CA LYS C 87 -27.94 27.66 -27.59
C LYS C 87 -28.60 26.39 -27.05
N ASN C 88 -27.81 25.40 -26.65
CA ASN C 88 -28.39 24.16 -26.15
C ASN C 88 -28.00 23.85 -24.70
N THR C 89 -27.71 24.87 -23.89
CA THR C 89 -27.31 24.66 -22.50
C THR C 89 -28.15 25.55 -21.59
N VAL C 90 -28.68 24.96 -20.53
CA VAL C 90 -29.32 25.69 -19.44
C VAL C 90 -28.52 25.46 -18.18
N SER C 91 -28.20 26.55 -17.48
CA SER C 91 -27.52 26.50 -16.19
C SER C 91 -28.54 26.74 -15.08
N LEU C 92 -28.47 25.91 -14.03
CA LEU C 92 -29.34 26.06 -12.87
C LEU C 92 -28.49 26.23 -11.63
N LYS C 93 -28.94 27.07 -10.71
CA LYS C 93 -28.25 27.18 -9.44
C LYS C 93 -29.28 27.23 -8.33
N PHE C 94 -29.14 26.33 -7.36
CA PHE C 94 -30.03 26.22 -6.20
C PHE C 94 -29.24 26.75 -5.00
N ILE C 95 -29.69 27.88 -4.44
CA ILE C 95 -28.91 28.65 -3.46
C ILE C 95 -29.67 28.73 -2.15
N ASP C 96 -29.03 28.28 -1.06
CA ASP C 96 -29.53 28.34 0.33
C ASP C 96 -30.79 27.50 0.53
N PRO C 97 -30.64 26.18 0.52
CA PRO C 97 -31.77 25.29 0.83
C PRO C 97 -32.37 25.59 2.18
N VAL C 98 -33.66 25.31 2.30
CA VAL C 98 -34.42 25.60 3.51
C VAL C 98 -34.70 24.28 4.21
N PHE C 99 -34.41 24.22 5.51
CA PHE C 99 -34.62 23.01 6.28
C PHE C 99 -36.07 22.85 6.68
N GLU C 100 -36.32 21.73 7.39
CA GLU C 100 -37.66 21.40 7.87
C GLU C 100 -38.24 22.50 8.75
N ASP C 101 -37.46 22.99 9.70
CA ASP C 101 -37.96 23.98 10.66
C ASP C 101 -38.00 25.41 10.10
N GLY C 102 -37.69 25.62 8.83
CA GLY C 102 -37.63 26.94 8.26
C GLY C 102 -36.29 27.63 8.34
N SER C 103 -35.31 27.07 9.04
CA SER C 103 -33.98 27.65 9.03
C SER C 103 -33.32 27.41 7.67
N VAL C 104 -32.34 28.23 7.36
CA VAL C 104 -31.70 28.24 6.05
C VAL C 104 -30.31 27.64 6.17
N ALA C 105 -29.92 26.85 5.17
CA ALA C 105 -28.54 26.38 5.04
C ALA C 105 -27.73 27.40 4.23
N LYS C 106 -27.45 28.55 4.88
CA LYS C 106 -26.78 29.66 4.20
C LYS C 106 -25.38 29.25 3.74
N GLY C 107 -24.99 29.71 2.55
CA GLY C 107 -23.72 29.32 2.00
C GLY C 107 -23.70 27.99 1.26
N VAL C 108 -24.80 27.25 1.23
CA VAL C 108 -24.87 25.99 0.48
C VAL C 108 -25.46 26.30 -0.89
N SER C 109 -24.86 25.75 -1.94
CA SER C 109 -25.42 25.89 -3.28
C SER C 109 -25.11 24.65 -4.11
N ILE C 110 -26.00 24.36 -5.06
CA ILE C 110 -25.85 23.28 -6.02
C ILE C 110 -25.98 23.89 -7.41
N ALA C 111 -25.00 23.66 -8.28
CA ALA C 111 -25.10 24.13 -9.66
C ALA C 111 -25.14 22.95 -10.59
N THR C 112 -26.03 23.01 -11.58
CA THR C 112 -26.21 21.91 -12.51
C THR C 112 -26.35 22.49 -13.92
N GLU C 113 -26.24 21.60 -14.91
CA GLU C 113 -26.36 21.98 -16.31
C GLU C 113 -27.17 20.91 -17.02
N LEU C 114 -28.02 21.36 -17.93
CA LEU C 114 -28.78 20.51 -18.84
C LEU C 114 -28.32 20.86 -20.25
N ARG C 115 -27.84 19.87 -21.01
CA ARG C 115 -27.26 20.13 -22.32
C ARG C 115 -27.93 19.20 -23.32
N LEU C 116 -28.71 19.78 -24.21
CA LEU C 116 -29.38 19.04 -25.27
C LEU C 116 -28.44 18.88 -26.47
N ASP C 117 -28.34 17.65 -26.98
CA ASP C 117 -27.55 17.46 -28.19
C ASP C 117 -28.21 18.24 -29.33
N PRO C 118 -27.42 18.89 -30.20
CA PRO C 118 -28.04 19.69 -31.26
C PRO C 118 -28.88 18.88 -32.23
N ASN C 119 -28.62 17.59 -32.36
CA ASN C 119 -29.37 16.84 -33.37
C ASN C 119 -30.09 15.62 -32.83
N ASN C 120 -29.49 14.89 -31.89
CA ASN C 120 -30.01 13.60 -31.44
C ASN C 120 -30.84 13.74 -30.18
N ALA C 121 -31.58 12.68 -29.87
CA ALA C 121 -32.45 12.64 -28.71
C ALA C 121 -31.60 12.26 -27.50
N GLN C 122 -30.77 13.23 -27.07
CA GLN C 122 -29.85 12.99 -25.97
C GLN C 122 -29.78 14.25 -25.12
N LEU C 123 -29.85 14.07 -23.81
CA LEU C 123 -29.77 15.18 -22.87
C LEU C 123 -28.74 14.82 -21.80
N ASP C 124 -27.70 15.64 -21.69
CA ASP C 124 -26.71 15.48 -20.61
C ASP C 124 -27.18 16.28 -19.42
N VAL C 125 -27.12 15.67 -18.24
CA VAL C 125 -27.45 16.33 -16.98
C VAL C 125 -26.21 16.23 -16.10
N GLU C 126 -25.74 17.34 -15.57
CA GLU C 126 -24.48 17.30 -14.84
C GLU C 126 -24.56 18.19 -13.62
N VAL C 127 -24.13 17.68 -12.47
CA VAL C 127 -23.93 18.50 -11.26
C VAL C 127 -22.53 19.10 -11.37
N THR C 128 -22.45 20.39 -11.64
CA THR C 128 -21.18 21.01 -11.97
C THR C 128 -20.45 21.57 -10.76
N GLU C 129 -21.17 21.91 -9.70
CA GLU C 129 -20.52 22.57 -8.56
C GLU C 129 -21.40 22.38 -7.32
N HIS C 130 -20.77 22.16 -6.18
CA HIS C 130 -21.51 22.22 -4.91
C HIS C 130 -20.64 22.93 -3.87
N ARG C 131 -21.27 23.80 -3.10
CA ARG C 131 -20.64 24.50 -2.01
C ARG C 131 -21.40 24.16 -0.73
N SER C 132 -20.67 23.92 0.35
CA SER C 132 -21.28 23.46 1.58
C SER C 132 -21.27 24.50 2.70
N GLY C 133 -20.53 25.59 2.56
CA GLY C 133 -20.39 26.55 3.65
C GLY C 133 -19.95 25.86 4.92
N ASN C 134 -20.64 26.15 6.02
CA ASN C 134 -20.32 25.51 7.28
C ASN C 134 -21.12 24.24 7.53
N PHE C 135 -21.79 23.72 6.52
CA PHE C 135 -22.50 22.44 6.61
C PHE C 135 -21.70 21.36 5.89
N THR C 136 -22.20 20.14 5.93
CA THR C 136 -21.62 19.01 5.22
C THR C 136 -22.69 18.39 4.32
N LEU C 137 -22.39 18.28 3.03
CA LEU C 137 -23.31 17.66 2.05
C LEU C 137 -22.99 16.18 1.88
N TYR C 138 -24.04 15.36 1.81
CA TYR C 138 -23.89 13.95 1.50
C TYR C 138 -24.62 13.61 0.19
N ASP C 139 -25.70 12.85 0.26
CA ASP C 139 -26.35 12.38 -0.97
C ASP C 139 -27.04 13.51 -1.74
N LEU C 140 -26.94 13.49 -3.08
CA LEU C 140 -27.81 14.31 -3.92
C LEU C 140 -28.50 13.41 -4.95
N ARG C 141 -29.84 13.28 -4.85
CA ARG C 141 -30.63 12.67 -5.92
C ARG C 141 -30.93 13.74 -6.96
N TYR C 142 -30.38 13.59 -8.16
CA TYR C 142 -30.56 14.62 -9.18
C TYR C 142 -30.37 13.98 -10.54
N PRO C 143 -31.38 14.04 -11.42
CA PRO C 143 -32.71 14.60 -11.16
C PRO C 143 -33.53 13.70 -10.25
N ALA C 144 -34.40 14.29 -9.42
CA ALA C 144 -35.13 13.48 -8.45
C ALA C 144 -36.44 13.00 -9.04
N ARG C 145 -36.70 11.70 -8.89
CA ARG C 145 -37.95 11.05 -9.27
C ARG C 145 -38.38 11.48 -10.68
N ALA C 146 -37.40 11.49 -11.57
CA ALA C 146 -37.62 11.83 -12.97
C ALA C 146 -37.87 10.57 -13.79
N PHE C 147 -38.45 10.77 -14.97
CA PHE C 147 -38.66 9.69 -15.95
C PHE C 147 -39.49 8.57 -15.35
N SER C 148 -40.49 8.94 -14.55
CA SER C 148 -41.24 7.92 -13.83
C SER C 148 -42.30 7.31 -14.73
N LEU C 149 -42.77 6.15 -14.32
CA LEU C 149 -43.95 5.47 -14.88
C LEU C 149 -45.05 5.44 -13.83
N LYS C 150 -46.31 5.62 -14.26
CA LYS C 150 -47.45 5.63 -13.34
C LYS C 150 -47.96 4.21 -13.24
N THR C 151 -47.87 3.61 -12.04
CA THR C 151 -48.24 2.21 -11.87
C THR C 151 -49.67 1.96 -12.35
N ASP C 152 -49.86 0.86 -13.09
CA ASP C 152 -51.13 0.38 -13.63
C ASP C 152 -51.73 1.37 -14.64
N GLU C 153 -50.99 2.39 -15.03
CA GLU C 153 -51.39 3.22 -16.15
C GLU C 153 -50.42 3.05 -17.29
N ASP C 154 -49.14 3.37 -17.06
CA ASP C 154 -48.08 2.96 -17.96
C ASP C 154 -47.88 1.46 -17.85
N LYS C 155 -47.76 0.80 -19.00
CA LYS C 155 -47.60 -0.65 -19.08
C LYS C 155 -46.19 -0.89 -19.63
N GLY C 156 -45.22 -0.82 -18.75
CA GLY C 156 -43.85 -0.92 -19.18
C GLY C 156 -43.03 -1.44 -18.02
N ALA C 157 -41.82 -0.92 -17.85
CA ALA C 157 -40.95 -1.49 -16.83
C ALA C 157 -39.81 -0.54 -16.51
N ALA C 158 -39.27 -0.68 -15.29
CA ALA C 158 -37.89 -0.24 -15.02
C ALA C 158 -36.91 -1.29 -15.53
N VAL C 159 -35.74 -0.85 -15.99
CA VAL C 159 -34.75 -1.74 -16.57
C VAL C 159 -33.47 -1.52 -15.77
N ILE C 160 -32.97 -2.58 -15.12
CA ILE C 160 -31.91 -2.46 -14.14
C ILE C 160 -30.88 -3.55 -14.41
N PRO C 161 -29.65 -3.21 -14.79
CA PRO C 161 -28.63 -4.26 -15.03
C PRO C 161 -28.03 -4.79 -13.74
N GLN C 162 -28.90 -5.34 -12.89
CA GLN C 162 -28.51 -6.00 -11.64
C GLN C 162 -27.95 -7.38 -11.99
N LYS C 163 -26.62 -7.52 -11.88
CA LYS C 163 -25.91 -8.69 -12.41
C LYS C 163 -26.30 -8.95 -13.88
N GLN C 164 -26.81 -10.14 -14.25
CA GLN C 164 -27.20 -10.34 -15.66
C GLN C 164 -28.28 -9.35 -16.08
N GLY C 165 -29.18 -8.97 -15.17
CA GLY C 165 -30.16 -7.91 -15.45
C GLY C 165 -31.59 -8.32 -15.13
N VAL C 166 -32.42 -7.31 -14.84
CA VAL C 166 -33.83 -7.57 -14.57
C VAL C 166 -34.67 -6.46 -15.18
N ILE C 167 -35.98 -6.74 -15.37
CA ILE C 167 -36.94 -5.66 -15.55
C ILE C 167 -37.97 -5.74 -14.44
N CYS C 168 -38.55 -4.59 -14.10
CA CYS C 168 -39.58 -4.48 -13.05
C CYS C 168 -40.81 -3.88 -13.71
N PRO C 169 -41.81 -4.68 -14.04
CA PRO C 169 -43.03 -4.16 -14.67
C PRO C 169 -43.71 -3.09 -13.83
N SER C 170 -44.31 -2.11 -14.53
CA SER C 170 -44.98 -0.99 -13.90
C SER C 170 -46.49 -1.21 -13.68
N TYR C 171 -46.93 -2.46 -13.57
CA TYR C 171 -48.35 -2.75 -13.46
C TYR C 171 -48.48 -4.16 -12.92
N ILE C 172 -49.64 -4.51 -12.39
CA ILE C 172 -49.83 -5.86 -11.86
C ILE C 172 -50.39 -6.72 -12.99
N PHE C 173 -50.03 -8.00 -12.98
CA PHE C 173 -50.32 -8.94 -14.07
C PHE C 173 -50.51 -10.33 -13.48
N PRO C 174 -51.10 -11.26 -14.23
CA PRO C 174 -51.31 -12.62 -13.70
C PRO C 174 -49.98 -13.37 -13.48
N MET C 175 -49.94 -14.15 -12.41
CA MET C 175 -48.79 -15.00 -12.13
C MET C 175 -49.23 -16.02 -11.09
N ASN C 176 -48.34 -16.97 -10.79
CA ASN C 176 -48.65 -17.90 -9.72
C ASN C 176 -49.09 -17.18 -8.45
N GLY C 177 -50.11 -17.72 -7.79
CA GLY C 177 -50.71 -17.05 -6.61
C GLY C 177 -49.71 -16.73 -5.50
N GLY C 178 -48.81 -17.66 -5.18
CA GLY C 178 -47.84 -17.38 -4.14
C GLY C 178 -46.85 -16.28 -4.57
N ARG C 179 -46.41 -16.33 -5.81
CA ARG C 179 -45.58 -15.28 -6.37
C ARG C 179 -46.32 -13.96 -6.38
N PHE C 180 -47.61 -13.99 -6.71
CA PHE C 180 -48.43 -12.78 -6.79
C PHE C 180 -48.54 -12.11 -5.43
N CYS C 181 -48.84 -12.88 -4.39
CA CYS C 181 -48.92 -12.32 -3.04
C CYS C 181 -47.60 -11.63 -2.68
N LYS C 182 -46.46 -12.28 -2.92
CA LYS C 182 -45.18 -11.67 -2.57
C LYS C 182 -44.91 -10.43 -3.40
N TRP C 183 -45.22 -10.50 -4.70
CA TRP C 183 -44.98 -9.39 -5.63
C TRP C 183 -45.77 -8.15 -5.19
N ASP C 184 -47.09 -8.31 -5.08
CA ASP C 184 -47.93 -7.17 -4.78
C ASP C 184 -47.59 -6.58 -3.41
N ASP C 185 -47.40 -7.43 -2.39
CA ASP C 185 -47.04 -6.93 -1.05
C ASP C 185 -45.75 -6.11 -1.05
N ALA C 186 -44.77 -6.52 -1.84
CA ALA C 186 -43.48 -5.84 -1.88
C ALA C 186 -43.60 -4.44 -2.45
N THR C 187 -44.57 -4.20 -3.36
CA THR C 187 -44.77 -2.85 -3.87
C THR C 187 -45.37 -1.92 -2.84
N TYR C 188 -45.88 -2.44 -1.72
CA TYR C 188 -46.38 -1.59 -0.66
C TYR C 188 -45.43 -1.49 0.53
N ASN C 189 -44.33 -2.20 0.58
CA ASN C 189 -43.48 -2.04 1.76
C ASN C 189 -42.05 -1.74 1.36
N ASN C 190 -41.09 -1.83 2.29
CA ASN C 190 -39.74 -1.35 1.95
C ASN C 190 -39.00 -2.25 0.99
N LYS C 191 -39.56 -3.42 0.63
CA LYS C 191 -38.86 -4.20 -0.37
C LYS C 191 -38.74 -3.50 -1.72
N SER C 192 -39.61 -2.53 -2.02
CA SER C 192 -39.60 -1.92 -3.34
C SER C 192 -38.90 -0.55 -3.37
N GLN C 193 -38.10 -0.23 -2.36
CA GLN C 193 -37.34 1.02 -2.41
C GLN C 193 -35.99 0.78 -1.78
N GLY C 194 -34.98 1.47 -2.26
CA GLY C 194 -33.65 1.23 -1.77
C GLY C 194 -32.66 1.69 -2.83
N SER C 195 -31.40 1.31 -2.65
CA SER C 195 -30.39 1.71 -3.62
C SER C 195 -29.43 0.57 -3.90
N LEU C 196 -28.79 0.63 -5.06
CA LEU C 196 -27.79 -0.34 -5.49
C LEU C 196 -26.54 0.41 -5.93
N GLU C 197 -25.39 -0.28 -5.98
CA GLU C 197 -24.11 0.29 -6.40
C GLU C 197 -23.62 -0.31 -7.71
N LEU C 198 -22.66 0.39 -8.34
CA LEU C 198 -22.09 -0.07 -9.60
C LEU C 198 -20.88 -0.99 -9.39
N PHE C 199 -20.85 -2.05 -10.18
CA PHE C 199 -19.66 -2.84 -10.47
C PHE C 199 -19.24 -3.69 -9.28
N ASN C 200 -20.19 -4.31 -8.60
CA ASN C 200 -19.82 -5.26 -7.56
C ASN C 200 -20.39 -6.62 -7.93
N ASN C 201 -19.97 -7.65 -7.18
CA ASN C 201 -20.44 -9.01 -7.46
C ASN C 201 -21.52 -9.43 -6.47
N GLY C 202 -22.07 -8.47 -5.74
CA GLY C 202 -23.18 -8.77 -4.84
C GLY C 202 -24.49 -8.32 -5.48
N THR C 203 -25.17 -7.38 -4.83
CA THR C 203 -26.51 -7.00 -5.24
C THR C 203 -26.54 -5.98 -6.35
N GLY C 204 -25.38 -5.51 -6.82
CA GLY C 204 -25.32 -4.31 -7.64
C GLY C 204 -25.35 -4.49 -9.16
N LEU C 205 -25.07 -3.37 -9.83
CA LEU C 205 -25.22 -3.24 -11.27
C LEU C 205 -23.91 -3.63 -11.94
N THR C 206 -24.03 -4.18 -13.15
CA THR C 206 -22.86 -4.56 -13.91
C THR C 206 -22.66 -3.67 -15.12
N MET C 207 -23.55 -2.74 -15.35
CA MET C 207 -23.29 -1.75 -16.40
C MET C 207 -23.75 -0.41 -15.88
N PRO C 208 -23.15 0.70 -16.34
CA PRO C 208 -23.43 2.01 -15.75
C PRO C 208 -24.63 2.70 -16.40
N TRP C 209 -25.77 1.99 -16.42
CA TRP C 209 -26.95 2.58 -17.00
C TRP C 209 -28.21 1.96 -16.41
N TRP C 210 -29.33 2.66 -16.59
CA TRP C 210 -30.63 2.12 -16.19
C TRP C 210 -31.68 2.93 -16.92
N GLY C 211 -32.94 2.47 -16.87
CA GLY C 211 -33.91 3.12 -17.73
C GLY C 211 -35.33 2.75 -17.37
N THR C 212 -36.27 3.46 -18.01
CA THR C 212 -37.69 3.16 -17.88
C THR C 212 -38.31 3.23 -19.27
N TYR C 213 -39.37 2.46 -19.47
CA TYR C 213 -40.09 2.55 -20.76
C TYR C 213 -41.56 2.22 -20.53
N ASN C 214 -42.40 2.76 -21.41
CA ASN C 214 -43.81 2.38 -21.46
C ASN C 214 -44.08 1.97 -22.90
N GLU C 215 -45.36 1.89 -23.29
CA GLU C 215 -45.68 1.41 -24.64
C GLU C 215 -45.31 2.40 -25.74
N LYS C 216 -44.95 3.62 -25.40
CA LYS C 216 -44.64 4.64 -26.38
C LYS C 216 -43.16 4.94 -26.49
N SER C 217 -42.44 4.92 -25.37
CA SER C 217 -41.12 5.55 -25.40
C SER C 217 -40.25 4.96 -24.29
N ALA C 218 -38.94 5.06 -24.48
CA ALA C 218 -37.98 4.56 -23.50
C ALA C 218 -36.98 5.66 -23.22
N VAL C 219 -36.47 5.71 -22.00
CA VAL C 219 -35.34 6.59 -21.68
C VAL C 219 -34.37 5.78 -20.84
N MET C 220 -33.09 5.96 -21.08
CA MET C 220 -32.06 5.33 -20.26
C MET C 220 -31.01 6.40 -19.99
N GLY C 221 -30.35 6.30 -18.84
CA GLY C 221 -29.28 7.22 -18.54
C GLY C 221 -27.98 6.44 -18.42
N ILE C 222 -26.91 6.96 -19.03
CA ILE C 222 -25.59 6.36 -18.96
C ILE C 222 -24.69 7.25 -18.10
N VAL C 223 -24.14 6.68 -17.02
CA VAL C 223 -23.32 7.41 -16.07
C VAL C 223 -21.92 7.63 -16.66
N ASP C 224 -21.39 8.85 -16.51
CA ASP C 224 -20.03 9.17 -16.96
C ASP C 224 -19.03 8.13 -16.43
N VAL C 225 -18.06 7.78 -17.28
CA VAL C 225 -17.08 6.75 -16.89
C VAL C 225 -16.29 7.13 -15.62
N SER C 226 -16.21 8.43 -15.28
CA SER C 226 -15.41 8.87 -14.14
C SER C 226 -16.16 8.82 -12.80
N ALA C 227 -17.45 8.54 -12.80
CA ALA C 227 -18.26 8.72 -11.59
C ALA C 227 -18.82 7.39 -11.09
N ARG C 228 -19.15 7.38 -9.80
CA ARG C 228 -19.77 6.22 -9.15
C ARG C 228 -20.95 6.67 -8.30
N PRO C 229 -22.00 7.18 -8.93
CA PRO C 229 -23.26 7.37 -8.20
C PRO C 229 -23.81 6.01 -7.80
N HIS C 230 -24.68 6.03 -6.79
CA HIS C 230 -25.51 4.86 -6.56
C HIS C 230 -26.81 5.03 -7.35
N MET C 231 -27.67 4.00 -7.37
CA MET C 231 -28.95 4.10 -8.08
C MET C 231 -30.07 3.85 -7.09
N GLN C 232 -30.94 4.84 -6.88
CA GLN C 232 -32.13 4.66 -6.05
C GLN C 232 -33.25 4.02 -6.87
N TYR C 233 -33.97 3.04 -6.30
CA TYR C 233 -35.10 2.48 -7.02
C TYR C 233 -36.36 2.66 -6.18
N ASN C 234 -37.49 2.74 -6.88
CA ASN C 234 -38.82 2.81 -6.28
C ASN C 234 -39.74 2.05 -7.23
N ILE C 235 -40.14 0.83 -6.86
CA ILE C 235 -40.80 -0.04 -7.84
C ILE C 235 -42.28 -0.15 -7.48
N ASN C 236 -43.11 0.73 -8.07
CA ASN C 236 -44.56 0.77 -7.85
C ASN C 236 -44.96 1.20 -6.43
N ASN C 237 -44.07 1.86 -5.71
CA ASN C 237 -44.29 2.24 -4.31
C ASN C 237 -44.84 3.65 -4.30
N ASN C 238 -45.82 3.90 -3.44
CA ASN C 238 -46.43 5.22 -3.32
C ASN C 238 -45.71 6.13 -2.32
N GLY C 239 -44.54 5.72 -1.83
CA GLY C 239 -43.78 6.58 -0.94
C GLY C 239 -44.16 6.46 0.52
N GLN C 240 -44.88 5.41 0.88
CA GLN C 240 -45.27 5.22 2.27
C GLN C 240 -44.04 5.21 3.19
N TYR C 241 -42.92 4.72 2.67
CA TYR C 241 -41.70 4.74 3.48
C TYR C 241 -41.29 6.14 3.93
N LEU C 242 -41.71 7.19 3.21
CA LEU C 242 -41.43 8.57 3.62
C LEU C 242 -42.27 9.02 4.81
N PHE C 243 -43.33 8.29 5.15
CA PHE C 243 -44.34 8.74 6.11
C PHE C 243 -44.51 7.82 7.30
N ASN C 244 -43.87 6.65 7.30
CA ASN C 244 -44.03 5.70 8.40
C ASN C 244 -43.59 6.27 9.75
N ALA C 245 -42.46 7.00 9.79
CA ALA C 245 -42.06 7.62 11.07
C ALA C 245 -43.04 8.68 11.55
N LYS C 246 -43.70 9.40 10.64
CA LYS C 246 -44.73 10.33 11.05
C LYS C 246 -46.06 9.66 11.38
N GLY C 247 -46.20 8.37 11.07
CA GLY C 247 -47.45 7.66 11.26
C GLY C 247 -48.65 8.28 10.54
N VAL C 248 -48.47 8.64 9.27
CA VAL C 248 -49.58 9.10 8.43
C VAL C 248 -49.56 8.28 7.14
N MET C 249 -50.69 8.26 6.46
CA MET C 249 -50.76 7.54 5.18
C MET C 249 -50.19 8.41 4.05
N SER C 250 -49.46 7.79 3.15
CA SER C 250 -48.89 8.53 2.02
C SER C 250 -50.00 9.18 1.21
N PRO C 251 -49.85 10.45 0.84
CA PRO C 251 -50.79 11.06 -0.10
C PRO C 251 -50.38 10.93 -1.56
N TYR C 252 -49.29 10.24 -1.87
CA TYR C 252 -48.75 10.17 -3.21
C TYR C 252 -49.25 8.95 -3.97
N GLN C 253 -49.02 8.99 -5.29
CA GLN C 253 -49.40 7.92 -6.22
C GLN C 253 -48.32 6.87 -6.36
N ARG C 254 -48.73 5.62 -6.61
CA ARG C 254 -47.77 4.55 -6.92
C ARG C 254 -47.09 4.81 -8.26
N ILE C 255 -45.76 4.84 -8.27
CA ILE C 255 -44.98 5.11 -9.48
C ILE C 255 -43.72 4.26 -9.46
N VAL C 256 -43.08 4.20 -10.63
CA VAL C 256 -41.77 3.56 -10.82
C VAL C 256 -40.78 4.66 -11.16
N PHE C 257 -39.65 4.71 -10.43
CA PHE C 257 -38.59 5.61 -10.87
C PHE C 257 -37.27 5.02 -10.44
N LEU C 258 -36.22 5.49 -11.12
CA LEU C 258 -34.83 5.17 -10.81
C LEU C 258 -34.05 6.48 -10.85
N ASP C 259 -33.30 6.77 -9.78
CA ASP C 259 -32.61 8.07 -9.66
C ASP C 259 -31.12 7.84 -9.47
N PRO C 260 -30.25 8.66 -10.06
CA PRO C 260 -28.85 8.68 -9.61
C PRO C 260 -28.72 9.28 -8.21
N ILE C 261 -27.83 8.72 -7.42
CA ILE C 261 -27.46 9.28 -6.11
C ILE C 261 -26.00 9.68 -6.20
N TRP C 262 -25.73 10.99 -6.28
CA TRP C 262 -24.37 11.49 -6.32
C TRP C 262 -23.89 11.59 -4.88
N LYS C 263 -22.74 10.97 -4.58
CA LYS C 263 -22.23 10.93 -3.21
C LYS C 263 -21.31 12.13 -3.04
N LEU C 264 -21.89 13.28 -2.67
CA LEU C 264 -21.12 14.51 -2.71
C LEU C 264 -19.95 14.50 -1.74
N ASP C 265 -20.02 13.70 -0.68
CA ASP C 265 -18.96 13.62 0.32
C ASP C 265 -17.76 12.83 -0.15
N GLN C 266 -17.87 12.13 -1.29
CA GLN C 266 -16.80 11.25 -1.78
C GLN C 266 -16.51 11.38 -3.26
N GLU C 267 -17.43 11.86 -4.09
CA GLU C 267 -17.29 11.78 -5.54
C GLU C 267 -16.28 12.80 -6.02
N LYS C 268 -15.24 12.34 -6.72
CA LYS C 268 -14.26 13.21 -7.35
C LYS C 268 -14.39 13.30 -8.87
N GLY C 269 -15.22 12.48 -9.48
CA GLY C 269 -15.39 12.46 -10.93
C GLY C 269 -16.42 13.46 -11.43
N LYS C 270 -16.68 13.40 -12.73
CA LYS C 270 -17.62 14.31 -13.34
C LYS C 270 -19.02 13.74 -13.12
N MET C 271 -19.84 14.48 -12.39
CA MET C 271 -21.18 13.99 -12.01
C MET C 271 -22.15 14.24 -13.16
N ARG C 272 -21.93 13.48 -14.24
CA ARG C 272 -22.74 13.60 -15.45
C ARG C 272 -23.46 12.30 -15.76
N ILE C 273 -24.74 12.41 -16.11
CA ILE C 273 -25.46 11.27 -16.67
C ILE C 273 -26.04 11.69 -18.00
N SER C 274 -25.93 10.81 -19.00
CA SER C 274 -26.33 11.11 -20.38
C SER C 274 -27.62 10.34 -20.64
N TYR C 275 -28.72 11.06 -20.82
CA TYR C 275 -30.01 10.40 -21.06
C TYR C 275 -30.22 10.27 -22.58
N HIS C 276 -30.58 9.05 -23.01
CA HIS C 276 -30.87 8.76 -24.41
C HIS C 276 -32.33 8.35 -24.49
N PHE C 277 -33.05 8.94 -25.44
CA PHE C 277 -34.49 8.76 -25.57
C PHE C 277 -34.75 7.93 -26.84
N ILE C 278 -35.50 6.84 -26.70
CA ILE C 278 -35.72 5.88 -27.78
C ILE C 278 -37.22 5.75 -28.03
N PRO C 279 -37.73 6.36 -29.09
CA PRO C 279 -39.15 6.21 -29.45
C PRO C 279 -39.48 4.75 -29.70
N GLY C 280 -40.49 4.25 -29.00
CA GLY C 280 -40.88 2.86 -29.14
C GLY C 280 -39.92 1.85 -28.55
N GLY C 281 -38.90 2.29 -27.80
CA GLY C 281 -37.87 1.37 -27.36
C GLY C 281 -38.26 0.58 -26.13
N ASP C 282 -37.51 -0.50 -25.87
CA ASP C 282 -37.60 -1.21 -24.56
C ASP C 282 -36.18 -1.60 -24.13
N TYR C 283 -36.09 -2.60 -23.24
CA TYR C 283 -34.80 -2.92 -22.68
C TYR C 283 -33.82 -3.45 -23.73
N VAL C 284 -34.31 -4.04 -24.82
CA VAL C 284 -33.39 -4.47 -25.88
C VAL C 284 -32.75 -3.25 -26.53
N ASP C 285 -33.56 -2.25 -26.89
CA ASP C 285 -33.01 -1.07 -27.53
C ASP C 285 -32.06 -0.34 -26.59
N MET C 286 -32.38 -0.29 -25.30
CA MET C 286 -31.48 0.31 -24.33
C MET C 286 -30.12 -0.39 -24.34
N ALA C 287 -30.14 -1.72 -24.31
CA ALA C 287 -28.89 -2.46 -24.29
C ALA C 287 -28.06 -2.17 -25.52
N LYS C 288 -28.72 -2.08 -26.70
CA LYS C 288 -27.95 -1.82 -27.92
C LYS C 288 -27.39 -0.41 -27.95
N VAL C 289 -28.07 0.56 -27.33
CA VAL C 289 -27.47 1.89 -27.21
C VAL C 289 -26.21 1.82 -26.34
N TYR C 290 -26.31 1.12 -25.21
CA TYR C 290 -25.14 1.01 -24.35
C TYR C 290 -24.03 0.21 -25.04
N GLN C 291 -24.37 -0.78 -25.86
CA GLN C 291 -23.32 -1.54 -26.54
C GLN C 291 -22.39 -0.63 -27.36
N LYS C 292 -22.96 0.38 -28.02
CA LYS C 292 -22.13 1.33 -28.74
C LYS C 292 -21.18 2.05 -27.77
N GLU C 293 -21.67 2.44 -26.60
CA GLU C 293 -20.81 3.09 -25.60
C GLU C 293 -19.76 2.12 -25.05
N ALA C 294 -20.14 0.85 -24.85
CA ALA C 294 -19.18 -0.14 -24.35
C ALA C 294 -18.02 -0.30 -25.32
N LYS C 295 -18.32 -0.29 -26.62
CA LYS C 295 -17.24 -0.33 -27.61
C LYS C 295 -16.36 0.90 -27.52
N ALA C 296 -16.98 2.08 -27.36
CA ALA C 296 -16.18 3.30 -27.24
C ALA C 296 -15.31 3.30 -26.00
N ARG C 297 -15.74 2.61 -24.93
CA ARG C 297 -14.99 2.57 -23.70
C ARG C 297 -13.86 1.57 -23.74
N GLY C 298 -13.80 0.72 -24.74
CA GLY C 298 -12.73 -0.24 -24.87
C GLY C 298 -13.01 -1.58 -24.23
N HIS C 299 -14.19 -1.77 -23.64
CA HIS C 299 -14.48 -3.04 -22.99
C HIS C 299 -14.73 -4.18 -23.97
N PHE C 300 -15.12 -3.87 -25.19
CA PHE C 300 -15.69 -4.87 -26.11
C PHE C 300 -14.56 -5.44 -26.97
N VAL C 301 -14.12 -6.64 -26.65
CA VAL C 301 -13.18 -7.41 -27.47
C VAL C 301 -13.88 -8.70 -27.84
N SER C 302 -14.13 -8.92 -29.14
CA SER C 302 -15.07 -9.98 -29.43
C SER C 302 -14.42 -11.35 -29.30
N LEU C 303 -15.27 -12.37 -29.09
CA LEU C 303 -14.81 -13.75 -29.05
C LEU C 303 -14.22 -14.18 -30.40
N GLN C 304 -14.66 -13.58 -31.50
CA GLN C 304 -14.02 -13.90 -32.78
C GLN C 304 -12.59 -13.38 -32.82
N GLU C 305 -12.33 -12.20 -32.26
CA GLU C 305 -10.94 -11.75 -32.18
C GLU C 305 -10.14 -12.60 -31.19
N LYS C 306 -10.77 -13.06 -30.11
CA LYS C 306 -10.07 -13.90 -29.15
C LYS C 306 -9.75 -15.26 -29.75
N LEU C 307 -10.64 -15.74 -30.64
CA LEU C 307 -10.43 -17.01 -31.32
C LEU C 307 -9.30 -16.90 -32.33
N LYS C 308 -9.23 -15.76 -33.04
CA LYS C 308 -8.13 -15.52 -33.96
C LYS C 308 -6.81 -15.59 -33.23
N ARG C 309 -6.75 -15.02 -32.02
CA ARG C 309 -5.52 -15.04 -31.24
C ARG C 309 -5.24 -16.43 -30.66
N ASN C 310 -6.28 -17.18 -30.33
CA ASN C 310 -6.10 -18.48 -29.68
C ASN C 310 -7.15 -19.45 -30.21
N PRO C 311 -6.77 -20.34 -31.13
CA PRO C 311 -7.75 -21.28 -31.69
C PRO C 311 -8.39 -22.22 -30.66
N ASN C 312 -7.76 -22.44 -29.50
CA ASN C 312 -8.37 -23.28 -28.48
C ASN C 312 -9.64 -22.67 -27.87
N VAL C 313 -9.92 -21.40 -28.13
CA VAL C 313 -11.21 -20.82 -27.71
C VAL C 313 -12.37 -21.66 -28.24
N ASN C 314 -12.18 -22.30 -29.38
CA ASN C 314 -13.22 -23.13 -29.99
C ASN C 314 -13.43 -24.46 -29.27
N LYS C 315 -12.72 -24.70 -28.17
CA LYS C 315 -13.09 -25.80 -27.28
C LYS C 315 -14.24 -25.45 -26.32
N LEU C 316 -14.65 -24.18 -26.27
CA LEU C 316 -15.73 -23.71 -25.39
C LEU C 316 -17.13 -23.88 -25.96
N PRO C 317 -17.39 -23.64 -27.26
CA PRO C 317 -18.77 -23.77 -27.75
C PRO C 317 -19.28 -25.20 -27.60
N GLY C 318 -20.41 -25.35 -26.89
CA GLY C 318 -20.97 -26.66 -26.64
C GLY C 318 -20.35 -27.39 -25.46
N ALA C 319 -19.44 -26.75 -24.74
CA ALA C 319 -18.78 -27.34 -23.59
C ALA C 319 -19.60 -27.17 -22.32
N ILE C 320 -19.70 -28.26 -21.54
CA ILE C 320 -20.20 -28.15 -20.18
C ILE C 320 -19.05 -27.77 -19.27
N TYR C 321 -19.29 -26.80 -18.38
CA TYR C 321 -18.31 -26.43 -17.36
C TYR C 321 -18.54 -27.33 -16.14
N PHE C 322 -17.55 -28.19 -15.84
CA PHE C 322 -17.58 -29.10 -14.71
C PHE C 322 -16.63 -28.58 -13.64
N GLY C 323 -17.17 -28.30 -12.46
CA GLY C 323 -16.29 -28.03 -11.34
C GLY C 323 -16.35 -29.19 -10.38
N ILE C 324 -15.20 -29.81 -10.15
CA ILE C 324 -15.09 -30.95 -9.24
C ILE C 324 -14.52 -30.39 -7.95
N TYR C 325 -15.39 -30.27 -6.94
CA TYR C 325 -15.11 -29.47 -5.76
C TYR C 325 -14.57 -30.39 -4.68
N GLY C 326 -13.26 -30.31 -4.42
CA GLY C 326 -12.62 -31.22 -3.46
C GLY C 326 -12.49 -30.65 -2.04
N GLY C 327 -13.27 -29.63 -1.72
CA GLY C 327 -13.15 -29.01 -0.41
C GLY C 327 -12.06 -27.96 -0.33
N TYR C 328 -11.37 -27.70 -1.40
CA TYR C 328 -10.31 -26.74 -1.60
C TYR C 328 -10.87 -25.59 -2.43
N PRO C 329 -10.53 -24.30 -2.11
CA PRO C 329 -9.44 -23.82 -1.26
C PRO C 329 -9.74 -23.78 0.24
N HIS C 330 -10.97 -24.08 0.63
CA HIS C 330 -11.38 -23.94 2.02
C HIS C 330 -10.56 -24.84 2.96
N TYR C 331 -10.21 -26.04 2.50
CA TYR C 331 -9.45 -27.01 3.30
C TYR C 331 -8.46 -27.75 2.42
N VAL C 332 -7.35 -28.19 3.02
CA VAL C 332 -6.35 -28.98 2.29
C VAL C 332 -6.62 -30.45 2.59
N ASN C 333 -6.88 -31.23 1.54
CA ASN C 333 -7.12 -32.68 1.62
C ASN C 333 -8.18 -33.01 2.68
N MET C 334 -9.36 -32.41 2.50
CA MET C 334 -10.41 -32.63 3.47
C MET C 334 -11.03 -34.02 3.31
N PRO C 335 -11.01 -34.85 4.36
CA PRO C 335 -11.62 -36.19 4.26
C PRO C 335 -13.10 -36.12 3.87
N GLY C 336 -13.50 -37.00 2.95
CA GLY C 336 -14.88 -37.00 2.46
C GLY C 336 -15.17 -36.02 1.32
N MET C 337 -14.23 -35.14 0.98
CA MET C 337 -14.42 -34.14 -0.05
C MET C 337 -13.28 -34.21 -1.07
N ALA C 338 -12.03 -34.28 -0.59
CA ALA C 338 -10.90 -34.24 -1.51
C ALA C 338 -10.93 -35.45 -2.43
N PHE C 339 -10.65 -35.22 -3.72
CA PHE C 339 -10.43 -36.29 -4.68
C PHE C 339 -8.93 -36.55 -4.84
N THR C 340 -8.58 -37.82 -5.11
CA THR C 340 -7.24 -38.10 -5.59
C THR C 340 -7.16 -37.81 -7.08
N PHE C 341 -5.93 -37.75 -7.58
CA PHE C 341 -5.75 -37.51 -9.00
C PHE C 341 -6.23 -38.69 -9.84
N ASP C 342 -6.10 -39.91 -9.34
CA ASP C 342 -6.69 -41.06 -10.05
C ASP C 342 -8.21 -40.98 -10.09
N GLU C 343 -8.86 -40.58 -8.98
CA GLU C 343 -10.31 -40.34 -8.99
C GLU C 343 -10.69 -39.25 -9.99
N LEU C 344 -9.93 -38.16 -10.00
CA LEU C 344 -10.16 -37.11 -10.98
C LEU C 344 -10.12 -37.67 -12.39
N LYS C 345 -9.09 -38.47 -12.69
CA LYS C 345 -8.95 -39.05 -14.02
C LYS C 345 -10.17 -39.88 -14.39
N ASN C 346 -10.65 -40.70 -13.44
CA ASN C 346 -11.78 -41.60 -13.72
C ASN C 346 -13.09 -40.83 -13.89
N ILE C 347 -13.25 -39.67 -13.23
CA ILE C 347 -14.41 -38.82 -13.47
C ILE C 347 -14.37 -38.27 -14.89
N ILE C 348 -13.21 -37.76 -15.30
CA ILE C 348 -13.04 -37.23 -16.66
C ILE C 348 -13.30 -38.33 -17.68
N LYS C 349 -12.77 -39.54 -17.42
CA LYS C 349 -12.97 -40.64 -18.36
C LYS C 349 -14.45 -41.00 -18.49
N THR C 350 -15.19 -40.99 -17.36
CA THR C 350 -16.60 -41.35 -17.40
C THR C 350 -17.42 -40.28 -18.12
N ILE C 351 -17.10 -39.02 -17.89
CA ILE C 351 -17.80 -37.94 -18.58
C ILE C 351 -17.71 -38.11 -20.09
N HIS C 352 -16.54 -38.50 -20.57
CA HIS C 352 -16.34 -38.66 -22.01
C HIS C 352 -16.87 -39.99 -22.53
N ASP C 353 -16.39 -41.10 -21.96
CA ASP C 353 -16.62 -42.43 -22.54
C ASP C 353 -18.02 -42.92 -22.25
N ASP C 354 -18.56 -42.65 -21.06
CA ASP C 354 -19.89 -43.14 -20.73
C ASP C 354 -20.98 -42.12 -20.98
N LEU C 355 -20.77 -40.87 -20.61
CA LEU C 355 -21.79 -39.85 -20.81
C LEU C 355 -21.68 -39.16 -22.17
N ARG C 356 -20.68 -39.52 -22.98
CA ARG C 356 -20.56 -39.05 -24.38
C ARG C 356 -20.59 -37.52 -24.46
N VAL C 357 -19.95 -36.86 -23.49
CA VAL C 357 -19.85 -35.40 -23.51
C VAL C 357 -18.70 -35.07 -24.47
N ASP C 358 -19.02 -34.34 -25.56
CA ASP C 358 -18.02 -34.12 -26.61
C ASP C 358 -17.05 -33.00 -26.24
N LYS C 359 -17.54 -31.99 -25.53
CA LYS C 359 -16.75 -30.82 -25.17
C LYS C 359 -16.97 -30.48 -23.71
N ALA C 360 -15.89 -30.07 -23.02
CA ALA C 360 -16.02 -29.82 -21.59
C ALA C 360 -14.88 -28.91 -21.12
N PHE C 361 -15.15 -28.17 -20.06
CA PHE C 361 -14.15 -27.40 -19.33
C PHE C 361 -14.10 -28.02 -17.95
N VAL C 362 -13.03 -28.76 -17.65
CA VAL C 362 -12.89 -29.44 -16.38
C VAL C 362 -12.08 -28.54 -15.46
N HIS C 363 -12.64 -28.22 -14.30
CA HIS C 363 -12.04 -27.30 -13.34
C HIS C 363 -11.93 -28.08 -12.02
N ALA C 364 -10.70 -28.45 -11.64
CA ALA C 364 -10.47 -29.33 -10.50
C ALA C 364 -10.10 -28.47 -9.29
N TRP C 365 -10.97 -28.46 -8.26
CA TRP C 365 -10.73 -27.64 -7.06
C TRP C 365 -10.06 -28.50 -5.98
N GLY C 366 -8.72 -28.41 -5.92
CA GLY C 366 -7.98 -29.13 -4.89
C GLY C 366 -6.87 -29.95 -5.50
N THR C 367 -5.83 -29.26 -5.99
CA THR C 367 -4.68 -29.95 -6.58
C THR C 367 -3.39 -29.65 -5.85
N PHE C 368 -3.40 -28.75 -4.86
CA PHE C 368 -2.17 -28.31 -4.19
C PHE C 368 -2.22 -28.64 -2.70
N SER C 369 -1.04 -28.78 -2.07
CA SER C 369 -0.94 -29.13 -0.65
C SER C 369 -0.69 -27.92 0.26
N ASN C 370 -0.58 -26.72 -0.28
CA ASN C 370 -0.65 -25.50 0.52
C ASN C 370 -1.95 -24.75 0.24
N PHE C 371 -2.33 -23.88 1.17
CA PHE C 371 -3.48 -23.01 0.94
C PHE C 371 -3.12 -21.91 -0.05
N VAL C 372 -4.10 -21.51 -0.84
CA VAL C 372 -4.00 -20.25 -1.58
C VAL C 372 -3.68 -19.17 -0.55
N PRO C 373 -2.83 -18.17 -0.85
CA PRO C 373 -2.37 -17.83 -2.21
C PRO C 373 -1.06 -18.46 -2.66
N HIS C 374 -0.65 -19.54 -2.03
CA HIS C 374 0.54 -20.31 -2.43
C HIS C 374 0.01 -21.54 -3.17
N ASN C 375 -0.14 -21.39 -4.48
CA ASN C 375 -0.83 -22.36 -5.35
C ASN C 375 0.13 -23.45 -5.83
N TYR C 376 0.73 -24.16 -4.85
CA TYR C 376 1.82 -25.11 -5.13
C TYR C 376 2.18 -25.83 -3.83
N PRO C 377 2.86 -27.00 -3.88
CA PRO C 377 3.20 -27.79 -5.07
C PRO C 377 2.00 -28.65 -5.38
N ILE C 378 1.96 -29.28 -6.56
CA ILE C 378 0.95 -30.31 -6.80
C ILE C 378 1.03 -31.32 -5.66
N SER C 379 -0.13 -31.72 -5.13
CA SER C 379 -0.17 -32.44 -3.85
C SER C 379 0.37 -33.86 -3.99
N GLU C 380 1.39 -34.19 -3.19
CA GLU C 380 1.84 -35.58 -3.06
C GLU C 380 0.77 -36.46 -2.42
N ALA C 381 0.02 -35.92 -1.45
CA ALA C 381 -0.97 -36.75 -0.78
C ALA C 381 -2.09 -37.19 -1.73
N LEU C 382 -2.35 -36.42 -2.78
CA LEU C 382 -3.39 -36.76 -3.74
C LEU C 382 -2.87 -37.61 -4.90
N GLY C 383 -1.57 -37.88 -4.94
CA GLY C 383 -1.02 -38.77 -5.95
C GLY C 383 0.22 -38.22 -6.63
N GLY C 384 0.48 -36.93 -6.47
CA GLY C 384 1.68 -36.31 -6.99
C GLY C 384 1.57 -35.85 -8.42
N PRO C 385 2.59 -35.09 -8.88
CA PRO C 385 2.52 -34.46 -10.22
C PRO C 385 2.24 -35.43 -11.36
N GLU C 386 2.85 -36.62 -11.37
CA GLU C 386 2.68 -37.49 -12.53
C GLU C 386 1.22 -37.95 -12.66
N LYS C 387 0.54 -38.19 -11.53
CA LYS C 387 -0.84 -38.64 -11.61
C LYS C 387 -1.79 -37.51 -12.01
N LEU C 388 -1.51 -36.27 -11.56
CA LEU C 388 -2.27 -35.13 -12.08
C LEU C 388 -2.02 -34.94 -13.58
N LYS C 389 -0.77 -35.07 -14.02
CA LYS C 389 -0.48 -34.93 -15.44
C LYS C 389 -1.23 -35.99 -16.26
N ALA C 390 -1.35 -37.22 -15.73
CA ALA C 390 -2.12 -38.25 -16.45
C ALA C 390 -3.59 -37.85 -16.60
N ALA C 391 -4.18 -37.26 -15.55
CA ALA C 391 -5.56 -36.78 -15.65
C ALA C 391 -5.69 -35.67 -16.68
N VAL C 392 -4.78 -34.69 -16.65
CA VAL C 392 -4.81 -33.59 -17.59
C VAL C 392 -4.58 -34.09 -19.01
N ASP C 393 -3.61 -35.01 -19.18
CA ASP C 393 -3.35 -35.58 -20.50
C ASP C 393 -4.58 -36.32 -21.02
N LEU C 394 -5.31 -37.03 -20.16
CA LEU C 394 -6.52 -37.68 -20.63
C LEU C 394 -7.53 -36.65 -21.11
N ALA C 395 -7.72 -35.56 -20.35
CA ALA C 395 -8.61 -34.50 -20.75
C ALA C 395 -8.20 -33.90 -22.08
N LYS C 396 -6.90 -33.64 -22.25
CA LYS C 396 -6.44 -33.06 -23.51
C LYS C 396 -6.65 -34.02 -24.67
N SER C 397 -6.50 -35.32 -24.43
CA SER C 397 -6.73 -36.31 -25.49
C SER C 397 -8.17 -36.28 -26.00
N TYR C 398 -9.11 -35.86 -25.15
CA TYR C 398 -10.51 -35.68 -25.49
C TYR C 398 -10.82 -34.33 -26.12
N GLY C 399 -9.87 -33.41 -26.17
CA GLY C 399 -10.16 -32.05 -26.59
C GLY C 399 -10.82 -31.18 -25.53
N TYR C 400 -10.82 -31.64 -24.28
CA TYR C 400 -11.36 -30.87 -23.15
C TYR C 400 -10.36 -29.80 -22.69
N LEU C 401 -10.92 -28.71 -22.17
CA LEU C 401 -10.11 -27.72 -21.46
C LEU C 401 -9.97 -28.14 -20.00
N TYR C 402 -8.84 -27.80 -19.39
CA TYR C 402 -8.58 -28.17 -18.00
C TYR C 402 -7.96 -26.98 -17.26
N SER C 403 -8.43 -26.71 -16.02
CA SER C 403 -7.70 -25.83 -15.12
C SER C 403 -7.80 -26.35 -13.68
N SER C 404 -6.75 -26.12 -12.89
CA SER C 404 -6.87 -26.25 -11.44
C SER C 404 -7.58 -25.02 -10.87
N TYR C 405 -7.95 -25.10 -9.59
CA TYR C 405 -8.39 -23.90 -8.88
C TYR C 405 -7.17 -23.06 -8.53
N HIS C 406 -7.21 -21.75 -8.84
CA HIS C 406 -6.16 -20.83 -8.43
C HIS C 406 -6.73 -19.60 -7.78
N ALA C 407 -6.06 -19.07 -6.76
CA ALA C 407 -6.44 -17.75 -6.26
C ALA C 407 -5.23 -17.08 -5.64
N TYR C 408 -5.10 -15.77 -5.85
CA TYR C 408 -3.96 -15.03 -5.32
C TYR C 408 -4.35 -13.96 -4.31
N SER C 409 -5.65 -13.84 -4.02
CA SER C 409 -6.20 -12.82 -3.12
C SER C 409 -6.50 -13.29 -1.69
N PRO C 410 -6.69 -14.57 -1.41
CA PRO C 410 -7.08 -14.96 -0.04
C PRO C 410 -5.93 -14.89 0.95
N MET C 411 -6.30 -14.74 2.22
CA MET C 411 -5.32 -14.93 3.30
C MET C 411 -6.12 -15.53 4.45
N LEU C 412 -5.97 -16.84 4.64
CA LEU C 412 -6.95 -17.64 5.37
C LEU C 412 -6.47 -17.92 6.79
N GLU C 413 -7.38 -17.72 7.77
CA GLU C 413 -7.08 -17.92 9.19
C GLU C 413 -6.56 -19.31 9.48
N ASN C 414 -7.03 -20.32 8.73
CA ASN C 414 -6.67 -21.71 9.00
C ASN C 414 -5.40 -22.12 8.25
N ASP C 415 -4.79 -21.20 7.51
CA ASP C 415 -3.53 -21.45 6.83
C ASP C 415 -2.36 -21.30 7.81
N PRO C 416 -1.58 -22.36 8.07
CA PRO C 416 -0.40 -22.19 8.93
C PRO C 416 0.52 -21.03 8.51
N ASN C 417 0.51 -20.67 7.23
CA ASN C 417 1.31 -19.56 6.69
C ASN C 417 0.62 -18.21 6.84
N PHE C 418 -0.57 -18.14 7.43
CA PHE C 418 -1.28 -16.88 7.54
C PHE C 418 -0.37 -15.78 8.09
N THR C 419 -0.39 -14.61 7.45
CA THR C 419 0.27 -13.43 7.98
C THR C 419 -0.52 -12.20 7.56
N THR C 420 -0.49 -11.16 8.38
CA THR C 420 -1.12 -9.93 7.91
C THR C 420 -0.17 -9.10 7.05
N ASP C 421 1.05 -9.59 6.80
CA ASP C 421 2.02 -8.77 6.07
C ASP C 421 1.52 -8.41 4.67
N LEU C 422 0.77 -9.29 4.01
CA LEU C 422 0.28 -9.00 2.67
C LEU C 422 -1.11 -8.37 2.64
N MET C 423 -1.68 -8.00 3.79
CA MET C 423 -2.96 -7.32 3.82
C MET C 423 -2.78 -5.81 3.66
N GLN C 424 -3.83 -5.14 3.21
CA GLN C 424 -3.82 -3.69 3.03
C GLN C 424 -4.25 -3.00 4.30
N ARG C 425 -3.68 -1.83 4.58
CA ARG C 425 -4.08 -0.99 5.70
C ARG C 425 -4.67 0.32 5.20
N ASP C 426 -5.65 0.86 5.92
CA ASP C 426 -6.33 2.08 5.50
C ASP C 426 -5.54 3.28 6.03
N ALA C 427 -6.09 4.48 5.84
CA ALA C 427 -5.35 5.70 6.22
C ALA C 427 -5.08 5.79 7.70
N GLU C 428 -5.87 5.08 8.52
CA GLU C 428 -5.61 5.13 9.96
C GLU C 428 -4.68 4.04 10.44
N GLY C 429 -4.10 3.24 9.53
CA GLY C 429 -3.20 2.20 9.94
C GLY C 429 -3.86 0.87 10.21
N LYS C 430 -5.17 0.77 10.02
CA LYS C 430 -5.93 -0.43 10.38
C LYS C 430 -6.05 -1.39 9.21
N LEU C 431 -6.01 -2.69 9.51
CA LEU C 431 -6.18 -3.69 8.46
C LEU C 431 -7.52 -3.54 7.76
N MET C 432 -7.50 -3.74 6.44
CA MET C 432 -8.71 -3.77 5.64
C MET C 432 -9.09 -5.22 5.34
N ASN C 433 -10.40 -5.43 5.11
CA ASN C 433 -10.93 -6.77 4.77
C ASN C 433 -10.68 -7.80 5.87
N THR C 434 -10.62 -7.35 7.12
CA THR C 434 -10.55 -8.34 8.20
C THR C 434 -11.78 -9.24 8.20
N GLY C 435 -12.87 -8.79 7.65
CA GLY C 435 -14.10 -9.55 7.57
C GLY C 435 -14.35 -10.25 6.25
N SER C 436 -13.35 -10.31 5.34
CA SER C 436 -13.56 -10.83 3.99
C SER C 436 -12.31 -11.63 3.59
N ARG C 437 -12.25 -12.88 4.10
CA ARG C 437 -11.03 -13.68 4.03
C ARG C 437 -10.56 -13.97 2.61
N TRP C 438 -11.46 -14.04 1.63
CA TRP C 438 -11.06 -14.39 0.27
C TRP C 438 -10.44 -13.22 -0.48
N ALA C 439 -10.48 -12.01 0.08
CA ALA C 439 -9.99 -10.84 -0.65
C ALA C 439 -9.14 -10.00 0.28
N ARG C 440 -8.17 -10.62 0.92
CA ARG C 440 -7.35 -9.94 1.92
C ARG C 440 -6.00 -9.51 1.37
N VAL C 441 -5.47 -10.18 0.36
CA VAL C 441 -4.14 -9.80 -0.13
C VAL C 441 -4.29 -8.55 -0.99
N ASP C 442 -3.52 -7.52 -0.66
CA ASP C 442 -3.52 -6.29 -1.45
C ASP C 442 -3.26 -6.63 -2.91
N PRO C 443 -4.08 -6.17 -3.86
CA PRO C 443 -3.81 -6.45 -5.29
C PRO C 443 -2.39 -6.13 -5.75
N LYS C 444 -1.71 -5.17 -5.12
CA LYS C 444 -0.37 -4.84 -5.59
C LYS C 444 0.64 -5.97 -5.37
N PHE C 445 0.31 -7.00 -4.58
CA PHE C 445 1.15 -8.19 -4.38
C PHE C 445 0.74 -9.38 -5.24
N GLN C 446 -0.42 -9.32 -5.90
CA GLN C 446 -0.99 -10.56 -6.43
C GLN C 446 -0.26 -11.05 -7.68
N LYS C 447 0.24 -10.16 -8.55
CA LYS C 447 1.03 -10.68 -9.67
C LYS C 447 2.25 -11.42 -9.18
N GLY C 448 2.93 -10.89 -8.16
CA GLY C 448 4.10 -11.59 -7.63
C GLY C 448 3.76 -12.97 -7.09
N LEU C 449 2.63 -13.10 -6.42
CA LEU C 449 2.21 -14.41 -5.93
C LEU C 449 1.90 -15.34 -7.09
N ALA C 450 1.23 -14.84 -8.14
CA ALA C 450 0.98 -15.66 -9.32
C ALA C 450 2.28 -16.12 -9.96
N GLN C 451 3.27 -15.21 -10.05
CA GLN C 451 4.55 -15.53 -10.66
C GLN C 451 5.31 -16.64 -9.96
N LYS C 452 4.97 -16.94 -8.70
CA LYS C 452 5.73 -17.94 -7.95
C LYS C 452 5.69 -19.32 -8.61
N ASN C 453 4.51 -19.75 -9.07
CA ASN C 453 4.38 -21.09 -9.63
C ASN C 453 3.56 -21.21 -10.92
N ILE C 454 2.83 -20.20 -11.39
CA ILE C 454 1.90 -20.48 -12.49
C ILE C 454 2.65 -20.89 -13.76
N GLU C 455 3.83 -20.33 -14.02
CA GLU C 455 4.55 -20.70 -15.23
C GLU C 455 5.11 -22.11 -15.13
N LYS C 456 5.47 -22.55 -13.92
CA LYS C 456 5.92 -23.93 -13.73
C LYS C 456 4.76 -24.90 -13.94
N GLU C 457 3.55 -24.56 -13.46
CA GLU C 457 2.41 -25.45 -13.65
C GLU C 457 2.03 -25.51 -15.12
N ILE C 458 2.00 -24.36 -15.81
CA ILE C 458 1.72 -24.36 -17.24
C ILE C 458 2.69 -25.26 -17.97
N SER C 459 4.00 -25.11 -17.71
N SER C 459 4.00 -25.09 -17.73
CA SER C 459 4.97 -25.89 -18.47
CA SER C 459 4.99 -25.88 -18.45
C SER C 459 4.91 -27.37 -18.10
C SER C 459 4.86 -27.36 -18.09
N TYR C 460 4.67 -27.70 -16.82
CA TYR C 460 4.71 -29.10 -16.44
C TYR C 460 3.49 -29.85 -16.96
N LEU C 461 2.28 -29.28 -16.78
CA LEU C 461 1.06 -29.94 -17.20
C LEU C 461 0.70 -29.68 -18.66
N GLY C 462 1.40 -28.76 -19.34
CA GLY C 462 1.06 -28.45 -20.72
C GLY C 462 -0.31 -27.78 -20.79
N LEU C 463 -0.52 -26.80 -19.92
CA LEU C 463 -1.85 -26.22 -19.77
C LEU C 463 -2.24 -25.44 -21.01
N GLU C 464 -3.54 -25.51 -21.33
CA GLU C 464 -4.17 -24.77 -22.41
C GLU C 464 -5.17 -23.74 -21.89
N ALA C 465 -5.44 -23.75 -20.59
CA ALA C 465 -6.51 -22.99 -19.98
C ALA C 465 -6.14 -22.62 -18.57
N ASP C 466 -6.82 -21.60 -18.04
CA ASP C 466 -6.64 -21.21 -16.66
C ASP C 466 -7.92 -20.55 -16.19
N ILE C 467 -8.29 -20.78 -14.92
CA ILE C 467 -9.34 -20.00 -14.27
C ILE C 467 -8.75 -19.45 -12.98
N THR C 468 -8.94 -18.14 -12.74
CA THR C 468 -8.44 -17.46 -11.56
C THR C 468 -9.62 -16.91 -10.78
N ASP C 469 -9.70 -17.26 -9.50
CA ASP C 469 -10.83 -16.95 -8.64
C ASP C 469 -10.72 -15.53 -8.06
N ILE C 470 -11.87 -14.95 -7.71
CA ILE C 470 -12.08 -13.80 -6.81
C ILE C 470 -11.66 -12.43 -7.33
N THR C 471 -10.42 -12.29 -7.80
CA THR C 471 -9.81 -10.96 -7.95
C THR C 471 -10.55 -10.09 -8.96
N PHE C 472 -11.25 -10.69 -9.92
CA PHE C 472 -11.84 -9.91 -10.99
C PHE C 472 -13.37 -9.94 -10.93
N ALA C 473 -13.92 -10.22 -9.75
CA ALA C 473 -15.37 -10.31 -9.63
C ALA C 473 -16.01 -8.95 -9.52
N ALA C 474 -15.22 -7.89 -9.25
CA ALA C 474 -15.75 -6.55 -9.07
C ALA C 474 -14.85 -5.57 -9.81
N TYR C 475 -15.26 -4.31 -9.84
CA TYR C 475 -14.40 -3.24 -10.42
C TYR C 475 -14.48 -2.02 -9.49
N ARG C 476 -13.81 -2.13 -8.34
CA ARG C 476 -13.70 -1.02 -7.41
C ARG C 476 -12.44 -0.22 -7.70
N GLU C 477 -12.44 1.05 -7.26
CA GLU C 477 -11.26 1.90 -7.46
C GLU C 477 -10.07 1.41 -6.66
N ASN C 478 -10.27 1.02 -5.41
CA ASN C 478 -9.14 0.71 -4.55
C ASN C 478 -8.49 -0.58 -5.02
N GLY C 479 -7.19 -0.52 -5.35
CA GLY C 479 -6.48 -1.70 -5.79
C GLY C 479 -6.56 -1.98 -7.28
N LYS C 480 -7.20 -1.11 -8.06
CA LYS C 480 -7.45 -1.39 -9.46
C LYS C 480 -6.16 -1.62 -10.24
N GLU C 481 -5.12 -0.82 -9.94
CA GLU C 481 -3.86 -0.92 -10.69
C GLU C 481 -3.21 -2.28 -10.50
N GLY C 482 -3.22 -2.82 -9.28
CA GLY C 482 -2.68 -4.14 -9.06
C GLY C 482 -3.49 -5.23 -9.75
N ARG C 483 -4.82 -5.08 -9.75
CA ARG C 483 -5.65 -6.03 -10.49
C ARG C 483 -5.33 -6.01 -11.99
N ILE C 484 -5.18 -4.81 -12.57
CA ILE C 484 -4.88 -4.74 -14.01
C ILE C 484 -3.54 -5.40 -14.29
N GLU C 485 -2.55 -5.18 -13.41
CA GLU C 485 -1.25 -5.81 -13.58
C GLU C 485 -1.35 -7.34 -13.59
N LEU C 486 -2.18 -7.91 -12.70
CA LEU C 486 -2.37 -9.36 -12.68
C LEU C 486 -3.11 -9.83 -13.93
N ALA C 487 -4.15 -9.09 -14.36
CA ALA C 487 -4.90 -9.45 -15.56
C ALA C 487 -3.99 -9.49 -16.79
N LYS C 488 -3.13 -8.48 -16.94
CA LYS C 488 -2.22 -8.44 -18.06
C LYS C 488 -1.25 -9.61 -18.04
N TYR C 489 -0.75 -9.93 -16.85
CA TYR C 489 0.17 -11.05 -16.69
C TYR C 489 -0.51 -12.37 -17.08
N ILE C 490 -1.71 -12.63 -16.55
CA ILE C 490 -2.41 -13.86 -16.90
C ILE C 490 -2.71 -13.88 -18.40
N ASP C 491 -3.15 -12.75 -18.95
CA ASP C 491 -3.50 -12.71 -20.36
C ASP C 491 -2.28 -12.93 -21.25
N SER C 492 -1.09 -12.57 -20.76
CA SER C 492 0.11 -12.71 -21.58
C SER C 492 0.42 -14.17 -21.91
N PHE C 493 -0.15 -15.14 -21.19
CA PHE C 493 0.11 -16.54 -21.50
C PHE C 493 -0.70 -17.05 -22.68
N ASN C 494 -1.73 -16.32 -23.14
CA ASN C 494 -2.58 -16.71 -24.26
C ASN C 494 -3.17 -18.10 -24.05
N LEU C 495 -3.69 -18.31 -22.85
CA LEU C 495 -4.47 -19.49 -22.55
C LEU C 495 -5.95 -19.17 -22.70
N VAL C 496 -6.74 -20.22 -22.93
CA VAL C 496 -8.19 -20.03 -22.79
C VAL C 496 -8.47 -19.75 -21.32
N ASN C 497 -8.99 -18.58 -20.99
CA ASN C 497 -9.00 -18.30 -19.57
C ASN C 497 -10.31 -17.71 -19.09
N GLY C 498 -10.60 -18.02 -17.83
CA GLY C 498 -11.85 -17.64 -17.22
C GLY C 498 -11.57 -17.04 -15.85
N THR C 499 -12.60 -16.44 -15.27
CA THR C 499 -12.45 -15.89 -13.94
C THR C 499 -13.82 -15.86 -13.29
N GLU C 500 -13.83 -15.75 -11.97
CA GLU C 500 -15.10 -15.70 -11.23
C GLU C 500 -15.86 -14.41 -11.53
N HIS C 501 -17.12 -14.55 -11.99
CA HIS C 501 -18.11 -13.48 -12.10
C HIS C 501 -17.79 -12.46 -13.20
N GLY C 502 -16.65 -11.80 -13.09
CA GLY C 502 -16.24 -10.81 -14.07
C GLY C 502 -16.96 -9.49 -13.90
N GLN C 503 -16.49 -8.50 -14.67
CA GLN C 503 -17.15 -7.21 -14.88
C GLN C 503 -16.77 -6.77 -16.29
N GLU C 504 -17.51 -5.79 -16.83
CA GLU C 504 -17.25 -5.39 -18.22
C GLU C 504 -15.80 -4.92 -18.41
N GLN C 505 -15.21 -4.28 -17.39
CA GLN C 505 -13.85 -3.77 -17.54
C GLN C 505 -12.81 -4.89 -17.71
N TRP C 506 -13.16 -6.11 -17.33
CA TRP C 506 -12.24 -7.24 -17.46
C TRP C 506 -12.42 -8.02 -18.75
N ILE C 507 -13.45 -7.73 -19.56
CA ILE C 507 -13.70 -8.50 -20.77
C ILE C 507 -12.48 -8.57 -21.71
N PRO C 508 -11.65 -7.53 -21.86
CA PRO C 508 -10.51 -7.66 -22.78
C PRO C 508 -9.52 -8.76 -22.41
N TYR C 509 -9.51 -9.24 -21.17
CA TYR C 509 -8.46 -10.13 -20.68
C TYR C 509 -8.87 -11.58 -20.54
N PHE C 510 -10.16 -11.90 -20.69
CA PHE C 510 -10.65 -13.24 -20.42
C PHE C 510 -11.51 -13.72 -21.56
N ASP C 511 -11.63 -15.04 -21.65
CA ASP C 511 -12.53 -15.65 -22.62
C ASP C 511 -13.88 -16.00 -22.01
N MET C 512 -13.92 -16.29 -20.73
CA MET C 512 -15.21 -16.66 -20.13
C MET C 512 -15.30 -16.15 -18.68
N PHE C 513 -16.53 -15.91 -18.24
CA PHE C 513 -16.86 -15.54 -16.87
C PHE C 513 -17.67 -16.67 -16.26
N GLU C 514 -17.31 -17.10 -15.06
CA GLU C 514 -18.10 -18.06 -14.27
C GLU C 514 -19.06 -17.24 -13.41
N GLY C 515 -20.32 -17.15 -13.82
CA GLY C 515 -21.29 -16.30 -13.16
C GLY C 515 -21.81 -15.25 -14.12
N MET C 516 -21.93 -14.02 -13.63
CA MET C 516 -22.73 -13.02 -14.33
C MET C 516 -24.14 -13.56 -14.61
N THR C 517 -24.76 -14.12 -13.56
CA THR C 517 -26.14 -14.59 -13.65
C THR C 517 -26.92 -13.85 -12.57
N TYR C 518 -27.29 -14.49 -11.45
CA TYR C 518 -28.20 -13.94 -10.45
C TYR C 518 -27.75 -14.42 -9.07
N LEU C 519 -27.71 -13.51 -8.10
CA LEU C 519 -27.68 -13.99 -6.71
C LEU C 519 -28.95 -14.80 -6.42
N GLU C 520 -28.90 -15.64 -5.38
CA GLU C 520 -30.12 -16.36 -5.01
C GLU C 520 -31.07 -15.49 -4.18
N ASP C 521 -30.52 -14.71 -3.25
CA ASP C 521 -31.24 -13.81 -2.35
C ASP C 521 -30.78 -12.41 -2.75
N ARG C 522 -31.70 -11.58 -3.25
N ARG C 522 -31.69 -11.58 -3.25
CA ARG C 522 -31.27 -10.27 -3.76
CA ARG C 522 -31.28 -10.28 -3.76
C ARG C 522 -32.42 -9.28 -3.64
C ARG C 522 -32.42 -9.29 -3.63
N PRO C 523 -32.11 -8.00 -3.46
CA PRO C 523 -33.16 -6.98 -3.55
C PRO C 523 -33.83 -7.08 -4.91
N LEU C 524 -35.15 -6.88 -4.90
CA LEU C 524 -36.04 -6.86 -6.04
C LEU C 524 -36.35 -8.26 -6.57
N SER C 525 -35.90 -9.34 -5.92
CA SER C 525 -36.15 -10.65 -6.47
C SER C 525 -37.65 -10.93 -6.57
N VAL C 526 -38.46 -10.44 -5.62
CA VAL C 526 -39.89 -10.80 -5.71
C VAL C 526 -40.70 -9.85 -6.61
N ILE C 527 -40.09 -8.82 -7.18
CA ILE C 527 -40.81 -7.86 -8.03
C ILE C 527 -39.99 -7.58 -9.28
N SER C 528 -39.30 -8.59 -9.83
CA SER C 528 -38.58 -8.40 -11.07
C SER C 528 -38.58 -9.70 -11.86
N HIS C 529 -38.29 -9.60 -13.14
CA HIS C 529 -38.04 -10.76 -13.98
C HIS C 529 -36.61 -10.72 -14.50
N PRO C 530 -35.89 -11.84 -14.46
CA PRO C 530 -34.60 -11.89 -15.15
C PRO C 530 -34.77 -11.52 -16.61
N ALA C 531 -33.87 -10.66 -17.10
CA ALA C 531 -33.72 -10.28 -18.49
C ALA C 531 -32.23 -10.33 -18.83
N PRO C 532 -31.88 -10.75 -20.05
CA PRO C 532 -30.46 -10.95 -20.41
C PRO C 532 -29.78 -9.63 -20.80
N LEU C 533 -29.78 -8.66 -19.88
CA LEU C 533 -29.30 -7.33 -20.27
C LEU C 533 -27.81 -7.33 -20.55
N PHE C 534 -27.03 -7.93 -19.67
CA PHE C 534 -25.59 -7.98 -19.88
C PHE C 534 -25.28 -8.73 -21.18
N ASN C 535 -25.98 -9.84 -21.44
CA ASN C 535 -25.66 -10.62 -22.63
C ASN C 535 -26.18 -9.97 -23.90
N LEU C 536 -27.28 -9.21 -23.82
CA LEU C 536 -27.70 -8.34 -24.93
C LEU C 536 -26.61 -7.35 -25.33
N VAL C 537 -25.75 -6.96 -24.39
CA VAL C 537 -24.63 -6.11 -24.72
C VAL C 537 -23.42 -6.95 -25.14
N TYR C 538 -23.06 -7.95 -24.35
CA TYR C 538 -21.70 -8.49 -24.39
C TYR C 538 -21.59 -9.95 -24.82
N HIS C 539 -22.67 -10.61 -25.23
CA HIS C 539 -22.57 -12.04 -25.57
C HIS C 539 -21.52 -12.33 -26.65
N GLU C 540 -21.35 -11.42 -27.63
CA GLU C 540 -20.34 -11.60 -28.67
C GLU C 540 -18.92 -11.51 -28.15
N ALA C 541 -18.73 -10.93 -26.93
CA ALA C 541 -17.41 -10.57 -26.40
C ALA C 541 -16.94 -11.41 -25.22
N ILE C 542 -17.86 -12.04 -24.51
CA ILE C 542 -17.45 -12.81 -23.33
C ILE C 542 -18.45 -13.94 -23.17
N ALA C 543 -17.94 -15.15 -23.02
CA ALA C 543 -18.78 -16.32 -22.74
C ALA C 543 -19.10 -16.36 -21.25
N ASN C 544 -20.30 -16.78 -20.90
CA ASN C 544 -20.52 -16.97 -19.47
C ASN C 544 -21.17 -18.33 -19.20
N PHE C 545 -20.99 -18.75 -17.95
CA PHE C 545 -21.46 -20.01 -17.44
C PHE C 545 -22.14 -19.74 -16.10
N GLY C 546 -22.94 -20.69 -15.62
CA GLY C 546 -23.58 -20.50 -14.32
C GLY C 546 -22.56 -20.41 -13.19
N LYS C 547 -22.98 -19.76 -12.11
CA LYS C 547 -22.16 -19.59 -10.90
C LYS C 547 -22.01 -20.91 -10.13
N ILE C 548 -20.80 -21.13 -9.58
CA ILE C 548 -20.60 -22.41 -8.89
C ILE C 548 -21.45 -22.54 -7.63
N GLN C 549 -21.79 -21.42 -6.93
CA GLN C 549 -22.65 -21.51 -5.74
C GLN C 549 -24.07 -21.91 -6.07
N ASP C 550 -24.50 -21.66 -7.30
CA ASP C 550 -25.88 -21.84 -7.73
C ASP C 550 -25.89 -22.62 -9.05
N PRO C 551 -25.28 -23.80 -9.08
CA PRO C 551 -25.04 -24.48 -10.35
C PRO C 551 -26.33 -25.11 -10.87
N ASP C 552 -26.26 -25.65 -12.09
CA ASP C 552 -27.47 -26.17 -12.70
C ASP C 552 -27.95 -27.47 -12.08
N ASN C 553 -27.14 -28.13 -11.25
CA ASN C 553 -27.53 -29.34 -10.54
C ASN C 553 -28.11 -29.06 -9.16
N GLU C 554 -28.17 -27.79 -8.71
CA GLU C 554 -28.75 -27.49 -7.42
C GLU C 554 -30.11 -26.84 -7.57
N VAL C 555 -31.01 -27.10 -6.62
CA VAL C 555 -32.33 -26.50 -6.66
C VAL C 555 -32.28 -25.30 -5.73
N THR C 556 -32.52 -24.10 -6.29
CA THR C 556 -32.38 -22.89 -5.48
C THR C 556 -33.51 -21.92 -5.83
N ALA C 557 -33.43 -20.75 -5.22
CA ALA C 557 -34.40 -19.72 -5.56
C ALA C 557 -34.39 -19.40 -7.05
N ASN C 558 -33.30 -19.70 -7.76
CA ASN C 558 -33.22 -19.38 -9.18
C ASN C 558 -33.67 -20.54 -10.05
N GLY C 559 -34.12 -21.64 -9.45
CA GLY C 559 -34.77 -22.69 -10.20
C GLY C 559 -34.10 -24.03 -9.97
N ASP C 560 -34.69 -25.05 -10.59
CA ASP C 560 -34.16 -26.40 -10.67
C ASP C 560 -33.48 -26.57 -12.04
N PHE C 561 -33.19 -27.82 -12.42
CA PHE C 561 -32.50 -28.03 -13.69
C PHE C 561 -33.41 -27.66 -14.87
N ARG C 562 -34.71 -27.95 -14.77
CA ARG C 562 -35.61 -27.62 -15.87
C ARG C 562 -35.55 -26.13 -16.17
N ILE C 563 -35.71 -25.31 -15.14
CA ILE C 563 -35.75 -23.87 -15.35
C ILE C 563 -34.38 -23.34 -15.78
N LYS C 564 -33.31 -23.79 -15.11
CA LYS C 564 -31.98 -23.28 -15.43
C LYS C 564 -31.51 -23.66 -16.85
N ALA C 565 -31.84 -24.87 -17.30
CA ALA C 565 -31.44 -25.28 -18.65
C ALA C 565 -32.17 -24.45 -19.71
N LEU C 566 -33.46 -24.20 -19.50
CA LEU C 566 -34.21 -23.40 -20.46
C LEU C 566 -33.73 -21.95 -20.46
N ARG C 567 -33.51 -21.38 -19.27
CA ARG C 567 -33.01 -20.02 -19.21
C ARG C 567 -31.61 -19.92 -19.83
N SER C 568 -30.76 -20.94 -19.63
N SER C 568 -30.77 -20.95 -19.66
CA SER C 568 -29.44 -20.92 -20.27
CA SER C 568 -29.43 -20.86 -20.25
C SER C 568 -29.55 -20.70 -21.77
C SER C 568 -29.49 -20.76 -21.78
N MET C 569 -30.46 -21.42 -22.42
CA MET C 569 -30.58 -21.32 -23.87
C MET C 569 -31.13 -19.95 -24.28
N LEU C 570 -32.10 -19.43 -23.53
CA LEU C 570 -32.65 -18.10 -23.83
C LEU C 570 -31.60 -17.02 -23.65
N PHE C 571 -30.80 -17.12 -22.61
CA PHE C 571 -29.89 -16.02 -22.28
C PHE C 571 -28.51 -16.19 -22.93
N GLY C 572 -28.21 -17.36 -23.49
CA GLY C 572 -26.94 -17.54 -24.14
C GLY C 572 -25.80 -17.91 -23.21
N ARG C 573 -26.07 -18.64 -22.13
CA ARG C 573 -24.94 -19.05 -21.31
C ARG C 573 -24.76 -20.56 -21.36
N GLY C 574 -23.59 -21.00 -20.87
CA GLY C 574 -23.28 -22.42 -20.83
C GLY C 574 -23.65 -23.05 -19.50
N THR C 575 -23.74 -24.37 -19.52
CA THR C 575 -24.13 -25.20 -18.38
C THR C 575 -22.99 -25.29 -17.38
N THR C 576 -23.33 -25.20 -16.09
CA THR C 576 -22.37 -25.43 -15.01
C THR C 576 -22.88 -26.59 -14.19
N ILE C 577 -22.04 -27.60 -14.01
CA ILE C 577 -22.33 -28.72 -13.14
C ILE C 577 -21.24 -28.70 -12.08
N PHE C 578 -21.59 -28.40 -10.84
CA PHE C 578 -20.59 -28.14 -9.80
C PHE C 578 -20.90 -29.04 -8.63
N PHE C 579 -20.00 -29.96 -8.31
CA PHE C 579 -20.37 -31.05 -7.40
C PHE C 579 -19.18 -31.47 -6.56
N ALA C 580 -19.49 -31.98 -5.36
CA ALA C 580 -18.54 -32.77 -4.59
C ALA C 580 -18.38 -34.16 -5.24
N PRO C 581 -17.17 -34.75 -5.19
CA PRO C 581 -16.96 -36.04 -5.88
C PRO C 581 -18.00 -37.11 -5.53
N TYR C 582 -18.38 -37.24 -4.25
CA TYR C 582 -19.34 -38.28 -3.85
C TYR C 582 -20.69 -38.12 -4.54
N GLU C 583 -21.04 -36.94 -5.01
CA GLU C 583 -22.31 -36.73 -5.71
C GLU C 583 -22.29 -37.18 -7.16
N PHE C 584 -21.13 -37.58 -7.70
CA PHE C 584 -21.01 -37.67 -9.16
C PHE C 584 -22.10 -38.55 -9.79
N GLU C 585 -22.41 -39.70 -9.18
CA GLU C 585 -23.37 -40.59 -9.84
C GLU C 585 -24.73 -39.93 -9.93
N GLY C 586 -25.06 -39.04 -9.00
CA GLY C 586 -26.33 -38.32 -9.11
C GLY C 586 -26.35 -37.22 -10.15
N MET C 587 -25.18 -36.80 -10.66
CA MET C 587 -25.11 -35.81 -11.72
C MET C 587 -25.43 -36.40 -13.11
N ARG C 588 -25.30 -37.72 -13.30
CA ARG C 588 -25.45 -38.31 -14.63
C ARG C 588 -26.71 -37.86 -15.37
N PRO C 589 -27.92 -37.91 -14.80
CA PRO C 589 -29.11 -37.53 -15.60
C PRO C 589 -29.08 -36.10 -16.09
N MET C 590 -28.58 -35.18 -15.27
CA MET C 590 -28.52 -33.79 -15.69
C MET C 590 -27.43 -33.56 -16.71
N ILE C 591 -26.30 -34.27 -16.59
CA ILE C 591 -25.29 -34.16 -17.65
C ILE C 591 -25.86 -34.66 -18.99
N GLU C 592 -26.57 -35.79 -18.98
CA GLU C 592 -27.17 -36.26 -20.23
C GLU C 592 -28.16 -35.24 -20.81
N MET C 593 -29.03 -34.70 -19.97
CA MET C 593 -30.00 -33.74 -20.51
C MET C 593 -29.30 -32.50 -21.03
N ALA C 594 -28.27 -32.03 -20.33
CA ALA C 594 -27.56 -30.83 -20.81
C ALA C 594 -26.86 -31.13 -22.13
N ARG C 595 -26.19 -32.29 -22.21
CA ARG C 595 -25.58 -32.73 -23.47
C ARG C 595 -26.57 -32.73 -24.62
N ASP C 596 -27.80 -33.22 -24.40
CA ASP C 596 -28.73 -33.41 -25.52
C ASP C 596 -29.48 -32.15 -25.90
N LEU C 597 -29.76 -31.28 -24.95
CA LEU C 597 -30.60 -30.10 -25.19
C LEU C 597 -29.79 -28.81 -25.27
N VAL C 598 -29.02 -28.51 -24.22
CA VAL C 598 -28.38 -27.21 -24.11
C VAL C 598 -27.11 -27.13 -24.97
N SER C 599 -26.25 -28.16 -24.90
CA SER C 599 -24.95 -28.07 -25.57
C SER C 599 -25.06 -27.77 -27.06
N PRO C 600 -25.94 -28.41 -27.86
CA PRO C 600 -25.98 -28.06 -29.28
C PRO C 600 -26.37 -26.63 -29.53
N VAL C 601 -27.23 -26.07 -28.69
CA VAL C 601 -27.70 -24.70 -28.87
C VAL C 601 -26.62 -23.71 -28.42
N HIS C 602 -25.98 -23.99 -27.30
CA HIS C 602 -24.85 -23.20 -26.86
C HIS C 602 -23.76 -23.18 -27.93
N LYS C 603 -23.49 -24.34 -28.54
CA LYS C 603 -22.46 -24.42 -29.55
C LYS C 603 -22.80 -23.53 -30.75
N GLU C 604 -24.04 -23.60 -31.23
CA GLU C 604 -24.42 -22.85 -32.42
C GLU C 604 -24.43 -21.33 -32.17
N THR C 605 -24.82 -20.90 -30.96
CA THR C 605 -25.01 -19.49 -30.65
C THR C 605 -23.79 -18.83 -30.03
N PHE C 606 -22.77 -19.62 -29.66
CA PHE C 606 -21.67 -19.14 -28.81
C PHE C 606 -21.07 -17.79 -29.22
N TYR C 607 -20.75 -17.63 -30.51
CA TYR C 607 -20.04 -16.42 -30.96
C TYR C 607 -20.98 -15.30 -31.39
N SER C 608 -22.29 -15.55 -31.35
CA SER C 608 -23.26 -14.68 -32.02
C SER C 608 -23.70 -13.53 -31.11
N GLU C 609 -24.31 -12.52 -31.74
CA GLU C 609 -25.06 -11.52 -31.00
C GLU C 609 -26.40 -12.09 -30.52
N LEU C 610 -26.75 -11.85 -29.26
CA LEU C 610 -28.13 -12.02 -28.80
C LEU C 610 -28.86 -10.78 -29.30
N LYS C 611 -29.53 -10.90 -30.43
CA LYS C 611 -30.10 -9.72 -31.10
C LYS C 611 -31.34 -9.22 -30.38
N SER C 612 -32.19 -10.15 -29.92
CA SER C 612 -33.41 -9.73 -29.26
C SER C 612 -33.84 -10.75 -28.23
N HIS C 613 -34.61 -10.28 -27.26
CA HIS C 613 -35.31 -11.09 -26.26
C HIS C 613 -36.68 -10.45 -26.08
N GLU C 614 -37.71 -11.29 -25.90
CA GLU C 614 -39.06 -10.80 -25.72
C GLU C 614 -39.76 -11.71 -24.73
N TYR C 615 -40.60 -11.12 -23.89
CA TYR C 615 -41.57 -11.88 -23.09
C TYR C 615 -42.86 -12.01 -23.88
N LEU C 616 -43.33 -13.25 -24.06
CA LEU C 616 -44.48 -13.49 -24.92
C LEU C 616 -45.77 -13.82 -24.19
N SER C 617 -45.73 -14.11 -22.89
CA SER C 617 -46.93 -14.41 -22.13
C SER C 617 -47.17 -13.34 -21.07
N ALA C 618 -48.45 -13.20 -20.67
CA ALA C 618 -48.83 -12.18 -19.69
C ALA C 618 -48.07 -12.34 -18.38
N ASP C 619 -47.71 -13.59 -18.01
CA ASP C 619 -46.99 -13.83 -16.75
C ASP C 619 -45.49 -13.84 -16.93
N TYR C 620 -45.00 -13.45 -18.11
CA TYR C 620 -43.57 -13.30 -18.41
C TYR C 620 -42.80 -14.62 -18.38
N LYS C 621 -43.49 -15.78 -18.31
CA LYS C 621 -42.77 -17.06 -18.24
C LYS C 621 -42.41 -17.63 -19.62
N VAL C 622 -43.12 -17.26 -20.68
CA VAL C 622 -42.79 -17.70 -22.04
C VAL C 622 -42.00 -16.60 -22.69
N GLN C 623 -40.83 -16.96 -23.22
CA GLN C 623 -39.90 -15.97 -23.74
C GLN C 623 -39.32 -16.44 -25.06
N ARG C 624 -38.85 -15.49 -25.87
CA ARG C 624 -38.22 -15.77 -27.16
C ARG C 624 -36.93 -14.98 -27.29
N SER C 625 -35.85 -15.68 -27.64
CA SER C 625 -34.56 -15.07 -27.91
C SER C 625 -34.15 -15.38 -29.34
N ARG C 626 -33.51 -14.42 -29.98
CA ARG C 626 -33.02 -14.63 -31.34
C ARG C 626 -31.56 -14.23 -31.42
N PHE C 627 -30.74 -15.12 -31.97
CA PHE C 627 -29.30 -14.92 -32.07
C PHE C 627 -28.90 -14.70 -33.52
N SER C 628 -27.78 -14.01 -33.72
CA SER C 628 -27.36 -13.70 -35.09
C SER C 628 -26.78 -14.90 -35.80
N SER C 629 -26.66 -16.04 -35.12
CA SER C 629 -26.37 -17.28 -35.82
C SER C 629 -27.54 -17.75 -36.67
N GLY C 630 -28.71 -17.14 -36.50
CA GLY C 630 -29.91 -17.67 -37.07
C GLY C 630 -30.67 -18.63 -36.18
N THR C 631 -30.38 -18.63 -34.89
CA THR C 631 -31.01 -19.55 -33.96
C THR C 631 -32.10 -18.80 -33.22
N GLU C 632 -33.29 -19.40 -33.12
CA GLU C 632 -34.37 -18.85 -32.30
C GLU C 632 -34.69 -19.82 -31.16
N VAL C 633 -34.77 -19.31 -29.93
CA VAL C 633 -35.12 -20.14 -28.77
C VAL C 633 -36.42 -19.59 -28.19
N ILE C 634 -37.44 -20.42 -28.12
CA ILE C 634 -38.64 -20.12 -27.35
C ILE C 634 -38.69 -21.10 -26.20
N ALA C 635 -38.92 -20.60 -25.00
CA ALA C 635 -39.01 -21.54 -23.88
C ALA C 635 -40.09 -21.04 -22.93
N ASN C 636 -40.66 -21.99 -22.17
CA ASN C 636 -41.75 -21.73 -21.23
C ASN C 636 -41.21 -22.11 -19.85
N LEU C 637 -40.93 -21.11 -19.00
CA LEU C 637 -40.27 -21.34 -17.72
C LEU C 637 -41.25 -21.61 -16.60
N GLY C 638 -42.52 -21.83 -16.92
CA GLY C 638 -43.56 -22.09 -15.95
C GLY C 638 -44.19 -23.45 -16.18
N PRO C 639 -45.09 -23.87 -15.28
CA PRO C 639 -45.56 -25.26 -15.30
C PRO C 639 -46.70 -25.55 -16.26
N VAL C 640 -47.44 -24.54 -16.73
CA VAL C 640 -48.62 -24.77 -17.56
C VAL C 640 -48.31 -24.43 -19.01
N ALA C 641 -48.84 -25.25 -19.93
CA ALA C 641 -48.70 -24.93 -21.35
C ALA C 641 -49.35 -23.58 -21.64
N GLN C 642 -48.77 -22.81 -22.56
CA GLN C 642 -49.34 -21.52 -22.94
C GLN C 642 -49.21 -21.31 -24.44
N LYS C 643 -50.17 -20.58 -25.00
CA LYS C 643 -50.11 -20.29 -26.44
C LYS C 643 -49.31 -19.02 -26.64
N ILE C 644 -48.55 -18.94 -27.72
CA ILE C 644 -47.86 -17.69 -27.97
C ILE C 644 -48.51 -16.96 -29.12
N GLU C 645 -48.67 -15.66 -28.92
CA GLU C 645 -49.30 -14.77 -29.88
C GLU C 645 -50.64 -15.36 -30.32
N GLY C 646 -51.31 -16.00 -29.35
CA GLY C 646 -52.60 -16.68 -29.52
C GLY C 646 -52.60 -17.90 -30.41
N GLY C 647 -51.42 -18.46 -30.73
CA GLY C 647 -51.33 -19.51 -31.73
C GLY C 647 -50.76 -20.84 -31.25
N ILE C 648 -49.50 -21.08 -31.64
CA ILE C 648 -48.71 -22.25 -31.25
C ILE C 648 -48.63 -22.40 -29.74
N SER C 649 -48.81 -23.62 -29.24
CA SER C 649 -48.75 -23.87 -27.81
C SER C 649 -47.38 -24.39 -27.41
N ILE C 650 -46.84 -23.95 -26.28
CA ILE C 650 -45.58 -24.45 -25.79
C ILE C 650 -45.79 -25.03 -24.40
N PRO C 651 -45.36 -26.27 -24.17
CA PRO C 651 -45.70 -26.95 -22.92
C PRO C 651 -45.00 -26.30 -21.74
N GLY C 652 -45.53 -26.60 -20.55
CA GLY C 652 -44.82 -26.21 -19.34
C GLY C 652 -43.41 -26.79 -19.36
N TYR C 653 -42.44 -25.98 -18.95
CA TYR C 653 -41.01 -26.35 -18.97
C TYR C 653 -40.64 -26.94 -20.33
N GLY C 654 -41.14 -26.29 -21.39
CA GLY C 654 -40.95 -26.76 -22.75
C GLY C 654 -40.21 -25.74 -23.60
N TYR C 655 -39.81 -26.19 -24.79
CA TYR C 655 -39.05 -25.34 -25.68
C TYR C 655 -39.48 -25.60 -27.12
N ARG C 656 -39.20 -24.60 -27.96
CA ARG C 656 -39.37 -24.65 -29.41
C ARG C 656 -38.21 -23.87 -29.98
N ILE C 657 -37.29 -24.58 -30.62
CA ILE C 657 -36.01 -24.03 -31.05
C ILE C 657 -35.90 -24.19 -32.55
N GLN C 658 -35.63 -23.11 -33.24
CA GLN C 658 -35.35 -23.18 -34.68
C GLN C 658 -33.85 -23.01 -34.86
N MET C 659 -33.19 -24.03 -35.40
CA MET C 659 -31.76 -23.98 -35.62
C MET C 659 -31.42 -23.26 -36.93
N LYS C 660 -30.15 -22.86 -37.03
CA LYS C 660 -29.61 -22.18 -38.22
C LYS C 660 -29.99 -22.87 -39.54
N ASP C 661 -29.98 -24.19 -39.55
CA ASP C 661 -30.28 -24.91 -40.79
C ASP C 661 -31.78 -24.98 -41.09
N GLY C 662 -32.60 -24.33 -40.27
CA GLY C 662 -34.03 -24.38 -40.46
C GLY C 662 -34.75 -25.51 -39.73
N SER C 663 -34.03 -26.45 -39.14
CA SER C 663 -34.72 -27.53 -38.45
C SER C 663 -35.34 -27.05 -37.14
N LEU C 664 -36.40 -27.73 -36.72
CA LEU C 664 -37.17 -27.35 -35.53
C LEU C 664 -36.97 -28.41 -34.46
N LYS C 665 -36.59 -28.00 -33.25
CA LYS C 665 -36.53 -28.90 -32.10
C LYS C 665 -37.61 -28.52 -31.10
N THR C 666 -38.44 -29.47 -30.70
CA THR C 666 -39.43 -29.22 -29.67
C THR C 666 -39.33 -30.30 -28.61
N GLY C 667 -39.70 -29.95 -27.38
CA GLY C 667 -39.78 -30.95 -26.33
C GLY C 667 -40.09 -30.27 -25.02
N HIS C 668 -40.01 -31.05 -23.93
CA HIS C 668 -40.34 -30.51 -22.62
C HIS C 668 -39.75 -31.44 -21.55
N PHE C 669 -39.55 -30.88 -20.36
CA PHE C 669 -39.12 -31.66 -19.20
C PHE C 669 -40.31 -32.24 -18.47
N GLN C 670 -40.10 -33.38 -17.84
CA GLN C 670 -41.14 -34.05 -17.09
C GLN C 670 -40.56 -34.49 -15.76
N VAL C 671 -41.31 -34.31 -14.67
CA VAL C 671 -40.94 -34.86 -13.37
C VAL C 671 -41.88 -36.03 -13.12
N SER C 672 -41.33 -37.20 -12.78
CA SER C 672 -42.22 -38.32 -12.55
C SER C 672 -41.82 -39.07 -11.28
N LEU C 673 -42.78 -39.83 -10.78
CA LEU C 673 -42.62 -40.63 -9.58
C LEU C 673 -42.62 -42.10 -9.97
N HIS C 674 -41.58 -42.81 -9.59
CA HIS C 674 -41.46 -44.24 -9.82
C HIS C 674 -41.68 -44.99 -8.50
N MET C 675 -42.86 -45.55 -8.32
CA MET C 675 -43.16 -46.38 -7.16
C MET C 675 -42.81 -47.83 -7.49
N ASP C 676 -41.93 -48.43 -6.69
CA ASP C 676 -41.45 -49.80 -6.98
C ASP C 676 -42.59 -50.79 -6.80
N PRO D 18 -13.65 -21.41 44.82
CA PRO D 18 -14.79 -21.75 43.93
C PRO D 18 -15.96 -22.37 44.69
N ILE D 19 -17.17 -21.90 44.38
CA ILE D 19 -18.38 -22.37 45.01
C ILE D 19 -18.91 -23.54 44.19
N VAL D 20 -19.44 -24.58 44.84
CA VAL D 20 -19.85 -25.78 44.13
C VAL D 20 -21.31 -26.09 44.43
N LEU D 21 -22.11 -26.30 43.37
CA LEU D 21 -23.40 -26.97 43.51
C LEU D 21 -23.26 -28.35 42.89
N GLU D 22 -23.81 -29.37 43.55
CA GLU D 22 -23.63 -30.72 43.00
C GLU D 22 -24.77 -31.62 43.45
N ASN D 23 -25.29 -32.42 42.52
CA ASN D 23 -26.15 -33.54 42.87
C ASN D 23 -25.58 -34.80 42.22
N GLY D 24 -26.41 -35.85 42.17
CA GLY D 24 -25.96 -37.08 41.53
C GLY D 24 -25.66 -36.95 40.04
N LYS D 25 -26.14 -35.89 39.37
CA LYS D 25 -26.03 -35.83 37.92
C LYS D 25 -25.18 -34.69 37.38
N LEU D 26 -25.00 -33.60 38.13
CA LEU D 26 -24.33 -32.39 37.65
C LEU D 26 -23.43 -31.85 38.75
N ASN D 27 -22.30 -31.27 38.35
CA ASN D 27 -21.46 -30.50 39.25
C ASN D 27 -21.33 -29.11 38.64
N ILE D 28 -21.70 -28.08 39.41
CA ILE D 28 -21.66 -26.69 38.98
C ILE D 28 -20.51 -26.03 39.73
N ASN D 29 -19.51 -25.57 39.00
CA ASN D 29 -18.29 -24.99 39.57
C ASN D 29 -18.35 -23.49 39.27
N ILE D 30 -18.51 -22.66 40.31
CA ILE D 30 -18.66 -21.21 40.12
C ILE D 30 -17.37 -20.50 40.57
N ASP D 31 -16.83 -19.67 39.69
CA ASP D 31 -15.63 -18.90 40.01
C ASP D 31 -16.01 -17.72 40.91
N SER D 32 -15.39 -17.64 42.10
CA SER D 32 -15.69 -16.54 43.03
C SER D 32 -15.19 -15.20 42.52
N LYS D 33 -14.17 -15.20 41.68
CA LYS D 33 -13.57 -13.95 41.19
C LYS D 33 -14.39 -13.34 40.06
N THR D 34 -14.93 -14.17 39.15
CA THR D 34 -15.60 -13.69 37.95
C THR D 34 -17.08 -13.96 37.93
N GLY D 35 -17.59 -14.88 38.75
CA GLY D 35 -18.95 -15.34 38.60
C GLY D 35 -19.21 -16.29 37.45
N CYS D 36 -18.22 -16.58 36.61
CA CYS D 36 -18.41 -17.57 35.55
C CYS D 36 -18.61 -18.96 36.16
N PHE D 37 -19.35 -19.82 35.44
CA PHE D 37 -19.52 -21.18 35.95
C PHE D 37 -19.35 -22.21 34.84
N SER D 38 -18.86 -23.38 35.23
CA SER D 38 -18.87 -24.54 34.34
C SER D 38 -19.88 -25.55 34.85
N VAL D 39 -20.36 -26.40 33.95
CA VAL D 39 -21.31 -27.46 34.34
C VAL D 39 -20.73 -28.79 33.87
N THR D 40 -20.41 -29.67 34.82
CA THR D 40 -19.94 -31.01 34.51
C THR D 40 -21.15 -31.95 34.50
N GLU D 41 -21.41 -32.56 33.36
CA GLU D 41 -22.50 -33.52 33.26
C GLU D 41 -21.91 -34.90 33.57
N LYS D 42 -22.22 -35.42 34.77
CA LYS D 42 -21.40 -36.47 35.35
C LYS D 42 -21.62 -37.85 34.71
N THR D 43 -22.72 -38.06 34.01
CA THR D 43 -22.93 -39.37 33.38
C THR D 43 -21.97 -39.57 32.21
N SER D 44 -21.91 -38.59 31.31
CA SER D 44 -20.97 -38.64 30.19
C SER D 44 -19.59 -38.09 30.52
N GLY D 45 -19.48 -37.27 31.58
CA GLY D 45 -18.24 -36.60 31.91
C GLY D 45 -17.97 -35.32 31.14
N HIS D 46 -18.86 -34.94 30.22
CA HIS D 46 -18.65 -33.71 29.46
C HIS D 46 -18.71 -32.47 30.37
N VAL D 47 -17.80 -31.53 30.15
CA VAL D 47 -17.79 -30.26 30.88
C VAL D 47 -18.15 -29.13 29.95
N TRP D 48 -19.26 -28.45 30.26
CA TRP D 48 -19.64 -27.21 29.58
C TRP D 48 -18.86 -26.07 30.22
N LYS D 49 -18.09 -25.36 29.40
CA LYS D 49 -17.19 -24.35 29.93
C LYS D 49 -17.87 -22.98 29.92
N SER D 50 -17.36 -22.09 30.75
CA SER D 50 -17.86 -20.72 30.63
C SER D 50 -17.24 -20.07 29.38
N ASP D 51 -17.60 -18.81 29.14
CA ASP D 51 -17.18 -18.02 27.98
C ASP D 51 -15.72 -18.28 27.61
N PRO D 52 -15.46 -18.93 26.48
CA PRO D 52 -14.06 -19.26 26.10
C PRO D 52 -13.26 -18.05 25.61
N TRP D 53 -13.92 -16.95 25.25
CA TRP D 53 -13.22 -15.82 24.64
C TRP D 53 -12.67 -14.84 25.66
N GLU D 54 -13.54 -14.31 26.54
CA GLU D 54 -13.19 -13.24 27.47
C GLU D 54 -13.41 -13.59 28.94
N ASN D 55 -13.84 -14.80 29.24
CA ASN D 55 -14.22 -15.17 30.61
C ASN D 55 -15.26 -14.20 31.20
N ALA D 56 -16.20 -13.78 30.36
CA ALA D 56 -17.28 -12.88 30.78
C ALA D 56 -18.46 -13.71 31.29
N ALA D 57 -18.88 -13.50 32.54
CA ALA D 57 -20.09 -14.17 33.01
C ALA D 57 -21.34 -13.62 32.30
N GLY D 58 -21.33 -12.32 32.02
CA GLY D 58 -22.40 -11.66 31.29
C GLY D 58 -21.84 -10.47 30.51
N LEU D 59 -22.63 -10.04 29.53
CA LEU D 59 -22.31 -8.87 28.72
C LEU D 59 -23.46 -7.87 28.80
N LEU D 60 -23.18 -6.69 29.31
CA LEU D 60 -24.18 -5.68 29.60
C LEU D 60 -23.95 -4.47 28.72
N THR D 61 -25.01 -4.05 28.01
CA THR D 61 -25.00 -2.80 27.25
C THR D 61 -25.68 -1.72 28.07
N LEU D 62 -25.00 -0.57 28.22
CA LEU D 62 -25.53 0.50 29.04
C LEU D 62 -24.91 1.81 28.56
N THR D 63 -25.59 2.92 28.87
CA THR D 63 -25.03 4.24 28.57
C THR D 63 -23.93 4.60 29.56
N ASP D 64 -22.96 5.39 29.11
CA ASP D 64 -21.90 5.88 29.98
C ASP D 64 -22.21 7.33 30.37
N SER D 65 -21.20 8.01 30.94
CA SER D 65 -21.38 9.39 31.40
C SER D 65 -21.96 10.29 30.30
N LYS D 66 -21.45 10.17 29.08
CA LYS D 66 -21.90 10.99 27.96
C LYS D 66 -23.17 10.47 27.29
N GLY D 67 -23.76 9.38 27.80
CA GLY D 67 -24.93 8.83 27.15
C GLY D 67 -24.66 8.01 25.90
N LYS D 68 -23.42 7.62 25.65
CA LYS D 68 -23.14 6.68 24.57
C LYS D 68 -23.31 5.25 25.09
N LYS D 69 -23.96 4.41 24.29
CA LYS D 69 -24.06 3.00 24.62
C LYS D 69 -22.69 2.33 24.52
N GLN D 70 -22.41 1.46 25.48
CA GLN D 70 -21.20 0.67 25.51
C GLN D 70 -21.58 -0.71 26.03
N THR D 71 -20.82 -1.74 25.64
CA THR D 71 -21.05 -3.10 26.11
C THR D 71 -19.87 -3.53 26.98
N VAL D 72 -20.15 -3.95 28.22
CA VAL D 72 -19.09 -4.25 29.18
C VAL D 72 -19.20 -5.70 29.66
N ASN D 73 -18.04 -6.25 30.03
CA ASN D 73 -17.95 -7.58 30.65
C ASN D 73 -18.23 -7.40 32.14
N ILE D 74 -19.38 -7.90 32.62
CA ILE D 74 -19.73 -7.63 34.01
C ILE D 74 -18.77 -8.30 34.99
N SER D 75 -17.95 -9.26 34.53
CA SER D 75 -17.00 -9.89 35.41
C SER D 75 -15.83 -8.98 35.71
N LYS D 76 -15.77 -7.82 35.04
CA LYS D 76 -14.79 -6.78 35.30
C LYS D 76 -15.33 -5.73 36.26
N SER D 77 -16.46 -5.97 36.88
CA SER D 77 -17.03 -5.00 37.80
C SER D 77 -16.14 -4.82 39.01
N LYS D 78 -16.35 -3.68 39.69
CA LYS D 78 -15.50 -3.35 40.85
C LYS D 78 -15.66 -4.36 41.97
N LYS D 79 -16.87 -4.86 42.19
CA LYS D 79 -17.10 -5.82 43.26
C LYS D 79 -17.99 -6.93 42.73
N ILE D 80 -17.56 -8.17 42.96
CA ILE D 80 -18.33 -9.34 42.59
C ILE D 80 -18.51 -10.17 43.85
N GLU D 81 -19.75 -10.49 44.18
CA GLU D 81 -20.12 -11.19 45.40
C GLU D 81 -20.78 -12.50 45.01
N VAL D 82 -20.15 -13.63 45.36
CA VAL D 82 -20.66 -14.95 45.00
C VAL D 82 -20.76 -15.77 46.28
N SER D 83 -21.96 -16.27 46.58
CA SER D 83 -22.07 -17.01 47.83
C SER D 83 -23.20 -18.03 47.73
N LYS D 84 -23.04 -19.12 48.49
CA LYS D 84 -24.07 -20.15 48.55
C LYS D 84 -25.09 -19.70 49.57
N THR D 85 -26.30 -19.39 49.13
CA THR D 85 -27.33 -18.84 50.03
C THR D 85 -28.40 -19.87 50.40
N ALA D 86 -28.42 -21.03 49.75
CA ALA D 86 -29.23 -22.15 50.19
C ALA D 86 -28.55 -23.45 49.78
N LYS D 87 -29.11 -24.58 50.22
CA LYS D 87 -28.50 -25.87 49.93
C LYS D 87 -28.17 -26.02 48.45
N ASN D 88 -29.05 -25.53 47.57
CA ASN D 88 -28.84 -25.69 46.15
C ASN D 88 -28.94 -24.37 45.39
N THR D 89 -28.65 -23.23 46.04
CA THR D 89 -28.68 -21.92 45.39
C THR D 89 -27.37 -21.21 45.61
N VAL D 90 -26.82 -20.62 44.54
CA VAL D 90 -25.74 -19.65 44.63
C VAL D 90 -26.30 -18.32 44.17
N SER D 91 -26.02 -17.26 44.93
CA SER D 91 -26.40 -15.89 44.58
C SER D 91 -25.16 -15.12 44.15
N LEU D 92 -25.32 -14.34 43.08
CA LEU D 92 -24.24 -13.55 42.51
C LEU D 92 -24.68 -12.09 42.42
N LYS D 93 -23.74 -11.18 42.72
CA LYS D 93 -24.01 -9.76 42.53
C LYS D 93 -22.80 -9.11 41.88
N PHE D 94 -23.07 -8.34 40.83
CA PHE D 94 -22.05 -7.68 40.01
C PHE D 94 -22.28 -6.18 40.22
N ILE D 95 -21.32 -5.52 40.86
CA ILE D 95 -21.52 -4.17 41.37
C ILE D 95 -20.47 -3.27 40.73
N ASP D 96 -20.95 -2.13 40.18
CA ASP D 96 -20.16 -1.08 39.55
C ASP D 96 -19.32 -1.61 38.40
N PRO D 97 -19.95 -1.90 37.25
CA PRO D 97 -19.21 -2.25 36.04
C PRO D 97 -18.22 -1.15 35.63
N VAL D 98 -17.16 -1.57 34.98
CA VAL D 98 -16.09 -0.67 34.55
C VAL D 98 -16.15 -0.52 33.03
N PHE D 99 -16.19 0.73 32.57
CA PHE D 99 -16.21 1.07 31.15
C PHE D 99 -14.82 0.89 30.55
N GLU D 100 -14.77 0.95 29.21
CA GLU D 100 -13.53 0.66 28.50
C GLU D 100 -12.44 1.66 28.88
N ASP D 101 -12.79 2.93 29.07
CA ASP D 101 -11.82 3.97 29.41
C ASP D 101 -11.39 3.96 30.88
N GLY D 102 -11.89 3.03 31.69
CA GLY D 102 -11.52 2.95 33.08
C GLY D 102 -12.48 3.65 34.03
N SER D 103 -13.42 4.44 33.52
CA SER D 103 -14.40 5.02 34.43
C SER D 103 -15.40 3.96 34.88
N VAL D 104 -16.10 4.26 35.96
CA VAL D 104 -16.94 3.29 36.66
C VAL D 104 -18.40 3.69 36.52
N ALA D 105 -19.27 2.72 36.25
CA ALA D 105 -20.73 2.93 36.29
C ALA D 105 -21.22 2.79 37.73
N LYS D 106 -20.91 3.82 38.53
CA LYS D 106 -21.23 3.81 39.96
C LYS D 106 -22.73 3.74 40.17
N GLY D 107 -23.15 2.79 41.02
CA GLY D 107 -24.55 2.60 41.32
C GLY D 107 -25.27 1.59 40.45
N VAL D 108 -24.59 1.03 39.45
CA VAL D 108 -25.14 -0.02 38.60
C VAL D 108 -24.83 -1.37 39.24
N SER D 109 -25.84 -2.25 39.27
CA SER D 109 -25.59 -3.60 39.74
C SER D 109 -26.54 -4.57 39.04
N ILE D 110 -26.08 -5.81 38.94
CA ILE D 110 -26.86 -6.94 38.43
C ILE D 110 -26.78 -8.04 39.49
N ALA D 111 -27.93 -8.56 39.93
CA ALA D 111 -27.98 -9.71 40.83
C ALA D 111 -28.59 -10.90 40.10
N THR D 112 -27.98 -12.08 40.26
CA THR D 112 -28.45 -13.31 39.61
C THR D 112 -28.45 -14.46 40.60
N GLU D 113 -29.09 -15.57 40.20
CA GLU D 113 -29.13 -16.80 41.00
C GLU D 113 -28.94 -18.00 40.09
N LEU D 114 -28.20 -18.99 40.59
CA LEU D 114 -28.11 -20.31 40.00
C LEU D 114 -28.76 -21.27 40.98
N ARG D 115 -29.72 -22.07 40.51
CA ARG D 115 -30.46 -22.97 41.41
C ARG D 115 -30.44 -24.37 40.80
N LEU D 116 -29.75 -25.29 41.47
CA LEU D 116 -29.62 -26.67 41.03
C LEU D 116 -30.79 -27.49 41.56
N ASP D 117 -31.50 -28.19 40.66
CA ASP D 117 -32.52 -29.12 41.13
C ASP D 117 -31.88 -30.16 42.05
N PRO D 118 -32.52 -30.56 43.15
CA PRO D 118 -31.84 -31.49 44.06
C PRO D 118 -31.64 -32.90 43.48
N ASN D 119 -32.36 -33.26 42.42
CA ASN D 119 -32.30 -34.64 41.91
C ASN D 119 -31.98 -34.71 40.43
N ASN D 120 -32.60 -33.86 39.62
CA ASN D 120 -32.53 -33.93 38.18
C ASN D 120 -31.36 -33.11 37.66
N ALA D 121 -31.02 -33.35 36.39
CA ALA D 121 -29.96 -32.57 35.75
C ALA D 121 -30.59 -31.29 35.20
N GLN D 122 -30.94 -30.39 36.11
CA GLN D 122 -31.61 -29.16 35.72
C GLN D 122 -31.03 -28.02 36.57
N LEU D 123 -30.76 -26.89 35.90
CA LEU D 123 -30.20 -25.70 36.54
C LEU D 123 -31.02 -24.51 36.10
N ASP D 124 -31.66 -23.83 37.05
CA ASP D 124 -32.33 -22.56 36.75
C ASP D 124 -31.31 -21.44 36.85
N VAL D 125 -31.37 -20.50 35.93
CA VAL D 125 -30.54 -19.30 35.94
C VAL D 125 -31.48 -18.10 35.85
N GLU D 126 -31.33 -17.15 36.76
CA GLU D 126 -32.28 -16.05 36.80
C GLU D 126 -31.57 -14.74 37.08
N VAL D 127 -31.92 -13.71 36.33
CA VAL D 127 -31.50 -12.34 36.67
C VAL D 127 -32.56 -11.78 37.60
N THR D 128 -32.22 -11.64 38.88
CA THR D 128 -33.24 -11.33 39.89
C THR D 128 -33.40 -9.84 40.14
N GLU D 129 -32.36 -9.03 39.91
CA GLU D 129 -32.46 -7.60 40.16
C GLU D 129 -31.43 -6.84 39.32
N HIS D 130 -31.85 -5.71 38.76
CA HIS D 130 -30.91 -4.79 38.13
C HIS D 130 -31.19 -3.37 38.64
N ARG D 131 -30.12 -2.63 38.90
CA ARG D 131 -30.17 -1.25 39.36
C ARG D 131 -29.29 -0.45 38.44
N SER D 132 -29.81 0.69 37.98
CA SER D 132 -29.15 1.48 36.94
C SER D 132 -28.50 2.76 37.44
N GLY D 133 -28.89 3.26 38.61
CA GLY D 133 -28.33 4.53 39.05
C GLY D 133 -28.70 5.64 38.07
N ASN D 134 -27.71 6.47 37.73
CA ASN D 134 -27.89 7.56 36.76
C ASN D 134 -27.63 7.12 35.33
N PHE D 135 -27.44 5.82 35.10
CA PHE D 135 -27.21 5.32 33.77
C PHE D 135 -28.50 4.66 33.29
N THR D 136 -28.48 4.20 32.05
CA THR D 136 -29.58 3.45 31.48
C THR D 136 -29.08 2.11 30.98
N LEU D 137 -29.74 1.02 31.40
CA LEU D 137 -29.36 -0.33 31.03
C LEU D 137 -30.22 -0.83 29.86
N TYR D 138 -29.57 -1.56 28.93
CA TYR D 138 -30.23 -2.10 27.75
C TYR D 138 -30.04 -3.62 27.76
N ASP D 139 -29.47 -4.21 26.71
CA ASP D 139 -29.29 -5.65 26.62
C ASP D 139 -28.39 -6.20 27.75
N LEU D 140 -28.77 -7.36 28.30
CA LEU D 140 -27.84 -8.17 29.08
C LEU D 140 -27.83 -9.59 28.52
N ARG D 141 -26.68 -10.03 28.04
CA ARG D 141 -26.51 -11.44 27.67
C ARG D 141 -26.08 -12.18 28.93
N TYR D 142 -26.93 -13.04 29.43
CA TYR D 142 -26.54 -13.70 30.68
C TYR D 142 -27.25 -15.03 30.74
N PRO D 143 -26.54 -16.15 30.88
CA PRO D 143 -25.07 -16.29 30.89
C PRO D 143 -24.50 -16.05 29.50
N ALA D 144 -23.31 -15.44 29.42
CA ALA D 144 -22.75 -15.05 28.13
C ALA D 144 -21.89 -16.17 27.57
N ARG D 145 -22.09 -16.46 26.28
CA ARG D 145 -21.31 -17.44 25.53
C ARG D 145 -21.08 -18.70 26.36
N ALA D 146 -22.15 -19.16 27.01
CA ALA D 146 -22.17 -20.40 27.78
C ALA D 146 -22.60 -21.55 26.90
N PHE D 147 -22.32 -22.76 27.38
CA PHE D 147 -22.78 -24.01 26.75
C PHE D 147 -22.32 -24.11 25.30
N SER D 148 -21.11 -23.63 25.04
CA SER D 148 -20.63 -23.53 23.68
C SER D 148 -20.08 -24.88 23.19
N LEU D 149 -20.01 -24.99 21.85
CA LEU D 149 -19.35 -26.09 21.18
C LEU D 149 -18.09 -25.57 20.49
N LYS D 150 -17.00 -26.31 20.59
CA LYS D 150 -15.75 -25.93 19.93
C LYS D 150 -15.78 -26.47 18.51
N THR D 151 -15.76 -25.57 17.54
CA THR D 151 -15.96 -25.94 16.15
C THR D 151 -14.90 -26.96 15.74
N ASP D 152 -15.35 -28.04 15.10
CA ASP D 152 -14.50 -29.09 14.54
C ASP D 152 -13.82 -29.91 15.63
N GLU D 153 -14.13 -29.65 16.89
CA GLU D 153 -13.74 -30.52 18.01
C GLU D 153 -14.96 -31.21 18.59
N ASP D 154 -15.91 -30.42 19.07
CA ASP D 154 -17.24 -30.95 19.32
C ASP D 154 -17.90 -31.26 17.98
N LYS D 155 -18.47 -32.45 17.84
CA LYS D 155 -19.25 -32.79 16.64
C LYS D 155 -20.71 -32.89 17.10
N GLY D 156 -21.46 -31.84 16.82
CA GLY D 156 -22.86 -31.81 17.19
C GLY D 156 -23.48 -30.61 16.54
N ALA D 157 -24.35 -29.88 17.25
CA ALA D 157 -25.05 -28.78 16.61
C ALA D 157 -25.67 -27.86 17.65
N ALA D 158 -25.91 -26.62 17.23
CA ALA D 158 -26.90 -25.79 17.91
C ALA D 158 -28.29 -26.16 17.40
N VAL D 159 -29.28 -25.96 18.25
CA VAL D 159 -30.66 -26.39 17.97
C VAL D 159 -31.56 -25.20 18.18
N ILE D 160 -32.21 -24.74 17.11
CA ILE D 160 -32.89 -23.43 17.13
C ILE D 160 -34.29 -23.61 16.56
N PRO D 161 -35.36 -23.40 17.31
CA PRO D 161 -36.72 -23.57 16.75
C PRO D 161 -37.15 -22.37 15.93
N GLN D 162 -36.36 -22.08 14.89
CA GLN D 162 -36.67 -21.02 13.93
C GLN D 162 -37.75 -21.53 12.98
N LYS D 163 -38.96 -21.00 13.13
CA LYS D 163 -40.18 -21.51 12.50
C LYS D 163 -40.26 -23.02 12.73
N GLN D 164 -40.32 -23.87 11.68
CA GLN D 164 -40.42 -25.30 11.99
C GLN D 164 -39.18 -25.79 12.73
N GLY D 165 -38.01 -25.24 12.42
CA GLY D 165 -36.83 -25.53 13.25
C GLY D 165 -35.61 -25.88 12.41
N VAL D 166 -34.42 -25.63 12.98
CA VAL D 166 -33.18 -25.97 12.29
C VAL D 166 -32.15 -26.48 13.30
N ILE D 167 -31.14 -27.19 12.79
CA ILE D 167 -29.92 -27.37 13.57
C ILE D 167 -28.76 -26.79 12.80
N CYS D 168 -27.72 -26.37 13.53
CA CYS D 168 -26.52 -25.78 12.94
C CYS D 168 -25.32 -26.61 13.41
N PRO D 169 -24.83 -27.52 12.57
CA PRO D 169 -23.65 -28.32 12.91
C PRO D 169 -22.45 -27.48 13.36
N SER D 170 -21.71 -28.01 14.34
CA SER D 170 -20.54 -27.35 14.92
C SER D 170 -19.23 -27.84 14.29
N TYR D 171 -19.27 -28.29 13.04
CA TYR D 171 -18.09 -28.85 12.39
C TYR D 171 -18.38 -28.80 10.89
N ILE D 172 -17.34 -28.87 10.09
CA ILE D 172 -17.54 -28.91 8.64
C ILE D 172 -17.67 -30.37 8.20
N PHE D 173 -18.45 -30.62 7.17
CA PHE D 173 -18.84 -31.97 6.74
C PHE D 173 -19.03 -31.95 5.23
N PRO D 174 -19.01 -33.12 4.58
CA PRO D 174 -19.20 -33.16 3.11
C PRO D 174 -20.60 -32.69 2.69
N MET D 175 -20.68 -31.99 1.56
CA MET D 175 -21.97 -31.56 1.04
C MET D 175 -21.70 -31.07 -0.38
N ASN D 176 -22.76 -30.76 -1.12
CA ASN D 176 -22.54 -30.26 -2.48
C ASN D 176 -21.54 -29.10 -2.48
N GLY D 177 -20.68 -29.02 -3.50
CA GLY D 177 -19.62 -28.01 -3.48
C GLY D 177 -20.11 -26.57 -3.39
N GLY D 178 -21.17 -26.23 -4.11
CA GLY D 178 -21.67 -24.86 -4.00
C GLY D 178 -22.24 -24.54 -2.63
N ARG D 179 -23.00 -25.49 -2.06
CA ARG D 179 -23.49 -25.33 -0.69
C ARG D 179 -22.32 -25.22 0.28
N PHE D 180 -21.27 -26.02 0.06
CA PHE D 180 -20.12 -26.04 0.96
C PHE D 180 -19.43 -24.68 0.97
N CYS D 181 -19.18 -24.11 -0.20
CA CYS D 181 -18.58 -22.77 -0.26
C CYS D 181 -19.43 -21.74 0.52
N LYS D 182 -20.75 -21.72 0.29
CA LYS D 182 -21.58 -20.74 1.01
C LYS D 182 -21.58 -21.03 2.50
N TRP D 183 -21.63 -22.32 2.86
CA TRP D 183 -21.68 -22.70 4.28
C TRP D 183 -20.41 -22.28 5.01
N ASP D 184 -19.26 -22.71 4.51
CA ASP D 184 -18.02 -22.39 5.19
C ASP D 184 -17.81 -20.89 5.26
N ASP D 185 -18.08 -20.19 4.15
CA ASP D 185 -17.84 -18.75 4.11
C ASP D 185 -18.68 -18.03 5.16
N ALA D 186 -19.92 -18.46 5.35
CA ALA D 186 -20.80 -17.76 6.28
C ALA D 186 -20.32 -17.87 7.73
N THR D 187 -19.60 -18.94 8.07
CA THR D 187 -19.04 -19.09 9.42
C THR D 187 -17.89 -18.13 9.66
N TYR D 188 -17.41 -17.44 8.61
CA TYR D 188 -16.37 -16.44 8.73
C TYR D 188 -16.85 -15.02 8.49
N ASN D 189 -18.15 -14.78 8.37
CA ASN D 189 -18.60 -13.41 8.20
C ASN D 189 -19.85 -13.21 9.03
N ASN D 190 -20.55 -12.11 8.78
CA ASN D 190 -21.63 -11.74 9.69
C ASN D 190 -22.88 -12.56 9.50
N LYS D 191 -22.92 -13.42 8.48
CA LYS D 191 -24.06 -14.32 8.33
C LYS D 191 -24.23 -15.26 9.50
N SER D 192 -23.16 -15.56 10.24
CA SER D 192 -23.22 -16.53 11.32
C SER D 192 -23.35 -15.89 12.70
N GLN D 193 -23.67 -14.60 12.80
CA GLN D 193 -23.88 -13.97 14.10
C GLN D 193 -25.04 -12.99 14.01
N GLY D 194 -25.84 -12.90 15.07
CA GLY D 194 -26.96 -11.97 15.12
C GLY D 194 -27.93 -12.42 16.22
N SER D 195 -29.18 -11.97 16.10
CA SER D 195 -30.17 -12.34 17.11
C SER D 195 -31.53 -12.54 16.47
N LEU D 196 -32.35 -13.35 17.14
CA LEU D 196 -33.72 -13.66 16.71
C LEU D 196 -34.68 -13.38 17.87
N GLU D 197 -35.96 -13.18 17.54
CA GLU D 197 -36.98 -12.90 18.54
C GLU D 197 -37.92 -14.09 18.68
N LEU D 198 -38.69 -14.09 19.76
CA LEU D 198 -39.70 -15.13 19.99
C LEU D 198 -41.06 -14.81 19.41
N PHE D 199 -41.70 -15.82 18.80
CA PHE D 199 -43.14 -15.84 18.49
C PHE D 199 -43.52 -14.86 17.39
N ASN D 200 -42.71 -14.78 16.33
CA ASN D 200 -43.17 -14.06 15.14
C ASN D 200 -43.25 -15.00 13.96
N ASN D 201 -43.83 -14.49 12.86
CA ASN D 201 -44.00 -15.30 11.65
C ASN D 201 -42.96 -14.93 10.63
N GLY D 202 -41.93 -14.18 11.05
CA GLY D 202 -40.83 -13.84 10.18
C GLY D 202 -39.62 -14.73 10.46
N THR D 203 -38.51 -14.11 10.87
CA THR D 203 -37.26 -14.87 11.00
C THR D 203 -37.13 -15.59 12.34
N GLY D 204 -38.09 -15.41 13.26
CA GLY D 204 -37.90 -15.75 14.66
C GLY D 204 -38.28 -17.16 15.08
N LEU D 205 -38.29 -17.36 16.42
CA LEU D 205 -38.50 -18.66 17.03
C LEU D 205 -39.98 -18.90 17.31
N THR D 206 -40.37 -20.16 17.26
CA THR D 206 -41.75 -20.53 17.55
C THR D 206 -41.87 -21.26 18.86
N MET D 207 -40.76 -21.56 19.51
CA MET D 207 -40.84 -22.13 20.85
C MET D 207 -39.77 -21.46 21.71
N PRO D 208 -40.01 -21.34 23.00
CA PRO D 208 -39.12 -20.56 23.86
C PRO D 208 -37.98 -21.40 24.41
N TRP D 209 -37.23 -22.04 23.51
CA TRP D 209 -36.08 -22.83 23.97
C TRP D 209 -35.06 -22.91 22.85
N TRP D 210 -33.84 -23.30 23.22
CA TRP D 210 -32.77 -23.54 22.25
C TRP D 210 -31.72 -24.37 22.97
N GLY D 211 -30.76 -24.91 22.22
CA GLY D 211 -29.78 -25.73 22.92
C GLY D 211 -28.58 -26.07 22.06
N THR D 212 -27.65 -26.83 22.65
CA THR D 212 -26.48 -27.29 21.93
C THR D 212 -26.22 -28.74 22.34
N TYR D 213 -25.67 -29.54 21.44
CA TYR D 213 -25.27 -30.88 21.83
C TYR D 213 -24.00 -31.27 21.10
N ASN D 214 -23.27 -32.20 21.70
CA ASN D 214 -22.12 -32.79 21.03
C ASN D 214 -22.33 -34.31 21.06
N GLU D 215 -21.24 -35.06 20.77
CA GLU D 215 -21.38 -36.51 20.75
C GLU D 215 -21.54 -37.09 22.15
N LYS D 216 -21.26 -36.32 23.19
CA LYS D 216 -21.41 -36.83 24.54
C LYS D 216 -22.72 -36.44 25.20
N SER D 217 -23.21 -35.23 24.95
CA SER D 217 -24.15 -34.62 25.90
C SER D 217 -24.89 -33.47 25.22
N ALA D 218 -26.05 -33.13 25.78
CA ALA D 218 -26.91 -32.07 25.24
C ALA D 218 -27.38 -31.18 26.37
N VAL D 219 -27.57 -29.89 26.06
CA VAL D 219 -28.17 -28.95 27.00
C VAL D 219 -29.15 -28.09 26.23
N MET D 220 -30.30 -27.79 26.83
N MET D 220 -30.29 -27.79 26.83
CA MET D 220 -31.24 -26.84 26.25
CA MET D 220 -31.26 -26.86 26.28
C MET D 220 -31.76 -25.96 27.37
C MET D 220 -31.69 -25.93 27.39
N GLY D 221 -32.14 -24.73 27.02
CA GLY D 221 -32.68 -23.78 28.00
C GLY D 221 -34.10 -23.42 27.62
N ILE D 222 -35.01 -23.43 28.61
CA ILE D 222 -36.40 -23.02 28.40
C ILE D 222 -36.62 -21.69 29.08
N VAL D 223 -37.11 -20.70 28.31
CA VAL D 223 -37.32 -19.34 28.80
C VAL D 223 -38.62 -19.31 29.59
N ASP D 224 -38.61 -18.64 30.75
CA ASP D 224 -39.81 -18.43 31.57
C ASP D 224 -40.97 -17.92 30.71
N VAL D 225 -42.18 -18.39 31.03
CA VAL D 225 -43.36 -18.03 30.23
C VAL D 225 -43.62 -16.52 30.26
N SER D 226 -43.15 -15.83 31.30
CA SER D 226 -43.47 -14.42 31.46
C SER D 226 -42.51 -13.49 30.72
N ALA D 227 -41.45 -14.02 30.10
CA ALA D 227 -40.34 -13.19 29.61
C ALA D 227 -40.23 -13.24 28.09
N ARG D 228 -39.62 -12.21 27.52
CA ARG D 228 -39.35 -12.15 26.08
C ARG D 228 -37.92 -11.73 25.80
N PRO D 229 -36.94 -12.53 26.23
CA PRO D 229 -35.57 -12.31 25.74
C PRO D 229 -35.51 -12.50 24.23
N HIS D 230 -34.48 -11.91 23.62
CA HIS D 230 -34.08 -12.34 22.30
C HIS D 230 -33.02 -13.45 22.45
N MET D 231 -32.64 -14.06 21.34
CA MET D 231 -31.64 -15.13 21.36
C MET D 231 -30.52 -14.70 20.44
N GLN D 232 -29.32 -14.53 21.00
CA GLN D 232 -28.10 -14.28 20.20
C GLN D 232 -27.56 -15.60 19.67
N TYR D 233 -27.13 -15.62 18.42
CA TYR D 233 -26.51 -16.83 17.89
C TYR D 233 -25.12 -16.50 17.38
N ASN D 234 -24.24 -17.52 17.43
CA ASN D 234 -22.89 -17.42 16.89
C ASN D 234 -22.56 -18.81 16.37
N ILE D 235 -22.53 -18.97 15.04
CA ILE D 235 -22.51 -20.31 14.48
C ILE D 235 -21.13 -20.54 13.86
N ASN D 236 -20.19 -21.04 14.69
CA ASN D 236 -18.83 -21.39 14.28
C ASN D 236 -18.00 -20.16 13.99
N ASN D 237 -18.44 -19.01 14.44
CA ASN D 237 -17.76 -17.73 14.20
C ASN D 237 -16.74 -17.51 15.31
N ASN D 238 -15.53 -17.04 14.94
CA ASN D 238 -14.47 -16.78 15.92
C ASN D 238 -14.54 -15.37 16.50
N GLY D 239 -15.64 -14.63 16.27
CA GLY D 239 -15.78 -13.31 16.87
C GLY D 239 -15.15 -12.18 16.07
N GLN D 240 -14.74 -12.45 14.82
CA GLN D 240 -14.14 -11.39 14.00
C GLN D 240 -15.04 -10.15 13.96
N TYR D 241 -16.36 -10.33 14.05
CA TYR D 241 -17.25 -9.17 14.03
C TYR D 241 -17.01 -8.20 15.17
N LEU D 242 -16.43 -8.65 16.28
CA LEU D 242 -16.06 -7.80 17.41
C LEU D 242 -14.83 -6.98 17.12
N PHE D 243 -14.10 -7.29 16.06
CA PHE D 243 -12.81 -6.65 15.82
C PHE D 243 -12.74 -5.93 14.48
N ASN D 244 -13.76 -5.98 13.66
CA ASN D 244 -13.61 -5.40 12.33
C ASN D 244 -13.49 -3.90 12.39
N ALA D 245 -14.23 -3.24 13.30
CA ALA D 245 -14.12 -1.78 13.40
C ALA D 245 -12.74 -1.36 13.87
N LYS D 246 -12.08 -2.18 14.68
CA LYS D 246 -10.72 -1.86 15.08
C LYS D 246 -9.71 -2.25 14.01
N GLY D 247 -10.11 -3.03 13.01
CA GLY D 247 -9.17 -3.43 11.98
C GLY D 247 -8.08 -4.34 12.49
N VAL D 248 -8.41 -5.28 13.39
CA VAL D 248 -7.45 -6.28 13.84
C VAL D 248 -8.07 -7.65 13.63
N MET D 249 -7.24 -8.69 13.66
CA MET D 249 -7.75 -10.06 13.53
C MET D 249 -8.22 -10.56 14.90
N SER D 250 -9.29 -11.35 14.91
CA SER D 250 -9.78 -11.91 16.16
C SER D 250 -8.77 -12.90 16.74
N PRO D 251 -8.50 -12.83 18.05
CA PRO D 251 -7.64 -13.84 18.67
C PRO D 251 -8.40 -15.02 19.26
N TYR D 252 -9.71 -15.12 19.00
CA TYR D 252 -10.58 -16.12 19.61
C TYR D 252 -10.76 -17.33 18.71
N GLN D 253 -11.24 -18.40 19.31
CA GLN D 253 -11.47 -19.68 18.66
C GLN D 253 -12.87 -19.72 18.05
N ARG D 254 -13.01 -20.45 16.92
CA ARG D 254 -14.33 -20.67 16.35
C ARG D 254 -15.17 -21.52 17.30
N ILE D 255 -16.36 -21.04 17.65
CA ILE D 255 -17.25 -21.76 18.55
C ILE D 255 -18.69 -21.53 18.14
N VAL D 256 -19.56 -22.38 18.68
CA VAL D 256 -21.02 -22.26 18.54
C VAL D 256 -21.59 -21.89 19.89
N PHE D 257 -22.39 -20.82 19.97
CA PHE D 257 -23.12 -20.56 21.21
C PHE D 257 -24.43 -19.87 20.88
N LEU D 258 -25.37 -19.99 21.82
CA LEU D 258 -26.66 -19.31 21.79
C LEU D 258 -26.89 -18.68 23.16
N ASP D 259 -27.14 -17.37 23.20
CA ASP D 259 -27.27 -16.67 24.48
C ASP D 259 -28.65 -16.03 24.60
N PRO D 260 -29.25 -16.02 25.78
CA PRO D 260 -30.41 -15.13 26.00
C PRO D 260 -29.96 -13.67 26.01
N ILE D 261 -30.78 -12.80 25.42
CA ILE D 261 -30.58 -11.36 25.52
C ILE D 261 -31.76 -10.82 26.32
N TRP D 262 -31.52 -10.43 27.57
CA TRP D 262 -32.56 -9.86 28.40
C TRP D 262 -32.61 -8.38 28.10
N LYS D 263 -33.79 -7.87 27.74
CA LYS D 263 -33.95 -6.48 27.32
C LYS D 263 -34.31 -5.66 28.56
N LEU D 264 -33.30 -5.24 29.32
CA LEU D 264 -33.52 -4.65 30.64
C LEU D 264 -34.30 -3.34 30.55
N ASP D 265 -34.25 -2.67 29.40
CA ASP D 265 -35.00 -1.45 29.12
C ASP D 265 -36.51 -1.69 29.04
N GLN D 266 -36.95 -2.92 28.77
CA GLN D 266 -38.38 -3.17 28.57
C GLN D 266 -38.94 -4.39 29.32
N GLU D 267 -38.11 -5.33 29.77
CA GLU D 267 -38.59 -6.62 30.28
C GLU D 267 -39.22 -6.46 31.67
N LYS D 268 -40.48 -6.87 31.80
CA LYS D 268 -41.16 -6.84 33.10
C LYS D 268 -41.36 -8.20 33.71
N GLY D 269 -41.11 -9.29 33.00
CA GLY D 269 -41.31 -10.61 33.53
C GLY D 269 -40.11 -11.14 34.29
N LYS D 270 -40.22 -12.41 34.67
CA LYS D 270 -39.17 -13.09 35.41
C LYS D 270 -38.09 -13.53 34.42
N MET D 271 -36.88 -13.00 34.59
CA MET D 271 -35.80 -13.26 33.66
C MET D 271 -35.09 -14.56 34.05
N ARG D 272 -35.80 -15.65 33.83
CA ARG D 272 -35.37 -16.98 34.23
C ARG D 272 -35.26 -17.87 33.01
N ILE D 273 -34.17 -18.63 32.92
CA ILE D 273 -34.06 -19.68 31.91
C ILE D 273 -33.75 -20.98 32.64
N SER D 274 -34.44 -22.06 32.24
CA SER D 274 -34.32 -23.36 32.88
C SER D 274 -33.52 -24.30 31.99
N TYR D 275 -32.32 -24.66 32.43
CA TYR D 275 -31.47 -25.52 31.61
C TYR D 275 -31.66 -26.98 32.02
N HIS D 276 -31.80 -27.84 31.01
CA HIS D 276 -31.91 -29.28 31.14
C HIS D 276 -30.74 -29.95 30.43
N PHE D 277 -30.09 -30.88 31.11
CA PHE D 277 -28.91 -31.56 30.63
C PHE D 277 -29.28 -33.01 30.32
N ILE D 278 -28.92 -33.47 29.13
CA ILE D 278 -29.33 -34.79 28.68
C ILE D 278 -28.12 -35.56 28.16
N PRO D 279 -27.59 -36.50 28.92
CA PRO D 279 -26.46 -37.31 28.43
C PRO D 279 -26.86 -38.06 27.17
N GLY D 280 -25.98 -38.02 26.17
CA GLY D 280 -26.25 -38.71 24.92
C GLY D 280 -27.40 -38.14 24.10
N GLY D 281 -27.96 -37.02 24.51
CA GLY D 281 -29.16 -36.51 23.86
C GLY D 281 -28.85 -35.66 22.63
N ASP D 282 -29.90 -35.38 21.85
CA ASP D 282 -29.79 -34.42 20.74
C ASP D 282 -31.08 -33.60 20.67
N TYR D 283 -31.36 -33.03 19.49
CA TYR D 283 -32.53 -32.18 19.34
C TYR D 283 -33.84 -32.93 19.59
N VAL D 284 -33.88 -34.24 19.34
CA VAL D 284 -35.10 -34.99 19.61
C VAL D 284 -35.38 -34.98 21.11
N ASP D 285 -34.37 -35.30 21.91
CA ASP D 285 -34.57 -35.31 23.35
C ASP D 285 -34.97 -33.94 23.87
N MET D 286 -34.32 -32.89 23.37
CA MET D 286 -34.69 -31.53 23.74
C MET D 286 -36.16 -31.26 23.44
N ALA D 287 -36.62 -31.63 22.24
CA ALA D 287 -38.01 -31.36 21.90
C ALA D 287 -38.94 -32.07 22.87
N LYS D 288 -38.59 -33.29 23.29
CA LYS D 288 -39.50 -34.01 24.16
C LYS D 288 -39.49 -33.42 25.57
N VAL D 289 -38.38 -32.84 26.01
CA VAL D 289 -38.40 -32.12 27.29
C VAL D 289 -39.35 -30.94 27.19
N TYR D 290 -39.21 -30.16 26.13
CA TYR D 290 -40.10 -29.00 25.99
C TYR D 290 -41.55 -29.45 25.86
N GLN D 291 -41.81 -30.60 25.22
CA GLN D 291 -43.20 -31.06 25.08
C GLN D 291 -43.89 -31.21 26.44
N LYS D 292 -43.19 -31.71 27.46
CA LYS D 292 -43.78 -31.76 28.79
C LYS D 292 -44.16 -30.37 29.28
N GLU D 293 -43.31 -29.37 29.02
CA GLU D 293 -43.58 -27.99 29.42
C GLU D 293 -44.72 -27.37 28.60
N ALA D 294 -44.78 -27.70 27.29
CA ALA D 294 -45.88 -27.21 26.47
C ALA D 294 -47.22 -27.68 27.03
N LYS D 295 -47.31 -28.93 27.45
CA LYS D 295 -48.55 -29.41 28.04
C LYS D 295 -48.85 -28.69 29.35
N ALA D 296 -47.82 -28.43 30.17
CA ALA D 296 -48.04 -27.71 31.43
C ALA D 296 -48.52 -26.30 31.18
N ARG D 297 -48.09 -25.69 30.09
CA ARG D 297 -48.47 -24.31 29.80
C ARG D 297 -49.84 -24.19 29.18
N GLY D 298 -50.48 -25.29 28.83
CA GLY D 298 -51.82 -25.23 28.31
C GLY D 298 -51.93 -25.17 26.79
N HIS D 299 -50.81 -25.19 26.06
CA HIS D 299 -50.87 -25.08 24.61
C HIS D 299 -51.31 -26.38 23.93
N PHE D 300 -51.10 -27.51 24.58
CA PHE D 300 -51.21 -28.82 23.93
C PHE D 300 -52.63 -29.33 24.12
N VAL D 301 -53.43 -29.20 23.06
CA VAL D 301 -54.75 -29.81 22.93
C VAL D 301 -54.70 -30.74 21.73
N SER D 302 -54.86 -32.04 21.97
CA SER D 302 -54.52 -32.99 20.91
C SER D 302 -55.58 -33.01 19.81
N LEU D 303 -55.14 -33.48 18.63
CA LEU D 303 -56.06 -33.68 17.51
C LEU D 303 -57.10 -34.76 17.84
N GLN D 304 -56.75 -35.72 18.69
CA GLN D 304 -57.73 -36.70 19.14
C GLN D 304 -58.86 -36.05 19.94
N GLU D 305 -58.53 -35.07 20.80
CA GLU D 305 -59.58 -34.37 21.51
C GLU D 305 -60.37 -33.47 20.56
N LYS D 306 -59.69 -32.80 19.62
CA LYS D 306 -60.37 -31.99 18.62
C LYS D 306 -61.30 -32.82 17.75
N LEU D 307 -60.93 -34.07 17.48
CA LEU D 307 -61.75 -34.98 16.69
C LEU D 307 -62.98 -35.43 17.47
N LYS D 308 -62.81 -35.70 18.77
CA LYS D 308 -63.96 -36.04 19.60
C LYS D 308 -64.99 -34.90 19.60
N ARG D 309 -64.53 -33.67 19.63
CA ARG D 309 -65.45 -32.54 19.62
C ARG D 309 -66.10 -32.36 18.25
N ASN D 310 -65.37 -32.68 17.19
CA ASN D 310 -65.82 -32.42 15.82
C ASN D 310 -65.38 -33.57 14.93
N PRO D 311 -66.27 -34.52 14.65
CA PRO D 311 -65.90 -35.64 13.77
C PRO D 311 -65.43 -35.23 12.39
N ASN D 312 -65.76 -34.02 11.92
CA ASN D 312 -65.29 -33.58 10.61
C ASN D 312 -63.79 -33.34 10.53
N VAL D 313 -63.10 -33.28 11.68
CA VAL D 313 -61.64 -33.22 11.68
C VAL D 313 -61.07 -34.36 10.85
N ASN D 314 -61.76 -35.50 10.82
CA ASN D 314 -61.23 -36.65 10.08
C ASN D 314 -61.34 -36.49 8.57
N LYS D 315 -61.80 -35.34 8.09
CA LYS D 315 -61.65 -35.02 6.67
C LYS D 315 -60.25 -34.51 6.33
N LEU D 316 -59.41 -34.25 7.32
CA LEU D 316 -58.07 -33.71 7.07
C LEU D 316 -57.01 -34.76 6.78
N PRO D 317 -56.99 -35.93 7.45
CA PRO D 317 -55.90 -36.88 7.19
C PRO D 317 -55.92 -37.37 5.74
N GLY D 318 -54.80 -37.19 5.05
CA GLY D 318 -54.74 -37.53 3.64
C GLY D 318 -55.26 -36.46 2.71
N ALA D 319 -55.70 -35.32 3.24
CA ALA D 319 -56.22 -34.25 2.38
C ALA D 319 -55.09 -33.43 1.79
N ILE D 320 -55.20 -33.12 0.50
CA ILE D 320 -54.36 -32.09 -0.11
C ILE D 320 -55.03 -30.74 0.12
N TYR D 321 -54.24 -29.75 0.55
CA TYR D 321 -54.74 -28.40 0.71
C TYR D 321 -54.58 -27.67 -0.64
N PHE D 322 -55.71 -27.25 -1.24
CA PHE D 322 -55.73 -26.58 -2.55
C PHE D 322 -56.12 -25.12 -2.32
N GLY D 323 -55.24 -24.18 -2.62
CA GLY D 323 -55.59 -22.79 -2.62
C GLY D 323 -55.78 -22.33 -4.05
N ILE D 324 -56.99 -21.91 -4.38
CA ILE D 324 -57.32 -21.37 -5.71
C ILE D 324 -57.26 -19.85 -5.57
N TYR D 325 -56.19 -19.26 -6.06
CA TYR D 325 -55.90 -17.86 -5.80
C TYR D 325 -56.41 -16.99 -6.96
N GLY D 326 -57.49 -16.23 -6.71
CA GLY D 326 -58.11 -15.45 -7.78
C GLY D 326 -57.73 -13.98 -7.71
N GLY D 327 -56.55 -13.68 -7.12
CA GLY D 327 -56.13 -12.29 -7.07
C GLY D 327 -56.69 -11.52 -5.89
N TYR D 328 -57.43 -12.15 -5.02
CA TYR D 328 -58.07 -11.60 -3.83
C TYR D 328 -57.32 -12.18 -2.63
N PRO D 329 -57.08 -11.42 -1.57
CA PRO D 329 -57.68 -10.14 -1.19
C PRO D 329 -57.05 -8.93 -1.85
N HIS D 330 -55.96 -9.11 -2.62
CA HIS D 330 -55.20 -7.99 -3.16
C HIS D 330 -56.05 -7.13 -4.09
N TYR D 331 -56.94 -7.76 -4.87
CA TYR D 331 -57.78 -7.08 -5.85
C TYR D 331 -59.15 -7.72 -5.84
N VAL D 332 -60.17 -6.93 -6.19
CA VAL D 332 -61.53 -7.44 -6.38
C VAL D 332 -61.72 -7.70 -7.87
N ASN D 333 -62.03 -8.94 -8.21
CA ASN D 333 -62.34 -9.40 -9.57
C ASN D 333 -61.26 -8.95 -10.58
N MET D 334 -60.01 -9.37 -10.30
CA MET D 334 -58.95 -8.92 -11.19
C MET D 334 -58.95 -9.74 -12.50
N PRO D 335 -58.99 -9.08 -13.67
CA PRO D 335 -59.01 -9.84 -14.94
C PRO D 335 -57.76 -10.69 -15.06
N GLY D 336 -57.95 -11.93 -15.54
CA GLY D 336 -56.82 -12.84 -15.71
C GLY D 336 -56.40 -13.58 -14.47
N MET D 337 -57.01 -13.30 -13.33
CA MET D 337 -56.72 -13.97 -12.06
C MET D 337 -58.02 -14.46 -11.38
N ALA D 338 -59.05 -13.62 -11.31
CA ALA D 338 -60.28 -14.05 -10.65
C ALA D 338 -60.89 -15.26 -11.35
N PHE D 339 -61.48 -16.14 -10.57
CA PHE D 339 -62.29 -17.25 -11.07
C PHE D 339 -63.76 -16.92 -10.88
N THR D 340 -64.60 -17.41 -11.79
CA THR D 340 -66.02 -17.42 -11.50
C THR D 340 -66.37 -18.62 -10.64
N PHE D 341 -67.56 -18.60 -10.05
CA PHE D 341 -67.98 -19.73 -9.24
C PHE D 341 -68.21 -20.97 -10.09
N ASP D 342 -68.64 -20.82 -11.34
CA ASP D 342 -68.71 -22.00 -12.21
C ASP D 342 -67.33 -22.55 -12.50
N GLU D 343 -66.33 -21.67 -12.66
CA GLU D 343 -64.97 -22.15 -12.86
C GLU D 343 -64.44 -22.83 -11.60
N LEU D 344 -64.73 -22.27 -10.43
CA LEU D 344 -64.36 -22.94 -9.18
C LEU D 344 -65.01 -24.32 -9.10
N LYS D 345 -66.31 -24.40 -9.37
CA LYS D 345 -66.97 -25.70 -9.35
C LYS D 345 -66.27 -26.70 -10.26
N ASN D 346 -65.86 -26.26 -11.47
N ASN D 346 -65.85 -26.27 -11.46
CA ASN D 346 -65.25 -27.22 -12.40
CA ASN D 346 -65.27 -27.26 -12.36
C ASN D 346 -63.87 -27.66 -11.95
C ASN D 346 -63.85 -27.65 -11.97
N ILE D 347 -63.12 -26.80 -11.25
CA ILE D 347 -61.84 -27.23 -10.68
C ILE D 347 -62.06 -28.29 -9.61
N ILE D 348 -63.04 -28.06 -8.72
CA ILE D 348 -63.37 -29.04 -7.68
C ILE D 348 -63.79 -30.35 -8.33
N LYS D 349 -64.65 -30.27 -9.34
CA LYS D 349 -65.09 -31.48 -10.03
C LYS D 349 -63.90 -32.23 -10.64
N THR D 350 -62.96 -31.50 -11.27
CA THR D 350 -61.85 -32.21 -11.92
C THR D 350 -60.91 -32.84 -10.89
N ILE D 351 -60.67 -32.16 -9.76
CA ILE D 351 -59.83 -32.72 -8.71
C ILE D 351 -60.38 -34.07 -8.24
N HIS D 352 -61.70 -34.17 -8.13
CA HIS D 352 -62.30 -35.40 -7.65
C HIS D 352 -62.47 -36.43 -8.77
N ASP D 353 -63.12 -36.05 -9.86
CA ASP D 353 -63.54 -37.03 -10.85
C ASP D 353 -62.40 -37.49 -11.75
N ASP D 354 -61.45 -36.60 -12.06
CA ASP D 354 -60.39 -36.88 -13.02
C ASP D 354 -59.06 -37.14 -12.35
N LEU D 355 -58.74 -36.42 -11.28
CA LEU D 355 -57.54 -36.69 -10.51
C LEU D 355 -57.77 -37.65 -9.34
N ARG D 356 -59.02 -38.01 -9.05
CA ARG D 356 -59.34 -39.06 -8.07
C ARG D 356 -58.68 -38.82 -6.71
N VAL D 357 -58.64 -37.55 -6.31
CA VAL D 357 -58.24 -37.15 -4.96
C VAL D 357 -59.37 -37.45 -4.00
N ASP D 358 -59.12 -38.32 -3.02
CA ASP D 358 -60.23 -38.73 -2.17
C ASP D 358 -60.55 -37.71 -1.08
N LYS D 359 -59.55 -36.95 -0.63
CA LYS D 359 -59.75 -36.02 0.48
C LYS D 359 -59.05 -34.70 0.17
N ALA D 360 -59.69 -33.58 0.52
CA ALA D 360 -59.14 -32.30 0.09
C ALA D 360 -59.70 -31.19 0.96
N PHE D 361 -58.91 -30.13 1.11
CA PHE D 361 -59.37 -28.88 1.70
C PHE D 361 -59.26 -27.84 0.59
N VAL D 362 -60.40 -27.37 0.09
CA VAL D 362 -60.46 -26.42 -1.03
C VAL D 362 -60.61 -25.03 -0.41
N HIS D 363 -59.66 -24.13 -0.71
CA HIS D 363 -59.62 -22.79 -0.13
C HIS D 363 -59.70 -21.80 -1.28
N ALA D 364 -60.84 -21.08 -1.40
CA ALA D 364 -61.11 -20.26 -2.56
C ALA D 364 -60.84 -18.79 -2.24
N TRP D 365 -59.82 -18.20 -2.88
CA TRP D 365 -59.39 -16.85 -2.53
C TRP D 365 -60.03 -15.91 -3.54
N GLY D 366 -61.16 -15.31 -3.16
CA GLY D 366 -61.87 -14.45 -4.06
C GLY D 366 -63.32 -14.82 -4.26
N THR D 367 -64.14 -14.63 -3.22
CA THR D 367 -65.56 -14.94 -3.30
C THR D 367 -66.44 -13.75 -2.96
N PHE D 368 -65.87 -12.59 -2.56
CA PHE D 368 -66.66 -11.44 -2.14
C PHE D 368 -66.35 -10.25 -3.03
N SER D 369 -67.31 -9.32 -3.13
CA SER D 369 -67.17 -8.16 -3.99
C SER D 369 -66.72 -6.90 -3.24
N ASN D 370 -66.50 -6.99 -1.94
CA ASN D 370 -65.83 -5.93 -1.18
C ASN D 370 -64.44 -6.43 -0.76
N PHE D 371 -63.55 -5.48 -0.44
CA PHE D 371 -62.26 -5.85 0.12
C PHE D 371 -62.39 -6.26 1.57
N VAL D 372 -61.56 -7.21 1.97
CA VAL D 372 -61.41 -7.43 3.41
C VAL D 372 -61.01 -6.09 4.07
N PRO D 373 -61.49 -5.78 5.28
CA PRO D 373 -62.10 -6.73 6.21
C PRO D 373 -63.65 -6.81 6.17
N HIS D 374 -64.25 -6.39 5.07
CA HIS D 374 -65.69 -6.53 4.83
C HIS D 374 -65.87 -7.74 3.93
N ASN D 375 -66.02 -8.91 4.57
CA ASN D 375 -65.95 -10.19 3.88
C ASN D 375 -67.32 -10.58 3.32
N TYR D 376 -67.86 -9.73 2.45
CA TYR D 376 -69.26 -9.87 2.06
C TYR D 376 -69.53 -8.78 1.03
N PRO D 377 -70.56 -8.89 0.19
CA PRO D 377 -71.40 -10.08 0.01
C PRO D 377 -70.72 -11.08 -0.90
N ILE D 378 -71.28 -12.28 -1.04
CA ILE D 378 -70.82 -13.19 -2.09
C ILE D 378 -70.98 -12.48 -3.42
N SER D 379 -69.95 -12.52 -4.26
CA SER D 379 -69.89 -11.64 -5.42
C SER D 379 -70.91 -11.99 -6.50
N GLU D 380 -71.70 -10.98 -6.90
CA GLU D 380 -72.60 -11.12 -8.05
C GLU D 380 -71.81 -11.22 -9.35
N ALA D 381 -70.73 -10.46 -9.49
CA ALA D 381 -69.93 -10.50 -10.72
C ALA D 381 -69.36 -11.89 -11.00
N LEU D 382 -69.05 -12.65 -9.98
CA LEU D 382 -68.50 -13.98 -10.17
C LEU D 382 -69.57 -15.05 -10.30
N GLY D 383 -70.83 -14.68 -10.15
CA GLY D 383 -71.88 -15.65 -10.33
C GLY D 383 -72.96 -15.58 -9.28
N GLY D 384 -72.70 -14.91 -8.16
CA GLY D 384 -73.73 -14.79 -7.14
C GLY D 384 -73.77 -15.94 -6.14
N PRO D 385 -74.56 -15.76 -5.07
CA PRO D 385 -74.61 -16.77 -3.99
C PRO D 385 -74.99 -18.16 -4.43
N GLU D 386 -75.98 -18.33 -5.33
CA GLU D 386 -76.43 -19.69 -5.67
C GLU D 386 -75.31 -20.46 -6.38
N LYS D 387 -74.53 -19.78 -7.21
CA LYS D 387 -73.46 -20.45 -7.93
C LYS D 387 -72.31 -20.81 -7.01
N LEU D 388 -72.00 -19.96 -6.02
CA LEU D 388 -71.01 -20.38 -5.02
C LEU D 388 -71.52 -21.57 -4.21
N LYS D 389 -72.80 -21.52 -3.80
CA LYS D 389 -73.38 -22.64 -3.05
C LYS D 389 -73.32 -23.94 -3.85
N ALA D 390 -73.53 -23.86 -5.18
CA ALA D 390 -73.42 -25.07 -6.00
C ALA D 390 -72.00 -25.63 -5.95
N ALA D 391 -70.99 -24.76 -5.99
CA ALA D 391 -69.62 -25.23 -5.89
C ALA D 391 -69.34 -25.83 -4.53
N VAL D 392 -69.79 -25.16 -3.45
CA VAL D 392 -69.53 -25.70 -2.10
C VAL D 392 -70.30 -27.01 -1.89
N ASP D 393 -71.56 -27.05 -2.33
CA ASP D 393 -72.32 -28.29 -2.23
C ASP D 393 -71.63 -29.45 -2.96
N LEU D 394 -71.03 -29.17 -4.12
CA LEU D 394 -70.31 -30.24 -4.82
C LEU D 394 -69.13 -30.71 -3.98
N ALA D 395 -68.36 -29.77 -3.41
CA ALA D 395 -67.24 -30.15 -2.54
C ALA D 395 -67.72 -31.00 -1.36
N LYS D 396 -68.83 -30.59 -0.73
CA LYS D 396 -69.34 -31.35 0.42
C LYS D 396 -69.83 -32.74 0.00
N SER D 397 -70.37 -32.86 -1.22
CA SER D 397 -70.85 -34.16 -1.71
C SER D 397 -69.71 -35.17 -1.83
N TYR D 398 -68.47 -34.68 -2.04
CA TYR D 398 -67.27 -35.49 -2.07
C TYR D 398 -66.64 -35.69 -0.71
N GLY D 399 -67.17 -35.05 0.34
CA GLY D 399 -66.51 -35.15 1.63
C GLY D 399 -65.33 -34.21 1.78
N TYR D 400 -65.18 -33.23 0.88
CA TYR D 400 -64.11 -32.24 0.97
C TYR D 400 -64.47 -31.16 1.98
N LEU D 401 -63.43 -30.59 2.59
CA LEU D 401 -63.55 -29.34 3.35
C LEU D 401 -63.48 -28.16 2.40
N TYR D 402 -64.24 -27.10 2.74
CA TYR D 402 -64.25 -25.88 1.93
C TYR D 402 -64.16 -24.65 2.84
N SER D 403 -63.35 -23.65 2.46
CA SER D 403 -63.46 -22.32 3.05
C SER D 403 -63.19 -21.26 1.99
N SER D 404 -63.86 -20.13 2.14
CA SER D 404 -63.45 -18.92 1.42
C SER D 404 -62.23 -18.30 2.12
N TYR D 405 -61.59 -17.36 1.42
CA TYR D 405 -60.57 -16.54 2.08
C TYR D 405 -61.28 -15.53 2.99
N HIS D 406 -60.82 -15.41 4.22
CA HIS D 406 -61.32 -14.43 5.17
C HIS D 406 -60.17 -13.69 5.85
N ALA D 407 -60.34 -12.40 6.10
CA ALA D 407 -59.40 -11.69 6.97
C ALA D 407 -60.09 -10.51 7.62
N TYR D 408 -59.80 -10.26 8.90
CA TYR D 408 -60.43 -9.17 9.63
C TYR D 408 -59.44 -8.10 10.05
N SER D 409 -58.13 -8.29 9.74
CA SER D 409 -57.03 -7.37 10.10
C SER D 409 -56.62 -6.34 9.05
N PRO D 410 -56.90 -6.50 7.74
CA PRO D 410 -56.35 -5.55 6.76
C PRO D 410 -57.12 -4.25 6.70
N MET D 411 -56.46 -3.25 6.13
CA MET D 411 -57.11 -1.98 5.82
C MET D 411 -56.33 -1.43 4.62
N LEU D 412 -56.92 -1.55 3.45
CA LEU D 412 -56.14 -1.53 2.21
C LEU D 412 -56.31 -0.21 1.49
N GLU D 413 -55.18 0.34 1.03
CA GLU D 413 -55.14 1.62 0.32
C GLU D 413 -56.07 1.67 -0.89
N ASN D 414 -56.18 0.56 -1.61
CA ASN D 414 -56.96 0.54 -2.85
C ASN D 414 -58.42 0.18 -2.60
N ASP D 415 -58.81 -0.03 -1.34
CA ASP D 415 -60.21 -0.25 -1.00
C ASP D 415 -60.96 1.08 -1.03
N PRO D 416 -62.02 1.22 -1.84
CA PRO D 416 -62.85 2.44 -1.79
C PRO D 416 -63.38 2.80 -0.41
N ASN D 417 -63.51 1.80 0.46
CA ASN D 417 -63.98 1.96 1.84
C ASN D 417 -62.86 2.22 2.84
N PHE D 418 -61.62 2.38 2.38
CA PHE D 418 -60.48 2.58 3.28
C PHE D 418 -60.77 3.75 4.22
N THR D 419 -60.57 3.54 5.53
CA THR D 419 -60.47 4.70 6.43
C THR D 419 -59.46 4.34 7.52
N THR D 420 -58.96 5.36 8.22
CA THR D 420 -58.08 5.09 9.35
C THR D 420 -58.84 4.87 10.66
N ASP D 421 -60.18 4.89 10.65
CA ASP D 421 -60.99 4.82 11.89
C ASP D 421 -60.63 3.60 12.75
N LEU D 422 -60.38 2.46 12.12
CA LEU D 422 -60.18 1.24 12.91
C LEU D 422 -58.70 0.88 13.08
N MET D 423 -57.80 1.76 12.67
CA MET D 423 -56.37 1.54 12.85
C MET D 423 -55.96 2.02 14.25
N GLN D 424 -54.98 1.34 14.83
CA GLN D 424 -54.48 1.73 16.16
C GLN D 424 -53.55 2.92 16.07
N ARG D 425 -53.56 3.79 17.10
CA ARG D 425 -52.59 4.84 17.20
C ARG D 425 -51.73 4.62 18.44
N ASP D 426 -50.50 5.14 18.39
CA ASP D 426 -49.61 5.02 19.55
C ASP D 426 -49.78 6.18 20.51
N ALA D 427 -48.94 6.25 21.56
CA ALA D 427 -49.11 7.28 22.58
C ALA D 427 -48.92 8.68 22.00
N GLU D 428 -48.17 8.81 20.91
CA GLU D 428 -48.01 10.12 20.30
C GLU D 428 -49.12 10.47 19.31
N GLY D 429 -50.17 9.66 19.23
CA GLY D 429 -51.26 9.93 18.30
C GLY D 429 -51.00 9.51 16.87
N LYS D 430 -49.93 8.77 16.61
CA LYS D 430 -49.55 8.41 15.24
C LYS D 430 -50.11 7.05 14.86
N LEU D 431 -50.50 6.88 13.60
CA LEU D 431 -50.97 5.57 13.16
C LEU D 431 -49.87 4.50 13.29
N MET D 432 -50.29 3.31 13.71
CA MET D 432 -49.43 2.15 13.79
C MET D 432 -49.68 1.28 12.57
N ASN D 433 -48.65 0.54 12.14
CA ASN D 433 -48.74 -0.35 10.98
C ASN D 433 -49.07 0.39 9.69
N THR D 434 -48.66 1.64 9.56
CA THR D 434 -48.72 2.24 8.22
C THR D 434 -47.85 1.47 7.24
N GLY D 435 -46.85 0.74 7.73
CA GLY D 435 -45.94 -0.04 6.90
C GLY D 435 -46.40 -1.45 6.58
N SER D 436 -47.60 -1.85 7.05
CA SER D 436 -47.97 -3.26 7.11
C SER D 436 -49.48 -3.36 6.84
N ARG D 437 -49.84 -3.30 5.55
CA ARG D 437 -51.25 -3.09 5.18
C ARG D 437 -52.16 -4.23 5.62
N TRP D 438 -51.62 -5.45 5.75
CA TRP D 438 -52.45 -6.61 6.09
C TRP D 438 -52.76 -6.70 7.58
N ALA D 439 -52.13 -5.90 8.45
CA ALA D 439 -52.36 -6.00 9.90
C ALA D 439 -52.56 -4.60 10.45
N ARG D 440 -53.54 -3.88 9.91
CA ARG D 440 -53.78 -2.52 10.34
C ARG D 440 -54.97 -2.35 11.27
N VAL D 441 -55.96 -3.25 11.24
CA VAL D 441 -57.12 -3.10 12.11
C VAL D 441 -56.74 -3.51 13.54
N ASP D 442 -56.99 -2.64 14.48
CA ASP D 442 -56.75 -2.94 15.89
C ASP D 442 -57.47 -4.24 16.25
N PRO D 443 -56.76 -5.26 16.84
CA PRO D 443 -57.44 -6.51 17.20
C PRO D 443 -58.69 -6.29 18.05
N LYS D 444 -58.78 -5.17 18.76
CA LYS D 444 -59.95 -5.00 19.62
C LYS D 444 -61.25 -4.83 18.81
N PHE D 445 -61.15 -4.58 17.49
CA PHE D 445 -62.33 -4.50 16.62
C PHE D 445 -62.60 -5.75 15.82
N GLN D 446 -61.67 -6.71 15.79
CA GLN D 446 -61.76 -7.74 14.77
C GLN D 446 -62.87 -8.76 15.05
N LYS D 447 -63.18 -9.06 16.31
CA LYS D 447 -64.34 -9.92 16.52
C LYS D 447 -65.61 -9.28 15.93
N GLY D 448 -65.81 -7.99 16.18
CA GLY D 448 -66.99 -7.33 15.65
C GLY D 448 -67.03 -7.33 14.12
N LEU D 449 -65.87 -7.21 13.47
CA LEU D 449 -65.84 -7.32 12.02
C LEU D 449 -66.18 -8.73 11.55
N ALA D 450 -65.71 -9.75 12.26
CA ALA D 450 -66.09 -11.12 11.85
C ALA D 450 -67.58 -11.35 12.08
N GLN D 451 -68.12 -10.80 13.17
CA GLN D 451 -69.54 -10.97 13.46
C GLN D 451 -70.44 -10.35 12.38
N LYS D 452 -69.94 -9.39 11.59
CA LYS D 452 -70.80 -8.75 10.60
C LYS D 452 -71.44 -9.75 9.66
N ASN D 453 -70.69 -10.76 9.19
CA ASN D 453 -71.21 -11.66 8.17
C ASN D 453 -70.84 -13.12 8.32
N ILE D 454 -69.92 -13.51 9.20
CA ILE D 454 -69.46 -14.90 9.11
C ILE D 454 -70.59 -15.88 9.45
N GLU D 455 -71.51 -15.50 10.34
CA GLU D 455 -72.62 -16.40 10.67
C GLU D 455 -73.60 -16.51 9.51
N LYS D 456 -73.77 -15.45 8.73
CA LYS D 456 -74.61 -15.52 7.54
C LYS D 456 -73.99 -16.44 6.49
N GLU D 457 -72.67 -16.37 6.31
CA GLU D 457 -72.02 -17.23 5.33
C GLU D 457 -72.08 -18.69 5.76
N ILE D 458 -71.85 -18.96 7.06
CA ILE D 458 -71.89 -20.32 7.56
C ILE D 458 -73.28 -20.91 7.33
N SER D 459 -74.30 -20.12 7.61
CA SER D 459 -75.66 -20.60 7.50
C SER D 459 -76.07 -20.74 6.03
N TYR D 460 -75.68 -19.80 5.18
CA TYR D 460 -76.11 -19.86 3.79
C TYR D 460 -75.42 -20.99 3.04
N LEU D 461 -74.11 -21.13 3.22
CA LEU D 461 -73.35 -22.15 2.51
C LEU D 461 -73.32 -23.49 3.25
N GLY D 462 -73.81 -23.56 4.50
CA GLY D 462 -73.69 -24.78 5.26
C GLY D 462 -72.25 -25.18 5.46
N LEU D 463 -71.45 -24.19 5.88
CA LEU D 463 -70.01 -24.39 6.01
C LEU D 463 -69.69 -25.42 7.08
N GLU D 464 -68.63 -26.20 6.83
CA GLU D 464 -68.08 -27.14 7.79
C GLU D 464 -66.70 -26.74 8.25
N ALA D 465 -66.14 -25.68 7.67
CA ALA D 465 -64.74 -25.33 7.82
C ALA D 465 -64.58 -23.83 7.63
N ASP D 466 -63.44 -23.33 8.13
CA ASP D 466 -63.09 -21.93 8.02
C ASP D 466 -61.58 -21.79 8.07
N ILE D 467 -61.03 -20.87 7.29
CA ILE D 467 -59.63 -20.46 7.46
C ILE D 467 -59.63 -18.95 7.56
N THR D 468 -58.93 -18.42 8.57
CA THR D 468 -58.82 -16.99 8.79
C THR D 468 -57.36 -16.58 8.65
N ASP D 469 -57.10 -15.53 7.87
CA ASP D 469 -55.74 -15.13 7.53
C ASP D 469 -55.20 -14.15 8.57
N ILE D 470 -53.86 -14.09 8.64
CA ILE D 470 -53.03 -13.03 9.24
C ILE D 470 -53.04 -12.95 10.77
N THR D 471 -54.23 -12.93 11.37
CA THR D 471 -54.36 -12.42 12.74
C THR D 471 -53.61 -13.28 13.73
N PHE D 472 -53.45 -14.59 13.45
CA PHE D 472 -52.84 -15.51 14.41
C PHE D 472 -51.45 -15.99 13.99
N ALA D 473 -50.79 -15.25 13.11
CA ALA D 473 -49.47 -15.68 12.65
C ALA D 473 -48.38 -15.44 13.68
N ALA D 474 -48.65 -14.61 14.69
CA ALA D 474 -47.63 -14.27 15.70
C ALA D 474 -48.27 -14.30 17.09
N TYR D 475 -47.45 -14.05 18.12
CA TYR D 475 -47.98 -13.95 19.48
C TYR D 475 -47.25 -12.77 20.16
N ARG D 476 -47.64 -11.56 19.76
CA ARG D 476 -47.12 -10.35 20.37
C ARG D 476 -48.02 -9.90 21.50
N GLU D 477 -47.46 -9.09 22.40
CA GLU D 477 -48.24 -8.62 23.54
C GLU D 477 -49.32 -7.63 23.10
N ASN D 478 -48.96 -6.65 22.28
CA ASN D 478 -49.91 -5.61 21.91
C ASN D 478 -51.06 -6.19 21.09
N GLY D 479 -52.28 -6.00 21.58
CA GLY D 479 -53.47 -6.48 20.89
C GLY D 479 -53.83 -7.92 21.19
N LYS D 480 -53.08 -8.57 22.08
CA LYS D 480 -53.30 -9.99 22.34
C LYS D 480 -54.71 -10.27 22.82
N GLU D 481 -55.27 -9.39 23.67
CA GLU D 481 -56.60 -9.65 24.19
C GLU D 481 -57.63 -9.67 23.08
N GLY D 482 -57.49 -8.73 22.13
CA GLY D 482 -58.43 -8.71 21.02
C GLY D 482 -58.31 -9.94 20.15
N ARG D 483 -57.08 -10.41 19.93
CA ARG D 483 -56.92 -11.64 19.15
C ARG D 483 -57.52 -12.85 19.85
N ILE D 484 -57.34 -12.95 21.18
CA ILE D 484 -57.94 -14.05 21.94
C ILE D 484 -59.46 -14.01 21.80
N GLU D 485 -60.05 -12.81 21.85
CA GLU D 485 -61.49 -12.68 21.71
C GLU D 485 -61.95 -13.18 20.35
N LEU D 486 -61.22 -12.83 19.28
CA LEU D 486 -61.56 -13.35 17.96
C LEU D 486 -61.37 -14.86 17.91
N ALA D 487 -60.25 -15.36 18.44
CA ALA D 487 -60.00 -16.80 18.40
C ALA D 487 -61.11 -17.58 19.09
N LYS D 488 -61.53 -17.11 20.28
CA LYS D 488 -62.63 -17.76 21.00
C LYS D 488 -63.92 -17.69 20.21
N TYR D 489 -64.17 -16.57 19.51
CA TYR D 489 -65.40 -16.46 18.72
C TYR D 489 -65.41 -17.44 17.55
N ILE D 490 -64.34 -17.49 16.76
CA ILE D 490 -64.26 -18.45 15.65
C ILE D 490 -64.36 -19.88 16.18
N ASP D 491 -63.65 -20.18 17.28
CA ASP D 491 -63.67 -21.55 17.82
C ASP D 491 -65.07 -21.95 18.28
N SER D 492 -65.88 -20.99 18.74
CA SER D 492 -67.22 -21.30 19.22
C SER D 492 -68.09 -21.93 18.14
N PHE D 493 -67.74 -21.78 16.85
CA PHE D 493 -68.55 -22.36 15.79
C PHE D 493 -68.33 -23.85 15.62
N ASN D 494 -67.28 -24.40 16.23
CA ASN D 494 -66.93 -25.81 16.11
C ASN D 494 -66.87 -26.24 14.64
N LEU D 495 -66.20 -25.44 13.82
CA LEU D 495 -65.83 -25.80 12.46
C LEU D 495 -64.40 -26.35 12.44
N VAL D 496 -64.12 -27.17 11.43
CA VAL D 496 -62.73 -27.56 11.19
C VAL D 496 -62.03 -26.29 10.75
N ASN D 497 -61.09 -25.78 11.54
CA ASN D 497 -60.68 -24.43 11.21
C ASN D 497 -59.17 -24.29 11.21
N GLY D 498 -58.71 -23.40 10.33
CA GLY D 498 -57.30 -23.20 10.10
C GLY D 498 -56.97 -21.72 10.18
N THR D 499 -55.67 -21.44 10.15
CA THR D 499 -55.25 -20.05 10.14
C THR D 499 -53.84 -19.99 9.58
N GLU D 500 -53.46 -18.80 9.10
CA GLU D 500 -52.12 -18.60 8.57
C GLU D 500 -51.06 -18.76 9.65
N HIS D 501 -50.10 -19.66 9.39
CA HIS D 501 -48.85 -19.83 10.14
C HIS D 501 -49.06 -20.37 11.54
N GLY D 502 -49.79 -19.66 12.41
CA GLY D 502 -50.02 -20.12 13.77
C GLY D 502 -48.86 -19.83 14.69
N GLN D 503 -49.10 -20.01 16.00
CA GLN D 503 -48.08 -20.08 17.05
C GLN D 503 -48.59 -21.08 18.08
N GLU D 504 -47.70 -21.54 18.96
CA GLU D 504 -48.12 -22.55 19.94
C GLU D 504 -49.28 -22.05 20.79
N GLN D 505 -49.33 -20.74 21.07
CA GLN D 505 -50.39 -20.20 21.93
C GLN D 505 -51.77 -20.28 21.29
N TRP D 506 -51.84 -20.41 19.97
CA TRP D 506 -53.11 -20.52 19.28
C TRP D 506 -53.55 -21.96 19.05
N ILE D 507 -52.70 -22.94 19.37
CA ILE D 507 -53.04 -24.35 19.13
C ILE D 507 -54.39 -24.76 19.73
N PRO D 508 -54.80 -24.23 20.89
CA PRO D 508 -56.09 -24.68 21.46
C PRO D 508 -57.32 -24.29 20.64
N TYR D 509 -57.20 -23.34 19.71
CA TYR D 509 -58.36 -22.80 19.01
C TYR D 509 -58.50 -23.25 17.57
N PHE D 510 -57.53 -24.00 17.02
CA PHE D 510 -57.51 -24.33 15.61
C PHE D 510 -57.20 -25.81 15.43
N ASP D 511 -57.60 -26.33 14.28
CA ASP D 511 -57.25 -27.68 13.88
C ASP D 511 -56.02 -27.72 12.98
N MET D 512 -55.76 -26.66 12.21
CA MET D 512 -54.62 -26.73 11.30
C MET D 512 -53.99 -25.35 11.12
N PHE D 513 -52.69 -25.36 10.81
CA PHE D 513 -51.91 -24.16 10.51
C PHE D 513 -51.44 -24.25 9.06
N GLU D 514 -51.65 -23.18 8.29
CA GLU D 514 -51.07 -23.05 6.94
C GLU D 514 -49.72 -22.37 7.09
N GLY D 515 -48.63 -23.14 7.01
CA GLY D 515 -47.31 -22.63 7.28
C GLY D 515 -46.68 -23.39 8.44
N MET D 516 -45.98 -22.68 9.31
CA MET D 516 -45.11 -23.33 10.30
C MET D 516 -44.15 -24.26 9.57
N THR D 517 -43.54 -23.72 8.50
CA THR D 517 -42.50 -24.45 7.77
C THR D 517 -41.23 -23.60 7.75
N TYR D 518 -40.87 -22.97 6.60
CA TYR D 518 -39.62 -22.21 6.49
C TYR D 518 -39.85 -20.97 5.66
N LEU D 519 -39.25 -19.84 6.07
CA LEU D 519 -39.12 -18.74 5.11
C LEU D 519 -38.22 -19.17 3.94
N GLU D 520 -38.38 -18.52 2.78
CA GLU D 520 -37.46 -18.81 1.68
C GLU D 520 -36.08 -18.20 1.93
N ASP D 521 -36.03 -16.94 2.32
CA ASP D 521 -34.80 -16.22 2.64
C ASP D 521 -34.84 -15.97 4.15
N ARG D 522 -33.81 -16.44 4.88
CA ARG D 522 -33.85 -16.33 6.34
C ARG D 522 -32.41 -16.31 6.85
N PRO D 523 -32.16 -15.63 7.98
CA PRO D 523 -30.87 -15.81 8.68
C PRO D 523 -30.63 -17.28 8.94
N LEU D 524 -29.39 -17.71 8.74
CA LEU D 524 -28.89 -19.06 8.98
C LEU D 524 -29.23 -20.02 7.83
N SER D 525 -29.83 -19.56 6.74
CA SER D 525 -30.28 -20.54 5.77
C SER D 525 -29.10 -21.31 5.15
N VAL D 526 -27.93 -20.67 4.99
CA VAL D 526 -26.80 -21.38 4.37
C VAL D 526 -25.94 -22.15 5.36
N ILE D 527 -26.24 -22.11 6.66
CA ILE D 527 -25.44 -22.82 7.66
C ILE D 527 -26.35 -23.58 8.62
N SER D 528 -27.47 -24.08 8.10
CA SER D 528 -28.35 -24.88 8.93
C SER D 528 -29.01 -25.96 8.09
N HIS D 529 -29.57 -26.95 8.78
CA HIS D 529 -30.43 -27.96 8.16
C HIS D 529 -31.82 -27.87 8.77
N PRO D 530 -32.88 -27.87 7.96
CA PRO D 530 -34.23 -28.02 8.54
C PRO D 530 -34.31 -29.29 9.38
N ALA D 531 -34.99 -29.16 10.53
CA ALA D 531 -35.25 -30.24 11.49
C ALA D 531 -36.68 -30.03 11.98
N PRO D 532 -37.43 -31.08 12.16
CA PRO D 532 -38.86 -30.91 12.50
C PRO D 532 -39.08 -30.65 13.99
N LEU D 533 -38.46 -29.59 14.52
CA LEU D 533 -38.52 -29.35 15.97
C LEU D 533 -39.94 -29.04 16.44
N PHE D 534 -40.63 -28.15 15.74
CA PHE D 534 -41.99 -27.81 16.14
C PHE D 534 -42.89 -29.06 16.11
N ASN D 535 -42.79 -29.87 15.05
CA ASN D 535 -43.66 -31.05 14.95
C ASN D 535 -43.22 -32.16 15.91
N LEU D 536 -41.93 -32.23 16.25
CA LEU D 536 -41.50 -33.16 17.30
C LEU D 536 -42.19 -32.83 18.62
N VAL D 537 -42.58 -31.58 18.81
CA VAL D 537 -43.35 -31.22 20.01
C VAL D 537 -44.84 -31.41 19.78
N TYR D 538 -45.36 -30.82 18.67
CA TYR D 538 -46.79 -30.53 18.56
C TYR D 538 -47.51 -31.30 17.47
N HIS D 539 -46.87 -32.26 16.77
CA HIS D 539 -47.58 -32.93 15.66
C HIS D 539 -48.89 -33.58 16.12
N GLU D 540 -48.96 -34.08 17.36
CA GLU D 540 -50.22 -34.66 17.83
C GLU D 540 -51.32 -33.64 18.08
N ALA D 541 -51.00 -32.35 18.10
CA ALA D 541 -51.95 -31.33 18.54
C ALA D 541 -52.36 -30.36 17.45
N ILE D 542 -51.58 -30.21 16.38
CA ILE D 542 -51.95 -29.28 15.33
C ILE D 542 -51.42 -29.84 13.99
N ALA D 543 -52.29 -29.87 12.99
CA ALA D 543 -51.89 -30.28 11.65
C ALA D 543 -51.25 -29.09 10.95
N ASN D 544 -50.16 -29.31 10.23
CA ASN D 544 -49.73 -28.17 9.42
C ASN D 544 -49.60 -28.59 7.97
N PHE D 545 -49.65 -27.57 7.12
CA PHE D 545 -49.55 -27.69 5.67
C PHE D 545 -48.51 -26.68 5.20
N GLY D 546 -48.05 -26.84 3.95
CA GLY D 546 -47.10 -25.86 3.41
C GLY D 546 -47.70 -24.46 3.31
N LYS D 547 -46.80 -23.47 3.31
CA LYS D 547 -47.17 -22.05 3.20
C LYS D 547 -47.58 -21.69 1.76
N ILE D 548 -48.62 -20.86 1.62
CA ILE D 548 -49.11 -20.53 0.28
C ILE D 548 -48.07 -19.75 -0.55
N GLN D 549 -47.19 -18.94 0.08
CA GLN D 549 -46.18 -18.23 -0.70
C GLN D 549 -45.11 -19.18 -1.28
N ASP D 550 -44.92 -20.33 -0.64
CA ASP D 550 -43.85 -21.27 -0.98
C ASP D 550 -44.46 -22.67 -1.14
N PRO D 551 -45.45 -22.81 -2.03
CA PRO D 551 -46.23 -24.06 -2.05
C PRO D 551 -45.45 -25.18 -2.72
N ASP D 552 -46.03 -26.39 -2.66
CA ASP D 552 -45.26 -27.52 -3.17
C ASP D 552 -45.16 -27.53 -4.69
N ASN D 553 -45.95 -26.71 -5.39
CA ASN D 553 -45.84 -26.61 -6.85
C ASN D 553 -44.87 -25.51 -7.33
N GLU D 554 -44.28 -24.74 -6.44
CA GLU D 554 -43.32 -23.70 -6.84
C GLU D 554 -41.90 -24.16 -6.55
N VAL D 555 -40.95 -23.76 -7.39
CA VAL D 555 -39.55 -24.09 -7.14
C VAL D 555 -38.92 -22.91 -6.43
N THR D 556 -38.41 -23.12 -5.24
CA THR D 556 -37.89 -21.98 -4.46
C THR D 556 -36.62 -22.41 -3.74
N ALA D 557 -36.09 -21.48 -2.94
CA ALA D 557 -34.93 -21.81 -2.10
C ALA D 557 -35.15 -23.03 -1.24
N ASN D 558 -36.40 -23.34 -0.87
CA ASN D 558 -36.74 -24.51 -0.07
C ASN D 558 -37.02 -25.77 -0.89
N GLY D 559 -36.85 -25.73 -2.20
CA GLY D 559 -36.86 -26.96 -2.96
C GLY D 559 -37.86 -26.94 -4.08
N ASP D 560 -37.85 -28.03 -4.84
CA ASP D 560 -38.84 -28.31 -5.88
C ASP D 560 -39.85 -29.31 -5.32
N PHE D 561 -40.67 -29.90 -6.20
CA PHE D 561 -41.70 -30.80 -5.67
C PHE D 561 -41.08 -32.08 -5.10
N ARG D 562 -40.03 -32.60 -5.77
CA ARG D 562 -39.36 -33.80 -5.24
C ARG D 562 -38.94 -33.59 -3.79
N ILE D 563 -38.21 -32.52 -3.54
CA ILE D 563 -37.69 -32.25 -2.21
C ILE D 563 -38.83 -31.96 -1.22
N LYS D 564 -39.78 -31.13 -1.64
CA LYS D 564 -40.83 -30.75 -0.69
C LYS D 564 -41.73 -31.92 -0.35
N ALA D 565 -42.04 -32.76 -1.33
CA ALA D 565 -42.89 -33.91 -1.06
C ALA D 565 -42.22 -34.86 -0.06
N LEU D 566 -40.94 -35.13 -0.29
CA LEU D 566 -40.23 -36.02 0.63
C LEU D 566 -40.11 -35.40 2.02
N ARG D 567 -39.78 -34.12 2.09
CA ARG D 567 -39.69 -33.49 3.40
C ARG D 567 -41.04 -33.49 4.12
N SER D 568 -42.15 -33.33 3.35
N SER D 568 -42.15 -33.34 3.37
CA SER D 568 -43.47 -33.32 3.99
CA SER D 568 -43.44 -33.29 4.05
C SER D 568 -43.68 -34.60 4.77
C SER D 568 -43.76 -34.61 4.75
N MET D 569 -43.34 -35.74 4.15
CA MET D 569 -43.55 -37.03 4.80
C MET D 569 -42.64 -37.20 6.01
N LEU D 570 -41.39 -36.74 5.90
CA LEU D 570 -40.47 -36.82 7.04
C LEU D 570 -40.96 -35.95 8.19
N PHE D 571 -41.49 -34.76 7.87
CA PHE D 571 -41.78 -33.79 8.93
C PHE D 571 -43.22 -33.89 9.42
N GLY D 572 -44.08 -34.62 8.72
CA GLY D 572 -45.43 -34.81 9.17
C GLY D 572 -46.37 -33.69 8.77
N ARG D 573 -46.11 -33.00 7.66
CA ARG D 573 -47.07 -32.00 7.20
C ARG D 573 -47.77 -32.45 5.93
N GLY D 574 -48.88 -31.72 5.60
CA GLY D 574 -49.68 -32.02 4.43
C GLY D 574 -49.25 -31.19 3.23
N THR D 575 -49.69 -31.64 2.07
CA THR D 575 -49.35 -31.01 0.79
C THR D 575 -50.15 -29.74 0.60
N THR D 576 -49.48 -28.72 0.06
CA THR D 576 -50.13 -27.48 -0.34
C THR D 576 -49.91 -27.26 -1.83
N ILE D 577 -51.00 -27.16 -2.59
CA ILE D 577 -50.94 -26.82 -4.00
C ILE D 577 -51.64 -25.48 -4.12
N PHE D 578 -50.89 -24.41 -4.47
CA PHE D 578 -51.43 -23.05 -4.42
C PHE D 578 -51.20 -22.41 -5.77
N PHE D 579 -52.27 -22.03 -6.46
CA PHE D 579 -52.13 -21.69 -7.88
C PHE D 579 -53.14 -20.64 -8.31
N ALA D 580 -52.73 -19.81 -9.30
CA ALA D 580 -53.70 -19.02 -10.06
C ALA D 580 -54.50 -19.96 -10.95
N PRO D 581 -55.79 -19.66 -11.19
CA PRO D 581 -56.61 -20.61 -11.98
C PRO D 581 -56.02 -20.94 -13.33
N TYR D 582 -55.34 -20.00 -14.01
CA TYR D 582 -54.82 -20.31 -15.34
C TYR D 582 -53.72 -21.38 -15.29
N GLU D 583 -53.10 -21.60 -14.14
CA GLU D 583 -52.08 -22.63 -14.03
C GLU D 583 -52.64 -24.02 -13.82
N PHE D 584 -53.95 -24.18 -13.62
CA PHE D 584 -54.44 -25.47 -13.11
C PHE D 584 -53.94 -26.70 -13.90
N GLU D 585 -54.04 -26.67 -15.22
CA GLU D 585 -53.62 -27.86 -15.97
C GLU D 585 -52.17 -28.24 -15.69
N GLY D 586 -51.32 -27.26 -15.42
CA GLY D 586 -49.93 -27.61 -15.07
C GLY D 586 -49.76 -28.19 -13.67
N MET D 587 -50.77 -28.11 -12.83
CA MET D 587 -50.70 -28.71 -11.50
C MET D 587 -50.99 -30.20 -11.51
N ARG D 588 -51.68 -30.70 -12.55
CA ARG D 588 -52.09 -32.11 -12.56
C ARG D 588 -50.98 -33.09 -12.21
N PRO D 589 -49.79 -33.05 -12.82
CA PRO D 589 -48.77 -34.06 -12.45
C PRO D 589 -48.39 -34.06 -10.98
N MET D 590 -48.30 -32.86 -10.39
CA MET D 590 -47.91 -32.78 -8.99
C MET D 590 -49.05 -33.20 -8.09
N ILE D 591 -50.29 -32.87 -8.44
CA ILE D 591 -51.42 -33.39 -7.68
C ILE D 591 -51.41 -34.93 -7.67
N GLU D 592 -51.20 -35.54 -8.84
CA GLU D 592 -51.16 -37.01 -8.91
C GLU D 592 -50.05 -37.59 -8.06
N MET D 593 -48.84 -36.99 -8.15
CA MET D 593 -47.75 -37.53 -7.35
C MET D 593 -48.01 -37.34 -5.87
N ALA D 594 -48.58 -36.20 -5.47
CA ALA D 594 -48.87 -35.99 -4.04
C ALA D 594 -49.90 -36.99 -3.57
N ARG D 595 -50.91 -37.24 -4.42
CA ARG D 595 -51.96 -38.20 -4.12
C ARG D 595 -51.42 -39.59 -3.90
N ASP D 596 -50.47 -40.01 -4.75
CA ASP D 596 -49.94 -41.37 -4.72
C ASP D 596 -48.99 -41.58 -3.55
N LEU D 597 -48.12 -40.60 -3.29
CA LEU D 597 -47.01 -40.78 -2.37
C LEU D 597 -47.29 -40.18 -0.99
N VAL D 598 -47.63 -38.89 -0.96
CA VAL D 598 -47.70 -38.17 0.30
C VAL D 598 -49.00 -38.47 1.02
N SER D 599 -50.14 -38.40 0.32
CA SER D 599 -51.44 -38.49 1.00
C SER D 599 -51.60 -39.74 1.85
N PRO D 600 -51.25 -40.95 1.38
CA PRO D 600 -51.43 -42.13 2.26
C PRO D 600 -50.58 -42.09 3.52
N VAL D 601 -49.38 -41.53 3.43
CA VAL D 601 -48.50 -41.42 4.58
C VAL D 601 -49.01 -40.33 5.53
N HIS D 602 -49.42 -39.19 4.97
CA HIS D 602 -50.05 -38.14 5.78
C HIS D 602 -51.28 -38.68 6.51
N LYS D 603 -52.15 -39.41 5.78
CA LYS D 603 -53.34 -39.98 6.39
C LYS D 603 -53.00 -40.88 7.56
N GLU D 604 -52.04 -41.79 7.37
CA GLU D 604 -51.75 -42.77 8.42
C GLU D 604 -51.10 -42.13 9.63
N THR D 605 -50.29 -41.09 9.44
CA THR D 605 -49.53 -40.51 10.54
C THR D 605 -50.17 -39.29 11.18
N PHE D 606 -51.28 -38.80 10.59
CA PHE D 606 -51.88 -37.50 10.95
C PHE D 606 -52.02 -37.29 12.46
N TYR D 607 -52.55 -38.27 13.18
CA TYR D 607 -52.87 -38.04 14.59
C TYR D 607 -51.72 -38.41 15.50
N SER D 608 -50.63 -38.91 14.96
CA SER D 608 -49.67 -39.59 15.80
C SER D 608 -48.59 -38.63 16.30
N GLU D 609 -47.78 -39.15 17.23
CA GLU D 609 -46.58 -38.46 17.64
C GLU D 609 -45.47 -38.70 16.63
N LEU D 610 -44.77 -37.63 16.24
CA LEU D 610 -43.49 -37.80 15.54
C LEU D 610 -42.47 -38.14 16.63
N LYS D 611 -42.20 -39.44 16.81
CA LYS D 611 -41.42 -39.86 17.97
C LYS D 611 -39.95 -39.47 17.81
N SER D 612 -39.41 -39.60 16.61
CA SER D 612 -38.00 -39.29 16.38
C SER D 612 -37.77 -38.89 14.94
N HIS D 613 -36.71 -38.11 14.74
CA HIS D 613 -36.19 -37.78 13.43
C HIS D 613 -34.69 -37.94 13.56
N GLU D 614 -34.05 -38.47 12.51
CA GLU D 614 -32.61 -38.69 12.48
C GLU D 614 -32.05 -38.32 11.13
N TYR D 615 -30.81 -37.83 11.13
CA TYR D 615 -30.03 -37.71 9.91
C TYR D 615 -29.17 -38.95 9.75
N LEU D 616 -29.22 -39.57 8.57
CA LEU D 616 -28.57 -40.86 8.39
C LEU D 616 -27.37 -40.83 7.45
N SER D 617 -27.02 -39.66 6.92
CA SER D 617 -25.88 -39.51 6.03
C SER D 617 -25.04 -38.33 6.50
N ALA D 618 -23.75 -38.35 6.11
CA ALA D 618 -22.82 -37.33 6.57
C ALA D 618 -23.22 -35.94 6.08
N ASP D 619 -23.88 -35.84 4.92
CA ASP D 619 -24.30 -34.56 4.36
C ASP D 619 -25.71 -34.14 4.80
N TYR D 620 -26.31 -34.87 5.73
CA TYR D 620 -27.62 -34.59 6.34
C TYR D 620 -28.78 -34.68 5.34
N LYS D 621 -28.57 -35.24 4.16
CA LYS D 621 -29.65 -35.30 3.17
C LYS D 621 -30.51 -36.55 3.30
N VAL D 622 -29.98 -37.67 3.82
CA VAL D 622 -30.79 -38.86 4.07
C VAL D 622 -31.30 -38.80 5.51
N GLN D 623 -32.61 -39.03 5.69
CA GLN D 623 -33.21 -38.82 7.01
C GLN D 623 -34.23 -39.91 7.27
N ARG D 624 -34.52 -40.12 8.55
CA ARG D 624 -35.47 -41.13 8.97
C ARG D 624 -36.36 -40.55 10.05
N SER D 625 -37.69 -40.63 9.86
CA SER D 625 -38.66 -40.28 10.89
C SER D 625 -39.49 -41.48 11.28
N ARG D 626 -39.83 -41.56 12.57
CA ARG D 626 -40.65 -42.64 13.10
C ARG D 626 -41.84 -42.02 13.81
N PHE D 627 -43.04 -42.46 13.43
CA PHE D 627 -44.29 -41.96 13.97
C PHE D 627 -44.93 -43.03 14.85
N SER D 628 -45.69 -42.58 15.87
CA SER D 628 -46.29 -43.52 16.81
C SER D 628 -47.45 -44.30 16.21
N SER D 629 -47.86 -43.97 14.98
CA SER D 629 -48.77 -44.84 14.25
C SER D 629 -48.13 -46.15 13.82
N GLY D 630 -46.80 -46.28 13.99
CA GLY D 630 -46.07 -47.42 13.49
C GLY D 630 -45.44 -47.19 12.13
N THR D 631 -45.45 -45.96 11.63
CA THR D 631 -44.95 -45.61 10.30
C THR D 631 -43.52 -45.12 10.39
N GLU D 632 -42.65 -45.62 9.51
CA GLU D 632 -41.29 -45.12 9.40
C GLU D 632 -41.09 -44.57 8.00
N VAL D 633 -40.55 -43.35 7.89
CA VAL D 633 -40.26 -42.70 6.61
C VAL D 633 -38.75 -42.50 6.52
N ILE D 634 -38.12 -43.09 5.51
CA ILE D 634 -36.74 -42.77 5.15
C ILE D 634 -36.77 -42.08 3.81
N ALA D 635 -36.11 -40.91 3.71
CA ALA D 635 -36.02 -40.27 2.42
C ALA D 635 -34.64 -39.61 2.24
N ASN D 636 -34.27 -39.43 0.98
CA ASN D 636 -32.98 -38.91 0.58
C ASN D 636 -33.28 -37.62 -0.18
N LEU D 637 -32.92 -36.47 0.40
CA LEU D 637 -33.33 -35.19 -0.19
C LEU D 637 -32.27 -34.65 -1.13
N GLY D 638 -31.28 -35.48 -1.49
CA GLY D 638 -30.23 -35.10 -2.40
C GLY D 638 -30.21 -35.99 -3.63
N PRO D 639 -29.32 -35.67 -4.58
CA PRO D 639 -29.39 -36.26 -5.93
C PRO D 639 -28.75 -37.61 -6.07
N VAL D 640 -27.89 -38.01 -5.15
CA VAL D 640 -27.09 -39.22 -5.35
C VAL D 640 -27.58 -40.29 -4.37
N ALA D 641 -27.64 -41.53 -4.85
CA ALA D 641 -27.99 -42.66 -4.00
C ALA D 641 -26.98 -42.72 -2.85
N GLN D 642 -27.45 -43.07 -1.65
CA GLN D 642 -26.56 -43.21 -0.51
C GLN D 642 -26.96 -44.41 0.35
N LYS D 643 -25.95 -45.09 0.91
CA LYS D 643 -26.19 -46.23 1.80
C LYS D 643 -26.35 -45.77 3.24
N ILE D 644 -27.25 -46.42 3.97
CA ILE D 644 -27.47 -46.10 5.36
C ILE D 644 -27.07 -47.32 6.19
N GLU D 645 -27.05 -47.13 7.52
CA GLU D 645 -26.76 -48.20 8.47
C GLU D 645 -27.57 -49.44 8.11
N GLY D 646 -26.88 -50.57 7.95
CA GLY D 646 -27.53 -51.81 7.56
C GLY D 646 -27.34 -52.23 6.11
N GLY D 647 -26.72 -51.39 5.26
CA GLY D 647 -26.40 -51.77 3.89
C GLY D 647 -27.41 -51.31 2.85
N ILE D 648 -28.55 -50.77 3.26
CA ILE D 648 -29.63 -50.41 2.35
C ILE D 648 -29.26 -49.11 1.63
N SER D 649 -29.52 -49.06 0.32
CA SER D 649 -29.30 -47.84 -0.45
C SER D 649 -30.62 -47.11 -0.62
N ILE D 650 -30.61 -45.80 -0.39
CA ILE D 650 -31.76 -44.94 -0.66
C ILE D 650 -31.44 -44.13 -1.92
N PRO D 651 -32.25 -44.23 -2.98
CA PRO D 651 -31.94 -43.50 -4.22
C PRO D 651 -31.98 -41.99 -4.01
N GLY D 652 -31.28 -41.26 -4.88
CA GLY D 652 -31.44 -39.81 -4.87
C GLY D 652 -32.90 -39.43 -5.08
N TYR D 653 -33.37 -38.44 -4.32
CA TYR D 653 -34.79 -38.06 -4.28
C TYR D 653 -35.70 -39.30 -4.17
N GLY D 654 -35.32 -40.19 -3.26
CA GLY D 654 -35.99 -41.46 -3.09
C GLY D 654 -36.40 -41.73 -1.66
N TYR D 655 -37.08 -42.86 -1.47
CA TYR D 655 -37.71 -43.10 -0.18
C TYR D 655 -37.86 -44.59 0.07
N ARG D 656 -37.93 -44.92 1.36
CA ARG D 656 -38.23 -46.28 1.79
C ARG D 656 -39.12 -46.12 3.01
N ILE D 657 -40.39 -46.50 2.88
CA ILE D 657 -41.39 -46.23 3.91
C ILE D 657 -41.96 -47.57 4.39
N GLN D 658 -41.93 -47.78 5.70
CA GLN D 658 -42.57 -48.95 6.31
C GLN D 658 -43.93 -48.50 6.88
N MET D 659 -45.00 -49.10 6.39
CA MET D 659 -46.33 -48.69 6.85
C MET D 659 -46.73 -49.51 8.09
N LYS D 660 -47.75 -49.01 8.78
CA LYS D 660 -48.26 -49.65 10.00
C LYS D 660 -48.57 -51.12 9.78
N ASP D 661 -49.13 -51.47 8.62
CA ASP D 661 -49.46 -52.88 8.40
C ASP D 661 -48.23 -53.73 8.07
N GLY D 662 -47.03 -53.16 8.07
CA GLY D 662 -45.81 -53.86 7.76
C GLY D 662 -45.38 -53.80 6.30
N SER D 663 -46.24 -53.35 5.40
CA SER D 663 -45.83 -53.30 3.99
C SER D 663 -44.76 -52.22 3.76
N LEU D 664 -43.97 -52.41 2.72
CA LEU D 664 -42.85 -51.55 2.42
C LEU D 664 -43.13 -50.80 1.11
N LYS D 665 -42.94 -49.48 1.09
CA LYS D 665 -43.09 -48.69 -0.13
C LYS D 665 -41.72 -48.11 -0.45
N THR D 666 -41.19 -48.42 -1.64
CA THR D 666 -39.93 -47.80 -2.10
C THR D 666 -40.15 -47.14 -3.45
N GLY D 667 -39.30 -46.15 -3.75
CA GLY D 667 -39.42 -45.46 -5.03
C GLY D 667 -38.55 -44.23 -5.06
N HIS D 668 -38.70 -43.45 -6.14
CA HIS D 668 -37.86 -42.27 -6.31
C HIS D 668 -38.51 -41.39 -7.38
N PHE D 669 -38.12 -40.13 -7.36
CA PHE D 669 -38.49 -39.19 -8.41
C PHE D 669 -37.43 -39.17 -9.49
N GLN D 670 -37.85 -38.87 -10.70
CA GLN D 670 -36.96 -38.73 -11.84
C GLN D 670 -37.32 -37.47 -12.62
N VAL D 671 -36.31 -36.71 -13.07
CA VAL D 671 -36.50 -35.64 -14.05
C VAL D 671 -36.00 -36.14 -15.39
N SER D 672 -36.82 -36.02 -16.44
CA SER D 672 -36.41 -36.50 -17.73
C SER D 672 -36.76 -35.45 -18.78
N LEU D 673 -36.15 -35.61 -19.94
CA LEU D 673 -36.31 -34.70 -21.06
C LEU D 673 -37.02 -35.49 -22.13
N HIS D 674 -38.17 -35.00 -22.58
CA HIS D 674 -38.88 -35.62 -23.69
C HIS D 674 -38.62 -34.77 -24.92
N MET D 675 -37.78 -35.29 -25.82
CA MET D 675 -37.46 -34.61 -27.07
C MET D 675 -38.37 -35.16 -28.17
N ASP D 676 -39.15 -34.29 -28.81
CA ASP D 676 -40.11 -34.70 -29.85
C ASP D 676 -39.39 -35.17 -31.11
#